data_9I34
#
_entry.id   9I34
#
_cell.length_a   276.488
_cell.length_b   276.488
_cell.length_c   390.12
_cell.angle_alpha   90
_cell.angle_beta   90
_cell.angle_gamma   90
#
_symmetry.space_group_name_H-M   'I 4 2 2'
#
loop_
_entity.id
_entity.type
_entity.pdbx_description
1 polymer 'Alpha-methylacyl-CoA racemase'
2 non-polymer 'HEXANOYL-COENZYME A'
3 water water
#
_entity_poly.entity_id   1
_entity_poly.type   'polypeptide(L)'
_entity_poly.pdbx_seq_one_letter_code
;MAGPLSGLRVVELAGIGPGPHAAMILGDLGADVVRIDRPSSVDGISRDAMLRNRRIVTADLKSDQGLELALKLIAKADVL
IEGYRPGVTERLGLGPEECAKVNDRLIYARMTGWGQTGPRSQQAGHDINYISLNGILHAIGRGDERPVPPLNLVGDFGGG
SMFLLVGILAALWERQSSGKGQVVDAAMVDGSSVLIQMMWAMRATGMWTDTRGANMLDGGAPYYDTYECADGRYVAVGAI
EPQFYAAMLAGLGLDAAELPPQNDRARWPELRALLTEAFASHDRDHWGAVFANSDACVTPVLAFGEVHNEPHIIERNTFY
EANGGWQPMPAPRFSRTASSQPRPPAATIDIEAVLTDWDGGSGC
;
_entity_poly.pdbx_strand_id   A,B,C,D,E,F,G,H,I,J,K,L
#
# COMPACT_ATOMS: atom_id res chain seq x y z
N MET A 1 -67.34 16.39 -11.70
CA MET A 1 -67.08 15.78 -10.36
C MET A 1 -67.46 16.77 -9.24
N ALA A 2 -68.34 16.35 -8.32
CA ALA A 2 -68.89 17.23 -7.30
C ALA A 2 -67.90 17.54 -6.19
N GLY A 3 -67.91 18.77 -5.67
CA GLY A 3 -67.26 19.10 -4.42
C GLY A 3 -66.20 20.17 -4.57
N PRO A 4 -65.65 20.72 -3.47
CA PRO A 4 -64.79 21.88 -3.55
C PRO A 4 -63.47 21.65 -4.25
N LEU A 5 -63.06 20.38 -4.37
CA LEU A 5 -61.75 20.02 -4.88
C LEU A 5 -61.87 19.53 -6.32
N SER A 6 -63.05 19.71 -6.93
CA SER A 6 -63.23 19.48 -8.35
C SER A 6 -62.06 20.11 -9.13
N GLY A 7 -61.48 19.34 -10.05
CA GLY A 7 -60.37 19.82 -10.85
C GLY A 7 -59.03 19.39 -10.29
N LEU A 8 -58.94 19.05 -8.99
CA LEU A 8 -57.65 18.72 -8.42
C LEU A 8 -57.24 17.31 -8.85
N ARG A 9 -55.97 17.16 -9.28
CA ARG A 9 -55.49 15.93 -9.86
C ARG A 9 -54.50 15.29 -8.92
N VAL A 10 -54.74 14.01 -8.60
CA VAL A 10 -53.93 13.41 -7.54
C VAL A 10 -53.38 12.07 -8.01
N VAL A 11 -52.07 11.89 -7.75
CA VAL A 11 -51.43 10.60 -7.98
C VAL A 11 -50.97 10.02 -6.64
N GLU A 12 -51.40 8.78 -6.43
CA GLU A 12 -51.22 8.10 -5.16
C GLU A 12 -50.45 6.82 -5.40
N LEU A 13 -49.25 6.75 -4.84
CA LEU A 13 -48.50 5.50 -4.87
C LEU A 13 -49.03 4.59 -3.74
N ALA A 14 -49.70 3.50 -4.16
CA ALA A 14 -50.46 2.63 -3.28
C ALA A 14 -49.64 2.22 -2.08
N GLY A 15 -50.26 2.42 -0.91
CA GLY A 15 -49.65 2.12 0.38
C GLY A 15 -50.71 1.56 1.32
N ILE A 16 -50.46 1.66 2.62
CA ILE A 16 -51.45 1.23 3.59
C ILE A 16 -51.64 2.32 4.63
N GLY A 17 -52.84 2.39 5.21
CA GLY A 17 -53.04 3.22 6.39
C GLY A 17 -53.32 4.68 6.02
N PRO A 18 -52.48 5.63 6.48
CA PRO A 18 -52.76 7.06 6.29
C PRO A 18 -52.84 7.53 4.82
N GLY A 19 -51.88 7.08 3.99
CA GLY A 19 -51.86 7.48 2.58
C GLY A 19 -53.17 7.20 1.87
N PRO A 20 -53.70 5.97 1.85
CA PRO A 20 -54.99 5.79 1.22
C PRO A 20 -56.16 6.55 1.86
N HIS A 21 -56.07 6.82 3.18
CA HIS A 21 -57.16 7.52 3.85
C HIS A 21 -57.19 8.98 3.39
N ALA A 22 -56.05 9.64 3.40
CA ALA A 22 -55.91 10.95 2.77
C ALA A 22 -56.38 11.00 1.32
N ALA A 23 -55.93 10.05 0.49
CA ALA A 23 -56.34 10.01 -0.90
C ALA A 23 -57.85 9.86 -1.01
N MET A 24 -58.45 9.06 -0.12
CA MET A 24 -59.89 8.87 -0.10
C MET A 24 -60.59 10.23 0.13
N ILE A 25 -60.10 11.01 1.08
CA ILE A 25 -60.81 12.22 1.45
C ILE A 25 -60.68 13.23 0.29
N LEU A 26 -59.48 13.37 -0.31
CA LEU A 26 -59.34 14.19 -1.52
C LEU A 26 -60.37 13.76 -2.57
N GLY A 27 -60.46 12.46 -2.86
CA GLY A 27 -61.47 11.97 -3.77
C GLY A 27 -62.88 12.33 -3.31
N ASP A 28 -63.12 12.18 -2.00
CA ASP A 28 -64.43 12.39 -1.41
C ASP A 28 -64.91 13.81 -1.72
N LEU A 29 -63.98 14.77 -1.71
CA LEU A 29 -64.28 16.18 -1.87
C LEU A 29 -64.18 16.65 -3.34
N GLY A 30 -64.10 15.70 -4.31
CA GLY A 30 -64.16 16.03 -5.73
C GLY A 30 -62.84 15.91 -6.51
N ALA A 31 -61.69 15.74 -5.83
CA ALA A 31 -60.42 15.50 -6.51
C ALA A 31 -60.50 14.28 -7.42
N ASP A 32 -59.69 14.37 -8.47
CA ASP A 32 -59.51 13.31 -9.47
C ASP A 32 -58.28 12.51 -9.06
N VAL A 33 -58.54 11.32 -8.52
CA VAL A 33 -57.49 10.61 -7.80
C VAL A 33 -57.16 9.37 -8.62
N VAL A 34 -55.85 9.22 -8.89
CA VAL A 34 -55.37 8.08 -9.65
C VAL A 34 -54.35 7.34 -8.81
N ARG A 35 -54.66 6.06 -8.60
CA ARG A 35 -53.90 5.25 -7.68
C ARG A 35 -53.08 4.22 -8.46
N ILE A 36 -51.76 4.29 -8.31
CA ILE A 36 -50.88 3.36 -8.99
C ILE A 36 -50.53 2.24 -8.02
N ASP A 37 -51.07 1.04 -8.28
CA ASP A 37 -50.70 -0.18 -7.55
C ASP A 37 -49.75 -1.06 -8.39
N ARG A 38 -49.08 -2.03 -7.74
CA ARG A 38 -48.28 -3.02 -8.45
C ARG A 38 -49.23 -4.08 -9.02
N PRO A 39 -48.91 -4.71 -10.17
CA PRO A 39 -49.82 -5.72 -10.73
C PRO A 39 -49.92 -6.98 -9.86
N SER A 40 -48.79 -7.36 -9.23
CA SER A 40 -48.74 -8.45 -8.26
C SER A 40 -49.48 -8.07 -6.98
N SER A 41 -50.76 -7.69 -7.10
CA SER A 41 -51.47 -7.03 -6.01
C SER A 41 -52.96 -6.95 -6.32
N VAL A 42 -53.33 -6.55 -7.55
CA VAL A 42 -54.73 -6.31 -7.87
C VAL A 42 -55.27 -7.51 -8.66
N ASP A 43 -56.39 -8.06 -8.18
CA ASP A 43 -57.01 -9.29 -8.66
C ASP A 43 -58.52 -9.12 -8.68
N GLY A 44 -59.00 -8.18 -9.50
CA GLY A 44 -60.43 -7.94 -9.68
C GLY A 44 -60.83 -6.57 -9.12
N ILE A 45 -62.14 -6.42 -8.82
CA ILE A 45 -62.67 -5.20 -8.22
C ILE A 45 -62.54 -5.28 -6.69
N SER A 46 -61.95 -4.21 -6.10
CA SER A 46 -61.57 -4.18 -4.69
C SER A 46 -62.77 -4.28 -3.75
N ARG A 47 -62.56 -4.99 -2.64
CA ARG A 47 -63.56 -5.18 -1.60
C ARG A 47 -63.50 -4.04 -0.58
N ASP A 48 -62.46 -3.18 -0.67
CA ASP A 48 -62.06 -2.24 0.37
C ASP A 48 -62.63 -0.86 0.08
N ALA A 49 -63.73 -0.52 0.77
CA ALA A 49 -64.44 0.74 0.60
C ALA A 49 -63.55 1.97 0.82
N MET A 50 -62.39 1.83 1.48
CA MET A 50 -61.45 2.96 1.58
C MET A 50 -60.89 3.37 0.21
N LEU A 51 -61.02 2.50 -0.80
CA LEU A 51 -60.50 2.81 -2.12
C LEU A 51 -61.60 3.38 -3.00
N ARG A 52 -62.63 3.95 -2.38
CA ARG A 52 -63.68 4.64 -3.11
C ARG A 52 -63.07 5.91 -3.73
N ASN A 53 -63.81 6.45 -4.72
CA ASN A 53 -63.48 7.72 -5.38
C ASN A 53 -62.06 7.70 -5.98
N ARG A 54 -61.74 6.61 -6.70
CA ARG A 54 -60.42 6.39 -7.26
C ARG A 54 -60.51 5.87 -8.71
N ARG A 55 -59.50 6.17 -9.53
CA ARG A 55 -59.14 5.26 -10.60
C ARG A 55 -57.88 4.49 -10.20
N ILE A 56 -57.94 3.15 -10.33
CA ILE A 56 -56.80 2.27 -10.05
C ILE A 56 -56.03 1.96 -11.35
N VAL A 57 -54.70 2.06 -11.31
CA VAL A 57 -53.89 1.57 -12.42
C VAL A 57 -52.73 0.75 -11.86
N THR A 58 -52.18 -0.11 -12.73
CA THR A 58 -51.13 -1.08 -12.44
C THR A 58 -49.81 -0.71 -13.12
N ALA A 59 -48.66 -0.88 -12.44
CA ALA A 59 -47.38 -0.51 -13.03
C ALA A 59 -46.19 -0.98 -12.20
N ASP A 60 -45.32 -1.78 -12.82
CA ASP A 60 -44.07 -2.15 -12.18
C ASP A 60 -43.17 -0.93 -12.21
N LEU A 61 -43.01 -0.27 -11.06
CA LEU A 61 -42.21 0.93 -11.00
C LEU A 61 -40.71 0.63 -11.08
N LYS A 62 -40.32 -0.64 -10.89
CA LYS A 62 -38.90 -1.00 -10.96
C LYS A 62 -38.44 -1.13 -12.42
N SER A 63 -39.37 -1.38 -13.35
CA SER A 63 -39.09 -1.42 -14.78
C SER A 63 -38.90 -0.01 -15.33
N ASP A 64 -38.40 0.11 -16.57
CA ASP A 64 -38.19 1.41 -17.18
C ASP A 64 -39.50 2.01 -17.70
N GLN A 65 -40.39 1.17 -18.25
CA GLN A 65 -41.63 1.66 -18.83
C GLN A 65 -42.59 2.13 -17.74
N GLY A 66 -42.80 1.28 -16.71
CA GLY A 66 -43.55 1.66 -15.52
C GLY A 66 -43.11 3.03 -15.01
N LEU A 67 -41.81 3.19 -14.77
CA LEU A 67 -41.29 4.44 -14.22
C LEU A 67 -41.68 5.60 -15.13
N GLU A 68 -41.61 5.38 -16.45
CA GLU A 68 -41.82 6.49 -17.34
C GLU A 68 -43.30 6.81 -17.45
N LEU A 69 -44.19 5.81 -17.49
CA LEU A 69 -45.62 6.09 -17.50
C LEU A 69 -46.05 6.82 -16.21
N ALA A 70 -45.45 6.44 -15.08
CA ALA A 70 -45.74 7.09 -13.81
C ALA A 70 -45.29 8.54 -13.85
N LEU A 71 -44.07 8.79 -14.38
CA LEU A 71 -43.57 10.16 -14.45
C LEU A 71 -44.41 11.00 -15.41
N LYS A 72 -45.07 10.34 -16.37
CA LYS A 72 -45.98 11.04 -17.26
C LYS A 72 -47.22 11.49 -16.51
N LEU A 73 -47.78 10.62 -15.64
CA LEU A 73 -48.96 10.98 -14.86
C LEU A 73 -48.61 12.13 -13.94
N ILE A 74 -47.50 12.01 -13.22
CA ILE A 74 -47.09 13.00 -12.26
C ILE A 74 -46.87 14.35 -12.92
N ALA A 75 -46.50 14.34 -14.22
CA ALA A 75 -46.15 15.57 -14.91
C ALA A 75 -47.40 16.41 -15.09
N LYS A 76 -48.54 15.71 -15.19
CA LYS A 76 -49.87 16.27 -15.42
C LYS A 76 -50.72 16.40 -14.15
N ALA A 77 -50.13 16.35 -12.94
CA ALA A 77 -50.92 16.29 -11.72
C ALA A 77 -50.56 17.43 -10.77
N ASP A 78 -51.44 17.63 -9.79
CA ASP A 78 -51.22 18.64 -8.78
C ASP A 78 -50.49 18.08 -7.58
N VAL A 79 -50.77 16.81 -7.28
CA VAL A 79 -50.31 16.22 -6.04
C VAL A 79 -49.85 14.79 -6.26
N LEU A 80 -48.77 14.48 -5.52
CA LEU A 80 -48.32 13.12 -5.31
C LEU A 80 -48.33 12.74 -3.81
N ILE A 81 -48.93 11.58 -3.55
CA ILE A 81 -48.92 10.92 -2.24
C ILE A 81 -48.14 9.61 -2.33
N GLU A 82 -47.14 9.49 -1.45
CA GLU A 82 -46.45 8.23 -1.25
C GLU A 82 -46.28 8.03 0.25
N GLY A 83 -46.44 6.77 0.73
CA GLY A 83 -46.23 6.43 2.13
C GLY A 83 -45.29 5.23 2.34
N TYR A 84 -44.15 5.22 1.59
CA TYR A 84 -43.14 4.18 1.71
C TYR A 84 -42.09 4.69 2.66
N ARG A 85 -41.17 3.82 3.06
CA ARG A 85 -40.08 4.27 3.90
C ARG A 85 -39.31 5.33 3.14
N PRO A 86 -38.61 6.24 3.85
CA PRO A 86 -37.71 7.17 3.17
C PRO A 86 -36.70 6.45 2.29
N GLY A 87 -36.53 6.98 1.07
CA GLY A 87 -35.51 6.50 0.16
C GLY A 87 -36.15 5.60 -0.88
N VAL A 88 -37.35 5.12 -0.61
CA VAL A 88 -37.95 4.21 -1.58
C VAL A 88 -38.23 4.94 -2.88
N THR A 89 -38.74 6.19 -2.82
CA THR A 89 -39.10 6.84 -4.08
C THR A 89 -37.80 7.31 -4.76
N GLU A 90 -36.83 7.80 -4.00
CA GLU A 90 -35.55 8.16 -4.57
C GLU A 90 -35.00 7.00 -5.42
N ARG A 91 -34.68 5.87 -4.76
CA ARG A 91 -34.16 4.68 -5.43
C ARG A 91 -35.02 4.27 -6.61
N LEU A 92 -36.31 4.59 -6.62
CA LEU A 92 -37.16 4.23 -7.76
C LEU A 92 -37.09 5.26 -8.90
N GLY A 93 -36.43 6.41 -8.68
CA GLY A 93 -36.44 7.54 -9.61
C GLY A 93 -37.78 8.29 -9.67
N LEU A 94 -38.53 8.26 -8.56
CA LEU A 94 -39.76 9.02 -8.38
C LEU A 94 -39.58 9.94 -7.18
N GLY A 95 -38.34 10.19 -6.79
CA GLY A 95 -38.04 11.08 -5.67
C GLY A 95 -38.52 12.49 -5.99
N PRO A 96 -38.52 13.40 -4.99
CA PRO A 96 -38.93 14.76 -5.22
C PRO A 96 -38.10 15.48 -6.30
N GLU A 97 -36.76 15.33 -6.24
CA GLU A 97 -35.84 15.96 -7.20
C GLU A 97 -36.16 15.55 -8.63
N GLU A 98 -36.45 14.26 -8.84
CA GLU A 98 -36.81 13.75 -10.16
C GLU A 98 -38.18 14.28 -10.62
N CYS A 99 -39.14 14.34 -9.69
CA CYS A 99 -40.47 14.85 -10.03
C CYS A 99 -40.40 16.35 -10.33
N ALA A 100 -39.60 17.10 -9.55
CA ALA A 100 -39.37 18.53 -9.72
C ALA A 100 -38.90 18.87 -11.12
N LYS A 101 -38.18 17.94 -11.75
CA LYS A 101 -37.69 18.13 -13.11
C LYS A 101 -38.80 17.96 -14.13
N VAL A 102 -39.90 17.26 -13.83
CA VAL A 102 -40.94 17.11 -14.85
C VAL A 102 -42.22 17.90 -14.50
N ASN A 103 -42.21 18.67 -13.41
CA ASN A 103 -43.42 19.36 -12.95
C ASN A 103 -43.11 20.08 -11.67
N ASP A 104 -42.73 21.35 -11.77
CA ASP A 104 -42.30 22.10 -10.60
C ASP A 104 -43.50 22.72 -9.87
N ARG A 105 -44.72 22.37 -10.29
CA ARG A 105 -45.93 22.78 -9.58
C ARG A 105 -46.40 21.71 -8.57
N LEU A 106 -45.77 20.52 -8.61
CA LEU A 106 -46.21 19.34 -7.87
C LEU A 106 -46.16 19.57 -6.36
N ILE A 107 -47.23 19.18 -5.67
CA ILE A 107 -47.15 19.05 -4.22
C ILE A 107 -46.72 17.62 -3.90
N TYR A 108 -45.55 17.51 -3.26
CA TYR A 108 -44.92 16.20 -3.10
C TYR A 108 -45.13 15.75 -1.64
N ALA A 109 -46.12 14.85 -1.44
CA ALA A 109 -46.63 14.57 -0.09
C ALA A 109 -46.12 13.22 0.41
N ARG A 110 -45.31 13.30 1.47
CA ARG A 110 -44.64 12.13 2.03
C ARG A 110 -45.22 11.76 3.40
N MET A 111 -45.90 10.62 3.44
CA MET A 111 -46.60 10.13 4.62
C MET A 111 -45.77 9.05 5.30
N THR A 112 -45.16 9.36 6.44
CA THR A 112 -44.47 8.33 7.22
C THR A 112 -44.93 8.34 8.68
N GLY A 113 -44.37 7.41 9.44
CA GLY A 113 -44.55 7.38 10.89
C GLY A 113 -43.47 8.18 11.59
N TRP A 114 -42.21 7.86 11.27
CA TRP A 114 -41.10 8.38 12.04
C TRP A 114 -40.49 9.64 11.42
N GLY A 115 -40.85 9.91 10.17
CA GLY A 115 -40.26 11.05 9.47
C GLY A 115 -39.21 10.62 8.45
N GLN A 116 -38.54 11.62 7.88
CA GLN A 116 -37.66 11.40 6.75
C GLN A 116 -36.24 11.14 7.25
N THR A 117 -35.90 11.52 8.48
CA THR A 117 -34.57 11.33 9.01
C THR A 117 -34.65 10.90 10.48
N GLY A 118 -33.47 10.59 11.03
CA GLY A 118 -33.30 10.31 12.45
C GLY A 118 -33.20 8.79 12.65
N PRO A 119 -32.84 8.34 13.86
CA PRO A 119 -32.54 6.94 14.15
C PRO A 119 -33.63 5.91 13.82
N ARG A 120 -34.90 6.30 13.89
CA ARG A 120 -35.97 5.33 13.71
C ARG A 120 -36.54 5.39 12.32
N SER A 121 -35.94 6.22 11.44
CA SER A 121 -36.57 6.53 10.16
C SER A 121 -36.68 5.32 9.25
N GLN A 122 -35.89 4.27 9.51
CA GLN A 122 -35.97 3.08 8.67
C GLN A 122 -36.73 1.93 9.33
N GLN A 123 -37.13 2.07 10.59
CA GLN A 123 -37.82 0.98 11.28
C GLN A 123 -39.26 0.86 10.82
N ALA A 124 -39.70 -0.35 10.53
CA ALA A 124 -41.12 -0.63 10.35
C ALA A 124 -41.89 -0.26 11.63
N GLY A 125 -43.15 0.10 11.44
CA GLY A 125 -44.02 0.43 12.56
C GLY A 125 -45.46 0.46 12.09
N HIS A 126 -46.35 0.55 13.10
CA HIS A 126 -47.76 0.83 12.87
C HIS A 126 -48.20 1.89 13.88
N ASP A 127 -49.49 2.27 13.83
CA ASP A 127 -50.04 3.35 14.67
C ASP A 127 -49.54 3.24 16.11
N ILE A 128 -49.67 2.06 16.71
CA ILE A 128 -49.38 1.89 18.13
C ILE A 128 -47.93 2.22 18.45
N ASN A 129 -47.02 1.95 17.51
CA ASN A 129 -45.61 2.28 17.71
C ASN A 129 -45.40 3.79 17.73
N TYR A 130 -46.03 4.51 16.77
CA TYR A 130 -45.78 5.94 16.65
C TYR A 130 -46.33 6.71 17.88
N ILE A 131 -47.49 6.31 18.38
CA ILE A 131 -48.08 6.96 19.55
C ILE A 131 -47.44 6.47 20.83
N SER A 132 -46.67 5.37 20.78
CA SER A 132 -45.99 4.94 21.99
C SER A 132 -44.83 5.87 22.34
N LEU A 133 -44.21 6.45 21.33
CA LEU A 133 -42.96 7.19 21.55
C LEU A 133 -43.19 8.62 22.02
N ASN A 134 -44.39 9.18 21.80
CA ASN A 134 -44.59 10.60 22.07
C ASN A 134 -45.53 10.82 23.26
N GLY A 135 -45.73 9.78 24.08
CA GLY A 135 -46.44 9.96 25.33
C GLY A 135 -47.94 9.68 25.22
N ILE A 136 -48.48 9.50 24.02
CA ILE A 136 -49.93 9.44 23.85
C ILE A 136 -50.48 8.13 24.41
N LEU A 137 -49.87 7.01 24.01
CA LEU A 137 -50.40 5.69 24.30
C LEU A 137 -50.41 5.48 25.80
N HIS A 138 -49.34 5.93 26.45
CA HIS A 138 -49.22 5.77 27.87
C HIS A 138 -50.38 6.46 28.60
N ALA A 139 -51.03 7.45 27.99
CA ALA A 139 -52.07 8.20 28.66
C ALA A 139 -53.45 7.59 28.47
N ILE A 140 -53.59 6.52 27.66
CA ILE A 140 -54.88 5.97 27.29
C ILE A 140 -55.15 4.68 28.08
N GLY A 141 -56.25 4.66 28.82
CA GLY A 141 -56.74 3.47 29.49
C GLY A 141 -56.91 3.69 31.00
N ARG A 142 -57.36 2.66 31.70
CA ARG A 142 -57.54 2.72 33.14
C ARG A 142 -56.20 2.70 33.85
N GLY A 143 -56.16 3.29 35.05
CA GLY A 143 -54.95 3.37 35.85
C GLY A 143 -54.50 2.00 36.38
N ASP A 144 -55.43 1.07 36.49
CA ASP A 144 -55.12 -0.21 37.09
C ASP A 144 -54.72 -1.23 36.02
N GLU A 145 -54.51 -0.79 34.76
CA GLU A 145 -54.19 -1.71 33.68
C GLU A 145 -53.19 -1.12 32.71
N ARG A 146 -52.64 -1.95 31.84
CA ARG A 146 -51.71 -1.48 30.84
C ARG A 146 -52.46 -0.63 29.82
N PRO A 147 -51.74 0.27 29.12
CA PRO A 147 -52.36 1.17 28.14
C PRO A 147 -53.12 0.42 27.08
N VAL A 148 -54.18 1.04 26.57
CA VAL A 148 -54.94 0.36 25.55
C VAL A 148 -54.91 1.22 24.30
N PRO A 149 -54.69 0.61 23.14
CA PRO A 149 -54.66 1.37 21.91
C PRO A 149 -56.03 1.91 21.54
N PRO A 150 -56.10 3.21 21.21
CA PRO A 150 -57.32 3.82 20.70
C PRO A 150 -57.54 3.50 19.22
N LEU A 151 -57.77 2.20 18.96
CA LEU A 151 -57.65 1.65 17.63
C LEU A 151 -56.41 2.26 16.98
N ASN A 152 -56.50 2.52 15.65
CA ASN A 152 -55.49 3.20 14.89
C ASN A 152 -55.95 4.60 14.51
N LEU A 153 -56.74 5.21 15.40
CA LEU A 153 -57.42 6.46 15.07
C LEU A 153 -56.49 7.64 15.26
N VAL A 154 -55.53 7.57 16.20
CA VAL A 154 -54.82 8.76 16.61
C VAL A 154 -53.52 8.97 15.82
N GLY A 155 -52.82 7.89 15.47
CA GLY A 155 -51.57 8.01 14.72
C GLY A 155 -51.79 7.95 13.21
N ASP A 156 -52.51 6.94 12.75
CA ASP A 156 -52.76 6.77 11.34
C ASP A 156 -53.59 7.93 10.80
N PHE A 157 -54.73 8.21 11.43
CA PHE A 157 -55.72 9.09 10.80
C PHE A 157 -55.60 10.48 11.39
N GLY A 158 -55.93 10.68 12.69
CA GLY A 158 -55.98 12.02 13.23
C GLY A 158 -54.63 12.73 13.16
N GLY A 159 -53.56 11.98 13.44
CA GLY A 159 -52.24 12.55 13.51
C GLY A 159 -51.42 12.24 12.24
N GLY A 160 -52.03 11.59 11.26
CA GLY A 160 -51.35 11.12 10.07
C GLY A 160 -51.98 11.68 8.80
N SER A 161 -52.94 10.94 8.24
CA SER A 161 -53.67 11.34 7.05
C SER A 161 -54.15 12.79 7.17
N MET A 162 -54.72 13.20 8.32
CA MET A 162 -55.31 14.53 8.36
C MET A 162 -54.24 15.63 8.28
N PHE A 163 -53.08 15.39 8.84
CA PHE A 163 -52.00 16.35 8.74
C PHE A 163 -51.42 16.38 7.32
N LEU A 164 -51.48 15.24 6.64
CA LEU A 164 -51.04 15.15 5.26
C LEU A 164 -51.96 16.02 4.42
N LEU A 165 -53.27 15.88 4.65
CA LEU A 165 -54.28 16.67 3.95
C LEU A 165 -54.08 18.16 4.16
N VAL A 166 -53.89 18.56 5.40
CA VAL A 166 -53.70 19.96 5.69
C VAL A 166 -52.46 20.48 4.96
N GLY A 167 -51.37 19.69 4.98
CA GLY A 167 -50.13 20.04 4.29
C GLY A 167 -50.33 20.22 2.77
N ILE A 168 -51.02 19.26 2.17
CA ILE A 168 -51.28 19.28 0.75
C ILE A 168 -52.05 20.58 0.44
N LEU A 169 -53.14 20.82 1.19
CA LEU A 169 -54.05 21.89 0.86
C LEU A 169 -53.41 23.22 1.23
N ALA A 170 -52.57 23.24 2.27
CA ALA A 170 -51.86 24.45 2.61
C ALA A 170 -50.84 24.83 1.52
N ALA A 171 -50.21 23.78 0.96
CA ALA A 171 -49.20 23.99 -0.07
C ALA A 171 -49.84 24.44 -1.38
N LEU A 172 -51.05 23.95 -1.69
CA LEU A 172 -51.82 24.42 -2.84
C LEU A 172 -52.14 25.91 -2.71
N TRP A 173 -52.46 26.36 -1.50
CA TRP A 173 -52.70 27.77 -1.26
C TRP A 173 -51.41 28.55 -1.53
N GLU A 174 -50.30 28.04 -1.01
CA GLU A 174 -49.03 28.75 -1.14
C GLU A 174 -48.67 28.86 -2.62
N ARG A 175 -48.97 27.81 -3.38
CA ARG A 175 -48.62 27.73 -4.78
C ARG A 175 -49.39 28.79 -5.57
N GLN A 176 -50.41 29.36 -4.96
CA GLN A 176 -51.20 30.38 -5.62
C GLN A 176 -50.35 31.63 -5.79
N SER A 177 -49.56 31.98 -4.77
CA SER A 177 -48.60 33.08 -4.86
C SER A 177 -47.41 32.71 -5.73
N SER A 178 -46.72 31.62 -5.36
CA SER A 178 -45.34 31.37 -5.78
C SER A 178 -45.27 30.80 -7.20
N GLY A 179 -46.35 30.15 -7.65
CA GLY A 179 -46.39 29.36 -8.87
C GLY A 179 -45.59 28.05 -8.74
N LYS A 180 -45.15 27.71 -7.51
CA LYS A 180 -44.29 26.55 -7.27
C LYS A 180 -44.86 25.60 -6.22
N GLY A 181 -44.82 24.30 -6.52
CA GLY A 181 -44.98 23.23 -5.53
C GLY A 181 -43.84 23.16 -4.52
N GLN A 182 -43.86 22.07 -3.73
CA GLN A 182 -42.88 21.84 -2.66
C GLN A 182 -43.16 20.44 -2.04
N VAL A 183 -42.34 20.10 -1.05
CA VAL A 183 -42.43 18.81 -0.39
C VAL A 183 -43.15 19.00 0.95
N VAL A 184 -44.17 18.15 1.17
CA VAL A 184 -44.83 18.06 2.47
C VAL A 184 -44.36 16.81 3.19
N ASP A 185 -43.72 17.00 4.35
CA ASP A 185 -43.23 15.92 5.20
C ASP A 185 -44.16 15.71 6.40
N ALA A 186 -45.12 14.77 6.27
CA ALA A 186 -46.07 14.45 7.33
C ALA A 186 -45.64 13.19 8.08
N ALA A 187 -45.13 13.33 9.31
CA ALA A 187 -44.87 12.17 10.15
C ALA A 187 -45.93 11.99 11.26
N MET A 188 -46.41 10.76 11.45
CA MET A 188 -47.40 10.44 12.48
C MET A 188 -46.89 10.84 13.87
N VAL A 189 -45.59 10.72 14.13
CA VAL A 189 -45.10 11.04 15.46
C VAL A 189 -45.24 12.54 15.74
N ASP A 190 -45.17 13.37 14.68
CA ASP A 190 -45.31 14.81 14.82
C ASP A 190 -46.78 15.23 14.84
N GLY A 191 -47.54 14.81 13.82
CA GLY A 191 -48.94 15.16 13.71
C GLY A 191 -49.74 14.75 14.96
N SER A 192 -49.53 13.51 15.47
CA SER A 192 -50.24 13.06 16.67
C SER A 192 -49.84 13.92 17.88
N SER A 193 -48.59 14.44 17.90
CA SER A 193 -48.16 15.31 18.98
C SER A 193 -48.89 16.65 18.98
N VAL A 194 -49.20 17.18 17.78
CA VAL A 194 -49.96 18.42 17.66
C VAL A 194 -51.43 18.15 17.96
N LEU A 195 -51.90 16.95 17.60
CA LEU A 195 -53.25 16.51 17.94
C LEU A 195 -53.47 16.58 19.45
N ILE A 196 -52.45 16.22 20.23
CA ILE A 196 -52.57 16.24 21.69
C ILE A 196 -51.96 17.50 22.31
N GLN A 197 -51.86 18.59 21.56
CA GLN A 197 -51.24 19.80 22.11
C GLN A 197 -51.91 20.29 23.40
N MET A 198 -53.23 20.13 23.48
CA MET A 198 -53.95 20.43 24.71
C MET A 198 -53.31 19.81 25.95
N MET A 199 -52.95 18.53 25.89
CA MET A 199 -52.46 17.90 27.10
C MET A 199 -51.09 18.47 27.45
N TRP A 200 -50.29 18.80 26.43
CA TRP A 200 -48.99 19.39 26.68
C TRP A 200 -49.14 20.80 27.26
N ALA A 201 -50.21 21.51 26.90
CA ALA A 201 -50.49 22.82 27.48
C ALA A 201 -50.90 22.68 28.94
N MET A 202 -51.81 21.74 29.21
CA MET A 202 -52.35 21.56 30.54
C MET A 202 -51.26 21.00 31.45
N ARG A 203 -50.38 20.20 30.86
CA ARG A 203 -49.32 19.60 31.64
C ARG A 203 -48.43 20.71 32.22
N ALA A 204 -48.17 21.73 31.39
CA ALA A 204 -47.29 22.82 31.77
C ALA A 204 -47.89 23.64 32.90
N THR A 205 -49.22 23.80 32.90
CA THR A 205 -49.91 24.59 33.92
C THR A 205 -50.38 23.72 35.08
N GLY A 206 -49.89 22.49 35.20
CA GLY A 206 -50.21 21.60 36.32
C GLY A 206 -51.63 21.03 36.25
N MET A 207 -52.33 21.19 35.13
CA MET A 207 -53.69 20.70 35.01
C MET A 207 -53.75 19.32 34.33
N TRP A 208 -52.61 18.68 34.06
CA TRP A 208 -52.60 17.29 33.57
C TRP A 208 -51.42 16.53 34.13
N THR A 209 -51.59 15.32 34.66
CA THR A 209 -50.47 14.54 35.16
C THR A 209 -50.19 13.35 34.22
N ASP A 210 -49.02 12.76 34.42
CA ASP A 210 -48.60 11.59 33.67
C ASP A 210 -49.25 10.31 34.19
N THR A 211 -49.95 10.37 35.34
CA THR A 211 -50.64 9.22 35.91
C THR A 211 -51.86 8.90 35.04
N ARG A 212 -51.87 7.70 34.45
CA ARG A 212 -52.95 7.24 33.58
C ARG A 212 -54.23 7.09 34.41
N GLY A 213 -55.37 7.55 33.89
CA GLY A 213 -56.66 7.35 34.54
C GLY A 213 -56.90 8.28 35.73
N ALA A 214 -56.18 9.40 35.83
CA ALA A 214 -56.26 10.30 36.97
C ALA A 214 -56.35 11.76 36.54
N ASN A 215 -56.99 12.03 35.41
CA ASN A 215 -57.15 13.35 34.85
C ASN A 215 -58.62 13.59 34.45
N MET A 216 -58.93 14.81 34.01
CA MET A 216 -60.30 15.18 33.76
C MET A 216 -60.89 14.48 32.53
N LEU A 217 -60.03 14.21 31.53
CA LEU A 217 -60.48 13.72 30.24
C LEU A 217 -60.02 12.30 29.91
N ASP A 218 -59.46 11.56 30.86
CA ASP A 218 -58.98 10.23 30.52
C ASP A 218 -59.83 9.14 31.15
N GLY A 219 -60.90 9.50 31.86
CA GLY A 219 -61.67 8.51 32.57
C GLY A 219 -61.57 8.66 34.09
N GLY A 220 -60.63 9.45 34.58
CA GLY A 220 -60.45 9.70 36.00
C GLY A 220 -61.58 10.51 36.66
N ALA A 221 -62.20 11.42 35.93
CA ALA A 221 -63.31 12.19 36.47
C ALA A 221 -64.61 11.41 36.38
N PRO A 222 -65.37 11.29 37.48
CA PRO A 222 -66.67 10.63 37.46
C PRO A 222 -67.71 11.23 36.53
N TYR A 223 -67.55 12.50 36.19
CA TYR A 223 -68.45 13.17 35.28
C TYR A 223 -67.94 13.17 33.84
N TYR A 224 -66.80 12.52 33.55
CA TYR A 224 -66.38 12.34 32.17
C TYR A 224 -65.94 10.89 32.00
N ASP A 225 -66.86 10.00 31.69
CA ASP A 225 -66.56 8.59 31.66
C ASP A 225 -67.78 7.83 31.16
N THR A 226 -67.64 6.51 30.98
CA THR A 226 -68.78 5.69 30.69
C THR A 226 -69.26 5.01 31.97
N TYR A 227 -70.54 4.60 31.96
CA TYR A 227 -71.20 3.92 33.08
C TYR A 227 -71.99 2.74 32.54
N GLU A 228 -71.88 1.61 33.24
CA GLU A 228 -72.68 0.43 32.89
C GLU A 228 -74.09 0.60 33.46
N CYS A 229 -75.08 0.21 32.66
CA CYS A 229 -76.48 0.36 32.97
C CYS A 229 -77.01 -1.02 33.37
N ALA A 230 -78.32 -1.08 33.64
CA ALA A 230 -78.93 -2.27 34.21
C ALA A 230 -78.87 -3.43 33.23
N ASP A 231 -78.88 -3.14 31.94
CA ASP A 231 -78.88 -4.15 30.90
C ASP A 231 -77.47 -4.53 30.46
N GLY A 232 -76.42 -4.01 31.11
CA GLY A 232 -75.07 -4.35 30.69
C GLY A 232 -74.60 -3.49 29.50
N ARG A 233 -75.40 -2.54 29.02
CA ARG A 233 -74.96 -1.61 28.00
C ARG A 233 -74.47 -0.33 28.67
N TYR A 234 -73.99 0.64 27.88
CA TYR A 234 -73.32 1.78 28.49
C TYR A 234 -73.91 3.10 28.02
N VAL A 235 -73.76 4.09 28.91
CA VAL A 235 -73.91 5.50 28.58
C VAL A 235 -72.58 6.19 28.77
N ALA A 236 -72.45 7.32 28.09
CA ALA A 236 -71.35 8.23 28.23
C ALA A 236 -71.85 9.48 28.92
N VAL A 237 -71.03 9.94 29.87
CA VAL A 237 -71.22 11.17 30.59
C VAL A 237 -70.07 12.10 30.29
N GLY A 238 -70.40 13.35 29.93
CA GLY A 238 -69.42 14.36 29.59
C GLY A 238 -69.73 15.71 30.23
N ALA A 239 -70.30 15.69 31.45
CA ALA A 239 -70.89 16.87 32.07
C ALA A 239 -69.84 17.69 32.78
N ILE A 240 -68.93 18.30 32.01
CA ILE A 240 -67.84 19.02 32.60
C ILE A 240 -68.34 20.28 33.30
N GLU A 241 -69.12 21.08 32.56
CA GLU A 241 -69.56 22.39 33.07
C GLU A 241 -70.59 22.20 34.20
N PRO A 242 -70.51 23.02 35.26
CA PRO A 242 -71.34 22.77 36.45
C PRO A 242 -72.83 22.78 36.16
N GLN A 243 -73.29 23.58 35.21
CA GLN A 243 -74.72 23.65 34.87
C GLN A 243 -75.20 22.37 34.21
N PHE A 244 -74.35 21.71 33.37
CA PHE A 244 -74.71 20.46 32.71
C PHE A 244 -74.67 19.32 33.74
N TYR A 245 -73.66 19.38 34.62
CA TYR A 245 -73.53 18.41 35.68
C TYR A 245 -74.79 18.45 36.56
N ALA A 246 -75.27 19.67 36.89
CA ALA A 246 -76.41 19.79 37.77
C ALA A 246 -77.63 19.19 37.09
N ALA A 247 -77.70 19.33 35.76
CA ALA A 247 -78.82 18.79 34.99
C ALA A 247 -78.77 17.26 34.95
N MET A 248 -77.56 16.72 34.90
CA MET A 248 -77.37 15.27 34.95
C MET A 248 -77.87 14.72 36.29
N LEU A 249 -77.43 15.34 37.40
CA LEU A 249 -77.81 14.90 38.75
C LEU A 249 -79.33 14.83 38.94
N ALA A 250 -80.00 15.86 38.46
CA ALA A 250 -81.45 15.95 38.59
C ALA A 250 -82.10 14.83 37.81
N GLY A 251 -81.61 14.53 36.61
CA GLY A 251 -82.16 13.42 35.84
C GLY A 251 -81.87 12.06 36.45
N LEU A 252 -80.79 11.96 37.22
CA LEU A 252 -80.41 10.71 37.88
C LEU A 252 -81.22 10.52 39.15
N GLY A 253 -81.77 11.61 39.70
CA GLY A 253 -82.50 11.53 40.95
C GLY A 253 -81.59 11.64 42.19
N LEU A 254 -80.40 12.23 42.05
CA LEU A 254 -79.51 12.42 43.16
C LEU A 254 -79.59 13.89 43.55
N ASP A 255 -79.78 14.15 44.84
CA ASP A 255 -79.72 15.52 45.33
C ASP A 255 -78.26 15.87 45.54
N ALA A 256 -77.87 17.04 45.03
CA ALA A 256 -76.52 17.58 45.15
C ALA A 256 -76.07 17.68 46.61
N ALA A 257 -77.00 17.97 47.53
CA ALA A 257 -76.68 18.07 48.95
C ALA A 257 -76.11 16.76 49.50
N GLU A 258 -76.49 15.62 48.91
CA GLU A 258 -76.01 14.33 49.40
C GLU A 258 -74.68 13.92 48.76
N LEU A 259 -74.16 14.67 47.78
CA LEU A 259 -72.98 14.18 47.08
C LEU A 259 -71.80 15.04 47.49
N PRO A 260 -70.57 14.54 47.33
CA PRO A 260 -69.42 15.41 47.40
C PRO A 260 -69.38 16.42 46.26
N PRO A 261 -68.63 17.52 46.41
CA PRO A 261 -68.50 18.49 45.33
C PRO A 261 -68.01 17.82 44.03
N GLN A 262 -68.48 18.31 42.89
CA GLN A 262 -68.14 17.75 41.59
C GLN A 262 -66.63 17.65 41.39
N ASN A 263 -65.86 18.66 41.84
CA ASN A 263 -64.43 18.68 41.59
C ASN A 263 -63.58 18.58 42.85
N ASP A 264 -64.10 17.94 43.91
CA ASP A 264 -63.26 17.58 45.03
C ASP A 264 -62.66 16.20 44.74
N ARG A 265 -61.47 16.20 44.14
CA ARG A 265 -60.87 15.00 43.58
C ARG A 265 -60.59 13.99 44.69
N ALA A 266 -60.45 14.45 45.93
CA ALA A 266 -60.19 13.52 47.02
C ALA A 266 -61.42 12.66 47.32
N ARG A 267 -62.62 13.14 46.94
CA ARG A 267 -63.84 12.39 47.17
C ARG A 267 -64.42 11.79 45.88
N TRP A 268 -63.59 11.74 44.84
CA TRP A 268 -64.03 11.13 43.58
C TRP A 268 -64.39 9.65 43.74
N PRO A 269 -63.74 8.85 44.62
CA PRO A 269 -64.20 7.50 44.86
C PRO A 269 -65.66 7.41 45.32
N GLU A 270 -66.04 8.23 46.33
CA GLU A 270 -67.42 8.27 46.78
C GLU A 270 -68.36 8.71 45.66
N LEU A 271 -68.01 9.80 44.98
CA LEU A 271 -68.87 10.31 43.93
C LEU A 271 -69.08 9.25 42.85
N ARG A 272 -67.99 8.58 42.43
CA ARG A 272 -68.12 7.54 41.41
C ARG A 272 -69.05 6.41 41.87
N ALA A 273 -68.92 5.99 43.15
CA ALA A 273 -69.79 4.96 43.72
C ALA A 273 -71.25 5.38 43.62
N LEU A 274 -71.54 6.65 43.93
CA LEU A 274 -72.92 7.14 43.87
C LEU A 274 -73.46 7.17 42.45
N LEU A 275 -72.65 7.68 41.50
CA LEU A 275 -73.10 7.77 40.11
C LEU A 275 -73.22 6.34 39.53
N THR A 276 -72.28 5.47 39.90
CA THR A 276 -72.30 4.09 39.41
C THR A 276 -73.61 3.39 39.77
N GLU A 277 -74.03 3.52 41.03
CA GLU A 277 -75.22 2.83 41.51
C GLU A 277 -76.46 3.42 40.86
N ALA A 278 -76.49 4.74 40.71
CA ALA A 278 -77.61 5.40 40.06
C ALA A 278 -77.73 4.96 38.60
N PHE A 279 -76.66 5.05 37.80
CA PHE A 279 -76.81 4.67 36.40
C PHE A 279 -77.17 3.20 36.24
N ALA A 280 -76.68 2.36 37.17
CA ALA A 280 -76.91 0.93 37.10
C ALA A 280 -78.38 0.55 37.35
N SER A 281 -79.21 1.50 37.79
CA SER A 281 -80.57 1.16 38.24
C SER A 281 -81.56 1.16 37.07
N HIS A 282 -81.15 1.63 35.89
CA HIS A 282 -82.02 1.55 34.72
C HIS A 282 -81.16 1.25 33.50
N ASP A 283 -81.83 0.93 32.39
CA ASP A 283 -81.15 0.41 31.22
C ASP A 283 -80.76 1.60 30.35
N ARG A 284 -79.89 1.35 29.38
CA ARG A 284 -79.30 2.40 28.57
C ARG A 284 -80.40 3.24 27.91
N ASP A 285 -81.39 2.57 27.31
CA ASP A 285 -82.39 3.27 26.52
C ASP A 285 -83.31 4.11 27.41
N HIS A 286 -83.53 3.72 28.68
CA HIS A 286 -84.12 4.63 29.67
C HIS A 286 -83.36 5.95 29.77
N TRP A 287 -82.04 5.89 30.02
CA TRP A 287 -81.27 7.09 30.20
C TRP A 287 -81.32 7.92 28.92
N GLY A 288 -81.33 7.26 27.76
CA GLY A 288 -81.31 7.95 26.47
C GLY A 288 -82.56 8.82 26.31
N ALA A 289 -83.71 8.35 26.83
CA ALA A 289 -84.99 9.04 26.83
C ALA A 289 -84.98 10.21 27.81
N VAL A 290 -84.81 9.92 29.10
CA VAL A 290 -84.62 10.92 30.15
C VAL A 290 -83.79 12.10 29.63
N PHE A 291 -82.66 11.85 28.94
CA PHE A 291 -81.71 12.94 28.73
C PHE A 291 -81.75 13.50 27.30
N ALA A 292 -82.66 13.00 26.45
CA ALA A 292 -82.70 13.59 25.12
C ALA A 292 -83.24 15.02 25.25
N ASN A 293 -82.65 15.91 24.45
CA ASN A 293 -82.99 17.33 24.43
C ASN A 293 -82.42 18.05 25.65
N SER A 294 -81.59 17.36 26.42
CA SER A 294 -81.05 17.90 27.64
C SER A 294 -79.60 18.34 27.43
N ASP A 295 -79.15 19.29 28.23
CA ASP A 295 -77.76 19.68 28.30
C ASP A 295 -76.99 18.85 29.34
N ALA A 296 -77.53 17.70 29.75
CA ALA A 296 -76.87 16.87 30.78
C ALA A 296 -75.61 16.12 30.26
N CYS A 297 -75.39 16.08 28.94
CA CYS A 297 -74.21 15.46 28.35
C CYS A 297 -74.17 13.98 28.71
N VAL A 298 -75.32 13.32 28.57
CA VAL A 298 -75.45 11.90 28.75
C VAL A 298 -75.95 11.28 27.45
N THR A 299 -75.17 10.39 26.82
CA THR A 299 -75.61 9.81 25.57
C THR A 299 -75.42 8.31 25.60
N PRO A 300 -76.24 7.56 24.86
CA PRO A 300 -76.06 6.11 24.78
C PRO A 300 -74.81 5.76 23.98
N VAL A 301 -74.06 4.78 24.50
CA VAL A 301 -72.89 4.25 23.83
C VAL A 301 -73.34 3.18 22.84
N LEU A 302 -73.49 3.57 21.57
CA LEU A 302 -74.04 2.66 20.55
C LEU A 302 -72.91 1.83 19.91
N ALA A 303 -73.21 0.56 19.65
CA ALA A 303 -72.35 -0.27 18.82
C ALA A 303 -72.53 0.04 17.34
N PHE A 304 -71.50 -0.23 16.53
CA PHE A 304 -71.58 0.08 15.11
C PHE A 304 -72.92 -0.37 14.52
N GLY A 305 -73.34 -1.58 14.86
CA GLY A 305 -74.52 -2.17 14.23
C GLY A 305 -75.82 -1.45 14.55
N GLU A 306 -75.83 -0.60 15.60
CA GLU A 306 -77.04 0.07 16.04
C GLU A 306 -77.06 1.51 15.53
N VAL A 307 -75.96 1.99 14.98
CA VAL A 307 -75.85 3.41 14.65
C VAL A 307 -76.91 3.83 13.62
N HIS A 308 -77.21 2.92 12.70
CA HIS A 308 -78.09 3.23 11.58
C HIS A 308 -79.52 3.47 12.08
N ASN A 309 -79.83 3.13 13.35
CA ASN A 309 -81.17 3.38 13.89
C ASN A 309 -81.27 4.67 14.70
N GLU A 310 -80.16 5.40 14.87
CA GLU A 310 -80.22 6.59 15.70
C GLU A 310 -80.82 7.73 14.87
N PRO A 311 -81.97 8.34 15.31
CA PRO A 311 -82.61 9.39 14.55
C PRO A 311 -81.67 10.48 14.03
N HIS A 312 -80.79 11.00 14.89
CA HIS A 312 -79.94 12.11 14.50
C HIS A 312 -78.94 11.75 13.39
N ILE A 313 -78.48 10.50 13.40
CA ILE A 313 -77.59 9.96 12.39
C ILE A 313 -78.34 9.84 11.06
N ILE A 314 -79.56 9.27 11.11
CA ILE A 314 -80.37 9.02 9.92
C ILE A 314 -80.68 10.35 9.24
N GLU A 315 -81.11 11.30 10.04
CA GLU A 315 -81.67 12.50 9.47
C GLU A 315 -80.59 13.39 8.87
N ARG A 316 -79.36 13.38 9.38
CA ARG A 316 -78.33 14.23 8.81
C ARG A 316 -77.59 13.50 7.66
N ASN A 317 -78.00 12.28 7.34
CA ASN A 317 -77.33 11.42 6.37
C ASN A 317 -75.83 11.33 6.61
N THR A 318 -75.44 11.01 7.85
CA THR A 318 -74.02 10.85 8.14
C THR A 318 -73.46 9.63 7.39
N PHE A 319 -74.32 8.63 7.12
CA PHE A 319 -73.96 7.36 6.48
C PHE A 319 -74.76 7.17 5.18
N TYR A 320 -74.23 6.35 4.26
CA TYR A 320 -74.95 5.89 3.07
C TYR A 320 -74.74 4.37 3.00
N GLU A 321 -75.61 3.62 2.31
CA GLU A 321 -75.44 2.18 2.16
C GLU A 321 -74.60 1.87 0.92
N ALA A 322 -73.80 0.81 0.99
CA ALA A 322 -72.98 0.38 -0.13
C ALA A 322 -72.38 -0.99 0.18
N ASN A 323 -72.70 -1.99 -0.66
CA ASN A 323 -72.03 -3.28 -0.55
C ASN A 323 -72.16 -3.84 0.86
N GLY A 324 -73.37 -4.30 1.21
CA GLY A 324 -73.63 -4.96 2.49
C GLY A 324 -72.95 -4.26 3.67
N GLY A 325 -73.22 -2.96 3.80
CA GLY A 325 -72.82 -2.22 4.98
C GLY A 325 -72.86 -0.70 4.75
N TRP A 326 -73.09 0.02 5.85
CA TRP A 326 -73.04 1.47 5.81
C TRP A 326 -71.59 1.94 5.72
N GLN A 327 -71.44 3.12 5.14
CA GLN A 327 -70.17 3.81 5.13
C GLN A 327 -70.41 5.29 5.38
N PRO A 328 -69.43 6.02 5.94
CA PRO A 328 -69.61 7.44 6.18
C PRO A 328 -69.59 8.28 4.92
N MET A 329 -70.54 9.23 4.86
CA MET A 329 -70.55 10.25 3.84
C MET A 329 -69.36 11.15 4.04
N PRO A 330 -68.93 11.86 2.98
CA PRO A 330 -67.82 12.79 3.12
C PRO A 330 -68.04 13.81 4.21
N ALA A 331 -66.93 14.26 4.78
CA ALA A 331 -66.93 15.34 5.73
C ALA A 331 -65.73 16.21 5.38
N PRO A 332 -65.73 17.52 5.74
CA PRO A 332 -66.91 18.21 6.25
C PRO A 332 -67.91 18.48 5.14
N ARG A 333 -68.89 19.37 5.38
CA ARG A 333 -69.92 19.65 4.38
C ARG A 333 -69.76 21.08 3.86
N PHE A 334 -70.20 21.31 2.62
CA PHE A 334 -69.99 22.57 1.94
C PHE A 334 -71.34 23.08 1.41
N SER A 335 -71.68 24.34 1.70
CA SER A 335 -72.95 24.96 1.32
C SER A 335 -73.15 25.03 -0.20
N ARG A 336 -72.18 25.54 -0.95
CA ARG A 336 -72.36 25.75 -2.40
C ARG A 336 -71.81 24.60 -3.23
N THR A 337 -70.58 24.13 -2.97
CA THR A 337 -70.04 23.03 -3.77
C THR A 337 -70.02 21.75 -2.95
N ALA A 338 -71.21 21.14 -2.84
CA ALA A 338 -71.43 19.98 -2.01
C ALA A 338 -70.74 18.78 -2.62
N SER A 339 -70.20 17.89 -1.78
CA SER A 339 -69.72 16.59 -2.23
C SER A 339 -70.91 15.76 -2.62
N SER A 340 -70.67 14.75 -3.43
CA SER A 340 -71.70 13.80 -3.76
C SER A 340 -71.36 12.49 -3.09
N GLN A 341 -72.31 11.56 -3.14
CA GLN A 341 -72.09 10.23 -2.65
C GLN A 341 -70.82 9.67 -3.29
N PRO A 342 -69.96 8.94 -2.56
CA PRO A 342 -68.78 8.34 -3.14
C PRO A 342 -69.09 7.30 -4.20
N ARG A 343 -68.20 7.21 -5.20
CA ARG A 343 -68.28 6.18 -6.22
C ARG A 343 -67.59 4.94 -5.70
N PRO A 344 -68.17 3.73 -5.89
CA PRO A 344 -67.54 2.55 -5.32
C PRO A 344 -66.18 2.29 -5.96
N PRO A 345 -65.38 1.35 -5.45
CA PRO A 345 -64.19 0.92 -6.19
C PRO A 345 -64.54 0.36 -7.57
N ALA A 346 -63.76 0.74 -8.59
CA ALA A 346 -64.03 0.35 -9.98
C ALA A 346 -63.07 -0.75 -10.43
N ALA A 347 -63.31 -1.34 -11.61
CA ALA A 347 -62.30 -2.19 -12.23
C ALA A 347 -61.08 -1.33 -12.60
N THR A 348 -59.89 -1.95 -12.57
CA THR A 348 -58.64 -1.27 -12.95
C THR A 348 -58.80 -0.64 -14.33
N ILE A 349 -58.01 0.40 -14.57
CA ILE A 349 -58.08 1.16 -15.79
C ILE A 349 -56.67 1.17 -16.39
N ASP A 350 -56.58 1.47 -17.68
CA ASP A 350 -55.33 1.46 -18.39
C ASP A 350 -54.58 2.78 -18.17
N ILE A 351 -53.29 2.73 -17.84
CA ILE A 351 -52.55 3.94 -17.54
C ILE A 351 -52.49 4.91 -18.73
N GLU A 352 -52.58 4.37 -19.96
CA GLU A 352 -52.64 5.15 -21.19
C GLU A 352 -53.96 5.91 -21.25
N ALA A 353 -55.08 5.19 -21.10
CA ALA A 353 -56.41 5.77 -21.07
C ALA A 353 -56.48 7.00 -20.16
N VAL A 354 -55.71 7.00 -19.06
CA VAL A 354 -55.74 8.08 -18.09
C VAL A 354 -54.92 9.27 -18.63
N LEU A 355 -53.74 8.99 -19.22
CA LEU A 355 -52.89 10.04 -19.77
C LEU A 355 -53.62 10.79 -20.90
N THR A 356 -54.40 10.02 -21.67
CA THR A 356 -55.26 10.52 -22.74
C THR A 356 -56.30 11.47 -22.14
N ASP A 357 -57.30 10.90 -21.43
CA ASP A 357 -58.23 11.67 -20.61
C ASP A 357 -57.59 12.94 -20.03
N TRP A 358 -56.45 12.86 -19.35
CA TRP A 358 -55.70 14.05 -18.99
C TRP A 358 -54.96 14.56 -20.24
N MET B 1 -44.25 36.59 8.52
CA MET B 1 -44.77 35.31 9.11
C MET B 1 -44.42 34.14 8.20
N ALA B 2 -43.64 33.18 8.71
CA ALA B 2 -43.20 32.02 7.94
C ALA B 2 -44.30 30.97 7.83
N GLY B 3 -44.32 30.23 6.71
CA GLY B 3 -45.14 29.06 6.53
C GLY B 3 -45.96 29.15 5.25
N PRO B 4 -46.57 28.04 4.77
CA PRO B 4 -47.28 28.09 3.51
C PRO B 4 -48.50 29.01 3.55
N LEU B 5 -49.00 29.33 4.74
CA LEU B 5 -50.27 30.04 4.81
C LEU B 5 -50.02 31.52 5.09
N SER B 6 -48.81 31.98 4.83
CA SER B 6 -48.47 33.39 4.93
C SER B 6 -49.52 34.19 4.19
N GLY B 7 -50.06 35.23 4.84
CA GLY B 7 -50.97 36.13 4.16
C GLY B 7 -52.43 35.69 4.25
N LEU B 8 -52.71 34.50 4.80
CA LEU B 8 -54.08 34.12 5.08
C LEU B 8 -54.54 34.87 6.33
N ARG B 9 -55.74 35.43 6.27
CA ARG B 9 -56.28 36.15 7.42
C ARG B 9 -57.50 35.43 7.97
N VAL B 10 -57.47 35.25 9.29
CA VAL B 10 -58.43 34.38 9.97
C VAL B 10 -59.00 35.11 11.17
N VAL B 11 -60.33 35.16 11.24
CA VAL B 11 -60.96 35.69 12.45
C VAL B 11 -61.57 34.53 13.24
N GLU B 12 -61.19 34.42 14.51
CA GLU B 12 -61.66 33.33 15.36
C GLU B 12 -62.53 33.90 16.49
N LEU B 13 -63.79 33.49 16.52
CA LEU B 13 -64.67 33.78 17.63
C LEU B 13 -64.41 32.74 18.74
N ALA B 14 -63.93 33.19 19.91
CA ALA B 14 -63.43 32.30 20.95
C ALA B 14 -64.47 31.32 21.48
N GLY B 15 -64.01 30.09 21.62
CA GLY B 15 -64.81 28.95 22.08
C GLY B 15 -63.85 27.93 22.67
N ILE B 16 -64.23 26.65 22.69
CA ILE B 16 -63.38 25.66 23.33
C ILE B 16 -63.25 24.42 22.44
N GLY B 17 -62.13 23.71 22.65
CA GLY B 17 -61.92 22.42 22.00
C GLY B 17 -61.52 22.60 20.54
N PRO B 18 -62.35 22.17 19.57
CA PRO B 18 -61.87 22.08 18.20
C PRO B 18 -61.55 23.42 17.53
N GLY B 19 -62.38 24.47 17.70
CA GLY B 19 -62.17 25.74 17.01
C GLY B 19 -60.81 26.35 17.36
N PRO B 20 -60.45 26.43 18.64
CA PRO B 20 -59.12 26.92 19.01
C PRO B 20 -57.97 26.11 18.45
N HIS B 21 -58.19 24.80 18.27
CA HIS B 21 -57.15 23.92 17.80
C HIS B 21 -56.88 24.20 16.32
N ALA B 22 -57.95 24.28 15.53
CA ALA B 22 -57.86 24.59 14.12
C ALA B 22 -57.19 25.94 13.92
N ALA B 23 -57.64 26.94 14.71
CA ALA B 23 -57.09 28.27 14.65
C ALA B 23 -55.58 28.19 14.89
N MET B 24 -55.21 27.41 15.92
CA MET B 24 -53.82 27.21 16.29
C MET B 24 -53.03 26.71 15.09
N ILE B 25 -53.52 25.66 14.43
CA ILE B 25 -52.75 25.04 13.36
C ILE B 25 -52.59 26.04 12.20
N LEU B 26 -53.63 26.83 11.93
CA LEU B 26 -53.57 27.83 10.88
C LEU B 26 -52.47 28.82 11.21
N GLY B 27 -52.51 29.32 12.44
CA GLY B 27 -51.46 30.17 12.98
C GLY B 27 -50.07 29.54 12.85
N ASP B 28 -49.98 28.23 13.15
CA ASP B 28 -48.72 27.55 13.22
C ASP B 28 -48.05 27.65 11.85
N LEU B 29 -48.86 27.46 10.81
CA LEU B 29 -48.46 27.43 9.40
C LEU B 29 -48.42 28.83 8.77
N GLY B 30 -48.53 29.86 9.62
CA GLY B 30 -48.20 31.23 9.25
C GLY B 30 -49.41 32.10 8.87
N ALA B 31 -50.62 31.64 9.18
CA ALA B 31 -51.77 32.51 9.02
C ALA B 31 -51.76 33.58 10.08
N ASP B 32 -52.41 34.70 9.68
CA ASP B 32 -52.64 35.84 10.54
C ASP B 32 -53.98 35.60 11.24
N VAL B 33 -53.92 35.32 12.53
CA VAL B 33 -55.08 34.83 13.25
C VAL B 33 -55.46 35.84 14.32
N VAL B 34 -56.71 36.33 14.23
CA VAL B 34 -57.19 37.28 15.23
C VAL B 34 -58.36 36.66 16.00
N ARG B 35 -58.17 36.52 17.29
CA ARG B 35 -59.14 35.86 18.14
C ARG B 35 -59.92 36.92 18.93
N ILE B 36 -61.25 36.94 18.72
CA ILE B 36 -62.15 37.80 19.49
C ILE B 36 -62.68 37.04 20.71
N ASP B 37 -62.33 37.50 21.90
CA ASP B 37 -62.88 36.97 23.13
C ASP B 37 -63.76 38.03 23.80
N ARG B 38 -64.44 37.65 24.89
CA ARG B 38 -65.28 38.60 25.61
C ARG B 38 -64.44 39.22 26.72
N PRO B 39 -64.64 40.53 27.05
CA PRO B 39 -63.74 41.21 27.96
C PRO B 39 -63.73 40.58 29.35
N SER B 40 -64.87 39.92 29.69
CA SER B 40 -65.04 39.33 31.01
C SER B 40 -64.02 38.22 31.28
N SER B 41 -63.66 37.41 30.26
CA SER B 41 -62.77 36.28 30.50
C SER B 41 -61.29 36.67 30.39
N VAL B 42 -60.89 37.53 29.44
CA VAL B 42 -59.48 37.82 29.21
C VAL B 42 -58.99 38.84 30.24
N ASP B 43 -57.96 38.45 31.03
CA ASP B 43 -57.26 39.33 31.95
C ASP B 43 -55.90 38.73 32.36
N GLY B 44 -54.82 39.23 31.74
CA GLY B 44 -53.47 38.68 31.85
C GLY B 44 -53.05 38.09 30.51
N ILE B 45 -51.75 37.83 30.30
CA ILE B 45 -51.33 37.04 29.14
C ILE B 45 -51.78 35.60 29.39
N SER B 46 -52.61 35.06 28.47
CA SER B 46 -53.21 33.74 28.65
C SER B 46 -52.11 32.67 28.72
N ARG B 47 -52.28 31.72 29.65
CA ARG B 47 -51.28 30.68 29.87
C ARG B 47 -51.77 29.35 29.27
N ASP B 48 -52.71 29.45 28.31
CA ASP B 48 -53.09 28.31 27.48
C ASP B 48 -52.30 28.34 26.17
N ALA B 49 -51.24 27.52 26.10
CA ALA B 49 -50.36 27.45 24.94
C ALA B 49 -51.13 27.08 23.65
N MET B 50 -52.39 26.58 23.77
CA MET B 50 -53.22 26.38 22.57
C MET B 50 -53.56 27.71 21.89
N LEU B 51 -53.31 28.83 22.60
CA LEU B 51 -53.56 30.17 22.09
C LEU B 51 -52.28 30.81 21.53
N ARG B 52 -51.31 29.98 21.14
CA ARG B 52 -50.10 30.46 20.52
C ARG B 52 -50.43 30.95 19.10
N ASN B 53 -49.54 31.79 18.54
CA ASN B 53 -49.67 32.31 17.18
C ASN B 53 -51.00 33.03 16.94
N ARG B 54 -51.39 33.84 17.92
CA ARG B 54 -52.64 34.60 17.86
C ARG B 54 -52.39 36.06 18.23
N ARG B 55 -53.27 36.93 17.70
CA ARG B 55 -53.55 38.21 18.34
C ARG B 55 -54.93 38.11 19.00
N ILE B 56 -54.96 38.41 20.29
CA ILE B 56 -56.19 38.42 21.09
C ILE B 56 -56.73 39.85 21.15
N VAL B 57 -58.02 40.01 20.80
CA VAL B 57 -58.75 41.26 21.06
C VAL B 57 -60.01 40.90 21.84
N THR B 58 -60.47 41.80 22.71
CA THR B 58 -61.76 41.64 23.37
C THR B 58 -62.80 42.52 22.68
N ALA B 59 -64.07 42.12 22.81
CA ALA B 59 -65.19 42.86 22.25
C ALA B 59 -66.49 42.22 22.72
N ASP B 60 -67.34 43.02 23.39
CA ASP B 60 -68.70 42.62 23.71
C ASP B 60 -69.48 42.53 22.40
N LEU B 61 -69.62 41.31 21.87
CA LEU B 61 -70.31 41.09 20.61
C LEU B 61 -71.81 41.36 20.75
N LYS B 62 -72.31 41.49 21.98
CA LYS B 62 -73.72 41.85 22.14
C LYS B 62 -73.93 43.37 22.02
N SER B 63 -72.87 44.19 21.92
CA SER B 63 -73.03 45.63 21.82
C SER B 63 -73.07 46.06 20.35
N ASP B 64 -73.37 47.34 20.11
CA ASP B 64 -73.51 47.83 18.75
C ASP B 64 -72.12 48.00 18.12
N GLN B 65 -71.22 48.50 18.95
CA GLN B 65 -69.86 48.85 18.56
C GLN B 65 -68.98 47.59 18.42
N GLY B 66 -69.11 46.67 19.38
CA GLY B 66 -68.46 45.37 19.31
C GLY B 66 -68.86 44.62 18.05
N LEU B 67 -70.17 44.57 17.74
CA LEU B 67 -70.61 43.97 16.49
C LEU B 67 -69.94 44.70 15.33
N GLU B 68 -69.91 46.04 15.39
CA GLU B 68 -69.51 46.82 14.23
C GLU B 68 -68.04 46.54 13.90
N LEU B 69 -67.21 46.66 14.96
CA LEU B 69 -65.78 46.38 14.92
C LEU B 69 -65.49 44.97 14.37
N ALA B 70 -66.31 43.98 14.75
CA ALA B 70 -66.13 42.59 14.34
C ALA B 70 -66.41 42.43 12.85
N LEU B 71 -67.50 43.05 12.38
CA LEU B 71 -67.84 42.97 10.97
C LEU B 71 -66.77 43.67 10.14
N LYS B 72 -66.10 44.67 10.72
CA LYS B 72 -65.01 45.33 10.01
C LYS B 72 -63.83 44.36 9.89
N LEU B 73 -63.50 43.63 10.97
CA LEU B 73 -62.47 42.59 10.87
C LEU B 73 -62.83 41.61 9.76
N ILE B 74 -64.05 41.10 9.78
CA ILE B 74 -64.44 39.99 8.94
C ILE B 74 -64.43 40.39 7.47
N ALA B 75 -64.76 41.67 7.23
CA ALA B 75 -64.71 42.27 5.91
C ALA B 75 -63.30 42.16 5.31
N LYS B 76 -62.26 42.30 6.15
CA LYS B 76 -60.86 42.26 5.76
C LYS B 76 -60.22 40.85 5.79
N ALA B 77 -60.97 39.77 6.10
CA ALA B 77 -60.38 38.46 6.40
C ALA B 77 -60.71 37.44 5.31
N ASP B 78 -60.04 36.29 5.31
CA ASP B 78 -60.37 35.23 4.35
C ASP B 78 -61.28 34.17 4.96
N VAL B 79 -61.14 33.96 6.28
CA VAL B 79 -61.80 32.86 6.96
C VAL B 79 -62.35 33.35 8.31
N LEU B 80 -63.55 32.87 8.64
CA LEU B 80 -64.09 33.04 9.98
C LEU B 80 -64.35 31.65 10.57
N ILE B 81 -63.90 31.49 11.82
CA ILE B 81 -64.18 30.28 12.57
C ILE B 81 -65.09 30.62 13.73
N GLU B 82 -66.17 29.87 13.87
CA GLU B 82 -67.00 29.90 15.08
C GLU B 82 -67.36 28.49 15.55
N GLY B 83 -67.38 28.30 16.88
CA GLY B 83 -67.65 27.00 17.47
C GLY B 83 -68.79 27.06 18.49
N TYR B 84 -69.82 27.86 18.23
CA TYR B 84 -70.94 27.99 19.14
C TYR B 84 -72.05 27.06 18.66
N ARG B 85 -73.08 26.91 19.46
CA ARG B 85 -74.25 26.18 19.00
C ARG B 85 -74.84 26.90 17.80
N PRO B 86 -75.50 26.14 16.91
CA PRO B 86 -76.21 26.74 15.80
C PRO B 86 -77.14 27.86 16.27
N GLY B 87 -77.21 28.96 15.50
CA GLY B 87 -78.11 30.06 15.79
C GLY B 87 -77.41 31.18 16.52
N VAL B 88 -76.30 30.85 17.18
CA VAL B 88 -75.67 31.81 18.05
C VAL B 88 -75.12 32.97 17.22
N THR B 89 -74.32 32.68 16.18
CA THR B 89 -73.71 33.78 15.44
C THR B 89 -74.81 34.61 14.75
N GLU B 90 -75.83 33.93 14.22
CA GLU B 90 -76.96 34.58 13.56
C GLU B 90 -77.55 35.67 14.43
N ARG B 91 -77.83 35.35 15.70
CA ARG B 91 -78.46 36.28 16.62
C ARG B 91 -77.47 37.37 17.00
N LEU B 92 -76.16 37.12 16.92
CA LEU B 92 -75.23 38.21 17.14
C LEU B 92 -75.27 39.20 15.97
N GLY B 93 -75.91 38.87 14.86
CA GLY B 93 -75.68 39.60 13.63
C GLY B 93 -74.33 39.27 12.99
N LEU B 94 -73.81 38.03 13.22
CA LEU B 94 -72.55 37.58 12.61
C LEU B 94 -72.76 36.28 11.87
N GLY B 95 -74.00 36.01 11.46
CA GLY B 95 -74.33 34.79 10.75
C GLY B 95 -73.75 34.80 9.33
N PRO B 96 -73.84 33.67 8.62
CA PRO B 96 -73.29 33.61 7.29
C PRO B 96 -73.81 34.73 6.39
N GLU B 97 -75.11 34.99 6.42
CA GLU B 97 -75.69 35.96 5.50
C GLU B 97 -75.22 37.38 5.82
N GLU B 98 -75.11 37.74 7.10
CA GLU B 98 -74.61 39.05 7.42
C GLU B 98 -73.16 39.22 6.96
N CYS B 99 -72.39 38.13 6.98
CA CYS B 99 -70.97 38.18 6.66
C CYS B 99 -70.80 38.30 5.14
N ALA B 100 -71.70 37.67 4.38
CA ALA B 100 -71.67 37.63 2.93
C ALA B 100 -71.97 39.01 2.37
N LYS B 101 -72.72 39.83 3.11
CA LYS B 101 -72.99 41.18 2.69
C LYS B 101 -71.69 41.99 2.71
N VAL B 102 -70.82 41.80 3.73
CA VAL B 102 -69.61 42.61 3.86
C VAL B 102 -68.43 41.96 3.12
N ASN B 103 -68.58 40.73 2.57
CA ASN B 103 -67.44 39.93 2.11
C ASN B 103 -67.94 38.61 1.52
N ASP B 104 -68.26 38.62 0.23
CA ASP B 104 -68.74 37.44 -0.49
C ASP B 104 -67.61 36.43 -0.73
N ARG B 105 -66.39 36.71 -0.24
CA ARG B 105 -65.25 35.84 -0.44
C ARG B 105 -64.91 35.04 0.83
N LEU B 106 -65.58 35.32 1.96
CA LEU B 106 -65.29 34.72 3.26
C LEU B 106 -65.53 33.20 3.24
N ILE B 107 -64.58 32.45 3.79
CA ILE B 107 -64.83 31.06 4.16
C ILE B 107 -65.40 31.05 5.57
N TYR B 108 -66.67 30.63 5.66
CA TYR B 108 -67.40 30.71 6.92
C TYR B 108 -67.47 29.31 7.53
N ALA B 109 -66.66 29.13 8.58
CA ALA B 109 -66.36 27.79 9.05
C ALA B 109 -67.00 27.55 10.42
N ARG B 110 -67.97 26.63 10.44
CA ARG B 110 -68.76 26.34 11.63
C ARG B 110 -68.41 24.98 12.25
N MET B 111 -67.91 25.01 13.48
CA MET B 111 -67.38 23.84 14.17
C MET B 111 -68.36 23.44 15.28
N THR B 112 -69.09 22.36 15.05
CA THR B 112 -69.97 21.82 16.09
C THR B 112 -69.73 20.35 16.31
N GLY B 113 -70.41 19.79 17.32
CA GLY B 113 -70.37 18.36 17.54
C GLY B 113 -71.45 17.64 16.77
N TRP B 114 -72.68 18.14 16.83
CA TRP B 114 -73.83 17.42 16.31
C TRP B 114 -74.26 17.90 14.92
N GLY B 115 -73.72 19.04 14.48
CA GLY B 115 -74.10 19.57 13.17
C GLY B 115 -75.01 20.78 13.27
N GLN B 116 -75.46 21.28 12.10
CA GLN B 116 -76.18 22.54 12.05
C GLN B 116 -77.67 22.35 12.27
N THR B 117 -78.20 21.16 12.01
CA THR B 117 -79.60 20.87 12.18
C THR B 117 -79.75 19.46 12.73
N GLY B 118 -81.00 19.13 13.03
CA GLY B 118 -81.37 17.81 13.50
C GLY B 118 -81.59 17.80 15.01
N PRO B 119 -82.15 16.69 15.50
CA PRO B 119 -82.73 16.64 16.84
C PRO B 119 -81.74 16.89 17.97
N ARG B 120 -80.42 16.72 17.72
CA ARG B 120 -79.47 16.82 18.80
C ARG B 120 -78.74 18.14 18.66
N SER B 121 -79.11 18.96 17.69
CA SER B 121 -78.29 20.08 17.28
C SER B 121 -78.24 21.18 18.33
N GLN B 122 -79.15 21.19 19.33
CA GLN B 122 -79.02 22.15 20.41
C GLN B 122 -78.53 21.52 21.72
N GLN B 123 -78.19 20.24 21.71
CA GLN B 123 -77.73 19.60 22.94
C GLN B 123 -76.29 20.00 23.23
N ALA B 124 -76.02 20.39 24.47
CA ALA B 124 -74.65 20.54 24.90
C ALA B 124 -73.95 19.20 24.71
N GLY B 125 -72.61 19.22 24.63
CA GLY B 125 -71.89 17.97 24.50
C GLY B 125 -70.38 18.18 24.54
N HIS B 126 -69.69 17.07 24.78
CA HIS B 126 -68.24 17.04 24.67
C HIS B 126 -67.86 15.81 23.84
N ASP B 127 -66.56 15.71 23.60
CA ASP B 127 -65.97 14.66 22.76
C ASP B 127 -66.63 13.33 23.05
N ILE B 128 -66.66 12.93 24.32
CA ILE B 128 -67.11 11.59 24.70
C ILE B 128 -68.54 11.35 24.22
N ASN B 129 -69.36 12.40 24.17
CA ASN B 129 -70.74 12.25 23.69
C ASN B 129 -70.77 12.01 22.18
N TYR B 130 -70.03 12.85 21.42
CA TYR B 130 -70.10 12.78 19.94
C TYR B 130 -69.63 11.40 19.47
N ILE B 131 -68.60 10.82 20.14
CA ILE B 131 -68.07 9.52 19.72
C ILE B 131 -68.89 8.36 20.28
N SER B 132 -69.82 8.65 21.21
CA SER B 132 -70.64 7.57 21.73
C SER B 132 -71.74 7.23 20.72
N LEU B 133 -72.18 8.21 19.94
CA LEU B 133 -73.36 7.99 19.12
C LEU B 133 -73.05 7.28 17.82
N ASN B 134 -71.80 7.31 17.35
CA ASN B 134 -71.51 6.79 16.03
C ASN B 134 -70.68 5.52 16.07
N GLY B 135 -70.59 4.87 17.23
CA GLY B 135 -70.03 3.52 17.29
C GLY B 135 -68.57 3.49 17.76
N ILE B 136 -67.92 4.65 17.79
CA ILE B 136 -66.49 4.71 18.02
C ILE B 136 -66.16 4.34 19.46
N LEU B 137 -66.84 4.97 20.44
CA LEU B 137 -66.49 4.81 21.85
C LEU B 137 -66.69 3.35 22.28
N HIS B 138 -67.73 2.73 21.76
CA HIS B 138 -68.05 1.37 22.09
C HIS B 138 -66.91 0.41 21.74
N ALA B 139 -66.08 0.81 20.75
CA ALA B 139 -65.08 -0.09 20.18
C ALA B 139 -63.74 0.02 20.91
N ILE B 140 -63.64 0.95 21.87
CA ILE B 140 -62.39 1.24 22.52
C ILE B 140 -62.34 0.72 23.96
N GLY B 141 -61.33 -0.12 24.26
CA GLY B 141 -61.06 -0.58 25.62
C GLY B 141 -61.03 -2.11 25.70
N ARG B 142 -60.80 -2.67 26.88
CA ARG B 142 -60.82 -4.12 27.00
C ARG B 142 -62.25 -4.64 27.04
N GLY B 143 -62.44 -5.89 26.60
CA GLY B 143 -63.74 -6.53 26.43
C GLY B 143 -64.44 -6.80 27.76
N ASP B 144 -63.70 -6.91 28.86
CA ASP B 144 -64.33 -7.24 30.12
C ASP B 144 -64.68 -5.98 30.90
N GLU B 145 -64.51 -4.80 30.27
CA GLU B 145 -64.66 -3.58 31.01
C GLU B 145 -65.44 -2.56 30.20
N ARG B 146 -65.89 -1.52 30.86
CA ARG B 146 -66.63 -0.52 30.13
C ARG B 146 -65.69 0.26 29.23
N PRO B 147 -66.21 0.83 28.13
CA PRO B 147 -65.37 1.57 27.19
C PRO B 147 -64.62 2.71 27.83
N VAL B 148 -63.45 3.00 27.32
CA VAL B 148 -62.62 4.04 27.91
C VAL B 148 -62.44 5.15 26.90
N PRO B 149 -62.59 6.42 27.33
CA PRO B 149 -62.43 7.52 26.41
C PRO B 149 -60.97 7.65 26.00
N PRO B 150 -60.70 7.75 24.69
CA PRO B 150 -59.36 8.01 24.19
C PRO B 150 -59.01 9.50 24.24
N LEU B 151 -58.90 9.95 25.48
CA LEU B 151 -58.90 11.36 25.80
C LEU B 151 -59.97 12.04 24.99
N ASN B 152 -59.68 13.28 24.55
CA ASN B 152 -60.53 13.97 23.60
C ASN B 152 -59.88 14.06 22.23
N LEU B 153 -59.13 13.02 21.85
CA LEU B 153 -58.37 13.08 20.62
C LEU B 153 -59.20 12.79 19.38
N VAL B 154 -60.27 11.98 19.51
CA VAL B 154 -60.92 11.45 18.32
C VAL B 154 -62.08 12.32 17.86
N GLY B 155 -62.83 12.89 18.79
CA GLY B 155 -63.96 13.72 18.37
C GLY B 155 -63.56 15.18 18.18
N ASP B 156 -62.92 15.76 19.19
CA ASP B 156 -62.56 17.18 19.11
C ASP B 156 -61.50 17.40 18.04
N PHE B 157 -60.42 16.60 18.07
CA PHE B 157 -59.25 16.95 17.27
C PHE B 157 -59.24 16.19 15.96
N GLY B 158 -59.04 14.85 16.02
CA GLY B 158 -58.98 14.03 14.84
C GLY B 158 -60.20 14.18 13.94
N GLY B 159 -61.39 14.09 14.53
CA GLY B 159 -62.64 14.11 13.78
C GLY B 159 -63.31 15.49 13.81
N GLY B 160 -62.63 16.49 14.36
CA GLY B 160 -63.18 17.78 14.62
C GLY B 160 -62.38 18.89 13.96
N SER B 161 -61.41 19.42 14.69
CA SER B 161 -60.56 20.49 14.19
C SER B 161 -59.94 20.10 12.85
N MET B 162 -59.56 18.83 12.68
CA MET B 162 -58.81 18.49 11.48
C MET B 162 -59.69 18.58 10.26
N PHE B 163 -60.97 18.16 10.39
CA PHE B 163 -61.94 18.26 9.32
C PHE B 163 -62.33 19.72 9.09
N LEU B 164 -62.36 20.55 10.14
CA LEU B 164 -62.60 21.97 9.93
C LEU B 164 -61.47 22.55 9.03
N LEU B 165 -60.20 22.17 9.31
CA LEU B 165 -59.03 22.59 8.54
C LEU B 165 -59.09 22.12 7.09
N VAL B 166 -59.39 20.84 6.90
CA VAL B 166 -59.50 20.31 5.56
C VAL B 166 -60.57 21.08 4.79
N GLY B 167 -61.68 21.43 5.46
CA GLY B 167 -62.76 22.17 4.80
C GLY B 167 -62.39 23.64 4.52
N ILE B 168 -61.75 24.30 5.46
CA ILE B 168 -61.34 25.65 5.23
C ILE B 168 -60.38 25.71 4.04
N LEU B 169 -59.46 24.73 3.92
CA LEU B 169 -58.37 24.85 2.98
C LEU B 169 -58.85 24.37 1.62
N ALA B 170 -59.75 23.37 1.60
CA ALA B 170 -60.40 23.01 0.37
C ALA B 170 -61.29 24.12 -0.18
N ALA B 171 -61.96 24.86 0.70
CA ALA B 171 -62.85 25.92 0.22
C ALA B 171 -62.02 27.07 -0.36
N LEU B 172 -60.85 27.37 0.22
CA LEU B 172 -59.93 28.36 -0.32
C LEU B 172 -59.47 28.00 -1.72
N TRP B 173 -59.25 26.69 -1.97
CA TRP B 173 -58.88 26.22 -3.27
C TRP B 173 -60.04 26.40 -4.25
N GLU B 174 -61.26 26.08 -3.79
CA GLU B 174 -62.42 26.21 -4.66
C GLU B 174 -62.60 27.69 -5.03
N ARG B 175 -62.29 28.60 -4.10
CA ARG B 175 -62.50 30.05 -4.23
C ARG B 175 -61.65 30.62 -5.37
N GLN B 176 -60.50 29.98 -5.62
CA GLN B 176 -59.57 30.42 -6.64
C GLN B 176 -60.20 30.30 -8.03
N SER B 177 -61.08 29.34 -8.23
CA SER B 177 -61.69 29.20 -9.53
C SER B 177 -63.08 29.87 -9.57
N SER B 178 -63.67 30.20 -8.41
CA SER B 178 -65.06 30.65 -8.42
C SER B 178 -65.17 32.12 -7.99
N GLY B 179 -64.16 32.63 -7.26
CA GLY B 179 -64.12 34.00 -6.80
C GLY B 179 -64.90 34.23 -5.50
N LYS B 180 -65.51 33.15 -4.96
CA LYS B 180 -66.53 33.22 -3.92
C LYS B 180 -66.18 32.29 -2.74
N GLY B 181 -66.52 32.73 -1.52
CA GLY B 181 -66.48 31.87 -0.34
C GLY B 181 -67.71 30.98 -0.25
N GLN B 182 -67.88 30.35 0.94
CA GLN B 182 -69.00 29.44 1.19
C GLN B 182 -68.92 28.97 2.65
N VAL B 183 -69.91 28.17 3.07
CA VAL B 183 -69.97 27.76 4.47
C VAL B 183 -69.46 26.33 4.59
N VAL B 184 -68.55 26.16 5.56
CA VAL B 184 -68.06 24.86 5.93
C VAL B 184 -68.72 24.45 7.25
N ASP B 185 -69.43 23.33 7.18
CA ASP B 185 -70.12 22.72 8.29
C ASP B 185 -69.39 21.44 8.69
N ALA B 186 -68.56 21.59 9.72
CA ALA B 186 -67.78 20.51 10.29
C ALA B 186 -68.41 20.06 11.62
N ALA B 187 -69.03 18.90 11.56
CA ALA B 187 -69.59 18.26 12.75
C ALA B 187 -68.71 17.10 13.20
N MET B 188 -68.36 17.07 14.49
CA MET B 188 -67.51 16.03 15.04
C MET B 188 -68.09 14.62 14.86
N VAL B 189 -69.42 14.51 14.83
CA VAL B 189 -70.00 13.18 14.68
C VAL B 189 -69.78 12.67 13.24
N ASP B 190 -69.66 13.61 12.28
CA ASP B 190 -69.39 13.28 10.89
C ASP B 190 -67.89 13.00 10.69
N GLY B 191 -67.03 13.98 11.00
CA GLY B 191 -65.59 13.85 10.81
C GLY B 191 -65.07 12.57 11.49
N SER B 192 -65.50 12.33 12.74
CA SER B 192 -64.94 11.19 13.45
C SER B 192 -65.38 9.91 12.75
N SER B 193 -66.58 9.90 12.13
CA SER B 193 -66.98 8.72 11.38
C SER B 193 -66.11 8.46 10.14
N VAL B 194 -65.68 9.53 9.45
CA VAL B 194 -64.81 9.37 8.30
C VAL B 194 -63.44 8.95 8.83
N LEU B 195 -63.08 9.48 10.00
CA LEU B 195 -61.80 9.16 10.62
C LEU B 195 -61.67 7.66 10.80
N ILE B 196 -62.80 6.98 11.10
CA ILE B 196 -62.85 5.56 11.40
C ILE B 196 -63.44 4.79 10.22
N GLN B 197 -63.35 5.35 9.02
CA GLN B 197 -63.86 4.64 7.86
C GLN B 197 -63.26 3.23 7.68
N MET B 198 -61.98 3.06 8.04
CA MET B 198 -61.36 1.74 7.89
C MET B 198 -62.15 0.65 8.63
N MET B 199 -62.65 0.93 9.85
CA MET B 199 -63.47 -0.04 10.56
C MET B 199 -64.79 -0.28 9.85
N TRP B 200 -65.43 0.76 9.31
CA TRP B 200 -66.66 0.49 8.58
C TRP B 200 -66.37 -0.37 7.32
N ALA B 201 -65.24 -0.12 6.65
CA ALA B 201 -64.82 -0.96 5.52
C ALA B 201 -64.63 -2.42 5.93
N MET B 202 -63.84 -2.61 6.98
CA MET B 202 -63.60 -3.93 7.53
C MET B 202 -64.88 -4.61 8.01
N ARG B 203 -65.87 -3.89 8.57
CA ARG B 203 -67.06 -4.57 9.08
C ARG B 203 -67.80 -5.16 7.90
N ALA B 204 -67.89 -4.40 6.79
CA ALA B 204 -68.62 -4.87 5.62
C ALA B 204 -67.96 -6.09 4.97
N THR B 205 -66.63 -6.26 5.05
CA THR B 205 -65.98 -7.46 4.53
C THR B 205 -65.83 -8.54 5.61
N GLY B 206 -66.60 -8.47 6.70
CA GLY B 206 -66.56 -9.47 7.76
C GLY B 206 -65.22 -9.53 8.50
N MET B 207 -64.41 -8.45 8.47
CA MET B 207 -63.08 -8.44 9.06
C MET B 207 -63.01 -7.58 10.33
N TRP B 208 -64.16 -7.11 10.84
CA TRP B 208 -64.19 -6.38 12.10
C TRP B 208 -65.51 -6.74 12.79
N THR B 209 -65.51 -7.09 14.10
CA THR B 209 -66.80 -7.29 14.79
C THR B 209 -67.04 -6.20 15.83
N ASP B 210 -68.32 -6.11 16.23
CA ASP B 210 -68.76 -5.16 17.24
C ASP B 210 -68.37 -5.60 18.65
N THR B 211 -67.90 -6.85 18.84
CA THR B 211 -67.32 -7.27 20.12
C THR B 211 -66.05 -6.49 20.43
N ARG B 212 -66.06 -5.79 21.57
CA ARG B 212 -64.89 -5.03 22.02
C ARG B 212 -63.77 -5.97 22.46
N GLY B 213 -62.53 -5.62 22.14
CA GLY B 213 -61.39 -6.41 22.55
C GLY B 213 -61.19 -7.68 21.72
N ALA B 214 -61.83 -7.80 20.54
CA ALA B 214 -61.75 -9.03 19.77
C ALA B 214 -61.29 -8.78 18.33
N ASN B 215 -60.46 -7.76 18.08
CA ASN B 215 -60.19 -7.36 16.71
C ASN B 215 -58.68 -7.16 16.53
N MET B 216 -58.26 -6.92 15.29
CA MET B 216 -56.83 -6.84 15.00
C MET B 216 -56.21 -5.61 15.63
N LEU B 217 -56.97 -4.50 15.71
CA LEU B 217 -56.40 -3.21 16.08
C LEU B 217 -56.98 -2.63 17.36
N ASP B 218 -57.71 -3.39 18.17
CA ASP B 218 -58.35 -2.83 19.35
C ASP B 218 -57.69 -3.30 20.62
N GLY B 219 -56.64 -4.15 20.49
CA GLY B 219 -55.96 -4.71 21.65
C GLY B 219 -56.23 -6.19 21.79
N GLY B 220 -57.19 -6.73 21.03
CA GLY B 220 -57.47 -8.15 21.08
C GLY B 220 -56.34 -9.02 20.48
N ALA B 221 -55.61 -8.49 19.49
CA ALA B 221 -54.57 -9.26 18.84
C ALA B 221 -53.31 -9.22 19.70
N PRO B 222 -52.71 -10.40 20.02
CA PRO B 222 -51.52 -10.45 20.82
C PRO B 222 -50.33 -9.75 20.18
N TYR B 223 -50.38 -9.64 18.86
CA TYR B 223 -49.30 -8.93 18.20
C TYR B 223 -49.61 -7.45 17.93
N TYR B 224 -50.73 -6.92 18.45
CA TYR B 224 -50.99 -5.48 18.37
C TYR B 224 -51.62 -5.01 19.71
N ASP B 225 -50.74 -4.74 20.68
CA ASP B 225 -51.14 -4.50 22.06
C ASP B 225 -49.93 -4.04 22.83
N THR B 226 -50.15 -3.58 24.07
CA THR B 226 -49.07 -3.30 25.00
C THR B 226 -48.83 -4.51 25.90
N TYR B 227 -47.59 -4.59 26.40
CA TYR B 227 -47.17 -5.66 27.30
C TYR B 227 -46.43 -5.00 28.44
N GLU B 228 -46.70 -5.50 29.65
CA GLU B 228 -45.98 -5.06 30.83
C GLU B 228 -44.63 -5.79 30.93
N CYS B 229 -43.59 -5.06 31.32
CA CYS B 229 -42.23 -5.56 31.39
C CYS B 229 -41.85 -5.79 32.85
N ALA B 230 -40.60 -6.26 33.10
CA ALA B 230 -40.18 -6.65 34.43
C ALA B 230 -40.16 -5.47 35.38
N ASP B 231 -40.06 -4.25 34.87
CA ASP B 231 -39.99 -3.08 35.71
C ASP B 231 -41.36 -2.42 35.87
N GLY B 232 -42.43 -3.00 35.34
CA GLY B 232 -43.75 -2.42 35.48
C GLY B 232 -44.06 -1.36 34.42
N ARG B 233 -43.09 -1.10 33.52
CA ARG B 233 -43.27 -0.22 32.39
C ARG B 233 -43.69 -1.07 31.21
N TYR B 234 -43.98 -0.42 30.08
CA TYR B 234 -44.69 -1.08 29.00
C TYR B 234 -43.92 -0.98 27.70
N VAL B 235 -44.10 -2.00 26.86
CA VAL B 235 -43.79 -1.89 25.46
C VAL B 235 -45.06 -1.97 24.66
N ALA B 236 -44.96 -1.43 23.44
CA ALA B 236 -45.98 -1.64 22.45
C ALA B 236 -45.44 -2.53 21.34
N VAL B 237 -46.28 -3.46 20.92
CA VAL B 237 -46.05 -4.38 19.85
C VAL B 237 -47.08 -4.12 18.79
N GLY B 238 -46.61 -3.96 17.53
CA GLY B 238 -47.47 -3.65 16.39
C GLY B 238 -47.12 -4.46 15.16
N ALA B 239 -46.78 -5.74 15.39
CA ALA B 239 -46.16 -6.60 14.39
C ALA B 239 -47.20 -7.34 13.59
N ILE B 240 -47.92 -6.59 12.75
CA ILE B 240 -49.02 -7.17 12.01
C ILE B 240 -48.47 -8.11 10.89
N GLU B 241 -47.51 -7.60 10.09
CA GLU B 241 -46.95 -8.33 8.95
C GLU B 241 -46.16 -9.55 9.47
N PRO B 242 -46.36 -10.74 8.86
CA PRO B 242 -45.73 -11.96 9.37
C PRO B 242 -44.22 -11.86 9.50
N GLN B 243 -43.53 -11.13 8.57
CA GLN B 243 -42.09 -10.93 8.62
CA GLN B 243 -42.08 -10.93 8.61
C GLN B 243 -41.71 -10.21 9.90
N PHE B 244 -42.49 -9.17 10.25
CA PHE B 244 -42.13 -8.38 11.40
C PHE B 244 -42.40 -9.18 12.68
N TYR B 245 -43.54 -9.89 12.66
CA TYR B 245 -43.94 -10.79 13.73
C TYR B 245 -42.86 -11.85 13.98
N ALA B 246 -42.37 -12.48 12.90
CA ALA B 246 -41.30 -13.47 13.06
C ALA B 246 -40.10 -12.82 13.73
N ALA B 247 -39.79 -11.56 13.38
CA ALA B 247 -38.58 -10.97 13.91
C ALA B 247 -38.73 -10.72 15.38
N MET B 248 -39.96 -10.34 15.78
CA MET B 248 -40.25 -10.08 17.17
C MET B 248 -40.04 -11.38 17.98
N LEU B 249 -40.62 -12.49 17.50
CA LEU B 249 -40.53 -13.75 18.22
C LEU B 249 -39.06 -14.14 18.43
N ALA B 250 -38.24 -14.03 17.38
CA ALA B 250 -36.82 -14.35 17.51
C ALA B 250 -36.18 -13.50 18.59
N GLY B 251 -36.49 -12.20 18.62
CA GLY B 251 -35.82 -11.39 19.61
C GLY B 251 -36.34 -11.65 21.03
N LEU B 252 -37.57 -12.19 21.15
CA LEU B 252 -38.09 -12.59 22.45
C LEU B 252 -37.48 -13.90 22.89
N GLY B 253 -36.97 -14.68 21.93
CA GLY B 253 -36.33 -15.92 22.28
C GLY B 253 -37.32 -17.05 22.18
N LEU B 254 -38.35 -16.88 21.35
CA LEU B 254 -39.45 -17.80 21.24
C LEU B 254 -39.41 -18.46 19.88
N ASP B 255 -39.49 -19.77 19.94
CA ASP B 255 -39.38 -20.56 18.75
C ASP B 255 -40.79 -20.64 18.17
N ALA B 256 -40.98 -20.16 16.94
CA ALA B 256 -42.28 -20.09 16.32
C ALA B 256 -42.97 -21.45 16.23
N ALA B 257 -42.20 -22.54 16.21
CA ALA B 257 -42.78 -23.88 16.14
C ALA B 257 -43.55 -24.27 17.42
N GLU B 258 -43.21 -23.72 18.59
CA GLU B 258 -43.89 -24.02 19.85
C GLU B 258 -45.15 -23.17 20.06
N LEU B 259 -45.52 -22.32 19.11
CA LEU B 259 -46.53 -21.30 19.36
C LEU B 259 -47.73 -21.61 18.49
N PRO B 260 -48.95 -21.17 18.87
CA PRO B 260 -50.05 -21.24 17.94
C PRO B 260 -49.79 -20.32 16.75
N PRO B 261 -50.49 -20.47 15.63
CA PRO B 261 -50.36 -19.53 14.52
C PRO B 261 -50.77 -18.10 14.92
N GLN B 262 -50.08 -17.13 14.30
CA GLN B 262 -50.22 -15.72 14.60
C GLN B 262 -51.69 -15.29 14.54
N ASN B 263 -52.43 -15.79 13.55
CA ASN B 263 -53.77 -15.34 13.27
C ASN B 263 -54.78 -16.45 13.54
N ASP B 264 -54.48 -17.41 14.42
CA ASP B 264 -55.54 -18.31 14.88
C ASP B 264 -56.20 -17.72 16.13
N ARG B 265 -57.34 -17.09 15.93
CA ARG B 265 -57.93 -16.20 16.92
C ARG B 265 -58.40 -17.00 18.13
N ALA B 266 -58.80 -18.24 17.91
CA ALA B 266 -59.29 -19.09 18.98
C ALA B 266 -58.18 -19.38 19.98
N ARG B 267 -56.93 -19.29 19.53
CA ARG B 267 -55.80 -19.56 20.39
C ARG B 267 -55.06 -18.29 20.78
N TRP B 268 -55.63 -17.13 20.47
CA TRP B 268 -55.02 -15.88 20.88
C TRP B 268 -54.78 -15.81 22.38
N PRO B 269 -55.70 -16.26 23.25
CA PRO B 269 -55.44 -16.21 24.69
C PRO B 269 -54.15 -16.91 25.07
N GLU B 270 -53.96 -18.08 24.45
CA GLU B 270 -52.79 -18.91 24.67
C GLU B 270 -51.51 -18.23 24.17
N LEU B 271 -51.53 -17.75 22.93
CA LEU B 271 -50.40 -16.98 22.37
C LEU B 271 -50.04 -15.78 23.25
N ARG B 272 -51.07 -15.03 23.67
CA ARG B 272 -50.84 -13.86 24.52
C ARG B 272 -50.15 -14.24 25.82
N ALA B 273 -50.54 -15.37 26.42
CA ALA B 273 -49.93 -15.77 27.68
C ALA B 273 -48.43 -16.04 27.52
N LEU B 274 -48.06 -16.61 26.37
CA LEU B 274 -46.66 -16.93 26.08
C LEU B 274 -45.86 -15.65 25.85
N LEU B 275 -46.43 -14.70 25.11
CA LEU B 275 -45.77 -13.43 24.89
C LEU B 275 -45.71 -12.61 26.18
N THR B 276 -46.75 -12.70 27.02
CA THR B 276 -46.76 -11.96 28.28
C THR B 276 -45.60 -12.40 29.14
N GLU B 277 -45.38 -13.73 29.21
CA GLU B 277 -44.33 -14.25 30.06
C GLU B 277 -42.96 -13.81 29.53
N ALA B 278 -42.79 -13.90 28.21
CA ALA B 278 -41.53 -13.45 27.58
C ALA B 278 -41.26 -11.97 27.86
N PHE B 279 -42.23 -11.08 27.56
CA PHE B 279 -41.96 -9.66 27.76
C PHE B 279 -41.71 -9.36 29.23
N ALA B 280 -42.33 -10.13 30.14
CA ALA B 280 -42.24 -9.79 31.56
C ALA B 280 -40.87 -10.09 32.14
N SER B 281 -40.02 -10.81 31.41
CA SER B 281 -38.76 -11.31 31.92
C SER B 281 -37.61 -10.29 31.80
N HIS B 282 -37.79 -9.19 31.05
CA HIS B 282 -36.84 -8.08 31.05
C HIS B 282 -37.58 -6.73 31.15
N ASP B 283 -36.84 -5.68 31.47
CA ASP B 283 -37.41 -4.35 31.60
C ASP B 283 -37.59 -3.68 30.23
N ARG B 284 -38.33 -2.58 30.24
CA ARG B 284 -38.69 -1.89 29.01
C ARG B 284 -37.44 -1.49 28.23
N ASP B 285 -36.42 -0.99 28.91
CA ASP B 285 -35.31 -0.35 28.24
C ASP B 285 -34.51 -1.42 27.52
N HIS B 286 -34.42 -2.61 28.15
CA HIS B 286 -33.84 -3.78 27.54
C HIS B 286 -34.49 -4.11 26.21
N TRP B 287 -35.83 -4.09 26.16
CA TRP B 287 -36.49 -4.43 24.91
C TRP B 287 -36.24 -3.33 23.87
N GLY B 288 -36.16 -2.06 24.32
CA GLY B 288 -35.97 -0.96 23.39
C GLY B 288 -34.60 -1.09 22.69
N ALA B 289 -33.61 -1.49 23.48
CA ALA B 289 -32.27 -1.75 22.98
C ALA B 289 -32.29 -2.94 22.03
N VAL B 290 -32.66 -4.12 22.51
CA VAL B 290 -32.78 -5.34 21.72
C VAL B 290 -33.42 -5.09 20.35
N PHE B 291 -34.49 -4.29 20.27
CA PHE B 291 -35.22 -4.12 19.01
C PHE B 291 -34.91 -2.81 18.27
N ALA B 292 -33.96 -2.01 18.72
CA ALA B 292 -33.56 -0.85 17.93
C ALA B 292 -33.01 -1.32 16.57
N ASN B 293 -33.41 -0.60 15.50
CA ASN B 293 -32.99 -0.81 14.12
C ASN B 293 -33.66 -2.04 13.54
N SER B 294 -34.64 -2.55 14.27
CA SER B 294 -35.37 -3.76 13.94
C SER B 294 -36.71 -3.44 13.29
N ASP B 295 -37.21 -4.37 12.49
CA ASP B 295 -38.55 -4.33 11.99
C ASP B 295 -39.56 -5.11 12.84
N ALA B 296 -39.23 -5.44 14.08
CA ALA B 296 -40.10 -6.21 14.96
C ALA B 296 -41.34 -5.43 15.44
N CYS B 297 -41.38 -4.10 15.22
CA CYS B 297 -42.48 -3.24 15.65
C CYS B 297 -42.74 -3.34 17.15
N VAL B 298 -41.68 -3.20 17.94
CA VAL B 298 -41.69 -3.18 19.38
C VAL B 298 -41.06 -1.85 19.80
N THR B 299 -41.78 -1.01 20.56
CA THR B 299 -41.27 0.31 20.97
C THR B 299 -41.58 0.51 22.43
N PRO B 300 -40.72 1.25 23.17
CA PRO B 300 -41.05 1.61 24.53
C PRO B 300 -42.25 2.55 24.56
N VAL B 301 -43.13 2.37 25.55
CA VAL B 301 -44.25 3.26 25.77
C VAL B 301 -43.80 4.33 26.76
N LEU B 302 -43.50 5.54 26.27
CA LEU B 302 -42.94 6.59 27.11
C LEU B 302 -44.08 7.41 27.72
N ALA B 303 -43.92 7.81 28.97
CA ALA B 303 -44.77 8.82 29.56
C ALA B 303 -44.34 10.21 29.09
N PHE B 304 -45.25 11.19 29.14
CA PHE B 304 -44.97 12.52 28.64
C PHE B 304 -43.62 13.03 29.15
N GLY B 305 -43.36 12.87 30.45
CA GLY B 305 -42.17 13.42 31.07
C GLY B 305 -40.85 12.78 30.61
N GLU B 306 -40.90 11.70 29.83
CA GLU B 306 -39.72 11.01 29.32
C GLU B 306 -39.45 11.34 27.85
N VAL B 307 -40.40 11.99 27.18
CA VAL B 307 -40.33 12.09 25.73
C VAL B 307 -39.13 12.97 25.35
N HIS B 308 -38.85 14.01 26.12
CA HIS B 308 -37.72 14.88 25.83
C HIS B 308 -36.38 14.13 25.83
N ASN B 309 -36.32 12.92 26.41
CA ASN B 309 -35.08 12.17 26.47
C ASN B 309 -34.92 11.14 25.35
N GLU B 310 -35.86 11.05 24.42
CA GLU B 310 -35.82 10.01 23.39
C GLU B 310 -35.07 10.53 22.18
N PRO B 311 -33.94 9.89 21.78
CA PRO B 311 -33.12 10.41 20.68
C PRO B 311 -33.95 10.75 19.45
N HIS B 312 -34.82 9.86 19.00
CA HIS B 312 -35.53 10.16 17.77
C HIS B 312 -36.37 11.44 17.87
N ILE B 313 -36.89 11.74 19.07
CA ILE B 313 -37.70 12.93 19.28
C ILE B 313 -36.80 14.18 19.22
N ILE B 314 -35.72 14.15 19.99
CA ILE B 314 -34.79 15.26 20.13
C ILE B 314 -34.25 15.65 18.76
N GLU B 315 -33.78 14.66 17.99
CA GLU B 315 -33.04 14.93 16.77
C GLU B 315 -33.92 15.43 15.64
N ARG B 316 -35.25 15.19 15.68
CA ARG B 316 -36.13 15.74 14.66
C ARG B 316 -36.80 17.05 15.11
N ASN B 317 -36.49 17.53 16.31
CA ASN B 317 -37.10 18.69 16.94
C ASN B 317 -38.62 18.67 16.85
N THR B 318 -39.24 17.56 17.28
CA THR B 318 -40.68 17.42 17.27
C THR B 318 -41.28 18.40 18.29
N PHE B 319 -40.50 18.72 19.33
CA PHE B 319 -40.87 19.64 20.39
C PHE B 319 -39.90 20.82 20.42
N TYR B 320 -40.35 21.93 21.03
CA TYR B 320 -39.53 23.08 21.40
C TYR B 320 -39.81 23.35 22.87
N GLU B 321 -38.85 23.93 23.59
CA GLU B 321 -39.09 24.32 24.97
C GLU B 321 -39.85 25.64 24.96
N ALA B 322 -40.83 25.78 25.86
CA ALA B 322 -41.41 27.07 26.15
C ALA B 322 -41.52 27.20 27.67
N ASN B 323 -42.01 28.35 28.15
CA ASN B 323 -43.12 28.35 29.08
C ASN B 323 -42.80 27.53 30.35
N GLY B 324 -43.80 26.81 30.86
CA GLY B 324 -43.57 25.74 31.82
C GLY B 324 -42.72 24.60 31.22
N GLY B 325 -43.05 24.16 30.00
CA GLY B 325 -42.40 23.00 29.42
C GLY B 325 -42.53 22.89 27.90
N TRP B 326 -42.34 21.66 27.42
CA TRP B 326 -42.29 21.30 26.02
C TRP B 326 -43.66 21.40 25.36
N GLN B 327 -43.64 21.78 24.09
CA GLN B 327 -44.81 21.85 23.24
C GLN B 327 -44.41 21.32 21.87
N PRO B 328 -45.36 20.72 21.12
CA PRO B 328 -45.09 20.27 19.77
C PRO B 328 -44.89 21.40 18.76
N MET B 329 -43.85 21.25 17.93
CA MET B 329 -43.63 22.12 16.82
C MET B 329 -44.75 21.92 15.82
N PRO B 330 -44.98 22.91 14.93
CA PRO B 330 -45.98 22.78 13.89
C PRO B 330 -45.81 21.50 13.10
N ALA B 331 -46.93 21.01 12.58
CA ALA B 331 -46.93 19.88 11.69
C ALA B 331 -48.01 20.13 10.65
N PRO B 332 -47.89 19.57 9.43
CA PRO B 332 -46.69 18.85 9.03
C PRO B 332 -45.57 19.84 8.66
N ARG B 333 -44.53 19.34 8.00
CA ARG B 333 -43.36 20.16 7.64
C ARG B 333 -43.29 20.37 6.12
N PHE B 334 -42.73 21.53 5.72
CA PHE B 334 -42.73 22.01 4.34
C PHE B 334 -41.31 22.33 3.88
N SER B 335 -40.89 21.91 2.67
CA SER B 335 -39.49 22.05 2.27
C SER B 335 -39.10 23.52 2.01
N ARG B 336 -39.90 24.26 1.21
CA ARG B 336 -39.59 25.66 0.82
C ARG B 336 -40.11 26.67 1.86
N THR B 337 -41.43 26.64 2.19
CA THR B 337 -41.98 27.66 3.08
C THR B 337 -42.23 27.05 4.45
N ALA B 338 -41.17 27.00 5.27
CA ALA B 338 -41.17 26.25 6.50
C ALA B 338 -41.80 27.10 7.58
N SER B 339 -42.54 26.42 8.46
CA SER B 339 -43.09 27.10 9.62
C SER B 339 -41.95 27.52 10.51
N SER B 340 -42.20 28.53 11.35
CA SER B 340 -41.27 28.91 12.37
C SER B 340 -41.83 28.42 13.69
N GLN B 341 -41.01 28.56 14.72
CA GLN B 341 -41.41 28.23 16.06
C GLN B 341 -42.59 29.12 16.46
N PRO B 342 -43.61 28.60 17.15
CA PRO B 342 -44.74 29.40 17.56
C PRO B 342 -44.41 30.59 18.45
N ARG B 343 -45.18 31.66 18.25
CA ARG B 343 -45.11 32.85 19.09
C ARG B 343 -45.99 32.62 20.32
N PRO B 344 -45.48 32.83 21.55
CA PRO B 344 -46.28 32.59 22.74
C PRO B 344 -47.53 33.46 22.77
N PRO B 345 -48.52 33.12 23.61
CA PRO B 345 -49.74 33.92 23.69
C PRO B 345 -49.47 35.38 24.03
N ALA B 346 -49.97 36.30 23.17
CA ALA B 346 -49.65 37.73 23.21
C ALA B 346 -50.50 38.46 24.26
N ALA B 347 -50.06 39.64 24.69
CA ALA B 347 -50.95 40.54 25.41
C ALA B 347 -52.15 40.89 24.51
N THR B 348 -53.29 41.12 25.18
CA THR B 348 -54.51 41.61 24.53
C THR B 348 -54.15 42.91 23.82
N ILE B 349 -54.54 43.04 22.56
CA ILE B 349 -54.28 44.26 21.80
C ILE B 349 -55.63 44.87 21.41
N ASP B 350 -55.64 46.17 21.07
CA ASP B 350 -56.88 46.85 20.78
C ASP B 350 -57.25 46.64 19.31
N ILE B 351 -58.55 46.44 19.10
CA ILE B 351 -59.12 45.96 17.86
C ILE B 351 -58.94 46.96 16.72
N GLU B 352 -58.85 48.25 17.05
CA GLU B 352 -58.60 49.31 16.08
C GLU B 352 -57.20 49.17 15.46
N ALA B 353 -56.18 48.92 16.30
CA ALA B 353 -54.82 48.62 15.87
C ALA B 353 -54.84 47.61 14.71
N VAL B 354 -55.59 46.52 14.92
CA VAL B 354 -55.62 45.43 13.97
C VAL B 354 -56.18 45.94 12.65
N LEU B 355 -57.24 46.75 12.74
CA LEU B 355 -57.89 47.25 11.53
C LEU B 355 -56.95 48.17 10.76
N THR B 356 -56.13 48.95 11.50
CA THR B 356 -55.11 49.78 10.88
C THR B 356 -54.19 48.88 10.05
N ASP B 357 -53.54 47.95 10.77
CA ASP B 357 -52.69 46.92 10.21
C ASP B 357 -53.29 46.29 8.93
N TRP B 358 -54.59 46.01 8.92
CA TRP B 358 -55.23 45.28 7.83
C TRP B 358 -55.87 46.19 6.76
N ASP B 359 -55.74 47.52 6.90
CA ASP B 359 -56.41 48.51 6.04
C ASP B 359 -57.83 48.05 5.71
N MET C 1 66.67 -12.23 23.76
CA MET C 1 65.63 -11.67 24.66
C MET C 1 65.41 -12.59 25.86
N ALA C 2 65.51 -12.01 27.06
CA ALA C 2 65.45 -12.77 28.31
C ALA C 2 64.01 -12.99 28.75
N GLY C 3 63.73 -14.18 29.28
CA GLY C 3 62.54 -14.38 30.10
C GLY C 3 61.76 -15.57 29.60
N PRO C 4 60.71 -16.00 30.31
CA PRO C 4 60.02 -17.21 29.93
C PRO C 4 59.27 -17.15 28.58
N LEU C 5 59.05 -15.93 28.07
CA LEU C 5 58.28 -15.80 26.84
C LEU C 5 59.18 -15.41 25.66
N SER C 6 60.51 -15.48 25.82
CA SER C 6 61.44 -15.45 24.68
C SER C 6 60.88 -16.33 23.56
N GLY C 7 60.77 -15.77 22.36
CA GLY C 7 60.22 -16.52 21.23
C GLY C 7 58.81 -16.12 20.85
N LEU C 8 57.95 -15.68 21.81
CA LEU C 8 56.57 -15.31 21.52
C LEU C 8 56.55 -14.00 20.74
N ARG C 9 55.73 -13.98 19.66
CA ARG C 9 55.62 -12.80 18.81
C ARG C 9 54.26 -12.12 19.01
N VAL C 10 54.30 -10.81 19.26
CA VAL C 10 53.05 -10.13 19.62
C VAL C 10 52.83 -8.92 18.71
N VAL C 11 51.60 -8.86 18.19
CA VAL C 11 51.19 -7.64 17.51
C VAL C 11 50.09 -6.92 18.32
N GLU C 12 50.44 -5.68 18.69
CA GLU C 12 49.61 -4.76 19.48
C GLU C 12 49.09 -3.60 18.62
N LEU C 13 47.78 -3.56 18.41
CA LEU C 13 47.12 -2.38 17.84
C LEU C 13 46.96 -1.31 18.94
N ALA C 14 47.71 -0.21 18.85
CA ALA C 14 47.74 0.78 19.91
C ALA C 14 46.32 1.18 20.33
N GLY C 15 46.06 1.09 21.65
CA GLY C 15 44.86 1.57 22.31
C GLY C 15 45.29 2.23 23.62
N ILE C 16 44.44 2.23 24.65
CA ILE C 16 44.80 2.88 25.92
C ILE C 16 44.39 1.95 27.05
N GLY C 17 45.05 2.07 28.20
CA GLY C 17 44.55 1.33 29.35
C GLY C 17 45.03 -0.11 29.36
N PRO C 18 44.14 -1.11 29.36
CA PRO C 18 44.54 -2.50 29.60
C PRO C 18 45.39 -3.14 28.50
N GLY C 19 45.10 -2.80 27.23
CA GLY C 19 45.75 -3.42 26.09
C GLY C 19 47.23 -3.21 26.18
N PRO C 20 47.67 -1.95 26.28
CA PRO C 20 49.08 -1.65 26.41
C PRO C 20 49.76 -2.16 27.68
N HIS C 21 48.98 -2.38 28.74
CA HIS C 21 49.56 -2.89 29.97
C HIS C 21 49.89 -4.36 29.77
N ALA C 22 48.93 -5.09 29.20
CA ALA C 22 49.09 -6.49 28.92
C ALA C 22 50.29 -6.73 28.00
N ALA C 23 50.47 -5.81 27.04
CA ALA C 23 51.50 -5.93 26.05
C ALA C 23 52.82 -5.66 26.71
N MET C 24 52.84 -4.68 27.62
CA MET C 24 54.04 -4.34 28.37
C MET C 24 54.52 -5.57 29.15
N ILE C 25 53.59 -6.30 29.75
CA ILE C 25 53.98 -7.42 30.60
C ILE C 25 54.49 -8.57 29.74
N LEU C 26 53.86 -8.81 28.59
CA LEU C 26 54.32 -9.86 27.69
C LEU C 26 55.75 -9.55 27.28
N GLY C 27 56.02 -8.28 26.99
CA GLY C 27 57.34 -7.83 26.60
C GLY C 27 58.32 -7.87 27.77
N ASP C 28 57.83 -7.58 28.98
CA ASP C 28 58.67 -7.57 30.18
C ASP C 28 59.26 -8.97 30.38
N LEU C 29 58.44 -9.98 30.08
CA LEU C 29 58.75 -11.39 30.30
C LEU C 29 59.41 -12.07 29.06
N GLY C 30 59.83 -11.25 28.08
CA GLY C 30 60.63 -11.73 26.97
C GLY C 30 59.96 -11.64 25.58
N ALA C 31 58.63 -11.54 25.52
CA ALA C 31 57.93 -11.54 24.24
C ALA C 31 58.42 -10.43 23.34
N ASP C 32 58.28 -10.70 22.03
CA ASP C 32 58.73 -9.80 20.98
C ASP C 32 57.50 -9.01 20.54
N VAL C 33 57.49 -7.73 20.92
CA VAL C 33 56.23 -6.99 20.90
C VAL C 33 56.35 -5.86 19.89
N VAL C 34 55.48 -5.96 18.89
CA VAL C 34 55.40 -4.93 17.88
C VAL C 34 54.04 -4.23 17.94
N ARG C 35 54.12 -2.91 18.14
CA ARG C 35 52.96 -2.09 18.36
C ARG C 35 52.75 -1.18 17.15
N ILE C 36 51.58 -1.36 16.51
CA ILE C 36 51.21 -0.53 15.39
C ILE C 36 50.41 0.67 15.88
N ASP C 37 51.02 1.87 15.80
CA ASP C 37 50.35 3.13 16.06
C ASP C 37 50.11 3.93 14.76
N ARG C 38 49.32 5.02 14.86
CA ARG C 38 49.08 5.93 13.75
C ARG C 38 50.24 6.92 13.54
N PRO C 39 50.48 7.35 12.28
CA PRO C 39 51.48 8.38 12.04
C PRO C 39 51.14 9.69 12.75
N SER C 40 49.84 9.95 12.94
CA SER C 40 49.36 11.18 13.56
C SER C 40 49.87 11.33 14.99
N SER C 41 50.11 10.21 15.68
CA SER C 41 50.29 10.22 17.13
C SER C 41 51.75 10.45 17.58
N VAL C 42 52.76 9.83 16.93
CA VAL C 42 54.04 9.62 17.61
C VAL C 42 55.08 10.68 17.18
N ASP C 43 55.50 11.50 18.17
CA ASP C 43 56.80 12.14 18.21
C ASP C 43 57.49 11.69 19.50
N ILE C 45 60.12 9.50 20.10
CA ILE C 45 60.27 8.51 21.21
C ILE C 45 59.22 8.85 22.27
N SER C 46 58.46 7.85 22.71
CA SER C 46 57.42 8.06 23.71
C SER C 46 58.05 8.32 25.07
N ARG C 47 57.43 9.23 25.83
CA ARG C 47 57.87 9.48 27.19
C ARG C 47 57.02 8.66 28.16
N ASP C 48 56.26 7.68 27.64
CA ASP C 48 55.40 6.84 28.47
C ASP C 48 56.10 5.52 28.77
N ALA C 49 56.66 5.39 29.99
CA ALA C 49 57.39 4.18 30.40
C ALA C 49 56.56 2.91 30.22
N MET C 50 55.21 3.00 30.12
CA MET C 50 54.35 1.85 29.83
C MET C 50 54.64 1.22 28.45
N LEU C 51 55.38 1.94 27.58
CA LEU C 51 55.67 1.46 26.23
C LEU C 51 57.09 0.90 26.17
N ARG C 52 57.62 0.49 27.32
CA ARG C 52 58.90 -0.17 27.39
C ARG C 52 58.75 -1.53 26.71
N ASN C 53 59.88 -2.14 26.32
CA ASN C 53 59.91 -3.50 25.78
C ASN C 53 59.03 -3.62 24.54
N ARG C 54 59.21 -2.67 23.61
CA ARG C 54 58.34 -2.53 22.45
C ARG C 54 59.15 -2.26 21.19
N ARG C 55 58.65 -2.71 20.04
CA ARG C 55 58.95 -2.00 18.80
C ARG C 55 57.69 -1.26 18.34
N ILE C 56 57.85 0.06 18.13
CA ILE C 56 56.76 0.93 17.72
C ILE C 56 56.85 1.14 16.21
N VAL C 57 55.85 0.67 15.46
CA VAL C 57 55.76 0.99 14.04
C VAL C 57 54.49 1.80 13.75
N THR C 58 54.67 2.81 12.87
CA THR C 58 53.62 3.68 12.35
C THR C 58 52.97 3.06 11.11
N ALA C 59 51.68 3.32 10.93
CA ALA C 59 50.93 2.76 9.82
C ALA C 59 49.48 3.22 9.90
N ASP C 60 48.98 3.72 8.76
CA ASP C 60 47.58 4.03 8.58
C ASP C 60 46.84 2.78 8.16
N LEU C 61 46.04 2.19 9.06
CA LEU C 61 45.31 0.97 8.79
C LEU C 61 44.07 1.23 7.94
N LYS C 62 43.86 2.48 7.54
CA LYS C 62 42.74 2.79 6.66
C LYS C 62 43.21 2.64 5.21
N SER C 63 44.46 3.03 4.90
CA SER C 63 45.03 2.92 3.56
C SER C 63 45.46 1.48 3.26
N ASP C 64 45.26 1.04 2.00
CA ASP C 64 45.41 -0.36 1.60
C ASP C 64 46.82 -0.88 1.83
N GLN C 65 47.82 0.00 1.70
CA GLN C 65 49.20 -0.37 1.98
C GLN C 65 49.36 -0.72 3.46
N GLY C 66 49.20 0.31 4.32
CA GLY C 66 49.04 0.15 5.76
C GLY C 66 48.35 -1.16 6.16
N LEU C 67 47.14 -1.46 5.63
CA LEU C 67 46.43 -2.67 6.00
C LEU C 67 47.23 -3.90 5.63
N GLU C 68 48.07 -3.78 4.58
CA GLU C 68 48.71 -4.96 4.04
C GLU C 68 49.99 -5.25 4.84
N LEU C 69 50.80 -4.21 5.11
CA LEU C 69 51.92 -4.29 6.03
C LEU C 69 51.50 -4.94 7.37
N ALA C 70 50.32 -4.57 7.87
CA ALA C 70 49.79 -5.11 9.11
C ALA C 70 49.44 -6.58 8.97
N LEU C 71 48.74 -6.95 7.88
CA LEU C 71 48.34 -8.33 7.68
C LEU C 71 49.54 -9.25 7.53
N LYS C 72 50.70 -8.71 7.09
CA LYS C 72 51.91 -9.49 6.95
C LYS C 72 52.57 -9.75 8.31
N LEU C 73 52.66 -8.72 9.17
CA LEU C 73 53.10 -8.88 10.56
C LEU C 73 52.27 -9.95 11.25
N ILE C 74 50.96 -9.85 11.10
CA ILE C 74 50.09 -10.72 11.86
C ILE C 74 50.31 -12.16 11.42
N ALA C 75 50.77 -12.35 10.19
CA ALA C 75 50.88 -13.69 9.59
C ALA C 75 52.04 -14.45 10.23
N LYS C 76 53.11 -13.70 10.51
CA LYS C 76 54.34 -14.12 11.14
C LYS C 76 54.32 -14.06 12.67
N ALA C 77 53.13 -14.11 13.31
CA ALA C 77 53.02 -13.80 14.73
C ALA C 77 52.03 -14.70 15.47
N ASP C 78 52.21 -14.77 16.80
CA ASP C 78 51.46 -15.69 17.65
C ASP C 78 50.22 -15.05 18.25
N VAL C 79 50.34 -13.75 18.53
CA VAL C 79 49.31 -13.07 19.28
C VAL C 79 49.03 -11.69 18.70
N LEU C 80 47.73 -11.41 18.64
CA LEU C 80 47.26 -10.06 18.34
C LEU C 80 46.45 -9.50 19.50
N ILE C 81 46.82 -8.28 19.88
CA ILE C 81 46.05 -7.55 20.89
C ILE C 81 45.39 -6.33 20.23
N GLU C 82 44.06 -6.26 20.39
CA GLU C 82 43.31 -5.05 20.09
C GLU C 82 42.36 -4.69 21.24
N GLY C 83 42.29 -3.39 21.55
CA GLY C 83 41.38 -2.89 22.58
C GLY C 83 40.49 -1.75 22.08
N TYR C 84 39.95 -1.90 20.88
CA TYR C 84 39.03 -0.93 20.31
C TYR C 84 37.63 -1.43 20.58
N ARG C 85 36.61 -0.59 20.30
CA ARG C 85 35.23 -1.04 20.42
C ARG C 85 35.01 -2.19 19.44
N PRO C 86 34.05 -3.11 19.70
CA PRO C 86 33.74 -4.18 18.76
C PRO C 86 33.38 -3.61 17.38
N GLY C 87 33.89 -4.20 16.29
CA GLY C 87 33.62 -3.79 14.93
C GLY C 87 34.84 -3.11 14.33
N VAL C 88 35.63 -2.51 15.18
CA VAL C 88 36.64 -1.64 14.63
C VAL C 88 37.71 -2.41 13.85
N THR C 89 38.05 -3.62 14.32
CA THR C 89 39.10 -4.34 13.60
C THR C 89 38.50 -4.92 12.32
N GLU C 90 37.29 -5.49 12.43
CA GLU C 90 36.58 -6.02 11.29
C GLU C 90 36.69 -5.03 10.13
N ARG C 91 36.30 -3.77 10.40
CA ARG C 91 36.09 -2.81 9.35
C ARG C 91 37.45 -2.40 8.83
N LEU C 92 38.49 -2.43 9.64
CA LEU C 92 39.79 -2.18 9.05
C LEU C 92 40.18 -3.32 8.08
N GLY C 93 39.48 -4.46 8.18
CA GLY C 93 39.92 -5.71 7.56
C GLY C 93 41.00 -6.42 8.37
N LEU C 94 40.88 -6.37 9.72
CA LEU C 94 41.85 -6.93 10.64
C LEU C 94 41.08 -7.71 11.69
N GLY C 95 39.87 -8.14 11.39
CA GLY C 95 39.04 -8.87 12.32
C GLY C 95 39.52 -10.32 12.49
N PRO C 96 38.83 -11.17 13.30
CA PRO C 96 39.27 -12.53 13.52
C PRO C 96 39.37 -13.31 12.20
N GLU C 97 38.23 -13.40 11.50
CA GLU C 97 38.09 -14.22 10.31
C GLU C 97 39.08 -13.83 9.23
N GLU C 98 39.32 -12.53 9.05
CA GLU C 98 40.36 -12.09 8.13
C GLU C 98 41.74 -12.51 8.61
N CYS C 99 41.95 -12.52 9.93
CA CYS C 99 43.26 -12.79 10.50
C CYS C 99 43.52 -14.30 10.40
N ALA C 100 42.47 -15.10 10.65
CA ALA C 100 42.50 -16.55 10.55
C ALA C 100 42.94 -16.99 9.15
N LYS C 101 42.41 -16.33 8.11
CA LYS C 101 42.79 -16.62 6.73
C LYS C 101 44.30 -16.60 6.54
N VAL C 102 45.04 -15.72 7.22
CA VAL C 102 46.47 -15.61 6.95
C VAL C 102 47.31 -16.20 8.09
N ASN C 103 46.70 -16.94 9.04
CA ASN C 103 47.39 -17.43 10.23
C ASN C 103 46.35 -18.03 11.17
N ASP C 104 46.03 -19.32 10.98
CA ASP C 104 44.97 -19.97 11.76
C ASP C 104 45.53 -20.43 13.11
N ARG C 105 46.79 -20.07 13.41
CA ARG C 105 47.33 -20.41 14.72
C ARG C 105 47.04 -19.27 15.71
N LEU C 106 46.65 -18.09 15.20
CA LEU C 106 46.68 -16.82 15.91
C LEU C 106 45.84 -16.88 17.19
N ILE C 107 46.43 -16.34 18.27
CA ILE C 107 45.67 -15.96 19.46
C ILE C 107 45.19 -14.51 19.27
N TYR C 108 43.86 -14.40 19.12
CA TYR C 108 43.20 -13.14 18.77
C TYR C 108 42.62 -12.57 20.05
N ALA C 109 43.32 -11.58 20.62
CA ALA C 109 42.96 -11.09 21.95
C ALA C 109 42.23 -9.74 21.90
N ARG C 110 40.99 -9.77 22.38
CA ARG C 110 40.08 -8.62 22.34
C ARG C 110 39.81 -8.06 23.75
N MET C 111 40.31 -6.85 23.98
CA MET C 111 40.26 -6.20 25.29
C MET C 111 39.21 -5.09 25.29
N THR C 112 38.06 -5.33 25.94
CA THR C 112 37.03 -4.32 26.11
C THR C 112 36.60 -4.20 27.58
N GLY C 113 35.69 -3.25 27.82
CA GLY C 113 35.07 -3.06 29.10
C GLY C 113 33.81 -3.86 29.21
N TRP C 114 32.94 -3.72 28.21
CA TRP C 114 31.58 -4.20 28.32
C TRP C 114 31.40 -5.56 27.65
N GLY C 115 32.40 -6.00 26.88
CA GLY C 115 32.27 -7.26 26.16
C GLY C 115 31.99 -7.07 24.67
N GLN C 116 31.74 -8.18 23.95
CA GLN C 116 31.72 -8.13 22.50
C GLN C 116 30.30 -7.86 22.03
N THR C 117 29.32 -8.21 22.86
CA THR C 117 27.93 -7.95 22.54
C THR C 117 27.20 -7.45 23.78
N GLY C 118 25.93 -7.09 23.58
CA GLY C 118 25.00 -6.74 24.64
C GLY C 118 24.74 -5.24 24.61
N PRO C 119 23.79 -4.74 25.39
CA PRO C 119 23.33 -3.35 25.30
C PRO C 119 24.35 -2.21 25.51
N ARG C 120 25.49 -2.50 26.21
CA ARG C 120 26.47 -1.47 26.54
C ARG C 120 27.68 -1.60 25.63
N SER C 121 27.62 -2.54 24.69
CA SER C 121 28.82 -2.95 23.97
C SER C 121 29.40 -1.80 23.16
N GLN C 122 28.64 -0.76 22.80
CA GLN C 122 29.28 0.34 22.05
C GLN C 122 29.40 1.64 22.87
N GLN C 123 28.96 1.61 24.13
CA GLN C 123 29.17 2.72 25.04
C GLN C 123 30.64 2.95 25.37
N ALA C 124 31.12 4.18 25.21
CA ALA C 124 32.42 4.55 25.72
C ALA C 124 32.40 4.37 27.23
N GLY C 125 33.58 4.17 27.80
CA GLY C 125 33.71 3.91 29.23
C GLY C 125 35.15 3.97 29.67
N HIS C 126 35.31 4.16 30.97
CA HIS C 126 36.60 4.00 31.64
C HIS C 126 36.42 3.05 32.84
N ASP C 127 37.54 2.75 33.49
CA ASP C 127 37.59 1.88 34.66
C ASP C 127 36.40 2.13 35.60
N ILE C 128 36.17 3.39 35.96
CA ILE C 128 35.15 3.67 36.97
C ILE C 128 33.77 3.20 36.56
N ASN C 129 33.49 3.23 35.23
CA ASN C 129 32.20 2.83 34.72
C ASN C 129 32.03 1.30 34.83
N TYR C 130 33.08 0.57 34.45
CA TYR C 130 32.98 -0.89 34.39
C TYR C 130 32.80 -1.46 35.79
N ILE C 131 33.45 -0.84 36.78
CA ILE C 131 33.34 -1.33 38.16
C ILE C 131 32.09 -0.81 38.85
N SER C 132 31.38 0.14 38.24
CA SER C 132 30.18 0.63 38.89
C SER C 132 29.03 -0.35 38.71
N LEU C 133 29.01 -1.07 37.59
CA LEU C 133 27.87 -1.86 37.18
C LEU C 133 27.85 -3.22 37.87
N ASN C 134 28.98 -3.65 38.42
CA ASN C 134 29.05 -5.03 38.90
C ASN C 134 29.22 -5.08 40.42
N GLY C 135 28.96 -3.95 41.12
CA GLY C 135 28.90 -3.93 42.57
C GLY C 135 30.22 -3.51 43.25
N ILE C 136 31.31 -3.52 42.52
CA ILE C 136 32.62 -3.25 43.10
C ILE C 136 32.74 -1.83 43.63
N LEU C 137 32.43 -0.83 42.80
CA LEU C 137 32.69 0.54 43.18
C LEU C 137 31.90 0.86 44.44
N HIS C 138 30.68 0.36 44.49
CA HIS C 138 29.79 0.66 45.58
C HIS C 138 30.37 0.24 46.94
N ALA C 139 31.24 -0.78 46.94
CA ALA C 139 31.78 -1.40 48.14
C ALA C 139 33.02 -0.69 48.67
N ILE C 140 33.54 0.31 47.94
CA ILE C 140 34.81 0.94 48.27
C ILE C 140 34.61 2.34 48.85
N GLY C 141 35.17 2.56 50.05
CA GLY C 141 35.23 3.87 50.68
C GLY C 141 34.60 3.81 52.08
N ARG C 142 34.55 4.97 52.74
CA ARG C 142 33.89 5.06 54.03
C ARG C 142 32.36 5.08 53.87
N GLY C 143 31.66 4.70 54.94
CA GLY C 143 30.23 4.50 54.84
C GLY C 143 29.47 5.82 54.79
N ASP C 144 30.07 6.90 55.28
CA ASP C 144 29.36 8.17 55.38
C ASP C 144 29.73 9.07 54.20
N GLU C 145 30.31 8.48 53.15
CA GLU C 145 30.72 9.25 51.99
C GLU C 145 30.41 8.51 50.70
N ARG C 146 30.48 9.24 49.61
CA ARG C 146 30.24 8.61 48.32
C ARG C 146 31.43 7.73 47.93
N PRO C 147 31.21 6.71 47.08
CA PRO C 147 32.24 5.73 46.79
C PRO C 147 33.45 6.34 46.13
N VAL C 148 34.61 5.80 46.42
CA VAL C 148 35.79 6.43 45.85
C VAL C 148 36.47 5.46 44.89
N PRO C 149 36.94 5.95 43.73
CA PRO C 149 37.59 5.06 42.78
C PRO C 149 38.94 4.62 43.31
N PRO C 150 39.23 3.31 43.22
CA PRO C 150 40.52 2.78 43.57
C PRO C 150 41.52 2.91 42.42
N LEU C 151 41.83 4.16 42.16
CA LEU C 151 42.42 4.58 40.91
C LEU C 151 41.75 3.76 39.80
N ASN C 152 42.53 3.32 38.81
CA ASN C 152 42.03 2.49 37.73
C ASN C 152 42.68 1.11 37.83
N LEU C 153 42.90 0.61 39.07
CA LEU C 153 43.61 -0.63 39.30
C LEU C 153 42.73 -1.86 39.10
N VAL C 154 41.42 -1.74 39.33
CA VAL C 154 40.59 -2.90 39.49
C VAL C 154 39.91 -3.28 38.17
N GLY C 155 39.57 -2.27 37.34
CA GLY C 155 38.91 -2.57 36.07
C GLY C 155 39.92 -2.70 34.95
N ASP C 156 40.72 -1.66 34.77
CA ASP C 156 41.76 -1.68 33.76
C ASP C 156 42.72 -2.84 33.97
N PHE C 157 43.34 -2.93 35.16
CA PHE C 157 44.58 -3.71 35.26
C PHE C 157 44.22 -5.04 35.89
N GLY C 158 43.76 -5.02 37.14
CA GLY C 158 43.44 -6.24 37.84
C GLY C 158 42.43 -7.11 37.10
N GLY C 159 41.35 -6.49 36.63
CA GLY C 159 40.23 -7.22 36.07
C GLY C 159 40.22 -7.11 34.56
N GLY C 160 41.26 -6.53 33.99
CA GLY C 160 41.31 -6.20 32.57
C GLY C 160 42.53 -6.80 31.89
N SER C 161 43.64 -6.05 31.85
CA SER C 161 44.88 -6.53 31.29
C SER C 161 45.25 -7.91 31.83
N MET C 162 45.05 -8.16 33.13
CA MET C 162 45.55 -9.43 33.70
C MET C 162 44.71 -10.60 33.22
N PHE C 163 43.40 -10.44 33.06
CA PHE C 163 42.57 -11.50 32.51
C PHE C 163 42.86 -11.67 31.01
N LEU C 164 43.20 -10.58 30.32
CA LEU C 164 43.63 -10.71 28.94
C LEU C 164 44.86 -11.63 28.88
N LEU C 165 45.82 -11.41 29.80
CA LEU C 165 47.05 -12.17 29.89
C LEU C 165 46.75 -13.63 30.22
N VAL C 166 45.90 -13.88 31.19
CA VAL C 166 45.58 -15.26 31.48
C VAL C 166 44.94 -15.95 30.27
N GLY C 167 44.06 -15.26 29.52
CA GLY C 167 43.39 -15.85 28.37
C GLY C 167 44.36 -16.17 27.23
N ILE C 168 45.22 -15.22 26.88
CA ILE C 168 46.24 -15.44 25.89
C ILE C 168 47.05 -16.70 26.25
N LEU C 169 47.67 -16.68 27.43
CA LEU C 169 48.67 -17.67 27.80
C LEU C 169 48.00 -19.04 27.90
N ALA C 170 46.74 -19.09 28.36
CA ALA C 170 45.98 -20.32 28.48
C ALA C 170 45.57 -20.88 27.11
N ALA C 171 45.35 -20.00 26.11
CA ALA C 171 44.97 -20.47 24.79
C ALA C 171 46.21 -20.88 24.02
N LEU C 172 47.37 -20.27 24.34
CA LEU C 172 48.68 -20.72 23.89
C LEU C 172 48.99 -22.15 24.36
N TRP C 173 48.66 -22.47 25.61
CA TRP C 173 48.73 -23.84 26.08
C TRP C 173 47.77 -24.75 25.31
N GLU C 174 46.53 -24.31 25.11
CA GLU C 174 45.55 -25.10 24.39
C GLU C 174 46.07 -25.42 22.99
N ARG C 175 46.73 -24.43 22.37
CA ARG C 175 47.25 -24.51 21.02
C ARG C 175 48.29 -25.61 20.86
N GLN C 176 49.02 -25.91 21.96
CA GLN C 176 50.03 -26.95 21.98
C GLN C 176 49.35 -28.29 21.66
N SER C 177 48.24 -28.64 22.32
CA SER C 177 47.45 -29.78 21.90
C SER C 177 46.95 -29.61 20.47
N SER C 178 46.01 -28.68 20.24
CA SER C 178 45.15 -28.69 19.06
C SER C 178 45.77 -28.09 17.79
N GLY C 179 46.93 -27.43 17.87
CA GLY C 179 47.53 -26.77 16.71
C GLY C 179 46.80 -25.50 16.24
N LYS C 180 45.68 -25.15 16.92
CA LYS C 180 44.70 -24.14 16.49
C LYS C 180 44.59 -22.95 17.45
N GLY C 181 44.61 -21.75 16.86
CA GLY C 181 44.30 -20.50 17.57
C GLY C 181 42.84 -20.38 18.02
N GLN C 182 42.52 -19.18 18.53
CA GLN C 182 41.14 -18.82 18.88
C GLN C 182 41.12 -17.36 19.36
N VAL C 183 39.89 -16.92 19.67
CA VAL C 183 39.67 -15.57 20.14
C VAL C 183 39.52 -15.61 21.66
N VAL C 184 40.18 -14.64 22.32
CA VAL C 184 39.98 -14.40 23.74
C VAL C 184 39.17 -13.12 23.93
N ASP C 185 38.01 -13.26 24.58
CA ASP C 185 37.11 -12.14 24.86
C ASP C 185 37.27 -11.76 26.34
N ALA C 186 38.14 -10.77 26.60
CA ALA C 186 38.39 -10.25 27.93
C ALA C 186 37.65 -8.93 28.13
N ALA C 187 36.55 -8.97 28.87
CA ALA C 187 35.81 -7.79 29.27
C ALA C 187 36.10 -7.42 30.74
N MET C 188 36.37 -6.14 31.01
CA MET C 188 36.69 -5.68 32.35
C MET C 188 35.56 -5.96 33.33
N VAL C 189 34.31 -5.86 32.87
CA VAL C 189 33.18 -6.12 33.73
C VAL C 189 33.14 -7.59 34.20
N ASP C 190 33.70 -8.52 33.40
CA ASP C 190 33.74 -9.96 33.76
C ASP C 190 34.95 -10.22 34.67
N GLY C 191 36.12 -9.80 34.20
CA GLY C 191 37.38 -10.06 34.89
C GLY C 191 37.35 -9.47 36.30
N SER C 192 36.77 -8.26 36.44
CA SER C 192 36.80 -7.56 37.72
C SER C 192 35.87 -8.31 38.67
N SER C 193 34.80 -8.92 38.10
CA SER C 193 33.85 -9.69 38.88
C SER C 193 34.48 -10.99 39.42
N VAL C 194 35.40 -11.59 38.66
CA VAL C 194 36.09 -12.79 39.13
C VAL C 194 37.17 -12.37 40.14
N LEU C 195 37.85 -11.25 39.86
CA LEU C 195 38.76 -10.64 40.80
C LEU C 195 38.13 -10.49 42.19
N ILE C 196 36.83 -10.17 42.27
CA ILE C 196 36.15 -9.94 43.53
C ILE C 196 35.32 -11.16 43.92
N GLN C 197 35.64 -12.35 43.39
CA GLN C 197 34.87 -13.55 43.71
C GLN C 197 34.80 -13.81 45.22
N MET C 198 35.85 -13.49 45.96
CA MET C 198 35.80 -13.68 47.41
C MET C 198 34.54 -13.06 48.04
N MET C 199 34.20 -11.84 47.58
CA MET C 199 33.13 -11.11 48.25
C MET C 199 31.77 -11.72 47.91
N TRP C 200 31.63 -12.18 46.68
CA TRP C 200 30.44 -12.92 46.27
C TRP C 200 30.31 -14.20 47.07
N ALA C 201 31.43 -14.89 47.30
CA ALA C 201 31.42 -16.06 48.19
C ALA C 201 30.99 -15.67 49.61
N MET C 202 31.61 -14.63 50.16
CA MET C 202 31.36 -14.24 51.53
C MET C 202 29.94 -13.72 51.69
N ARG C 203 29.33 -13.22 50.61
CA ARG C 203 27.98 -12.68 50.71
C ARG C 203 27.02 -13.86 50.83
N ALA C 204 27.29 -14.93 50.09
CA ALA C 204 26.44 -16.12 50.14
C ALA C 204 26.43 -16.72 51.55
N THR C 205 27.54 -16.63 52.28
CA THR C 205 27.57 -17.26 53.58
C THR C 205 27.20 -16.25 54.66
N GLY C 206 26.60 -15.10 54.33
CA GLY C 206 26.27 -14.11 55.34
C GLY C 206 27.51 -13.40 55.93
N MET C 207 28.68 -13.56 55.32
CA MET C 207 29.92 -12.96 55.84
C MET C 207 30.31 -11.62 55.17
N TRP C 208 29.45 -11.02 54.33
CA TRP C 208 29.76 -9.75 53.67
C TRP C 208 28.44 -9.06 53.41
N THR C 209 28.31 -7.76 53.76
CA THR C 209 27.07 -7.00 53.57
C THR C 209 27.27 -5.89 52.53
N ASP C 210 26.17 -5.48 51.91
CA ASP C 210 26.20 -4.48 50.86
C ASP C 210 26.44 -3.11 51.48
N THR C 211 26.35 -3.00 52.81
CA THR C 211 26.66 -1.78 53.52
C THR C 211 28.15 -1.45 53.41
N ARG C 212 28.42 -0.23 52.98
CA ARG C 212 29.78 0.22 52.77
C ARG C 212 30.38 0.55 54.13
N GLY C 213 31.64 0.18 54.34
CA GLY C 213 32.36 0.54 55.55
C GLY C 213 31.95 -0.33 56.74
N ALA C 214 31.32 -1.47 56.51
CA ALA C 214 30.88 -2.32 57.61
C ALA C 214 31.33 -3.78 57.45
N ASN C 215 32.48 -4.05 56.84
CA ASN C 215 32.89 -5.42 56.61
C ASN C 215 34.33 -5.60 57.09
N MET C 216 34.83 -6.83 56.98
CA MET C 216 36.12 -7.15 57.54
C MET C 216 37.21 -6.49 56.73
N LEU C 217 36.98 -6.33 55.43
CA LEU C 217 38.07 -5.95 54.53
C LEU C 217 37.89 -4.61 53.83
N ASP C 218 36.91 -3.78 54.19
CA ASP C 218 36.61 -2.56 53.47
C ASP C 218 37.03 -1.34 54.26
N GLY C 219 37.56 -1.60 55.46
CA GLY C 219 37.95 -0.53 56.36
C GLY C 219 37.06 -0.46 57.58
N GLY C 220 35.97 -1.25 57.57
CA GLY C 220 35.04 -1.36 58.69
C GLY C 220 35.66 -1.99 59.96
N ALA C 221 36.60 -2.92 59.80
CA ALA C 221 37.19 -3.61 60.94
C ALA C 221 38.31 -2.76 61.52
N PRO C 222 38.29 -2.48 62.84
CA PRO C 222 39.36 -1.69 63.45
C PRO C 222 40.75 -2.30 63.27
N TYR C 223 40.77 -3.63 63.05
CA TYR C 223 42.04 -4.33 62.91
C TYR C 223 42.43 -4.51 61.45
N TYR C 224 41.65 -3.94 60.50
CA TYR C 224 42.03 -3.91 59.09
C TYR C 224 41.72 -2.52 58.52
N ASP C 225 42.66 -1.59 58.69
CA ASP C 225 42.41 -0.19 58.38
C ASP C 225 43.70 0.60 58.54
N THR C 226 43.69 1.88 58.13
CA THR C 226 44.80 2.75 58.41
C THR C 226 44.53 3.53 59.68
N TYR C 227 45.59 4.01 60.32
CA TYR C 227 45.48 4.91 61.46
C TYR C 227 46.44 6.08 61.28
N GLU C 228 45.99 7.27 61.69
CA GLU C 228 46.86 8.43 61.67
C GLU C 228 47.77 8.41 62.90
N CYS C 229 49.06 8.69 62.66
CA CYS C 229 50.08 8.72 63.71
C CYS C 229 50.33 10.15 64.18
N ALA C 230 51.24 10.31 65.15
CA ALA C 230 51.44 11.57 65.84
C ALA C 230 51.90 12.61 64.84
N ASP C 231 52.60 12.15 63.81
CA ASP C 231 53.24 13.03 62.86
C ASP C 231 52.30 13.34 61.68
N GLY C 232 51.05 12.89 61.71
CA GLY C 232 50.18 13.10 60.56
C GLY C 232 50.36 12.06 59.44
N ARG C 233 51.34 11.13 59.57
CA ARG C 233 51.55 10.04 58.63
C ARG C 233 50.73 8.85 59.10
N TYR C 234 50.71 7.78 58.29
CA TYR C 234 49.81 6.67 58.54
C TYR C 234 50.53 5.34 58.67
N VAL C 235 49.90 4.44 59.42
CA VAL C 235 50.22 3.02 59.35
C VAL C 235 48.98 2.25 58.93
N ALA C 236 49.25 1.03 58.47
CA ALA C 236 48.23 0.09 58.05
C ALA C 236 48.29 -1.07 59.03
N VAL C 237 47.10 -1.48 59.49
CA VAL C 237 46.92 -2.62 60.34
C VAL C 237 46.11 -3.62 59.57
N GLY C 238 46.62 -4.86 59.51
CA GLY C 238 45.96 -5.97 58.84
C GLY C 238 45.88 -7.24 59.68
N ALA C 239 45.71 -7.08 60.99
CA ALA C 239 45.84 -8.19 61.94
C ALA C 239 44.54 -8.95 62.09
N ILE C 240 44.20 -9.72 61.07
CA ILE C 240 42.97 -10.49 61.08
C ILE C 240 43.03 -11.68 62.07
N GLU C 241 44.13 -12.41 62.03
CA GLU C 241 44.30 -13.61 62.84
C GLU C 241 44.39 -13.20 64.31
N PRO C 242 43.67 -13.88 65.24
CA PRO C 242 43.68 -13.43 66.64
C PRO C 242 45.07 -13.37 67.29
N GLN C 243 46.00 -14.26 66.91
CA GLN C 243 47.34 -14.19 67.51
C GLN C 243 48.01 -12.89 67.09
N PHE C 244 47.88 -12.57 65.80
CA PHE C 244 48.54 -11.39 65.24
C PHE C 244 47.96 -10.13 65.89
N TYR C 245 46.63 -10.10 66.01
CA TYR C 245 45.92 -8.99 66.63
C TYR C 245 46.41 -8.80 68.08
N ALA C 246 46.55 -9.91 68.82
CA ALA C 246 46.98 -9.85 70.21
C ALA C 246 48.37 -9.24 70.29
N ALA C 247 49.25 -9.60 69.34
CA ALA C 247 50.60 -9.05 69.36
C ALA C 247 50.57 -7.55 69.04
N MET C 248 49.66 -7.19 68.14
CA MET C 248 49.45 -5.78 67.83
C MET C 248 49.05 -4.98 69.09
N LEU C 249 48.06 -5.47 69.84
CA LEU C 249 47.61 -4.80 71.05
C LEU C 249 48.76 -4.63 72.04
N ALA C 250 49.54 -5.70 72.31
CA ALA C 250 50.67 -5.59 73.26
C ALA C 250 51.68 -4.55 72.80
N GLY C 251 51.94 -4.48 71.49
CA GLY C 251 52.86 -3.49 70.97
C GLY C 251 52.38 -2.06 71.16
N LEU C 252 51.06 -1.87 71.15
CA LEU C 252 50.50 -0.56 71.38
C LEU C 252 50.47 -0.19 72.87
N GLY C 253 50.77 -1.14 73.77
CA GLY C 253 50.74 -0.87 75.20
C GLY C 253 49.34 -1.08 75.77
N LEU C 254 48.46 -1.77 75.04
CA LEU C 254 47.08 -1.98 75.44
C LEU C 254 46.89 -3.37 76.02
N ASP C 255 46.10 -3.40 77.10
CA ASP C 255 45.80 -4.66 77.74
C ASP C 255 44.51 -5.21 77.14
N ALA C 256 44.60 -6.36 76.47
CA ALA C 256 43.43 -6.94 75.83
C ALA C 256 42.26 -7.12 76.79
N ALA C 257 42.54 -7.36 78.07
CA ALA C 257 41.47 -7.64 79.02
C ALA C 257 40.62 -6.39 79.26
N GLU C 258 41.09 -5.20 78.86
CA GLU C 258 40.30 -3.98 78.98
C GLU C 258 39.62 -3.59 77.67
N LEU C 259 39.65 -4.43 76.64
CA LEU C 259 39.11 -3.97 75.37
C LEU C 259 37.90 -4.83 75.03
N PRO C 260 37.00 -4.35 74.14
CA PRO C 260 35.99 -5.23 73.60
C PRO C 260 36.62 -6.34 72.77
N PRO C 261 35.86 -7.42 72.54
CA PRO C 261 36.34 -8.50 71.68
C PRO C 261 36.70 -8.00 70.28
N GLN C 262 37.74 -8.61 69.67
CA GLN C 262 38.20 -8.26 68.34
C GLN C 262 37.05 -8.21 67.34
N ASN C 263 36.12 -9.18 67.42
CA ASN C 263 35.10 -9.36 66.43
C ASN C 263 33.70 -9.17 67.03
N ASP C 264 33.57 -8.34 68.05
CA ASP C 264 32.25 -7.85 68.43
C ASP C 264 31.95 -6.58 67.63
N ARG C 265 31.23 -6.74 66.52
CA ARG C 265 31.02 -5.66 65.56
C ARG C 265 30.28 -4.50 66.20
N ALA C 266 29.33 -4.82 67.10
CA ALA C 266 28.55 -3.78 67.76
C ALA C 266 29.51 -2.82 68.50
N ARG C 267 30.72 -3.26 68.87
CA ARG C 267 31.59 -2.43 69.69
C ARG C 267 32.82 -1.94 68.92
N TRP C 268 32.79 -2.15 67.60
CA TRP C 268 33.91 -1.70 66.79
C TRP C 268 34.18 -0.22 66.93
N PRO C 269 33.16 0.67 67.00
CA PRO C 269 33.47 2.08 67.15
C PRO C 269 34.26 2.36 68.43
N GLU C 270 33.83 1.71 69.51
CA GLU C 270 34.51 1.79 70.80
C GLU C 270 35.95 1.31 70.66
N LEU C 271 36.14 0.16 70.01
CA LEU C 271 37.45 -0.45 69.84
C LEU C 271 38.32 0.47 69.01
N ARG C 272 37.77 1.01 67.91
CA ARG C 272 38.53 1.88 67.02
C ARG C 272 38.99 3.14 67.74
N ALA C 273 38.15 3.69 68.63
CA ALA C 273 38.54 4.86 69.40
C ALA C 273 39.78 4.59 70.25
N LEU C 274 39.87 3.42 70.86
CA LEU C 274 41.03 3.11 71.70
C LEU C 274 42.29 2.93 70.84
N LEU C 275 42.15 2.23 69.70
CA LEU C 275 43.26 2.03 68.79
C LEU C 275 43.66 3.36 68.16
N THR C 276 42.68 4.24 67.86
CA THR C 276 43.05 5.54 67.30
C THR C 276 43.94 6.32 68.28
N GLU C 277 43.55 6.33 69.55
CA GLU C 277 44.30 7.06 70.55
C GLU C 277 45.70 6.46 70.73
N ALA C 278 45.82 5.13 70.76
CA ALA C 278 47.14 4.51 70.87
C ALA C 278 48.02 4.86 69.67
N PHE C 279 47.54 4.65 68.43
CA PHE C 279 48.40 4.92 67.28
C PHE C 279 48.78 6.40 67.22
N ALA C 280 47.86 7.28 67.65
CA ALA C 280 48.14 8.70 67.51
C ALA C 280 49.22 9.19 68.49
N SER C 281 49.62 8.38 69.48
CA SER C 281 50.56 8.81 70.52
C SER C 281 52.01 8.78 70.05
N HIS C 282 52.32 8.13 68.93
CA HIS C 282 53.67 8.13 68.40
C HIS C 282 53.63 8.25 66.89
N ASP C 283 54.79 8.54 66.30
CA ASP C 283 54.92 8.76 64.87
C ASP C 283 55.07 7.44 64.10
N ARG C 284 55.00 7.52 62.77
CA ARG C 284 54.89 6.31 61.96
C ARG C 284 56.16 5.49 62.08
N ASP C 285 57.30 6.16 62.06
CA ASP C 285 58.61 5.51 62.11
C ASP C 285 58.80 4.79 63.44
N HIS C 286 58.18 5.29 64.50
CA HIS C 286 58.19 4.61 65.78
C HIS C 286 57.49 3.26 65.64
N TRP C 287 56.29 3.28 65.05
CA TRP C 287 55.54 2.03 64.91
C TRP C 287 56.29 1.08 63.99
N GLY C 288 56.94 1.62 62.95
CA GLY C 288 57.78 0.82 62.06
C GLY C 288 58.85 0.04 62.83
N ALA C 289 59.59 0.72 63.70
CA ALA C 289 60.61 0.09 64.51
C ALA C 289 60.01 -0.89 65.52
N VAL C 290 59.06 -0.45 66.36
CA VAL C 290 58.42 -1.31 67.33
C VAL C 290 57.97 -2.64 66.71
N PHE C 291 57.42 -2.64 65.49
CA PHE C 291 56.79 -3.84 64.95
C PHE C 291 57.65 -4.52 63.89
N ALA C 292 58.88 -4.04 63.66
CA ALA C 292 59.80 -4.76 62.78
C ALA C 292 60.02 -6.16 63.34
N ASN C 293 59.98 -7.14 62.45
CA ASN C 293 60.23 -8.54 62.74
C ASN C 293 59.06 -9.20 63.44
N SER C 294 57.96 -8.45 63.59
CA SER C 294 56.81 -8.99 64.29
C SER C 294 55.75 -9.48 63.33
N ASP C 295 54.82 -10.23 63.91
CA ASP C 295 53.64 -10.72 63.24
C ASP C 295 52.41 -9.83 63.48
N ALA C 296 52.61 -8.60 63.93
CA ALA C 296 51.47 -7.78 64.32
C ALA C 296 50.69 -7.23 63.12
N CYS C 297 51.27 -7.34 61.91
CA CYS C 297 50.68 -6.89 60.65
C CYS C 297 50.46 -5.40 60.69
N VAL C 298 51.51 -4.68 61.08
CA VAL C 298 51.49 -3.24 61.11
C VAL C 298 52.63 -2.78 60.23
N THR C 299 52.31 -1.87 59.29
CA THR C 299 53.30 -1.43 58.32
C THR C 299 53.12 0.06 58.11
N PRO C 300 54.22 0.77 57.79
CA PRO C 300 54.14 2.16 57.40
C PRO C 300 53.48 2.33 56.04
N VAL C 301 52.60 3.33 55.93
CA VAL C 301 51.95 3.62 54.67
C VAL C 301 52.83 4.63 53.97
N LEU C 302 53.66 4.14 53.06
CA LEU C 302 54.62 4.99 52.35
C LEU C 302 53.97 5.63 51.12
N ALA C 303 54.28 6.90 50.92
CA ALA C 303 54.01 7.56 49.66
C ALA C 303 55.00 7.14 48.59
N PHE C 304 54.60 7.32 47.32
CA PHE C 304 55.42 6.91 46.20
C PHE C 304 56.84 7.40 46.40
N GLY C 305 57.02 8.70 46.65
CA GLY C 305 58.33 9.32 46.70
C GLY C 305 59.24 8.80 47.82
N GLU C 306 58.70 8.04 48.78
CA GLU C 306 59.49 7.47 49.88
C GLU C 306 59.84 5.99 49.67
N VAL C 307 59.27 5.36 48.66
CA VAL C 307 59.37 3.90 48.54
C VAL C 307 60.82 3.48 48.31
N HIS C 308 61.59 4.31 47.59
CA HIS C 308 62.96 4.03 47.20
C HIS C 308 63.91 4.00 48.40
N ASN C 309 63.47 4.52 49.56
CA ASN C 309 64.27 4.48 50.77
C ASN C 309 63.90 3.32 51.69
N GLU C 310 63.00 2.42 51.27
CA GLU C 310 62.57 1.35 52.14
C GLU C 310 63.47 0.13 51.91
N PRO C 311 64.16 -0.38 52.97
CA PRO C 311 65.06 -1.53 52.87
C PRO C 311 64.49 -2.75 52.15
N HIS C 312 63.26 -3.16 52.46
CA HIS C 312 62.73 -4.36 51.82
C HIS C 312 62.54 -4.14 50.31
N ILE C 313 62.24 -2.90 49.89
CA ILE C 313 62.09 -2.59 48.48
C ILE C 313 63.47 -2.56 47.79
N ILE C 314 64.43 -1.86 48.40
CA ILE C 314 65.78 -1.73 47.86
C ILE C 314 66.38 -3.11 47.64
N GLU C 315 66.34 -3.94 48.69
CA GLU C 315 67.11 -5.15 48.76
C GLU C 315 66.57 -6.18 47.80
N ARG C 316 65.25 -6.17 47.51
CA ARG C 316 64.73 -7.11 46.52
C ARG C 316 64.72 -6.56 45.08
N ASN C 317 65.21 -5.37 44.84
CA ASN C 317 65.19 -4.80 43.50
C ASN C 317 63.80 -4.84 42.87
N THR C 318 62.79 -4.42 43.64
CA THR C 318 61.44 -4.32 43.11
C THR C 318 61.37 -3.24 42.03
N PHE C 319 62.22 -2.21 42.14
CA PHE C 319 62.24 -1.08 41.21
C PHE C 319 63.63 -0.94 40.56
N TYR C 320 63.69 -0.21 39.42
CA TYR C 320 64.92 0.20 38.72
C TYR C 320 64.78 1.69 38.35
N GLU C 321 65.88 2.44 38.29
CA GLU C 321 65.82 3.83 37.84
C GLU C 321 65.75 3.94 36.32
N ALA C 322 64.99 4.90 35.83
CA ALA C 322 64.92 5.20 34.40
C ALA C 322 64.26 6.55 34.20
N ASN C 323 64.92 7.45 33.46
CA ASN C 323 64.23 8.61 32.92
C ASN C 323 63.54 9.38 34.03
N GLY C 324 64.32 9.88 34.99
CA GLY C 324 63.82 10.77 36.03
C GLY C 324 63.20 10.03 37.21
N GLY C 325 62.56 8.87 36.95
CA GLY C 325 61.82 8.18 37.98
C GLY C 325 62.10 6.67 38.02
N TRP C 326 61.89 6.11 39.21
CA TRP C 326 61.82 4.68 39.42
C TRP C 326 60.60 4.10 38.69
N GLN C 327 60.77 2.84 38.24
CA GLN C 327 59.75 2.09 37.55
C GLN C 327 59.85 0.66 38.08
N PRO C 328 58.74 -0.07 38.20
CA PRO C 328 58.81 -1.40 38.73
C PRO C 328 59.43 -2.41 37.77
N MET C 329 60.29 -3.28 38.31
CA MET C 329 60.85 -4.38 37.56
C MET C 329 59.75 -5.37 37.24
N PRO C 330 59.95 -6.21 36.19
CA PRO C 330 58.99 -7.23 35.84
C PRO C 330 58.58 -8.14 36.97
N ALA C 331 57.36 -8.63 36.89
CA ALA C 331 56.81 -9.54 37.86
C ALA C 331 55.97 -10.52 37.10
N PRO C 332 55.80 -11.77 37.57
CA PRO C 332 56.54 -12.31 38.71
C PRO C 332 57.95 -12.67 38.31
N ARG C 333 58.64 -13.44 39.17
CA ARG C 333 60.05 -13.74 38.93
C ARG C 333 60.20 -15.24 38.64
N PHE C 334 61.26 -15.55 37.87
CA PHE C 334 61.53 -16.88 37.32
C PHE C 334 62.92 -17.36 37.73
N SER C 335 63.03 -18.59 38.27
CA SER C 335 64.31 -19.12 38.72
C SER C 335 65.31 -19.32 37.56
N ARG C 336 64.86 -19.92 36.45
CA ARG C 336 65.75 -20.30 35.35
C ARG C 336 65.76 -19.26 34.21
N THR C 337 64.59 -18.96 33.63
CA THR C 337 64.55 -17.96 32.56
C THR C 337 64.17 -16.60 33.15
N ALA C 338 65.18 -15.89 33.67
CA ALA C 338 64.91 -14.65 34.36
C ALA C 338 64.68 -13.53 33.35
N SER C 339 63.79 -12.60 33.71
CA SER C 339 63.57 -11.39 32.96
C SER C 339 64.77 -10.47 33.10
N SER C 340 64.97 -9.61 32.10
CA SER C 340 65.96 -8.54 32.22
C SER C 340 65.27 -7.23 32.51
N GLN C 341 66.10 -6.23 32.84
CA GLN C 341 65.62 -4.87 33.00
C GLN C 341 64.87 -4.46 31.72
N PRO C 342 63.71 -3.80 31.81
CA PRO C 342 62.98 -3.37 30.62
C PRO C 342 63.78 -2.43 29.71
N ARG C 343 63.59 -2.54 28.39
CA ARG C 343 64.22 -1.65 27.42
C ARG C 343 63.38 -0.37 27.31
N PRO C 344 63.96 0.84 27.42
CA PRO C 344 63.15 2.06 27.32
C PRO C 344 62.38 2.14 26.01
N PRO C 345 61.28 2.92 25.94
CA PRO C 345 60.59 3.11 24.67
C PRO C 345 61.56 3.50 23.55
N ALA C 346 61.54 2.72 22.45
CA ALA C 346 62.46 2.86 21.33
C ALA C 346 61.95 3.90 20.34
N ALA C 347 62.85 4.38 19.47
CA ALA C 347 62.48 5.24 18.35
C ALA C 347 61.69 4.42 17.33
N THR C 348 60.77 5.10 16.62
CA THR C 348 59.90 4.45 15.65
C THR C 348 60.75 3.60 14.72
N ILE C 349 60.26 2.41 14.41
CA ILE C 349 60.93 1.50 13.50
C ILE C 349 60.10 1.47 12.23
N ASP C 350 60.78 1.23 11.10
CA ASP C 350 60.12 1.04 9.84
C ASP C 350 59.47 -0.34 9.80
N ILE C 351 58.18 -0.39 9.46
CA ILE C 351 57.42 -1.63 9.55
C ILE C 351 57.96 -2.73 8.64
N GLU C 352 58.66 -2.34 7.56
CA GLU C 352 59.28 -3.28 6.63
C GLU C 352 60.45 -3.99 7.29
N ALA C 353 61.30 -3.23 8.00
CA ALA C 353 62.48 -3.74 8.67
C ALA C 353 62.11 -4.84 9.67
N VAL C 354 60.92 -4.74 10.27
CA VAL C 354 60.44 -5.74 11.21
C VAL C 354 60.10 -7.01 10.44
N LEU C 355 59.53 -6.86 9.23
CA LEU C 355 59.18 -8.02 8.41
C LEU C 355 60.43 -8.75 7.91
N THR C 356 61.53 -7.99 7.71
CA THR C 356 62.82 -8.58 7.36
C THR C 356 63.24 -9.49 8.52
N ASP C 357 63.41 -8.86 9.69
CA ASP C 357 63.81 -9.51 10.93
C ASP C 357 62.99 -10.79 11.17
N TRP C 358 61.66 -10.73 10.99
CA TRP C 358 60.82 -11.89 11.27
C TRP C 358 60.82 -12.92 10.14
N ASP C 359 61.55 -12.64 9.04
CA ASP C 359 61.58 -13.51 7.86
C ASP C 359 60.22 -13.49 7.15
N MET D 1 36.76 -32.31 30.80
CA MET D 1 36.66 -30.97 31.47
C MET D 1 36.78 -29.83 30.44
N ALA D 2 35.77 -28.95 30.42
CA ALA D 2 35.65 -27.88 29.44
C ALA D 2 36.71 -26.80 29.66
N GLY D 3 37.32 -26.32 28.59
CA GLY D 3 37.99 -25.04 28.61
C GLY D 3 39.41 -25.20 28.12
N PRO D 4 40.18 -24.10 27.98
CA PRO D 4 41.47 -24.17 27.34
C PRO D 4 42.58 -24.82 28.18
N LEU D 5 42.34 -25.04 29.49
CA LEU D 5 43.39 -25.61 30.31
C LEU D 5 43.03 -27.06 30.60
N SER D 6 42.11 -27.61 29.80
CA SER D 6 41.81 -29.04 29.81
C SER D 6 43.13 -29.81 29.74
N GLY D 7 43.34 -30.74 30.68
CA GLY D 7 44.51 -31.61 30.69
C GLY D 7 45.68 -31.08 31.53
N LEU D 8 45.57 -29.85 32.07
CA LEU D 8 46.54 -29.35 33.01
C LEU D 8 46.18 -29.87 34.40
N ARG D 9 47.22 -30.39 35.09
CA ARG D 9 47.09 -30.95 36.43
C ARG D 9 47.77 -30.07 37.46
N VAL D 10 46.99 -29.76 38.50
CA VAL D 10 47.48 -28.79 39.46
C VAL D 10 47.31 -29.36 40.85
N VAL D 11 48.43 -29.31 41.59
CA VAL D 11 48.41 -29.56 43.03
C VAL D 11 48.54 -28.25 43.79
N GLU D 12 47.54 -28.00 44.64
CA GLU D 12 47.49 -26.77 45.42
C GLU D 12 47.66 -27.11 46.89
N LEU D 13 48.65 -26.51 47.56
CA LEU D 13 48.70 -26.66 49.01
C LEU D 13 47.88 -25.54 49.68
N ALA D 14 46.87 -25.93 50.44
CA ALA D 14 45.84 -25.03 50.87
C ALA D 14 46.43 -23.90 51.70
N GLY D 15 46.17 -22.67 51.25
CA GLY D 15 46.44 -21.51 52.08
C GLY D 15 45.24 -20.57 52.04
N ILE D 16 45.52 -19.25 52.02
CA ILE D 16 44.45 -18.27 52.05
C ILE D 16 44.77 -17.15 51.08
N GLY D 17 43.72 -16.55 50.50
CA GLY D 17 43.89 -15.37 49.65
C GLY D 17 44.32 -15.73 48.23
N PRO D 18 45.49 -15.27 47.77
CA PRO D 18 45.87 -15.36 46.37
C PRO D 18 45.97 -16.79 45.84
N GLY D 19 46.59 -17.66 46.65
CA GLY D 19 46.80 -19.06 46.28
C GLY D 19 45.51 -19.74 45.87
N PRO D 20 44.45 -19.76 46.68
CA PRO D 20 43.21 -20.38 46.23
C PRO D 20 42.48 -19.68 45.08
N HIS D 21 42.67 -18.37 44.93
CA HIS D 21 42.05 -17.64 43.85
C HIS D 21 42.73 -18.09 42.54
N ALA D 22 44.06 -18.10 42.51
CA ALA D 22 44.78 -18.63 41.37
C ALA D 22 44.31 -20.03 41.01
N ALA D 23 44.25 -20.91 42.01
CA ALA D 23 43.84 -22.28 41.79
C ALA D 23 42.40 -22.33 41.26
N MET D 24 41.56 -21.44 41.77
CA MET D 24 40.18 -21.35 41.33
C MET D 24 40.11 -21.03 39.83
N ILE D 25 40.91 -20.07 39.37
CA ILE D 25 40.84 -19.64 37.99
C ILE D 25 41.38 -20.75 37.07
N LEU D 26 42.49 -21.41 37.45
CA LEU D 26 42.96 -22.59 36.73
C LEU D 26 41.85 -23.62 36.56
N GLY D 27 41.19 -24.02 37.65
CA GLY D 27 40.05 -24.93 37.58
C GLY D 27 38.96 -24.38 36.68
N ASP D 28 38.65 -23.08 36.83
CA ASP D 28 37.59 -22.41 36.10
C ASP D 28 37.77 -22.67 34.59
N LEU D 29 39.03 -22.55 34.09
CA LEU D 29 39.39 -22.69 32.69
C LEU D 29 39.73 -24.13 32.26
N GLY D 30 39.29 -25.13 33.01
CA GLY D 30 39.47 -26.52 32.58
C GLY D 30 40.44 -27.34 33.42
N ALA D 31 41.44 -26.73 34.10
CA ALA D 31 42.50 -27.48 34.78
C ALA D 31 41.94 -28.42 35.84
N ASP D 32 42.65 -29.56 36.00
CA ASP D 32 42.34 -30.54 37.03
C ASP D 32 43.14 -30.18 38.30
N VAL D 33 42.40 -29.71 39.30
CA VAL D 33 43.03 -29.09 40.45
C VAL D 33 42.69 -29.94 41.66
N VAL D 34 43.78 -30.37 42.30
CA VAL D 34 43.71 -31.15 43.52
C VAL D 34 44.33 -30.32 44.63
N ARG D 35 43.52 -30.08 45.66
CA ARG D 35 43.90 -29.24 46.77
C ARG D 35 44.19 -30.10 47.99
N ILE D 36 45.44 -30.09 48.46
CA ILE D 36 45.78 -30.79 49.70
C ILE D 36 45.63 -29.82 50.88
N ASP D 37 44.67 -30.14 51.73
CA ASP D 37 44.43 -29.44 52.98
C ASP D 37 44.84 -30.35 54.14
N ARG D 38 44.88 -29.82 55.37
CA ARG D 38 45.13 -30.63 56.55
C ARG D 38 43.81 -31.23 57.06
N PRO D 39 43.84 -32.44 57.66
CA PRO D 39 42.64 -33.07 58.19
C PRO D 39 41.79 -32.16 59.10
N SER D 40 42.48 -31.46 60.00
CA SER D 40 41.83 -30.60 60.97
C SER D 40 41.01 -29.47 60.33
N SER D 41 41.39 -29.03 59.11
CA SER D 41 40.78 -27.87 58.48
C SER D 41 39.45 -28.24 57.82
N VAL D 42 39.32 -29.49 57.34
CA VAL D 42 38.15 -29.91 56.58
C VAL D 42 37.19 -30.64 57.51
N ASP D 43 35.94 -30.16 57.52
CA ASP D 43 34.86 -30.78 58.24
C ASP D 43 34.04 -31.62 57.26
N GLY D 44 33.55 -30.99 56.17
CA GLY D 44 32.79 -31.67 55.12
C GLY D 44 32.87 -30.93 53.78
N ILE D 45 31.70 -30.77 53.13
CA ILE D 45 31.56 -29.93 51.94
C ILE D 45 31.78 -28.46 52.30
N SER D 46 32.69 -27.80 51.58
CA SER D 46 33.04 -26.41 51.87
C SER D 46 31.89 -25.48 51.50
N ARG D 47 31.69 -24.43 52.32
CA ARG D 47 30.72 -23.37 52.04
C ARG D 47 31.41 -22.18 51.36
N ASP D 48 32.69 -22.33 50.98
CA ASP D 48 33.44 -21.29 50.27
C ASP D 48 33.42 -21.55 48.76
N ALA D 49 32.64 -20.75 48.03
CA ALA D 49 32.48 -20.91 46.59
C ALA D 49 33.78 -20.60 45.84
N MET D 50 34.81 -20.07 46.53
CA MET D 50 36.13 -19.97 45.93
C MET D 50 36.80 -21.34 45.74
N LEU D 51 36.32 -22.35 46.46
CA LEU D 51 36.87 -23.69 46.37
C LEU D 51 36.17 -24.50 45.28
N ARG D 52 35.45 -23.81 44.37
CA ARG D 52 34.79 -24.45 43.25
C ARG D 52 35.85 -24.98 42.30
N ASN D 53 35.45 -25.91 41.43
CA ASN D 53 36.33 -26.53 40.44
C ASN D 53 37.57 -27.21 41.05
N ARG D 54 37.38 -27.98 42.14
CA ARG D 54 38.47 -28.72 42.77
C ARG D 54 38.06 -30.15 43.15
N ARG D 55 39.06 -31.03 43.28
CA ARG D 55 38.91 -32.12 44.25
C ARG D 55 39.77 -31.84 45.49
N ILE D 56 39.13 -31.87 46.66
CA ILE D 56 39.82 -31.69 47.94
C ILE D 56 40.31 -33.03 48.50
N VAL D 57 41.61 -33.12 48.87
CA VAL D 57 42.09 -34.20 49.72
C VAL D 57 42.72 -33.65 51.01
N THR D 58 42.76 -34.50 52.06
CA THR D 58 43.51 -34.18 53.27
C THR D 58 44.75 -35.07 53.40
N ALA D 59 45.75 -34.55 54.14
CA ALA D 59 47.04 -35.19 54.33
C ALA D 59 47.79 -34.40 55.41
N ASP D 60 48.32 -35.11 56.41
CA ASP D 60 49.21 -34.51 57.38
C ASP D 60 50.60 -34.52 56.78
N LEU D 61 51.05 -33.37 56.27
CA LEU D 61 52.32 -33.29 55.57
C LEU D 61 53.48 -33.40 56.56
N LYS D 62 53.16 -33.36 57.85
CA LYS D 62 54.15 -33.60 58.88
C LYS D 62 54.43 -35.09 59.02
N SER D 63 53.42 -35.94 58.83
CA SER D 63 53.64 -37.38 58.91
C SER D 63 54.46 -37.88 57.70
N ASP D 64 55.00 -39.11 57.82
CA ASP D 64 55.80 -39.70 56.77
C ASP D 64 54.90 -40.09 55.59
N GLN D 65 53.71 -40.61 55.88
CA GLN D 65 52.85 -41.09 54.81
C GLN D 65 52.23 -39.91 54.04
N GLY D 66 51.73 -38.92 54.80
CA GLY D 66 51.25 -37.67 54.23
C GLY D 66 52.22 -37.10 53.19
N LEU D 67 53.50 -36.96 53.59
CA LEU D 67 54.54 -36.43 52.71
C LEU D 67 54.70 -37.32 51.49
N GLU D 68 54.61 -38.64 51.66
CA GLU D 68 54.85 -39.55 50.55
C GLU D 68 53.74 -39.40 49.52
N LEU D 69 52.47 -39.45 49.97
CA LEU D 69 51.33 -39.32 49.08
C LEU D 69 51.38 -37.98 48.35
N ALA D 70 51.75 -36.92 49.07
CA ALA D 70 51.84 -35.59 48.48
C ALA D 70 52.85 -35.62 47.35
N LEU D 71 54.03 -36.24 47.58
CA LEU D 71 55.08 -36.24 46.56
C LEU D 71 54.69 -37.12 45.36
N LYS D 72 53.84 -38.12 45.58
CA LYS D 72 53.37 -38.94 44.47
C LYS D 72 52.49 -38.12 43.52
N LEU D 73 51.49 -37.43 44.08
CA LEU D 73 50.69 -36.44 43.37
C LEU D 73 51.54 -35.45 42.59
N ILE D 74 52.52 -34.84 43.27
CA ILE D 74 53.32 -33.82 42.62
C ILE D 74 54.08 -34.39 41.42
N ALA D 75 54.37 -35.72 41.44
CA ALA D 75 55.17 -36.35 40.39
C ALA D 75 54.35 -36.46 39.10
N LYS D 76 53.04 -36.59 39.25
CA LYS D 76 52.11 -36.70 38.13
C LYS D 76 51.54 -35.36 37.68
N ALA D 77 52.05 -34.23 38.18
CA ALA D 77 51.33 -32.97 38.02
C ALA D 77 52.14 -32.00 37.17
N ASP D 78 51.45 -30.97 36.65
CA ASP D 78 52.18 -29.95 35.91
C ASP D 78 52.57 -28.79 36.81
N VAL D 79 51.70 -28.52 37.80
CA VAL D 79 51.85 -27.33 38.61
C VAL D 79 51.66 -27.61 40.10
N LEU D 80 52.54 -26.99 40.89
CA LEU D 80 52.34 -26.91 42.32
C LEU D 80 52.14 -25.44 42.73
N ILE D 81 51.10 -25.21 43.52
CA ILE D 81 50.89 -23.90 44.11
C ILE D 81 51.09 -23.99 45.63
N GLU D 82 51.92 -23.10 46.18
CA GLU D 82 51.94 -22.95 47.63
C GLU D 82 52.02 -21.47 48.02
N GLY D 83 51.37 -21.16 49.15
CA GLY D 83 51.34 -19.79 49.67
C GLY D 83 51.69 -19.68 51.16
N TYR D 84 52.75 -20.39 51.59
CA TYR D 84 53.19 -20.33 52.97
C TYR D 84 54.36 -19.36 53.06
N ARG D 85 54.81 -19.06 54.27
CA ARG D 85 56.04 -18.29 54.40
C ARG D 85 57.18 -19.03 53.67
N PRO D 86 58.17 -18.28 53.16
CA PRO D 86 59.40 -18.89 52.67
C PRO D 86 60.03 -19.83 53.73
N GLY D 87 60.52 -21.00 53.27
CA GLY D 87 61.17 -21.96 54.15
C GLY D 87 60.21 -23.05 54.61
N VAL D 88 58.91 -22.84 54.45
CA VAL D 88 57.94 -23.78 54.99
C VAL D 88 57.95 -25.06 54.17
N THR D 89 57.82 -24.97 52.83
CA THR D 89 57.75 -26.21 52.06
C THR D 89 59.09 -26.95 52.18
N GLU D 90 60.18 -26.21 52.11
CA GLU D 90 61.53 -26.77 52.30
C GLU D 90 61.60 -27.67 53.54
N ARG D 91 61.16 -27.16 54.72
CA ARG D 91 61.31 -27.91 55.95
C ARG D 91 60.30 -29.05 55.98
N LEU D 92 59.19 -28.95 55.24
CA LEU D 92 58.29 -30.09 55.14
C LEU D 92 58.81 -31.20 54.21
N GLY D 93 59.87 -30.93 53.42
CA GLY D 93 60.34 -31.88 52.40
C GLY D 93 59.61 -31.78 51.06
N LEU D 94 58.90 -30.64 50.83
CA LEU D 94 58.19 -30.32 49.59
C LEU D 94 58.77 -29.08 48.91
N GLY D 95 60.01 -28.75 49.24
CA GLY D 95 60.71 -27.63 48.63
C GLY D 95 60.89 -27.84 47.13
N PRO D 96 61.30 -26.80 46.39
CA PRO D 96 61.55 -26.91 44.96
C PRO D 96 62.54 -28.01 44.64
N GLU D 97 63.62 -28.13 45.43
CA GLU D 97 64.66 -29.11 45.14
C GLU D 97 64.14 -30.53 45.38
N GLU D 98 63.44 -30.77 46.49
CA GLU D 98 62.85 -32.09 46.70
C GLU D 98 61.86 -32.44 45.58
N CYS D 99 61.12 -31.43 45.10
CA CYS D 99 60.10 -31.62 44.07
C CYS D 99 60.73 -31.88 42.71
N ALA D 100 61.85 -31.22 42.41
CA ALA D 100 62.58 -31.36 41.16
C ALA D 100 63.16 -32.77 40.99
N LYS D 101 63.36 -33.46 42.12
CA LYS D 101 63.86 -34.82 42.12
C LYS D 101 62.77 -35.79 41.71
N VAL D 102 61.50 -35.45 41.88
CA VAL D 102 60.49 -36.39 41.45
C VAL D 102 59.84 -35.91 40.15
N ASN D 103 60.19 -34.72 39.63
CA ASN D 103 59.41 -34.15 38.54
C ASN D 103 60.06 -32.86 38.07
N ASP D 104 60.98 -33.00 37.12
CA ASP D 104 61.73 -31.86 36.62
C ASP D 104 60.91 -31.06 35.59
N ARG D 105 59.67 -31.48 35.32
CA ARG D 105 58.78 -30.72 34.44
C ARG D 105 57.85 -29.81 35.26
N LEU D 106 58.00 -29.81 36.60
CA LEU D 106 57.05 -29.16 37.50
C LEU D 106 57.16 -27.65 37.42
N ILE D 107 56.01 -26.97 37.35
CA ILE D 107 56.03 -25.52 37.62
C ILE D 107 55.72 -25.29 39.10
N TYR D 108 56.72 -24.71 39.75
CA TYR D 108 56.70 -24.59 41.20
C TYR D 108 56.35 -23.13 41.52
N ALA D 109 55.09 -22.92 41.86
CA ALA D 109 54.54 -21.58 41.98
C ALA D 109 54.47 -21.15 43.45
N ARG D 110 55.24 -20.11 43.81
CA ARG D 110 55.32 -19.61 45.19
C ARG D 110 54.61 -18.25 45.36
N MET D 111 53.51 -18.27 46.11
CA MET D 111 52.68 -17.10 46.32
C MET D 111 52.89 -16.49 47.71
N THR D 112 53.62 -15.37 47.78
CA THR D 112 53.82 -14.62 49.02
C THR D 112 53.48 -13.14 48.83
N GLY D 113 53.51 -12.42 49.95
CA GLY D 113 53.34 -10.98 49.97
C GLY D 113 54.66 -10.26 49.79
N TRP D 114 55.67 -10.64 50.61
CA TRP D 114 56.94 -9.93 50.68
C TRP D 114 58.03 -10.50 49.79
N GLY D 115 57.82 -11.70 49.26
CA GLY D 115 58.86 -12.33 48.46
C GLY D 115 59.60 -13.40 49.25
N GLN D 116 60.60 -13.99 48.59
CA GLN D 116 61.29 -15.14 49.15
C GLN D 116 62.44 -14.66 50.04
N THR D 117 62.95 -13.47 49.82
CA THR D 117 64.05 -13.00 50.63
C THR D 117 63.73 -11.60 51.13
N GLY D 118 64.63 -11.09 51.97
CA GLY D 118 64.67 -9.71 52.37
C GLY D 118 64.12 -9.55 53.79
N PRO D 119 64.27 -8.35 54.34
CA PRO D 119 64.06 -8.14 55.75
C PRO D 119 62.63 -8.41 56.24
N ARG D 120 61.62 -8.21 55.39
CA ARG D 120 60.23 -8.38 55.81
C ARG D 120 59.78 -9.78 55.49
N SER D 121 60.68 -10.61 54.96
CA SER D 121 60.19 -11.79 54.24
C SER D 121 59.58 -12.83 55.16
N GLN D 122 59.76 -12.71 56.49
CA GLN D 122 59.17 -13.66 57.41
C GLN D 122 58.00 -13.07 58.21
N GLN D 123 57.68 -11.80 58.02
CA GLN D 123 56.57 -11.18 58.73
C GLN D 123 55.25 -11.65 58.14
N ALA D 124 54.28 -11.98 59.00
CA ALA D 124 52.90 -12.19 58.60
C ALA D 124 52.37 -10.88 57.99
N GLY D 125 51.38 -11.03 57.15
CA GLY D 125 50.73 -9.87 56.58
C GLY D 125 49.46 -10.25 55.82
N HIS D 126 48.79 -9.17 55.42
CA HIS D 126 47.64 -9.21 54.56
C HIS D 126 47.73 -8.12 53.50
N ASP D 127 46.77 -8.18 52.56
CA ASP D 127 46.77 -7.29 51.38
C ASP D 127 47.18 -5.86 51.77
N ILE D 128 46.50 -5.32 52.80
CA ILE D 128 46.69 -3.93 53.20
C ILE D 128 48.14 -3.65 53.55
N ASN D 129 48.87 -4.63 54.12
CA ASN D 129 50.27 -4.43 54.45
C ASN D 129 51.12 -4.35 53.19
N TYR D 130 50.85 -5.21 52.21
CA TYR D 130 51.75 -5.29 51.06
C TYR D 130 51.58 -4.03 50.19
N ILE D 131 50.35 -3.53 50.04
CA ILE D 131 50.15 -2.31 49.28
C ILE D 131 50.48 -1.04 50.07
N SER D 132 50.68 -1.12 51.39
CA SER D 132 51.15 0.04 52.14
C SER D 132 52.60 0.37 51.80
N LEU D 133 53.42 -0.62 51.50
CA LEU D 133 54.84 -0.39 51.44
C LEU D 133 55.31 0.13 50.08
N ASN D 134 54.49 0.00 49.03
CA ASN D 134 54.93 0.34 47.68
C ASN D 134 54.18 1.55 47.10
N GLY D 135 53.58 2.37 47.95
CA GLY D 135 52.99 3.65 47.54
C GLY D 135 51.50 3.55 47.18
N ILE D 136 50.96 2.34 47.04
CA ILE D 136 49.62 2.14 46.50
C ILE D 136 48.59 2.64 47.50
N LEU D 137 48.61 2.17 48.76
CA LEU D 137 47.55 2.46 49.70
C LEU D 137 47.43 3.96 49.94
N HIS D 138 48.59 4.62 50.02
CA HIS D 138 48.67 6.04 50.29
C HIS D 138 47.90 6.85 49.24
N ALA D 139 47.77 6.30 48.02
CA ALA D 139 47.19 6.99 46.88
C ALA D 139 45.68 6.80 46.81
N ILE D 140 45.09 6.00 47.69
CA ILE D 140 43.68 5.69 47.61
C ILE D 140 42.87 6.37 48.71
N GLY D 141 41.86 7.16 48.30
CA GLY D 141 40.87 7.74 49.17
C GLY D 141 40.79 9.27 49.00
N ARG D 142 39.94 9.90 49.80
CA ARG D 142 39.79 11.35 49.70
C ARG D 142 41.01 12.02 50.32
N GLY D 143 41.31 13.23 49.85
CA GLY D 143 42.44 14.03 50.29
C GLY D 143 42.31 14.44 51.77
N ASP D 144 41.09 14.54 52.24
CA ASP D 144 40.79 15.09 53.55
C ASP D 144 40.70 13.99 54.61
N GLU D 145 41.00 12.74 54.24
CA GLU D 145 40.82 11.63 55.15
C GLU D 145 42.03 10.71 55.08
N ARG D 146 42.13 9.72 55.96
CA ARG D 146 43.22 8.78 55.87
C ARG D 146 42.94 7.75 54.77
N PRO D 147 44.00 7.07 54.24
CA PRO D 147 43.85 6.14 53.14
C PRO D 147 42.83 5.07 53.45
N VAL D 148 42.11 4.64 52.40
CA VAL D 148 41.09 3.64 52.58
C VAL D 148 41.52 2.40 51.79
N PRO D 149 41.38 1.19 52.38
CA PRO D 149 41.73 0.00 51.64
C PRO D 149 40.75 -0.29 50.52
N PRO D 150 41.26 -0.58 49.32
CA PRO D 150 40.40 -0.98 48.20
C PRO D 150 40.04 -2.45 48.25
N LEU D 151 39.30 -2.78 49.30
CA LEU D 151 39.11 -4.14 49.70
C LEU D 151 40.48 -4.82 49.65
N ASN D 152 40.48 -6.11 49.36
CA ASN D 152 41.73 -6.85 49.13
C ASN D 152 41.94 -7.16 47.65
N LEU D 153 41.62 -6.19 46.75
CA LEU D 153 41.58 -6.46 45.33
C LEU D 153 42.92 -6.27 44.67
N VAL D 154 43.75 -5.41 45.25
CA VAL D 154 44.91 -4.92 44.55
C VAL D 154 46.13 -5.76 44.90
N GLY D 155 46.27 -6.15 46.16
CA GLY D 155 47.40 -6.96 46.58
C GLY D 155 47.14 -8.45 46.39
N ASP D 156 46.08 -8.96 47.02
CA ASP D 156 45.77 -10.38 46.98
C ASP D 156 45.51 -10.81 45.53
N PHE D 157 44.66 -10.09 44.79
CA PHE D 157 44.15 -10.65 43.54
C PHE D 157 44.89 -10.01 42.40
N GLY D 158 44.61 -8.72 42.16
CA GLY D 158 45.12 -8.10 40.96
C GLY D 158 46.63 -8.20 40.89
N GLY D 159 47.33 -7.93 42.03
CA GLY D 159 48.78 -7.93 42.01
C GLY D 159 49.36 -9.21 42.63
N GLY D 160 48.48 -10.16 42.92
CA GLY D 160 48.82 -11.36 43.68
C GLY D 160 48.56 -12.62 42.85
N SER D 161 47.34 -13.18 42.98
CA SER D 161 46.94 -14.36 42.22
C SER D 161 47.13 -14.15 40.72
N MET D 162 46.85 -12.93 40.22
CA MET D 162 46.84 -12.77 38.77
C MET D 162 48.27 -12.92 38.28
N PHE D 163 49.24 -12.44 39.06
CA PHE D 163 50.61 -12.50 38.60
C PHE D 163 51.13 -13.94 38.76
N LEU D 164 50.66 -14.66 39.76
CA LEU D 164 50.98 -16.07 39.88
C LEU D 164 50.47 -16.82 38.64
N LEU D 165 49.22 -16.53 38.21
CA LEU D 165 48.63 -17.12 37.00
C LEU D 165 49.48 -16.82 35.77
N VAL D 166 49.90 -15.57 35.59
CA VAL D 166 50.69 -15.26 34.42
C VAL D 166 52.03 -15.98 34.47
N GLY D 167 52.59 -16.14 35.68
CA GLY D 167 53.88 -16.81 35.82
C GLY D 167 53.77 -18.28 35.48
N ILE D 168 52.74 -18.94 36.02
CA ILE D 168 52.49 -20.34 35.80
C ILE D 168 52.37 -20.57 34.29
N LEU D 169 51.54 -19.76 33.64
CA LEU D 169 51.18 -20.02 32.26
C LEU D 169 52.35 -19.59 31.36
N ALA D 170 53.15 -18.60 31.78
CA ALA D 170 54.30 -18.26 30.97
C ALA D 170 55.35 -19.37 31.08
N ALA D 171 55.47 -19.97 32.28
CA ALA D 171 56.48 -20.99 32.51
C ALA D 171 56.19 -22.23 31.64
N LEU D 172 54.89 -22.59 31.50
CA LEU D 172 54.41 -23.68 30.67
C LEU D 172 54.74 -23.44 29.20
N TRP D 173 54.54 -22.21 28.75
CA TRP D 173 55.06 -21.81 27.44
C TRP D 173 56.53 -22.17 27.33
N GLU D 174 57.35 -21.64 28.24
CA GLU D 174 58.77 -21.91 28.19
C GLU D 174 59.03 -23.42 28.21
N ARG D 175 58.29 -24.17 29.04
CA ARG D 175 58.50 -25.60 29.22
C ARG D 175 58.38 -26.33 27.88
N GLN D 176 57.60 -25.75 26.96
CA GLN D 176 57.27 -26.43 25.73
C GLN D 176 58.53 -26.58 24.87
N SER D 177 59.48 -25.65 24.95
CA SER D 177 60.71 -25.76 24.18
C SER D 177 61.92 -26.24 25.02
N SER D 178 61.88 -26.18 26.37
CA SER D 178 63.02 -26.61 27.19
C SER D 178 62.85 -28.01 27.78
N GLY D 179 61.61 -28.54 27.82
CA GLY D 179 61.29 -29.76 28.52
C GLY D 179 61.37 -29.66 30.05
N LYS D 180 61.61 -28.46 30.59
CA LYS D 180 61.88 -28.24 32.01
C LYS D 180 60.90 -27.25 32.65
N GLY D 181 60.48 -27.58 33.88
CA GLY D 181 59.82 -26.64 34.77
C GLY D 181 60.81 -25.64 35.38
N GLN D 182 60.33 -24.91 36.40
CA GLN D 182 61.10 -23.91 37.15
C GLN D 182 60.19 -23.32 38.24
N VAL D 183 60.80 -22.41 39.01
CA VAL D 183 60.14 -21.77 40.15
C VAL D 183 59.65 -20.39 39.73
N VAL D 184 58.35 -20.19 39.99
CA VAL D 184 57.70 -18.88 39.86
C VAL D 184 57.62 -18.23 41.24
N ASP D 185 58.32 -17.08 41.41
CA ASP D 185 58.33 -16.30 42.64
C ASP D 185 57.40 -15.07 42.47
N ALA D 186 56.14 -15.24 42.86
CA ALA D 186 55.16 -14.18 42.81
C ALA D 186 54.95 -13.56 44.21
N ALA D 187 55.41 -12.32 44.33
CA ALA D 187 55.23 -11.52 45.52
C ALA D 187 54.25 -10.36 45.26
N MET D 188 53.22 -10.24 46.11
CA MET D 188 52.22 -9.18 46.02
C MET D 188 52.85 -7.80 45.96
N VAL D 189 53.98 -7.59 46.64
CA VAL D 189 54.56 -6.25 46.67
C VAL D 189 55.10 -5.88 45.29
N ASP D 190 55.53 -6.90 44.53
CA ASP D 190 56.08 -6.72 43.19
C ASP D 190 54.93 -6.59 42.18
N GLY D 191 54.04 -7.57 42.22
CA GLY D 191 52.93 -7.72 41.30
C GLY D 191 52.02 -6.49 41.35
N SER D 192 51.72 -6.00 42.55
CA SER D 192 50.91 -4.80 42.68
C SER D 192 51.68 -3.59 42.18
N SER D 193 53.02 -3.56 42.25
CA SER D 193 53.78 -2.43 41.72
C SER D 193 53.74 -2.38 40.19
N VAL D 194 53.71 -3.56 39.56
CA VAL D 194 53.57 -3.60 38.11
C VAL D 194 52.13 -3.26 37.70
N LEU D 195 51.17 -3.66 38.53
CA LEU D 195 49.77 -3.33 38.31
C LEU D 195 49.57 -1.82 38.25
N ILE D 196 50.34 -1.06 39.04
CA ILE D 196 50.23 0.39 39.10
C ILE D 196 51.34 1.08 38.29
N GLN D 197 51.95 0.39 37.32
CA GLN D 197 53.05 1.00 36.54
C GLN D 197 52.62 2.31 35.87
N MET D 198 51.35 2.45 35.48
CA MET D 198 50.86 3.68 34.87
C MET D 198 51.13 4.89 35.75
N MET D 199 50.90 4.77 37.06
CA MET D 199 51.18 5.88 37.97
C MET D 199 52.67 6.17 38.09
N TRP D 200 53.53 5.16 38.10
CA TRP D 200 54.97 5.38 38.16
C TRP D 200 55.47 6.08 36.88
N ALA D 201 54.86 5.72 35.75
CA ALA D 201 55.07 6.43 34.47
C ALA D 201 54.65 7.89 34.55
N MET D 202 53.39 8.11 34.94
CA MET D 202 52.87 9.47 34.97
C MET D 202 53.62 10.33 35.97
N ARG D 203 54.07 9.72 37.06
CA ARG D 203 54.78 10.43 38.09
C ARG D 203 56.10 10.96 37.53
N ALA D 204 56.76 10.17 36.69
CA ALA D 204 58.03 10.57 36.08
C ALA D 204 57.84 11.76 35.12
N THR D 205 56.68 11.86 34.48
CA THR D 205 56.42 12.93 33.54
C THR D 205 55.70 14.10 34.22
N GLY D 206 55.53 14.11 35.55
CA GLY D 206 54.87 15.23 36.22
C GLY D 206 53.34 15.27 36.05
N MET D 207 52.72 14.19 35.57
CA MET D 207 51.27 14.06 35.44
C MET D 207 50.63 13.27 36.60
N TRP D 208 51.38 12.89 37.62
CA TRP D 208 50.78 12.29 38.80
C TRP D 208 51.52 12.83 40.00
N THR D 209 50.80 13.18 41.09
CA THR D 209 51.50 13.64 42.28
C THR D 209 51.10 12.77 43.47
N ASP D 210 51.92 12.91 44.50
CA ASP D 210 51.81 12.09 45.69
C ASP D 210 50.69 12.59 46.60
N THR D 211 50.09 13.74 46.30
CA THR D 211 48.96 14.19 47.11
C THR D 211 47.75 13.33 46.80
N ARG D 212 47.14 12.77 47.83
CA ARG D 212 45.95 11.95 47.67
C ARG D 212 44.77 12.82 47.27
N GLY D 213 43.90 12.27 46.40
CA GLY D 213 42.68 12.94 46.02
C GLY D 213 42.90 14.19 45.15
N ALA D 214 44.04 14.30 44.47
CA ALA D 214 44.36 15.49 43.68
C ALA D 214 44.87 15.11 42.28
N ASN D 215 44.43 13.97 41.76
CA ASN D 215 44.89 13.53 40.45
C ASN D 215 43.69 13.20 39.58
N MET D 216 43.94 12.89 38.30
CA MET D 216 42.88 12.67 37.34
C MET D 216 42.06 11.42 37.64
N LEU D 217 42.70 10.39 38.20
CA LEU D 217 42.02 9.12 38.38
C LEU D 217 41.84 8.68 39.83
N ASP D 218 42.03 9.57 40.83
CA ASP D 218 41.92 9.17 42.23
C ASP D 218 40.70 9.79 42.90
N GLY D 219 39.84 10.44 42.12
CA GLY D 219 38.69 11.16 42.64
C GLY D 219 38.85 12.68 42.61
N GLY D 220 40.08 13.15 42.41
CA GLY D 220 40.38 14.58 42.34
C GLY D 220 39.77 15.31 41.13
N ALA D 221 39.49 14.65 40.00
CA ALA D 221 38.92 15.34 38.85
C ALA D 221 37.41 15.28 38.89
N PRO D 222 36.69 16.42 38.71
CA PRO D 222 35.24 16.39 38.75
C PRO D 222 34.58 15.49 37.70
N TYR D 223 35.33 15.21 36.61
CA TYR D 223 34.79 14.38 35.57
C TYR D 223 35.19 12.92 35.73
N TYR D 224 35.83 12.56 36.86
CA TYR D 224 36.21 11.16 37.10
C TYR D 224 35.98 10.88 38.58
N ASP D 225 34.73 10.57 38.91
CA ASP D 225 34.33 10.47 40.32
C ASP D 225 32.91 9.99 40.40
N THR D 226 32.45 9.75 41.64
CA THR D 226 31.06 9.44 41.90
C THR D 226 30.34 10.71 42.33
N TYR D 227 29.02 10.69 42.14
CA TYR D 227 28.16 11.78 42.55
C TYR D 227 26.89 11.22 43.15
N GLU D 228 26.43 11.89 44.20
CA GLU D 228 25.21 11.52 44.87
C GLU D 228 24.03 12.14 44.11
N CYS D 229 22.97 11.32 43.99
CA CYS D 229 21.78 11.68 43.24
C CYS D 229 20.64 11.99 44.20
N ALA D 230 19.47 12.38 43.69
CA ALA D 230 18.43 12.95 44.55
C ALA D 230 17.95 11.89 45.55
N ASP D 231 18.08 10.61 45.16
CA ASP D 231 17.60 9.54 46.02
C ASP D 231 18.69 9.02 46.98
N GLY D 232 19.88 9.62 47.00
CA GLY D 232 20.90 9.13 47.92
C GLY D 232 21.76 8.00 47.34
N ARG D 233 21.51 7.61 46.09
CA ARG D 233 22.33 6.63 45.39
C ARG D 233 23.32 7.35 44.48
N TYR D 234 24.17 6.59 43.79
CA TYR D 234 25.30 7.21 43.14
C TYR D 234 25.33 6.86 41.67
N VAL D 235 25.92 7.77 40.90
CA VAL D 235 26.40 7.47 39.58
C VAL D 235 27.90 7.67 39.61
N ALA D 236 28.53 7.07 38.62
CA ALA D 236 29.94 7.22 38.33
C ALA D 236 30.08 7.96 37.01
N VAL D 237 30.99 8.94 36.99
CA VAL D 237 31.34 9.72 35.84
C VAL D 237 32.79 9.44 35.52
N GLY D 238 33.05 9.11 34.24
CA GLY D 238 34.39 8.82 33.79
C GLY D 238 34.70 9.45 32.45
N ALA D 239 34.21 10.70 32.27
CA ALA D 239 34.30 11.41 30.99
C ALA D 239 35.61 12.17 30.86
N ILE D 240 36.67 11.42 30.59
CA ILE D 240 37.99 11.97 30.44
C ILE D 240 38.11 12.69 29.10
N GLU D 241 37.66 12.04 28.03
CA GLU D 241 37.86 12.61 26.69
C GLU D 241 36.89 13.78 26.51
N PRO D 242 37.38 14.87 25.88
CA PRO D 242 36.58 16.07 25.72
C PRO D 242 35.21 15.85 25.09
N GLN D 243 35.12 14.93 24.11
CA GLN D 243 33.88 14.69 23.39
C GLN D 243 32.89 13.99 24.31
N PHE D 244 33.38 13.08 25.17
CA PHE D 244 32.48 12.37 26.06
C PHE D 244 32.00 13.33 27.16
N TYR D 245 32.95 14.12 27.66
CA TYR D 245 32.67 15.17 28.61
C TYR D 245 31.58 16.10 28.07
N ALA D 246 31.68 16.51 26.79
CA ALA D 246 30.69 17.42 26.23
C ALA D 246 29.32 16.75 26.18
N ALA D 247 29.27 15.44 25.85
CA ALA D 247 28.00 14.73 25.82
C ALA D 247 27.37 14.72 27.18
N MET D 248 28.23 14.55 28.20
CA MET D 248 27.72 14.48 29.56
C MET D 248 27.07 15.82 29.96
N LEU D 249 27.76 16.93 29.70
CA LEU D 249 27.22 18.25 30.04
C LEU D 249 25.84 18.44 29.42
N ALA D 250 25.72 18.06 28.13
CA ALA D 250 24.47 18.28 27.40
C ALA D 250 23.34 17.56 28.08
N GLY D 251 23.61 16.29 28.47
CA GLY D 251 22.67 15.45 29.18
C GLY D 251 22.31 15.96 30.58
N LEU D 252 23.24 16.68 31.23
CA LEU D 252 22.95 17.27 32.54
C LEU D 252 22.16 18.56 32.40
N GLY D 253 22.19 19.17 31.21
CA GLY D 253 21.47 20.40 31.02
C GLY D 253 22.34 21.62 31.26
N LEU D 254 23.67 21.47 31.30
CA LEU D 254 24.61 22.54 31.58
C LEU D 254 25.23 23.05 30.29
N ASP D 255 25.18 24.35 30.06
CA ASP D 255 25.86 24.90 28.90
C ASP D 255 27.33 25.01 29.26
N ALA D 256 28.19 24.52 28.37
CA ALA D 256 29.63 24.66 28.49
C ALA D 256 30.02 26.12 28.76
N ALA D 257 29.27 27.09 28.21
CA ALA D 257 29.65 28.50 28.31
C ALA D 257 29.62 29.03 29.75
N GLU D 258 28.86 28.37 30.62
CA GLU D 258 28.67 28.83 31.97
C GLU D 258 29.57 28.09 32.94
N LEU D 259 30.40 27.17 32.44
CA LEU D 259 31.23 26.32 33.27
C LEU D 259 32.69 26.69 33.09
N PRO D 260 33.57 26.44 34.09
CA PRO D 260 34.99 26.53 33.86
C PRO D 260 35.46 25.45 32.89
N PRO D 261 36.63 25.64 32.25
CA PRO D 261 37.21 24.59 31.42
C PRO D 261 37.35 23.26 32.17
N GLN D 262 37.09 22.15 31.47
CA GLN D 262 37.16 20.81 32.04
C GLN D 262 38.48 20.55 32.77
N ASN D 263 39.57 21.05 32.22
CA ASN D 263 40.88 20.74 32.78
C ASN D 263 41.56 21.99 33.32
N ASP D 264 40.79 22.98 33.74
CA ASP D 264 41.35 24.07 34.55
C ASP D 264 41.28 23.70 36.04
N ARG D 265 42.39 23.11 36.54
CA ARG D 265 42.42 22.50 37.86
C ARG D 265 42.15 23.51 38.96
N ALA D 266 42.54 24.76 38.72
CA ALA D 266 42.36 25.82 39.70
C ALA D 266 40.88 26.09 39.90
N ARG D 267 40.06 25.75 38.91
CA ARG D 267 38.64 26.02 39.04
C ARG D 267 37.83 24.74 39.23
N TRP D 268 38.48 23.63 39.55
CA TRP D 268 37.77 22.37 39.78
C TRP D 268 36.79 22.49 40.93
N PRO D 269 37.08 23.25 42.01
CA PRO D 269 36.09 23.44 43.05
C PRO D 269 34.74 23.94 42.53
N GLU D 270 34.77 24.95 41.68
CA GLU D 270 33.54 25.47 41.11
C GLU D 270 32.91 24.45 40.18
N LEU D 271 33.73 23.78 39.36
CA LEU D 271 33.17 22.82 38.43
C LEU D 271 32.50 21.70 39.22
N ARG D 272 33.12 21.26 40.33
CA ARG D 272 32.55 20.16 41.11
C ARG D 272 31.22 20.58 41.73
N ALA D 273 31.15 21.81 42.20
CA ALA D 273 29.91 22.34 42.76
C ALA D 273 28.80 22.35 41.71
N LEU D 274 29.08 22.80 40.48
CA LEU D 274 28.04 22.78 39.43
C LEU D 274 27.61 21.37 39.06
N LEU D 275 28.57 20.44 38.85
CA LEU D 275 28.19 19.05 38.57
C LEU D 275 27.42 18.41 39.73
N THR D 276 27.80 18.75 40.97
CA THR D 276 27.19 18.17 42.16
C THR D 276 25.71 18.54 42.21
N GLU D 277 25.42 19.83 41.97
CA GLU D 277 24.05 20.32 42.02
C GLU D 277 23.25 19.71 40.88
N ALA D 278 23.87 19.53 39.69
CA ALA D 278 23.10 18.93 38.60
C ALA D 278 22.77 17.47 38.90
N PHE D 279 23.74 16.64 39.33
CA PHE D 279 23.42 15.23 39.51
C PHE D 279 22.43 15.05 40.66
N ALA D 280 22.51 15.94 41.66
CA ALA D 280 21.61 15.82 42.81
C ALA D 280 20.15 16.12 42.43
N SER D 281 19.87 16.65 41.24
CA SER D 281 18.52 17.10 40.93
C SER D 281 17.64 15.96 40.46
N HIS D 282 18.19 14.78 40.22
CA HIS D 282 17.42 13.64 39.75
C HIS D 282 18.03 12.39 40.38
N ASP D 283 17.24 11.32 40.38
CA ASP D 283 17.62 10.07 40.99
C ASP D 283 18.54 9.28 40.05
N ARG D 284 19.18 8.26 40.62
CA ARG D 284 20.16 7.46 39.91
C ARG D 284 19.55 6.81 38.66
N ASP D 285 18.40 6.15 38.78
CA ASP D 285 17.87 5.40 37.65
C ASP D 285 17.51 6.37 36.51
N HIS D 286 17.20 7.63 36.85
CA HIS D 286 16.96 8.66 35.86
C HIS D 286 18.19 8.89 35.00
N TRP D 287 19.35 9.07 35.67
CA TRP D 287 20.57 9.31 34.92
C TRP D 287 20.95 8.08 34.11
N GLY D 288 20.66 6.89 34.64
CA GLY D 288 20.99 5.65 33.93
C GLY D 288 20.21 5.52 32.62
N ALA D 289 18.95 5.95 32.64
CA ALA D 289 18.12 5.96 31.45
C ALA D 289 18.65 7.00 30.46
N VAL D 290 18.68 8.26 30.89
CA VAL D 290 19.10 9.38 30.08
C VAL D 290 20.40 9.07 29.36
N PHE D 291 21.35 8.40 30.04
CA PHE D 291 22.66 8.22 29.41
C PHE D 291 22.82 6.84 28.78
N ALA D 292 21.82 5.96 28.91
CA ALA D 292 21.81 4.71 28.16
C ALA D 292 22.14 4.97 26.69
N ASN D 293 23.15 4.26 26.17
CA ASN D 293 23.56 4.23 24.77
C ASN D 293 24.33 5.49 24.40
N SER D 294 24.84 6.21 25.41
CA SER D 294 25.61 7.41 25.14
C SER D 294 27.09 7.18 25.47
N ASP D 295 27.92 8.07 24.97
CA ASP D 295 29.34 8.06 25.23
C ASP D 295 29.69 9.02 26.39
N ALA D 296 28.70 9.41 27.18
CA ALA D 296 28.89 10.37 28.25
C ALA D 296 29.66 9.79 29.45
N CYS D 297 29.75 8.46 29.52
CA CYS D 297 30.56 7.78 30.53
C CYS D 297 30.00 8.03 31.93
N VAL D 298 28.69 7.84 32.04
CA VAL D 298 27.91 8.01 33.23
C VAL D 298 27.14 6.71 33.41
N THR D 299 27.36 6.03 34.53
CA THR D 299 26.77 4.72 34.80
C THR D 299 26.25 4.73 36.22
N PRO D 300 25.19 3.96 36.49
CA PRO D 300 24.74 3.84 37.85
C PRO D 300 25.70 2.96 38.66
N VAL D 301 25.85 3.31 39.94
CA VAL D 301 26.68 2.57 40.88
C VAL D 301 25.79 1.59 41.63
N LEU D 302 25.83 0.33 41.19
CA LEU D 302 24.95 -0.70 41.68
C LEU D 302 25.59 -1.39 42.90
N ALA D 303 24.75 -1.64 43.90
CA ALA D 303 25.12 -2.50 45.01
C ALA D 303 25.10 -3.97 44.53
N PHE D 304 25.91 -4.82 45.18
CA PHE D 304 25.99 -6.23 44.82
C PHE D 304 24.62 -6.84 44.53
N GLY D 305 23.67 -6.55 45.42
CA GLY D 305 22.36 -7.16 45.42
C GLY D 305 21.44 -6.66 44.32
N GLU D 306 21.81 -5.59 43.62
CA GLU D 306 21.06 -5.09 42.47
C GLU D 306 21.67 -5.56 41.17
N VAL D 307 22.88 -6.12 41.22
CA VAL D 307 23.59 -6.36 39.99
C VAL D 307 22.78 -7.34 39.11
N HIS D 308 22.08 -8.28 39.74
CA HIS D 308 21.42 -9.38 39.03
C HIS D 308 20.32 -8.85 38.08
N ASN D 309 19.85 -7.61 38.27
CA ASN D 309 18.77 -7.02 37.48
C ASN D 309 19.29 -6.10 36.39
N GLU D 310 20.60 -5.94 36.27
CA GLU D 310 21.12 -5.12 35.21
C GLU D 310 21.08 -5.87 33.88
N PRO D 311 20.45 -5.33 32.82
CA PRO D 311 20.37 -6.01 31.54
C PRO D 311 21.68 -6.48 30.93
N HIS D 312 22.70 -5.63 30.91
CA HIS D 312 23.94 -6.00 30.25
C HIS D 312 24.59 -7.16 31.00
N ILE D 313 24.31 -7.26 32.30
CA ILE D 313 24.81 -8.34 33.13
C ILE D 313 24.05 -9.64 32.84
N ILE D 314 22.71 -9.58 32.88
CA ILE D 314 21.84 -10.72 32.58
C ILE D 314 22.19 -11.27 31.20
N GLU D 315 22.19 -10.42 30.19
CA GLU D 315 22.31 -10.88 28.83
C GLU D 315 23.64 -11.58 28.55
N ARG D 316 24.74 -11.14 29.16
CA ARG D 316 26.04 -11.71 28.85
C ARG D 316 26.36 -12.93 29.76
N ASN D 317 25.49 -13.22 30.72
CA ASN D 317 25.75 -14.29 31.66
C ASN D 317 27.11 -14.10 32.32
N THR D 318 27.29 -12.91 32.89
CA THR D 318 28.47 -12.62 33.69
C THR D 318 28.44 -13.45 34.98
N PHE D 319 27.23 -13.72 35.51
CA PHE D 319 27.00 -14.46 36.73
C PHE D 319 26.15 -15.70 36.44
N TYR D 320 26.22 -16.70 37.36
CA TYR D 320 25.36 -17.87 37.37
C TYR D 320 24.87 -18.03 38.81
N GLU D 321 23.71 -18.63 38.99
CA GLU D 321 23.18 -18.84 40.32
C GLU D 321 23.76 -20.13 40.87
N ALA D 322 24.06 -20.17 42.16
CA ALA D 322 24.55 -21.37 42.79
C ALA D 322 24.08 -21.38 44.24
N ASN D 323 24.54 -22.36 45.01
CA ASN D 323 25.13 -21.99 46.28
C ASN D 323 24.01 -21.27 47.04
N GLY D 324 24.34 -20.20 47.76
CA GLY D 324 23.36 -19.32 48.40
C GLY D 324 22.86 -18.25 47.43
N GLY D 325 23.80 -17.67 46.64
CA GLY D 325 23.45 -16.68 45.63
C GLY D 325 24.35 -16.76 44.40
N TRP D 326 24.48 -15.61 43.72
CA TRP D 326 25.19 -15.49 42.45
C TRP D 326 26.69 -15.47 42.66
N GLN D 327 27.39 -15.94 41.63
CA GLN D 327 28.82 -16.05 41.57
C GLN D 327 29.25 -15.74 40.16
N PRO D 328 30.44 -15.14 39.93
CA PRO D 328 30.87 -14.84 38.58
C PRO D 328 31.28 -16.07 37.76
N MET D 329 30.97 -16.01 36.47
CA MET D 329 31.33 -17.06 35.54
C MET D 329 32.79 -16.87 35.25
N PRO D 330 33.51 -17.92 34.79
CA PRO D 330 34.88 -17.80 34.40
C PRO D 330 35.13 -16.62 33.48
N ALA D 331 36.34 -16.08 33.59
CA ALA D 331 36.81 -15.04 32.71
C ALA D 331 38.27 -15.33 32.46
N PRO D 332 38.84 -14.94 31.29
CA PRO D 332 38.08 -14.37 30.19
C PRO D 332 37.29 -15.45 29.45
N ARG D 333 36.90 -15.17 28.20
CA ARG D 333 36.04 -16.08 27.45
C ARG D 333 36.80 -16.53 26.19
N PHE D 334 36.55 -17.78 25.77
CA PHE D 334 37.28 -18.41 24.67
C PHE D 334 36.31 -18.83 23.55
N SER D 335 36.64 -18.53 22.28
CA SER D 335 35.72 -18.77 21.16
C SER D 335 35.40 -20.27 20.93
N ARG D 336 36.44 -21.12 20.87
CA ARG D 336 36.32 -22.55 20.62
C ARG D 336 36.25 -23.41 21.89
N THR D 337 37.26 -23.31 22.76
CA THR D 337 37.31 -24.11 23.99
C THR D 337 36.77 -23.35 25.18
N ALA D 338 35.45 -23.38 25.35
CA ALA D 338 34.73 -22.46 26.20
C ALA D 338 34.56 -23.06 27.59
N SER D 339 34.91 -22.29 28.63
CA SER D 339 34.80 -22.79 29.99
C SER D 339 33.36 -23.19 30.20
N SER D 340 33.11 -24.07 31.17
CA SER D 340 31.76 -24.40 31.51
C SER D 340 31.46 -23.82 32.89
N GLN D 341 30.19 -23.85 33.26
CA GLN D 341 29.83 -23.43 34.59
C GLN D 341 30.75 -24.14 35.60
N PRO D 342 31.11 -23.49 36.72
CA PRO D 342 31.81 -24.15 37.80
C PRO D 342 31.05 -25.27 38.49
N ARG D 343 31.79 -26.32 38.88
CA ARG D 343 31.27 -27.37 39.72
C ARG D 343 31.40 -26.89 41.16
N PRO D 344 30.36 -27.07 42.00
CA PRO D 344 30.46 -26.60 43.38
C PRO D 344 31.55 -27.34 44.16
N PRO D 345 31.84 -26.88 45.39
CA PRO D 345 32.62 -27.67 46.35
C PRO D 345 32.01 -29.04 46.61
N ALA D 346 32.76 -30.11 46.30
CA ALA D 346 32.36 -31.49 46.59
C ALA D 346 33.03 -32.00 47.88
N ALA D 347 32.58 -33.17 48.36
CA ALA D 347 33.13 -33.79 49.57
C ALA D 347 34.58 -34.22 49.34
N THR D 348 35.31 -34.42 50.45
CA THR D 348 36.68 -34.89 50.41
C THR D 348 36.73 -36.25 49.72
N ILE D 349 37.85 -36.54 49.06
CA ILE D 349 38.08 -37.85 48.50
C ILE D 349 39.47 -38.33 48.90
N ASP D 350 39.69 -39.66 48.81
CA ASP D 350 40.96 -40.29 49.13
C ASP D 350 42.02 -39.91 48.12
N ILE D 351 43.20 -39.58 48.64
CA ILE D 351 44.34 -39.25 47.80
C ILE D 351 44.76 -40.43 46.93
N GLU D 352 44.34 -41.65 47.33
CA GLU D 352 44.60 -42.89 46.58
C GLU D 352 43.74 -42.94 45.32
N ALA D 353 42.44 -42.63 45.47
CA ALA D 353 41.52 -42.47 44.35
C ALA D 353 42.08 -41.52 43.29
N VAL D 354 42.71 -40.42 43.73
CA VAL D 354 43.21 -39.45 42.76
C VAL D 354 44.47 -40.02 42.09
N LEU D 355 45.28 -40.76 42.83
CA LEU D 355 46.52 -41.30 42.26
C LEU D 355 46.16 -42.40 41.25
N THR D 356 45.06 -43.11 41.52
CA THR D 356 44.58 -44.15 40.62
C THR D 356 44.23 -43.49 39.29
N ASP D 357 43.33 -42.51 39.36
CA ASP D 357 42.86 -41.73 38.21
C ASP D 357 44.02 -41.13 37.41
N TRP D 358 45.02 -40.53 38.05
CA TRP D 358 46.11 -39.89 37.31
C TRP D 358 47.14 -40.91 36.82
N ASP D 359 46.82 -42.22 36.91
CA ASP D 359 47.66 -43.29 36.39
C ASP D 359 49.09 -43.17 36.90
N MET E 1 -25.28 -46.80 15.02
CA MET E 1 -24.62 -45.58 14.44
C MET E 1 -25.68 -44.61 13.91
N ALA E 2 -25.65 -43.37 14.42
CA ALA E 2 -26.65 -42.37 14.07
C ALA E 2 -26.36 -41.65 12.76
N GLY E 3 -27.38 -41.52 11.93
CA GLY E 3 -27.43 -40.49 10.90
C GLY E 3 -27.99 -41.06 9.61
N PRO E 4 -28.18 -40.24 8.57
CA PRO E 4 -28.76 -40.76 7.33
C PRO E 4 -27.90 -41.79 6.58
N LEU E 5 -26.59 -41.86 6.90
CA LEU E 5 -25.67 -42.74 6.16
C LEU E 5 -25.39 -44.01 6.96
N SER E 6 -26.14 -44.26 8.04
CA SER E 6 -26.02 -45.50 8.79
C SER E 6 -26.07 -46.66 7.81
N GLY E 7 -25.14 -47.60 7.94
CA GLY E 7 -25.14 -48.77 7.09
C GLY E 7 -24.18 -48.65 5.91
N LEU E 8 -23.91 -47.42 5.46
CA LEU E 8 -22.91 -47.19 4.41
C LEU E 8 -21.50 -47.53 4.91
N ARG E 9 -20.77 -48.25 4.04
CA ARG E 9 -19.46 -48.79 4.38
C ARG E 9 -18.38 -48.20 3.49
N VAL E 10 -17.34 -47.68 4.14
CA VAL E 10 -16.38 -46.83 3.44
C VAL E 10 -14.98 -47.26 3.84
N VAL E 11 -14.14 -47.49 2.80
CA VAL E 11 -12.71 -47.71 2.98
C VAL E 11 -11.95 -46.47 2.51
N GLU E 12 -11.16 -45.92 3.44
CA GLU E 12 -10.32 -44.74 3.26
C GLU E 12 -8.83 -45.09 3.27
N LEU E 13 -8.17 -44.88 2.14
CA LEU E 13 -6.70 -44.99 2.12
C LEU E 13 -6.08 -43.67 2.57
N ALA E 14 -5.42 -43.72 3.73
CA ALA E 14 -4.99 -42.53 4.43
C ALA E 14 -4.18 -41.61 3.51
N GLY E 15 -4.62 -40.34 3.46
CA GLY E 15 -3.92 -39.28 2.74
C GLY E 15 -3.97 -37.97 3.55
N ILE E 16 -3.80 -36.81 2.87
CA ILE E 16 -3.88 -35.51 3.55
C ILE E 16 -4.90 -34.59 2.86
N GLY E 17 -5.52 -33.71 3.66
CA GLY E 17 -6.42 -32.70 3.07
C GLY E 17 -7.81 -33.22 2.73
N PRO E 18 -8.23 -33.15 1.46
CA PRO E 18 -9.61 -33.40 1.11
C PRO E 18 -10.07 -34.83 1.35
N GLY E 19 -9.20 -35.83 1.10
CA GLY E 19 -9.57 -37.21 1.32
C GLY E 19 -10.12 -37.43 2.71
N PRO E 20 -9.32 -37.16 3.73
CA PRO E 20 -9.77 -37.37 5.09
C PRO E 20 -10.94 -36.48 5.53
N HIS E 21 -11.20 -35.40 4.78
CA HIS E 21 -12.26 -34.48 5.19
C HIS E 21 -13.58 -35.05 4.67
N ALA E 22 -13.54 -35.56 3.44
CA ALA E 22 -14.68 -36.26 2.88
C ALA E 22 -15.00 -37.45 3.77
N ALA E 23 -13.97 -38.21 4.15
CA ALA E 23 -14.23 -39.39 4.96
C ALA E 23 -14.80 -38.98 6.32
N MET E 24 -14.33 -37.84 6.83
CA MET E 24 -14.81 -37.34 8.12
C MET E 24 -16.30 -37.09 8.08
N ILE E 25 -16.76 -36.38 7.05
CA ILE E 25 -18.17 -36.05 6.93
C ILE E 25 -19.02 -37.30 6.71
N LEU E 26 -18.53 -38.27 5.93
CA LEU E 26 -19.28 -39.52 5.75
C LEU E 26 -19.50 -40.15 7.13
N GLY E 27 -18.44 -40.25 7.91
CA GLY E 27 -18.54 -40.76 9.28
C GLY E 27 -19.43 -39.91 10.19
N ASP E 28 -19.35 -38.59 10.01
CA ASP E 28 -20.17 -37.67 10.79
C ASP E 28 -21.62 -38.04 10.60
N LEU E 29 -22.02 -38.34 9.35
CA LEU E 29 -23.42 -38.55 9.02
C LEU E 29 -23.80 -40.04 9.19
N GLY E 30 -22.99 -40.81 9.92
CA GLY E 30 -23.37 -42.16 10.32
C GLY E 30 -22.66 -43.29 9.56
N ALA E 31 -21.88 -42.97 8.50
CA ALA E 31 -21.22 -44.00 7.70
C ALA E 31 -20.20 -44.78 8.53
N ASP E 32 -19.93 -46.02 8.08
CA ASP E 32 -19.00 -46.93 8.75
C ASP E 32 -17.68 -46.86 8.00
N VAL E 33 -16.74 -46.13 8.60
CA VAL E 33 -15.58 -45.65 7.87
C VAL E 33 -14.36 -46.33 8.45
N VAL E 34 -13.63 -47.02 7.57
CA VAL E 34 -12.45 -47.71 8.04
C VAL E 34 -11.27 -47.21 7.23
N ARG E 35 -10.28 -46.70 7.97
CA ARG E 35 -9.17 -45.95 7.40
C ARG E 35 -7.88 -46.76 7.55
N ILE E 36 -7.25 -47.03 6.41
CA ILE E 36 -6.05 -47.84 6.35
C ILE E 36 -4.85 -46.91 6.30
N ASP E 37 -4.02 -46.96 7.35
CA ASP E 37 -2.78 -46.21 7.43
C ASP E 37 -1.57 -47.15 7.40
N ARG E 38 -0.40 -46.59 7.05
CA ARG E 38 0.91 -47.24 7.25
C ARG E 38 1.07 -47.65 8.71
N PRO E 39 1.78 -48.78 9.00
CA PRO E 39 2.13 -49.09 10.37
C PRO E 39 3.06 -48.02 10.96
N SER E 40 3.97 -47.51 10.11
CA SER E 40 4.92 -46.45 10.42
C SER E 40 4.31 -45.09 10.19
N SER E 41 3.64 -44.54 11.20
CA SER E 41 2.71 -43.43 11.09
C SER E 41 1.73 -43.46 12.26
N VAL E 42 1.42 -44.65 12.79
CA VAL E 42 0.39 -44.78 13.81
C VAL E 42 0.88 -45.78 14.88
N GLY E 44 -0.15 -44.14 18.81
CA GLY E 44 -1.34 -44.62 19.54
C GLY E 44 -2.63 -43.95 19.02
N ILE E 45 -3.20 -43.06 19.84
CA ILE E 45 -4.49 -42.43 19.56
C ILE E 45 -4.24 -41.06 18.93
N SER E 46 -4.96 -40.75 17.84
CA SER E 46 -4.71 -39.55 17.05
C SER E 46 -5.11 -38.28 17.80
N ARG E 47 -4.28 -37.23 17.66
CA ARG E 47 -4.59 -35.91 18.19
C ARG E 47 -5.33 -35.06 17.14
N ASP E 48 -5.52 -35.61 15.93
CA ASP E 48 -6.19 -34.90 14.86
C ASP E 48 -7.70 -35.15 14.88
N ALA E 49 -8.48 -34.12 15.26
CA ALA E 49 -9.92 -34.22 15.40
C ALA E 49 -10.59 -34.54 14.05
N MET E 50 -9.85 -34.37 12.94
CA MET E 50 -10.37 -34.73 11.63
C MET E 50 -10.58 -36.26 11.49
N LEU E 51 -9.92 -37.05 12.35
CA LEU E 51 -9.99 -38.51 12.32
C LEU E 51 -11.03 -39.06 13.29
N ARG E 52 -12.01 -38.22 13.62
CA ARG E 52 -13.18 -38.63 14.37
C ARG E 52 -14.08 -39.48 13.48
N ASN E 53 -14.99 -40.22 14.13
CA ASN E 53 -15.91 -41.14 13.46
C ASN E 53 -15.16 -42.11 12.53
N ARG E 54 -14.08 -42.70 13.02
CA ARG E 54 -13.30 -43.66 12.24
C ARG E 54 -13.04 -44.95 13.04
N ARG E 55 -12.73 -46.03 12.33
CA ARG E 55 -11.86 -47.09 12.83
C ARG E 55 -10.56 -47.05 12.02
N ILE E 56 -9.43 -46.88 12.71
CA ILE E 56 -8.10 -46.85 12.13
C ILE E 56 -7.54 -48.27 12.14
N VAL E 57 -6.98 -48.71 10.99
CA VAL E 57 -6.27 -49.97 10.90
C VAL E 57 -4.94 -49.72 10.21
N THR E 58 -3.97 -50.57 10.52
CA THR E 58 -2.61 -50.52 9.99
C THR E 58 -2.40 -51.67 9.01
N ALA E 59 -1.80 -51.37 7.84
CA ALA E 59 -1.34 -52.40 6.92
C ALA E 59 -0.36 -51.81 5.91
N ASP E 60 0.82 -52.44 5.82
CA ASP E 60 1.77 -52.16 4.74
C ASP E 60 1.20 -52.69 3.43
N LEU E 61 0.69 -51.77 2.60
CA LEU E 61 -0.01 -52.15 1.38
C LEU E 61 0.97 -52.58 0.28
N LYS E 62 2.28 -52.47 0.53
CA LYS E 62 3.27 -52.90 -0.45
C LYS E 62 3.58 -54.39 -0.28
N SER E 63 3.28 -54.95 0.90
CA SER E 63 3.43 -56.38 1.11
C SER E 63 2.23 -57.18 0.56
N ASP E 64 2.38 -58.50 0.43
CA ASP E 64 1.32 -59.33 -0.11
C ASP E 64 0.20 -59.52 0.89
N GLN E 65 0.54 -59.61 2.19
CA GLN E 65 -0.47 -59.81 3.21
C GLN E 65 -1.33 -58.55 3.37
N GLY E 66 -0.68 -57.37 3.38
CA GLY E 66 -1.35 -56.08 3.44
C GLY E 66 -2.35 -55.90 2.30
N LEU E 67 -1.90 -56.13 1.04
CA LEU E 67 -2.76 -55.97 -0.12
C LEU E 67 -3.96 -56.92 -0.05
N GLU E 68 -3.76 -58.12 0.50
CA GLU E 68 -4.80 -59.12 0.44
C GLU E 68 -5.91 -58.73 1.41
N LEU E 69 -5.51 -58.33 2.64
CA LEU E 69 -6.44 -57.87 3.65
C LEU E 69 -7.26 -56.67 3.14
N ALA E 70 -6.55 -55.68 2.57
CA ALA E 70 -7.17 -54.47 2.06
C ALA E 70 -8.23 -54.84 1.02
N LEU E 71 -7.91 -55.82 0.15
CA LEU E 71 -8.86 -56.22 -0.89
C LEU E 71 -10.09 -56.92 -0.28
N LYS E 72 -9.93 -57.49 0.92
CA LYS E 72 -11.06 -58.14 1.57
C LYS E 72 -11.98 -57.07 2.16
N LEU E 73 -11.43 -56.10 2.91
CA LEU E 73 -12.19 -54.92 3.36
C LEU E 73 -12.96 -54.32 2.20
N ILE E 74 -12.26 -54.05 1.09
CA ILE E 74 -12.86 -53.39 -0.06
C ILE E 74 -14.01 -54.23 -0.68
N ALA E 75 -13.94 -55.57 -0.58
CA ALA E 75 -15.01 -56.41 -1.12
C ALA E 75 -16.30 -56.26 -0.31
N LYS E 76 -16.16 -55.99 1.01
CA LYS E 76 -17.30 -55.83 1.90
C LYS E 76 -17.82 -54.37 1.92
N ALA E 77 -17.17 -53.43 1.22
CA ALA E 77 -17.43 -52.00 1.38
C ALA E 77 -18.28 -51.46 0.24
N ASP E 78 -18.91 -50.29 0.47
CA ASP E 78 -19.65 -49.57 -0.57
C ASP E 78 -18.76 -48.59 -1.32
N VAL E 79 -17.82 -47.99 -0.58
CA VAL E 79 -17.08 -46.88 -1.12
C VAL E 79 -15.60 -47.01 -0.77
N LEU E 80 -14.78 -46.67 -1.76
CA LEU E 80 -13.36 -46.46 -1.49
C LEU E 80 -12.93 -45.03 -1.87
N ILE E 81 -12.12 -44.46 -0.98
CA ILE E 81 -11.55 -43.13 -1.12
C ILE E 81 -10.04 -43.24 -1.11
N GLU E 82 -9.43 -42.68 -2.15
CA GLU E 82 -7.99 -42.54 -2.18
C GLU E 82 -7.66 -41.16 -2.72
N GLY E 83 -6.57 -40.57 -2.25
CA GLY E 83 -6.12 -39.26 -2.71
C GLY E 83 -4.61 -39.20 -2.90
N TYR E 84 -4.08 -40.29 -3.46
CA TYR E 84 -2.70 -40.33 -3.92
C TYR E 84 -2.66 -39.79 -5.34
N ARG E 85 -1.43 -39.58 -5.85
CA ARG E 85 -1.26 -39.27 -7.25
C ARG E 85 -1.83 -40.43 -8.07
N PRO E 86 -2.29 -40.13 -9.30
CA PRO E 86 -2.78 -41.18 -10.17
C PRO E 86 -1.69 -42.23 -10.41
N GLY E 87 -2.10 -43.50 -10.49
CA GLY E 87 -1.18 -44.60 -10.72
C GLY E 87 -0.75 -45.25 -9.43
N VAL E 88 -0.90 -44.57 -8.29
CA VAL E 88 -0.39 -45.12 -7.05
C VAL E 88 -1.22 -46.32 -6.63
N THR E 89 -2.55 -46.22 -6.74
CA THR E 89 -3.34 -47.37 -6.32
C THR E 89 -3.14 -48.46 -7.37
N GLU E 90 -3.12 -48.08 -8.66
CA GLU E 90 -2.92 -49.03 -9.72
C GLU E 90 -1.70 -49.89 -9.35
N ARG E 91 -0.59 -49.24 -8.98
CA ARG E 91 0.65 -49.95 -8.71
C ARG E 91 0.53 -50.78 -7.45
N LEU E 92 -0.20 -50.34 -6.44
CA LEU E 92 -0.33 -51.17 -5.25
C LEU E 92 -1.13 -52.44 -5.58
N GLY E 93 -1.87 -52.44 -6.72
CA GLY E 93 -2.86 -53.46 -7.06
C GLY E 93 -4.23 -53.19 -6.41
N LEU E 94 -4.52 -51.88 -6.20
CA LEU E 94 -5.71 -51.42 -5.50
C LEU E 94 -6.44 -50.50 -6.45
N GLY E 95 -6.07 -50.55 -7.71
CA GLY E 95 -6.65 -49.77 -8.77
C GLY E 95 -8.15 -50.07 -8.94
N PRO E 96 -8.89 -49.25 -9.71
CA PRO E 96 -10.31 -49.52 -9.91
C PRO E 96 -10.54 -50.91 -10.50
N GLU E 97 -9.74 -51.28 -11.51
CA GLU E 97 -9.94 -52.55 -12.22
C GLU E 97 -9.78 -53.76 -11.30
N GLU E 98 -8.71 -53.78 -10.52
CA GLU E 98 -8.52 -54.80 -9.52
C GLU E 98 -9.60 -54.80 -8.44
N CYS E 99 -10.11 -53.62 -8.08
CA CYS E 99 -11.14 -53.54 -7.06
C CYS E 99 -12.45 -54.08 -7.67
N ALA E 100 -12.70 -53.79 -8.94
CA ALA E 100 -13.91 -54.22 -9.61
C ALA E 100 -13.98 -55.75 -9.69
N LYS E 101 -12.80 -56.40 -9.73
CA LYS E 101 -12.73 -57.84 -9.73
C LYS E 101 -13.42 -58.39 -8.51
N VAL E 102 -13.23 -57.76 -7.34
CA VAL E 102 -13.73 -58.32 -6.08
C VAL E 102 -15.00 -57.63 -5.58
N ASN E 103 -15.57 -56.69 -6.37
CA ASN E 103 -16.69 -55.86 -5.94
C ASN E 103 -17.16 -54.95 -7.06
N ASP E 104 -18.04 -55.44 -7.96
CA ASP E 104 -18.50 -54.66 -9.10
C ASP E 104 -19.51 -53.56 -8.71
N ARG E 105 -19.79 -53.40 -7.40
CA ARG E 105 -20.74 -52.39 -6.95
C ARG E 105 -20.01 -51.23 -6.28
N LEU E 106 -18.67 -51.21 -6.35
CA LEU E 106 -17.86 -50.30 -5.57
C LEU E 106 -17.90 -48.93 -6.22
N ILE E 107 -18.14 -47.91 -5.37
CA ILE E 107 -17.89 -46.53 -5.74
C ILE E 107 -16.43 -46.23 -5.41
N TYR E 108 -15.68 -45.95 -6.48
CA TYR E 108 -14.24 -45.75 -6.41
C TYR E 108 -13.96 -44.24 -6.52
N ALA E 109 -13.63 -43.60 -5.40
CA ALA E 109 -13.58 -42.13 -5.42
C ALA E 109 -12.14 -41.67 -5.30
N ARG E 110 -11.71 -40.98 -6.36
CA ARG E 110 -10.33 -40.52 -6.53
C ARG E 110 -10.24 -39.00 -6.40
N MET E 111 -9.52 -38.58 -5.34
CA MET E 111 -9.41 -37.18 -4.91
C MET E 111 -8.03 -36.65 -5.29
N THR E 112 -7.99 -35.78 -6.28
CA THR E 112 -6.74 -35.17 -6.71
C THR E 112 -6.94 -33.66 -6.85
N GLY E 113 -5.82 -32.95 -7.12
CA GLY E 113 -5.86 -31.52 -7.41
C GLY E 113 -6.05 -31.29 -8.89
N TRP E 114 -5.17 -31.95 -9.67
CA TRP E 114 -5.10 -31.73 -11.10
C TRP E 114 -5.97 -32.72 -11.91
N GLY E 115 -6.46 -33.81 -11.32
CA GLY E 115 -7.22 -34.77 -12.11
C GLY E 115 -6.37 -35.99 -12.51
N GLN E 116 -7.00 -36.89 -13.27
CA GLN E 116 -6.48 -38.23 -13.48
C GLN E 116 -5.55 -38.21 -14.68
N THR E 117 -5.74 -37.26 -15.61
CA THR E 117 -4.88 -37.16 -16.79
C THR E 117 -4.53 -35.70 -17.05
N GLY E 118 -3.68 -35.49 -18.05
CA GLY E 118 -3.25 -34.18 -18.51
C GLY E 118 -1.85 -33.87 -18.01
N PRO E 119 -1.26 -32.78 -18.53
CA PRO E 119 0.16 -32.46 -18.30
C PRO E 119 0.55 -32.29 -16.82
N ARG E 120 -0.40 -31.85 -15.98
CA ARG E 120 -0.07 -31.61 -14.58
C ARG E 120 -0.50 -32.77 -13.70
N SER E 121 -0.99 -33.87 -14.28
CA SER E 121 -1.59 -34.94 -13.48
C SER E 121 -0.60 -35.53 -12.51
N GLN E 122 0.71 -35.42 -12.79
CA GLN E 122 1.68 -35.98 -11.86
C GLN E 122 2.40 -34.92 -11.03
N GLN E 123 2.14 -33.63 -11.26
CA GLN E 123 2.79 -32.57 -10.51
C GLN E 123 2.29 -32.53 -9.07
N ALA E 124 3.21 -32.43 -8.12
CA ALA E 124 2.82 -32.17 -6.74
C ALA E 124 2.11 -30.80 -6.65
N GLY E 125 1.32 -30.65 -5.60
CA GLY E 125 0.65 -29.38 -5.38
C GLY E 125 -0.10 -29.35 -4.06
N HIS E 126 -0.55 -28.12 -3.76
CA HIS E 126 -1.46 -27.86 -2.67
C HIS E 126 -2.50 -26.84 -3.14
N ASP E 127 -3.39 -26.51 -2.21
CA ASP E 127 -4.60 -25.76 -2.52
C ASP E 127 -4.25 -24.54 -3.36
N ILE E 128 -3.24 -23.80 -2.92
CA ILE E 128 -2.96 -22.50 -3.49
C ILE E 128 -2.58 -22.63 -4.98
N ASN E 129 -2.02 -23.79 -5.36
CA ASN E 129 -1.64 -24.07 -6.74
C ASN E 129 -2.89 -24.33 -7.59
N TYR E 130 -3.82 -25.13 -7.07
CA TYR E 130 -5.00 -25.54 -7.82
C TYR E 130 -5.84 -24.30 -8.14
N ILE E 131 -5.95 -23.41 -7.13
CA ILE E 131 -6.74 -22.19 -7.32
C ILE E 131 -5.98 -21.09 -8.03
N SER E 132 -4.67 -21.21 -8.21
CA SER E 132 -3.96 -20.18 -8.99
C SER E 132 -4.25 -20.34 -10.48
N LEU E 133 -4.51 -21.57 -10.92
CA LEU E 133 -4.51 -21.87 -12.34
C LEU E 133 -5.88 -21.61 -12.97
N ASN E 134 -6.93 -21.51 -12.14
CA ASN E 134 -8.28 -21.42 -12.67
C ASN E 134 -8.89 -20.05 -12.43
N GLY E 135 -8.11 -19.06 -12.00
CA GLY E 135 -8.60 -17.67 -11.91
C GLY E 135 -9.05 -17.24 -10.51
N ILE E 136 -9.25 -18.20 -9.61
CA ILE E 136 -9.77 -17.94 -8.27
C ILE E 136 -8.80 -17.09 -7.44
N LEU E 137 -7.57 -17.55 -7.25
CA LEU E 137 -6.66 -16.87 -6.35
C LEU E 137 -6.46 -15.43 -6.77
N HIS E 138 -6.42 -15.19 -8.09
CA HIS E 138 -6.18 -13.86 -8.59
C HIS E 138 -7.26 -12.90 -8.12
N ALA E 139 -8.46 -13.42 -7.84
CA ALA E 139 -9.60 -12.56 -7.56
C ALA E 139 -9.72 -12.20 -6.08
N ILE E 140 -8.90 -12.80 -5.21
CA ILE E 140 -9.03 -12.67 -3.77
C ILE E 140 -7.99 -11.73 -3.18
N GLY E 141 -8.47 -10.66 -2.50
CA GLY E 141 -7.60 -9.72 -1.80
C GLY E 141 -7.81 -8.27 -2.24
N ARG E 142 -7.07 -7.37 -1.62
CA ARG E 142 -7.12 -5.96 -1.95
C ARG E 142 -6.46 -5.70 -3.31
N GLY E 143 -6.97 -4.68 -4.00
CA GLY E 143 -6.52 -4.34 -5.33
C GLY E 143 -5.08 -3.84 -5.33
N ASP E 144 -4.62 -3.25 -4.24
CA ASP E 144 -3.31 -2.63 -4.22
C ASP E 144 -2.24 -3.59 -3.70
N GLU E 145 -2.51 -4.91 -3.74
CA GLU E 145 -1.67 -5.88 -3.07
C GLU E 145 -1.72 -7.24 -3.76
N ARG E 146 -0.74 -8.06 -3.45
CA ARG E 146 -0.71 -9.35 -4.10
C ARG E 146 -1.83 -10.26 -3.57
N PRO E 147 -2.35 -11.19 -4.39
CA PRO E 147 -3.45 -12.02 -3.93
C PRO E 147 -3.18 -12.72 -2.60
N VAL E 148 -4.25 -12.95 -1.86
CA VAL E 148 -4.12 -13.59 -0.58
C VAL E 148 -4.84 -14.94 -0.60
N PRO E 149 -4.25 -16.01 -0.06
CA PRO E 149 -4.89 -17.29 -0.05
C PRO E 149 -5.99 -17.35 1.00
N PRO E 150 -7.18 -17.81 0.59
CA PRO E 150 -8.29 -17.95 1.51
C PRO E 150 -8.17 -19.25 2.30
N LEU E 151 -7.14 -19.28 3.16
CA LEU E 151 -6.61 -20.51 3.70
C LEU E 151 -6.59 -21.57 2.60
N ASN E 152 -6.87 -22.81 2.99
CA ASN E 152 -7.07 -23.92 2.06
C ASN E 152 -8.55 -24.28 1.98
N LEU E 153 -9.46 -23.28 2.02
CA LEU E 153 -10.88 -23.56 2.11
C LEU E 153 -11.48 -23.86 0.75
N VAL E 154 -10.95 -23.25 -0.32
CA VAL E 154 -11.61 -23.22 -1.60
C VAL E 154 -11.16 -24.37 -2.49
N GLY E 155 -9.89 -24.74 -2.48
CA GLY E 155 -9.49 -25.92 -3.27
C GLY E 155 -9.64 -27.24 -2.52
N ASP E 156 -9.01 -27.35 -1.34
CA ASP E 156 -9.12 -28.57 -0.56
C ASP E 156 -10.58 -28.92 -0.21
N PHE E 157 -11.35 -27.98 0.37
CA PHE E 157 -12.60 -28.38 0.99
C PHE E 157 -13.75 -28.01 0.09
N GLY E 158 -13.99 -26.71 -0.11
CA GLY E 158 -15.11 -26.26 -0.91
C GLY E 158 -15.13 -26.94 -2.27
N GLY E 159 -13.99 -26.96 -2.97
CA GLY E 159 -13.96 -27.37 -4.35
C GLY E 159 -13.34 -28.75 -4.50
N GLY E 160 -13.11 -29.39 -3.35
CA GLY E 160 -12.27 -30.56 -3.19
C GLY E 160 -13.10 -31.70 -2.62
N SER E 161 -12.95 -31.94 -1.31
CA SER E 161 -13.74 -32.92 -0.55
C SER E 161 -15.23 -32.84 -0.82
N MET E 162 -15.80 -31.61 -0.85
CA MET E 162 -17.26 -31.51 -0.91
C MET E 162 -17.74 -32.08 -2.24
N PHE E 163 -16.94 -31.88 -3.29
CA PHE E 163 -17.27 -32.40 -4.62
C PHE E 163 -17.05 -33.92 -4.67
N LEU E 164 -16.07 -34.43 -3.92
CA LEU E 164 -15.89 -35.86 -3.75
C LEU E 164 -17.17 -36.42 -3.13
N LEU E 165 -17.68 -35.77 -2.07
CA LEU E 165 -18.89 -36.21 -1.39
C LEU E 165 -20.08 -36.21 -2.36
N VAL E 166 -20.26 -35.14 -3.13
CA VAL E 166 -21.35 -35.10 -4.07
C VAL E 166 -21.26 -36.23 -5.10
N GLY E 167 -20.04 -36.54 -5.52
CA GLY E 167 -19.83 -37.58 -6.51
C GLY E 167 -20.13 -38.97 -5.94
N ILE E 168 -19.59 -39.26 -4.76
CA ILE E 168 -19.87 -40.48 -4.05
C ILE E 168 -21.39 -40.69 -3.90
N LEU E 169 -22.10 -39.65 -3.44
CA LEU E 169 -23.50 -39.84 -3.08
C LEU E 169 -24.36 -39.85 -4.34
N ALA E 170 -24.01 -39.07 -5.37
CA ALA E 170 -24.70 -39.19 -6.64
C ALA E 170 -24.50 -40.57 -7.24
N ALA E 171 -23.33 -41.17 -7.04
CA ALA E 171 -23.03 -42.46 -7.66
C ALA E 171 -23.82 -43.57 -6.95
N LEU E 172 -23.94 -43.47 -5.61
CA LEU E 172 -24.72 -44.40 -4.80
C LEU E 172 -26.19 -44.36 -5.20
N TRP E 173 -26.68 -43.16 -5.57
CA TRP E 173 -28.02 -43.06 -6.10
C TRP E 173 -28.16 -43.79 -7.42
N GLU E 174 -27.21 -43.52 -8.33
CA GLU E 174 -27.21 -44.14 -9.65
C GLU E 174 -27.18 -45.66 -9.54
N ARG E 175 -26.48 -46.17 -8.52
CA ARG E 175 -26.27 -47.59 -8.35
C ARG E 175 -27.58 -48.28 -7.95
N GLN E 176 -28.48 -47.53 -7.32
CA GLN E 176 -29.75 -48.10 -6.87
C GLN E 176 -30.55 -48.53 -8.10
N SER E 177 -30.38 -47.87 -9.25
CA SER E 177 -31.08 -48.26 -10.47
C SER E 177 -30.23 -49.12 -11.42
N SER E 178 -28.90 -49.06 -11.33
CA SER E 178 -28.05 -49.73 -12.32
C SER E 178 -27.52 -51.06 -11.80
N GLY E 179 -27.36 -51.19 -10.47
CA GLY E 179 -26.72 -52.32 -9.83
C GLY E 179 -25.18 -52.25 -9.85
N LYS E 180 -24.60 -51.27 -10.58
CA LYS E 180 -23.14 -51.16 -10.75
C LYS E 180 -22.55 -49.90 -10.09
N GLY E 181 -21.28 -50.03 -9.65
CA GLY E 181 -20.46 -48.91 -9.21
C GLY E 181 -19.82 -48.19 -10.40
N GLN E 182 -18.85 -47.32 -10.11
CA GLN E 182 -18.16 -46.57 -11.15
C GLN E 182 -17.08 -45.72 -10.48
N VAL E 183 -16.32 -45.00 -11.27
CA VAL E 183 -15.21 -44.25 -10.71
C VAL E 183 -15.58 -42.78 -10.64
N VAL E 184 -15.35 -42.17 -9.48
CA VAL E 184 -15.50 -40.73 -9.32
C VAL E 184 -14.13 -40.05 -9.31
N ASP E 185 -13.90 -39.23 -10.35
CA ASP E 185 -12.75 -38.36 -10.54
C ASP E 185 -13.14 -36.93 -10.10
N ALA E 186 -12.75 -36.62 -8.87
CA ALA E 186 -12.91 -35.29 -8.28
C ALA E 186 -11.55 -34.58 -8.22
N ALA E 187 -11.37 -33.64 -9.15
CA ALA E 187 -10.17 -32.82 -9.20
C ALA E 187 -10.46 -31.42 -8.62
N MET E 188 -9.65 -30.97 -7.63
CA MET E 188 -9.83 -29.67 -6.97
C MET E 188 -9.93 -28.54 -7.98
N VAL E 189 -9.18 -28.64 -9.09
CA VAL E 189 -9.19 -27.58 -10.08
C VAL E 189 -10.56 -27.49 -10.77
N ASP E 190 -11.28 -28.62 -10.85
CA ASP E 190 -12.60 -28.64 -11.49
C ASP E 190 -13.67 -28.14 -10.51
N GLY E 191 -13.66 -28.77 -9.34
CA GLY E 191 -14.65 -28.50 -8.32
C GLY E 191 -14.64 -27.02 -7.91
N SER E 192 -13.44 -26.45 -7.74
CA SER E 192 -13.33 -25.08 -7.31
C SER E 192 -13.83 -24.19 -8.43
N SER E 193 -13.74 -24.63 -9.71
CA SER E 193 -14.27 -23.84 -10.80
C SER E 193 -15.81 -23.80 -10.78
N VAL E 194 -16.45 -24.90 -10.39
CA VAL E 194 -17.91 -24.92 -10.32
C VAL E 194 -18.33 -24.12 -9.08
N LEU E 195 -17.55 -24.25 -8.01
CA LEU E 195 -17.74 -23.49 -6.80
C LEU E 195 -17.88 -21.99 -7.13
N ILE E 196 -17.10 -21.50 -8.11
CA ILE E 196 -17.04 -20.08 -8.44
C ILE E 196 -17.83 -19.77 -9.72
N GLN E 197 -18.76 -20.66 -10.08
CA GLN E 197 -19.51 -20.49 -11.31
C GLN E 197 -20.21 -19.14 -11.40
N MET E 198 -20.71 -18.62 -10.29
CA MET E 198 -21.35 -17.31 -10.28
C MET E 198 -20.44 -16.24 -10.88
N MET E 199 -19.16 -16.22 -10.46
CA MET E 199 -18.27 -15.22 -11.02
C MET E 199 -18.17 -15.41 -12.53
N TRP E 200 -18.13 -16.65 -13.03
CA TRP E 200 -18.01 -16.88 -14.46
C TRP E 200 -19.27 -16.43 -15.22
N ALA E 201 -20.42 -16.55 -14.57
CA ALA E 201 -21.69 -16.05 -15.11
C ALA E 201 -21.70 -14.53 -15.12
N MET E 202 -21.45 -13.91 -13.96
CA MET E 202 -21.39 -12.46 -13.90
C MET E 202 -20.37 -11.91 -14.90
N ARG E 203 -19.27 -12.62 -15.11
CA ARG E 203 -18.22 -12.13 -15.99
C ARG E 203 -18.78 -11.99 -17.40
N ALA E 204 -19.57 -12.99 -17.82
CA ALA E 204 -20.21 -13.02 -19.14
C ALA E 204 -21.17 -11.84 -19.37
N THR E 205 -21.86 -11.37 -18.33
CA THR E 205 -22.81 -10.28 -18.46
C THR E 205 -22.20 -8.94 -18.04
N GLY E 206 -20.87 -8.84 -17.98
CA GLY E 206 -20.18 -7.62 -17.61
C GLY E 206 -20.47 -7.15 -16.18
N MET E 207 -20.92 -8.05 -15.31
CA MET E 207 -21.18 -7.72 -13.92
C MET E 207 -20.02 -8.14 -13.01
N TRP E 208 -18.91 -8.64 -13.56
CA TRP E 208 -17.73 -8.98 -12.78
C TRP E 208 -16.50 -8.72 -13.64
N THR E 209 -15.51 -7.97 -13.13
CA THR E 209 -14.25 -7.78 -13.85
C THR E 209 -13.11 -8.53 -13.16
N ASP E 210 -12.04 -8.70 -13.95
CA ASP E 210 -10.85 -9.39 -13.49
C ASP E 210 -9.97 -8.46 -12.66
N THR E 211 -10.34 -7.18 -12.53
CA THR E 211 -9.64 -6.30 -11.61
C THR E 211 -9.91 -6.74 -10.18
N ARG E 212 -8.86 -7.09 -9.43
CA ARG E 212 -8.99 -7.51 -8.05
C ARG E 212 -9.43 -6.33 -7.20
N GLY E 213 -10.38 -6.55 -6.29
CA GLY E 213 -10.82 -5.53 -5.34
C GLY E 213 -11.73 -4.45 -5.94
N ALA E 214 -12.39 -4.72 -7.05
CA ALA E 214 -13.24 -3.74 -7.71
C ALA E 214 -14.60 -4.33 -8.08
N ASN E 215 -15.11 -5.29 -7.33
CA ASN E 215 -16.39 -5.91 -7.65
C ASN E 215 -17.30 -5.88 -6.44
N MET E 216 -18.55 -6.36 -6.58
CA MET E 216 -19.53 -6.24 -5.52
C MET E 216 -19.13 -7.10 -4.33
N LEU E 217 -18.47 -8.23 -4.60
CA LEU E 217 -18.30 -9.25 -3.56
C LEU E 217 -16.85 -9.55 -3.19
N ASP E 218 -15.89 -8.75 -3.65
CA ASP E 218 -14.47 -9.03 -3.35
C ASP E 218 -13.89 -8.05 -2.35
N GLY E 219 -14.74 -7.19 -1.77
CA GLY E 219 -14.31 -6.17 -0.84
C GLY E 219 -14.29 -4.80 -1.51
N GLY E 220 -14.55 -4.75 -2.81
CA GLY E 220 -14.59 -3.50 -3.56
C GLY E 220 -15.77 -2.59 -3.20
N ALA E 221 -16.91 -3.18 -2.83
CA ALA E 221 -18.09 -2.40 -2.48
C ALA E 221 -18.04 -1.98 -1.01
N PRO E 222 -18.26 -0.67 -0.73
CA PRO E 222 -18.29 -0.19 0.63
C PRO E 222 -19.34 -0.84 1.51
N TYR E 223 -20.40 -1.33 0.88
CA TYR E 223 -21.46 -1.99 1.63
C TYR E 223 -21.23 -3.50 1.74
N TYR E 224 -20.11 -4.01 1.21
CA TYR E 224 -19.79 -5.44 1.34
C TYR E 224 -18.31 -5.62 1.66
N ASP E 225 -17.96 -5.45 2.95
CA ASP E 225 -16.58 -5.37 3.37
C ASP E 225 -16.54 -5.35 4.89
N THR E 226 -15.33 -5.40 5.46
CA THR E 226 -15.15 -5.23 6.88
C THR E 226 -14.76 -3.78 7.17
N TYR E 227 -15.02 -3.37 8.42
CA TYR E 227 -14.63 -2.06 8.92
C TYR E 227 -14.05 -2.21 10.31
N GLU E 228 -13.01 -1.42 10.54
CA GLU E 228 -12.36 -1.40 11.81
C GLU E 228 -13.12 -0.45 12.74
N CYS E 229 -13.28 -0.86 14.00
CA CYS E 229 -14.09 -0.16 14.99
C CYS E 229 -13.16 0.59 15.96
N ALA E 230 -13.74 1.31 16.93
CA ALA E 230 -12.98 2.19 17.82
C ALA E 230 -11.99 1.38 18.62
N ASP E 231 -12.29 0.11 18.88
CA ASP E 231 -11.45 -0.72 19.73
C ASP E 231 -10.43 -1.49 18.90
N GLY E 232 -10.34 -1.29 17.58
CA GLY E 232 -9.36 -2.03 16.78
C GLY E 232 -9.88 -3.39 16.31
N ARG E 233 -11.13 -3.75 16.69
CA ARG E 233 -11.77 -4.96 16.23
C ARG E 233 -12.68 -4.62 15.05
N TYR E 234 -13.29 -5.63 14.42
CA TYR E 234 -13.93 -5.44 13.13
C TYR E 234 -15.40 -5.84 13.13
N VAL E 235 -16.15 -5.24 12.18
CA VAL E 235 -17.49 -5.66 11.82
C VAL E 235 -17.50 -5.98 10.34
N ALA E 236 -18.44 -6.83 9.95
CA ALA E 236 -18.67 -7.10 8.54
C ALA E 236 -19.99 -6.48 8.13
N VAL E 237 -19.97 -5.84 6.98
CA VAL E 237 -21.14 -5.26 6.37
C VAL E 237 -21.45 -5.99 5.08
N GLY E 238 -22.71 -6.45 4.92
CA GLY E 238 -23.10 -7.16 3.73
C GLY E 238 -24.46 -6.72 3.18
N ALA E 239 -24.69 -5.40 3.30
CA ALA E 239 -25.99 -4.81 3.00
C ALA E 239 -26.08 -4.49 1.52
N ILE E 240 -26.31 -5.55 0.75
CA ILE E 240 -26.39 -5.45 -0.68
C ILE E 240 -27.73 -4.83 -1.09
N GLU E 241 -28.83 -5.38 -0.55
CA GLU E 241 -30.19 -4.97 -0.93
C GLU E 241 -30.44 -3.55 -0.41
N PRO E 242 -31.08 -2.67 -1.21
CA PRO E 242 -31.23 -1.27 -0.82
C PRO E 242 -31.88 -1.04 0.55
N GLN E 243 -32.84 -1.89 0.92
CA GLN E 243 -33.62 -1.69 2.14
C GLN E 243 -32.71 -1.95 3.31
N PHE E 244 -31.90 -3.01 3.17
CA PHE E 244 -30.99 -3.40 4.23
C PHE E 244 -29.90 -2.33 4.38
N TYR E 245 -29.40 -1.85 3.24
CA TYR E 245 -28.42 -0.76 3.22
C TYR E 245 -29.02 0.48 3.91
N ALA E 246 -30.26 0.84 3.62
CA ALA E 246 -30.84 2.03 4.27
C ALA E 246 -30.88 1.85 5.79
N ALA E 247 -31.17 0.61 6.24
CA ALA E 247 -31.28 0.31 7.65
C ALA E 247 -29.95 0.50 8.35
N MET E 248 -28.91 0.08 7.64
CA MET E 248 -27.55 0.23 8.15
C MET E 248 -27.19 1.72 8.28
N LEU E 249 -27.48 2.52 7.25
CA LEU E 249 -27.12 3.94 7.32
C LEU E 249 -27.76 4.58 8.56
N ALA E 250 -29.05 4.30 8.75
CA ALA E 250 -29.82 4.89 9.84
C ALA E 250 -29.21 4.50 11.17
N GLY E 251 -28.76 3.26 11.29
CA GLY E 251 -28.19 2.80 12.54
C GLY E 251 -26.85 3.46 12.79
N LEU E 252 -26.16 3.89 11.71
CA LEU E 252 -24.87 4.57 11.86
C LEU E 252 -25.10 6.07 12.08
N GLY E 253 -26.35 6.54 12.00
CA GLY E 253 -26.60 7.94 12.27
C GLY E 253 -26.29 8.76 11.03
N LEU E 254 -26.28 8.14 9.85
CA LEU E 254 -25.95 8.85 8.63
C LEU E 254 -27.22 9.05 7.86
N ASP E 255 -27.32 10.22 7.27
CA ASP E 255 -28.48 10.65 6.55
C ASP E 255 -28.22 10.36 5.09
N ALA E 256 -29.03 9.49 4.46
CA ALA E 256 -28.82 9.03 3.11
C ALA E 256 -28.74 10.19 2.12
N ALA E 257 -29.40 11.28 2.47
CA ALA E 257 -29.54 12.45 1.60
C ALA E 257 -28.18 13.12 1.40
N GLU E 258 -27.28 12.94 2.37
CA GLU E 258 -25.96 13.55 2.33
C GLU E 258 -24.88 12.62 1.73
N LEU E 259 -25.23 11.39 1.33
CA LEU E 259 -24.24 10.42 0.89
C LEU E 259 -24.37 10.22 -0.61
N PRO E 260 -23.31 9.74 -1.29
CA PRO E 260 -23.43 9.37 -2.69
C PRO E 260 -24.35 8.16 -2.83
N PRO E 261 -24.94 7.88 -4.00
CA PRO E 261 -25.79 6.70 -4.15
C PRO E 261 -25.03 5.40 -3.88
N GLN E 262 -25.74 4.39 -3.39
CA GLN E 262 -25.11 3.14 -2.96
C GLN E 262 -24.24 2.52 -4.06
N ASN E 263 -24.69 2.60 -5.32
CA ASN E 263 -24.10 1.89 -6.43
C ASN E 263 -23.54 2.84 -7.46
N ASP E 264 -23.18 4.07 -7.05
CA ASP E 264 -22.35 4.94 -7.88
C ASP E 264 -20.89 4.58 -7.60
N ARG E 265 -20.34 3.68 -8.42
CA ARG E 265 -19.01 3.15 -8.19
C ARG E 265 -17.96 4.26 -8.23
N ALA E 266 -18.17 5.29 -9.03
CA ALA E 266 -17.21 6.38 -9.13
C ALA E 266 -17.02 7.03 -7.76
N ARG E 267 -18.06 6.98 -6.92
CA ARG E 267 -18.06 7.67 -5.64
C ARG E 267 -17.88 6.73 -4.47
N TRP E 268 -17.53 5.48 -4.76
CA TRP E 268 -17.31 4.50 -3.72
C TRP E 268 -16.21 4.94 -2.76
N PRO E 269 -15.06 5.51 -3.20
CA PRO E 269 -14.07 5.94 -2.21
C PRO E 269 -14.65 6.96 -1.23
N GLU E 270 -15.47 7.89 -1.75
CA GLU E 270 -16.09 8.88 -0.90
C GLU E 270 -17.06 8.21 0.10
N LEU E 271 -17.94 7.33 -0.41
CA LEU E 271 -18.83 6.55 0.42
C LEU E 271 -18.06 5.75 1.48
N ARG E 272 -16.97 5.10 1.09
CA ARG E 272 -16.22 4.29 2.03
C ARG E 272 -15.64 5.15 3.15
N ALA E 273 -15.12 6.34 2.80
CA ALA E 273 -14.57 7.19 3.84
C ALA E 273 -15.64 7.54 4.88
N LEU E 274 -16.89 7.83 4.46
CA LEU E 274 -17.90 8.26 5.42
C LEU E 274 -18.31 7.09 6.32
N LEU E 275 -18.44 5.88 5.77
CA LEU E 275 -18.71 4.68 6.55
C LEU E 275 -17.54 4.36 7.49
N THR E 276 -16.31 4.51 7.00
CA THR E 276 -15.15 4.23 7.83
C THR E 276 -15.16 5.10 9.09
N GLU E 277 -15.38 6.41 8.93
CA GLU E 277 -15.42 7.33 10.07
C GLU E 277 -16.57 6.92 11.00
N ALA E 278 -17.74 6.55 10.44
CA ALA E 278 -18.88 6.18 11.28
C ALA E 278 -18.57 4.93 12.11
N PHE E 279 -18.00 3.89 11.48
CA PHE E 279 -17.79 2.66 12.24
C PHE E 279 -16.67 2.85 13.25
N ALA E 280 -15.71 3.72 12.95
CA ALA E 280 -14.56 3.92 13.82
C ALA E 280 -14.97 4.63 15.12
N SER E 281 -16.15 5.23 15.18
CA SER E 281 -16.52 6.02 16.34
C SER E 281 -17.07 5.16 17.49
N HIS E 282 -17.38 3.88 17.28
CA HIS E 282 -17.80 3.02 18.39
C HIS E 282 -17.08 1.69 18.28
N ASP E 283 -17.12 0.91 19.34
CA ASP E 283 -16.46 -0.39 19.42
C ASP E 283 -17.31 -1.49 18.79
N ARG E 284 -16.69 -2.67 18.60
CA ARG E 284 -17.33 -3.72 17.81
C ARG E 284 -18.62 -4.17 18.49
N ASP E 285 -18.57 -4.32 19.81
CA ASP E 285 -19.68 -4.86 20.56
C ASP E 285 -20.85 -3.88 20.58
N HIS E 286 -20.55 -2.58 20.66
CA HIS E 286 -21.57 -1.57 20.46
C HIS E 286 -22.32 -1.80 19.15
N TRP E 287 -21.59 -1.98 18.03
CA TRP E 287 -22.32 -2.12 16.78
C TRP E 287 -23.13 -3.40 16.79
N GLY E 288 -22.63 -4.44 17.45
CA GLY E 288 -23.29 -5.75 17.51
C GLY E 288 -24.66 -5.70 18.19
N ALA E 289 -24.73 -4.91 19.27
CA ALA E 289 -25.95 -4.67 20.03
C ALA E 289 -26.92 -3.82 19.21
N VAL E 290 -26.43 -2.67 18.79
CA VAL E 290 -27.21 -1.74 17.99
C VAL E 290 -27.87 -2.45 16.82
N PHE E 291 -27.23 -3.44 16.19
CA PHE E 291 -27.78 -4.03 14.98
C PHE E 291 -28.37 -5.43 15.19
N ALA E 292 -28.36 -5.90 16.45
CA ALA E 292 -29.06 -7.13 16.83
C ALA E 292 -30.54 -7.00 16.44
N ASN E 293 -31.05 -8.05 15.81
CA ASN E 293 -32.42 -8.16 15.36
C ASN E 293 -32.72 -7.29 14.15
N SER E 294 -31.72 -6.70 13.49
CA SER E 294 -32.00 -5.88 12.32
C SER E 294 -31.59 -6.58 11.04
N ASP E 295 -32.11 -6.05 9.93
CA ASP E 295 -31.72 -6.47 8.61
C ASP E 295 -30.58 -5.60 8.02
N ALA E 296 -29.85 -4.89 8.86
CA ALA E 296 -28.77 -4.03 8.38
C ALA E 296 -27.62 -4.86 7.77
N CYS E 297 -27.55 -6.15 8.09
CA CYS E 297 -26.49 -7.03 7.59
C CYS E 297 -25.14 -6.58 8.14
N VAL E 298 -25.09 -6.30 9.45
CA VAL E 298 -23.89 -5.89 10.13
C VAL E 298 -23.71 -6.88 11.25
N THR E 299 -22.53 -7.54 11.26
CA THR E 299 -22.21 -8.52 12.30
C THR E 299 -20.79 -8.31 12.80
N PRO E 300 -20.54 -8.69 14.06
CA PRO E 300 -19.21 -8.62 14.60
C PRO E 300 -18.31 -9.69 13.99
N VAL E 301 -17.05 -9.34 13.71
CA VAL E 301 -16.10 -10.31 13.22
C VAL E 301 -15.40 -10.95 14.39
N LEU E 302 -15.77 -12.19 14.70
CA LEU E 302 -15.25 -12.89 15.87
C LEU E 302 -14.04 -13.73 15.50
N ALA E 303 -13.03 -13.70 16.38
CA ALA E 303 -11.91 -14.64 16.30
C ALA E 303 -12.34 -15.98 16.85
N PHE E 304 -11.66 -17.05 16.42
CA PHE E 304 -12.01 -18.40 16.81
C PHE E 304 -12.28 -18.50 18.31
N GLY E 305 -11.38 -17.94 19.14
CA GLY E 305 -11.45 -18.11 20.59
C GLY E 305 -12.68 -17.44 21.22
N GLU E 306 -13.43 -16.63 20.45
CA GLU E 306 -14.57 -15.88 20.95
C GLU E 306 -15.88 -16.50 20.51
N VAL E 307 -15.81 -17.43 19.55
CA VAL E 307 -17.00 -17.96 18.92
C VAL E 307 -17.90 -18.66 19.94
N HIS E 308 -17.26 -19.35 20.89
CA HIS E 308 -17.94 -20.18 21.87
C HIS E 308 -18.82 -19.32 22.79
N ASN E 309 -18.55 -17.99 22.85
CA ASN E 309 -19.33 -17.06 23.66
C ASN E 309 -20.49 -16.39 22.92
N GLU E 310 -20.72 -16.72 21.65
CA GLU E 310 -21.73 -16.02 20.88
C GLU E 310 -23.06 -16.73 21.06
N PRO E 311 -24.08 -16.04 21.61
CA PRO E 311 -25.38 -16.65 21.87
C PRO E 311 -25.96 -17.47 20.72
N HIS E 312 -25.90 -16.98 19.47
CA HIS E 312 -26.50 -17.74 18.39
C HIS E 312 -25.74 -19.05 18.13
N ILE E 313 -24.44 -19.05 18.42
CA ILE E 313 -23.59 -20.21 18.22
C ILE E 313 -23.91 -21.25 19.29
N ILE E 314 -24.02 -20.79 20.54
CA ILE E 314 -24.28 -21.62 21.71
C ILE E 314 -25.59 -22.37 21.54
N GLU E 315 -26.65 -21.69 21.12
CA GLU E 315 -27.99 -22.24 21.23
C GLU E 315 -28.39 -23.16 20.08
N ARG E 316 -27.70 -23.07 18.93
CA ARG E 316 -27.93 -24.03 17.85
C ARG E 316 -26.99 -25.25 17.98
N ASN E 317 -26.10 -25.26 18.97
CA ASN E 317 -25.13 -26.33 19.19
C ASN E 317 -24.30 -26.55 17.92
N THR E 318 -23.76 -25.44 17.39
CA THR E 318 -22.98 -25.50 16.16
C THR E 318 -21.66 -26.18 16.50
N PHE E 319 -21.17 -26.03 17.75
CA PHE E 319 -19.95 -26.67 18.22
C PHE E 319 -20.25 -27.62 19.40
N TYR E 320 -19.33 -28.55 19.64
CA TYR E 320 -19.29 -29.36 20.84
C TYR E 320 -17.85 -29.31 21.33
N GLU E 321 -17.64 -29.59 22.61
CA GLU E 321 -16.31 -29.54 23.19
C GLU E 321 -15.64 -30.91 23.10
N ALA E 322 -14.31 -30.91 23.00
CA ALA E 322 -13.56 -32.15 22.89
C ALA E 322 -12.10 -31.87 23.18
N ASN E 323 -11.47 -32.70 24.02
CA ASN E 323 -10.02 -32.88 23.97
C ASN E 323 -9.33 -31.52 23.83
N GLY E 324 -9.51 -30.67 24.84
CA GLY E 324 -8.90 -29.34 24.91
C GLY E 324 -9.16 -28.50 23.64
N GLY E 325 -10.42 -28.44 23.20
CA GLY E 325 -10.88 -27.38 22.29
C GLY E 325 -12.22 -27.70 21.61
N TRP E 326 -12.91 -26.64 21.17
CA TRP E 326 -14.17 -26.78 20.47
C TRP E 326 -13.98 -27.33 19.05
N GLN E 327 -15.00 -28.04 18.57
CA GLN E 327 -14.98 -28.67 17.27
C GLN E 327 -16.37 -28.49 16.71
N PRO E 328 -16.53 -28.35 15.38
CA PRO E 328 -17.85 -28.20 14.82
C PRO E 328 -18.60 -29.52 14.81
N MET E 329 -19.90 -29.44 15.12
CA MET E 329 -20.80 -30.56 15.00
C MET E 329 -21.12 -30.85 13.54
N PRO E 330 -21.59 -32.07 13.23
CA PRO E 330 -21.95 -32.42 11.89
C PRO E 330 -22.83 -31.40 11.20
N ALA E 331 -22.67 -31.31 9.88
CA ALA E 331 -23.55 -30.51 9.07
C ALA E 331 -23.81 -31.30 7.81
N PRO E 332 -24.95 -31.14 7.10
CA PRO E 332 -26.09 -30.40 7.62
C PRO E 332 -26.82 -31.24 8.66
N ARG E 333 -28.10 -30.91 8.92
CA ARG E 333 -28.87 -31.54 9.98
C ARG E 333 -30.14 -32.16 9.39
N PHE E 334 -30.62 -33.24 10.03
CA PHE E 334 -31.68 -34.10 9.47
C PHE E 334 -32.78 -34.28 10.52
N SER E 335 -34.05 -34.10 10.08
CA SER E 335 -35.21 -34.09 10.99
C SER E 335 -35.44 -35.45 11.63
N ARG E 336 -35.51 -36.52 10.80
CA ARG E 336 -35.79 -37.88 11.25
C ARG E 336 -34.51 -38.60 11.71
N THR E 337 -33.52 -38.80 10.80
CA THR E 337 -32.31 -39.57 11.14
C THR E 337 -31.17 -38.63 11.50
N ALA E 338 -31.21 -38.12 12.75
CA ALA E 338 -30.32 -37.04 13.14
C ALA E 338 -28.94 -37.64 13.35
N SER E 339 -27.90 -36.88 12.93
CA SER E 339 -26.54 -37.20 13.32
C SER E 339 -26.44 -37.21 14.84
N SER E 340 -25.36 -37.78 15.34
CA SER E 340 -25.03 -37.74 16.74
C SER E 340 -23.65 -37.11 16.88
N GLN E 341 -23.23 -36.94 18.13
CA GLN E 341 -21.97 -36.29 18.41
C GLN E 341 -20.83 -37.15 17.91
N PRO E 342 -19.82 -36.58 17.20
CA PRO E 342 -18.67 -37.38 16.76
C PRO E 342 -17.97 -38.16 17.87
N ARG E 343 -17.52 -39.37 17.49
CA ARG E 343 -16.64 -40.22 18.29
C ARG E 343 -15.23 -39.77 18.04
N PRO E 344 -14.44 -39.48 19.10
CA PRO E 344 -13.03 -39.16 18.95
C PRO E 344 -12.20 -40.31 18.39
N PRO E 345 -11.04 -40.05 17.76
CA PRO E 345 -10.25 -41.15 17.23
C PRO E 345 -9.92 -42.16 18.33
N ALA E 346 -10.07 -43.44 17.99
CA ALA E 346 -9.73 -44.54 18.89
C ALA E 346 -8.31 -44.99 18.61
N ALA E 347 -7.83 -45.95 19.40
CA ALA E 347 -6.61 -46.68 19.10
C ALA E 347 -6.90 -47.66 17.96
N THR E 348 -5.82 -48.18 17.37
CA THR E 348 -5.87 -49.05 16.21
C THR E 348 -6.54 -50.39 16.56
N ILE E 349 -7.83 -50.52 16.22
CA ILE E 349 -8.40 -51.81 15.85
C ILE E 349 -7.54 -52.39 14.71
N ASP E 350 -7.22 -53.70 14.75
CA ASP E 350 -6.48 -54.34 13.67
C ASP E 350 -7.44 -55.19 12.82
N ILE E 351 -7.01 -55.44 11.59
CA ILE E 351 -7.91 -55.43 10.44
C ILE E 351 -8.73 -56.72 10.32
N GLU E 352 -8.41 -57.74 11.11
CA GLU E 352 -9.16 -58.99 11.13
C GLU E 352 -10.49 -58.80 11.84
N ALA E 353 -10.43 -58.01 12.93
CA ALA E 353 -11.56 -57.64 13.76
C ALA E 353 -12.69 -57.02 12.94
N VAL E 354 -12.31 -56.16 11.98
CA VAL E 354 -13.27 -55.46 11.13
C VAL E 354 -13.91 -56.44 10.15
N LEU E 355 -13.10 -57.30 9.53
CA LEU E 355 -13.61 -58.31 8.60
C LEU E 355 -14.61 -59.22 9.30
N THR E 356 -14.36 -59.54 10.59
CA THR E 356 -15.31 -60.27 11.42
C THR E 356 -16.63 -59.50 11.40
N ASP E 357 -16.58 -58.24 11.88
CA ASP E 357 -17.74 -57.37 12.00
C ASP E 357 -18.51 -57.32 10.67
N TRP E 358 -17.79 -57.12 9.56
CA TRP E 358 -18.43 -57.01 8.25
C TRP E 358 -18.78 -58.37 7.64
N ASP E 359 -18.49 -59.47 8.36
CA ASP E 359 -18.77 -60.83 7.95
C ASP E 359 -17.93 -61.17 6.71
N MET F 1 -31.57 -37.70 -20.17
CA MET F 1 -30.70 -36.74 -19.43
C MET F 1 -29.43 -37.46 -18.97
N ALA F 2 -28.26 -36.99 -19.45
CA ALA F 2 -26.98 -37.62 -19.13
C ALA F 2 -26.60 -37.37 -17.67
N GLY F 3 -26.00 -38.36 -17.01
CA GLY F 3 -25.40 -38.16 -15.70
C GLY F 3 -25.96 -39.06 -14.59
N PRO F 4 -25.28 -39.13 -13.43
CA PRO F 4 -25.64 -40.08 -12.40
C PRO F 4 -26.97 -39.83 -11.71
N LEU F 5 -27.42 -38.56 -11.70
CA LEU F 5 -28.67 -38.22 -11.06
C LEU F 5 -29.85 -38.28 -12.04
N SER F 6 -29.62 -38.82 -13.24
CA SER F 6 -30.70 -39.03 -14.21
C SER F 6 -31.91 -39.65 -13.49
N GLY F 7 -33.08 -39.05 -13.73
CA GLY F 7 -34.33 -39.53 -13.19
C GLY F 7 -34.70 -38.90 -11.86
N LEU F 8 -33.79 -38.15 -11.24
CA LEU F 8 -34.13 -37.45 -10.01
C LEU F 8 -34.89 -36.17 -10.40
N ARG F 9 -35.95 -35.88 -9.63
CA ARG F 9 -36.81 -34.75 -9.95
C ARG F 9 -36.73 -33.70 -8.85
N VAL F 10 -36.52 -32.44 -9.28
CA VAL F 10 -36.20 -31.40 -8.30
C VAL F 10 -37.10 -30.18 -8.52
N VAL F 11 -37.67 -29.75 -7.39
CA VAL F 11 -38.43 -28.50 -7.35
C VAL F 11 -37.67 -27.46 -6.51
N GLU F 12 -37.38 -26.34 -7.18
CA GLU F 12 -36.57 -25.27 -6.62
C GLU F 12 -37.44 -24.01 -6.55
N LEU F 13 -37.70 -23.57 -5.33
CA LEU F 13 -38.31 -22.27 -5.14
C LEU F 13 -37.27 -21.15 -5.22
N ALA F 14 -37.34 -20.37 -6.30
CA ALA F 14 -36.33 -19.40 -6.71
C ALA F 14 -35.90 -18.53 -5.54
N GLY F 15 -34.58 -18.56 -5.30
CA GLY F 15 -33.94 -17.81 -4.23
C GLY F 15 -32.64 -17.20 -4.76
N ILE F 16 -31.71 -16.89 -3.85
CA ILE F 16 -30.43 -16.34 -4.30
C ILE F 16 -29.30 -17.08 -3.57
N GLY F 17 -28.14 -17.17 -4.25
CA GLY F 17 -26.94 -17.69 -3.64
C GLY F 17 -26.91 -19.22 -3.65
N PRO F 18 -26.93 -19.84 -2.47
CA PRO F 18 -26.67 -21.28 -2.35
C PRO F 18 -27.74 -22.15 -3.01
N GLY F 19 -29.00 -21.78 -2.78
CA GLY F 19 -30.15 -22.49 -3.33
C GLY F 19 -30.00 -22.74 -4.80
N PRO F 20 -29.91 -21.72 -5.65
CA PRO F 20 -29.70 -21.95 -7.07
C PRO F 20 -28.40 -22.67 -7.43
N HIS F 21 -27.38 -22.62 -6.54
CA HIS F 21 -26.11 -23.23 -6.90
C HIS F 21 -26.25 -24.75 -6.73
N ALA F 22 -26.84 -25.17 -5.61
CA ALA F 22 -27.11 -26.57 -5.36
C ALA F 22 -28.06 -27.15 -6.42
N ALA F 23 -29.03 -26.37 -6.88
CA ALA F 23 -29.92 -26.83 -7.93
C ALA F 23 -29.17 -26.96 -9.23
N MET F 24 -28.28 -26.01 -9.50
CA MET F 24 -27.51 -26.03 -10.72
C MET F 24 -26.77 -27.36 -10.81
N ILE F 25 -26.16 -27.75 -9.69
CA ILE F 25 -25.27 -28.90 -9.69
C ILE F 25 -26.12 -30.17 -9.84
N LEU F 26 -27.28 -30.26 -9.16
CA LEU F 26 -28.20 -31.36 -9.36
C LEU F 26 -28.53 -31.52 -10.85
N GLY F 27 -28.88 -30.44 -11.51
CA GLY F 27 -29.09 -30.45 -12.95
C GLY F 27 -27.84 -30.76 -13.78
N ASP F 28 -26.70 -30.18 -13.41
CA ASP F 28 -25.43 -30.51 -14.02
C ASP F 28 -25.28 -32.03 -14.12
N LEU F 29 -25.56 -32.76 -13.02
CA LEU F 29 -25.36 -34.19 -12.88
C LEU F 29 -26.53 -35.05 -13.39
N GLY F 30 -27.56 -34.44 -14.02
CA GLY F 30 -28.58 -35.20 -14.73
C GLY F 30 -29.99 -35.10 -14.13
N ALA F 31 -30.15 -34.59 -12.91
CA ALA F 31 -31.47 -34.30 -12.35
C ALA F 31 -32.30 -33.39 -13.25
N ASP F 32 -33.63 -33.61 -13.13
CA ASP F 32 -34.68 -32.83 -13.77
C ASP F 32 -35.16 -31.75 -12.78
N VAL F 33 -34.82 -30.50 -13.09
CA VAL F 33 -34.90 -29.42 -12.11
C VAL F 33 -35.90 -28.41 -12.66
N VAL F 34 -36.94 -28.18 -11.85
CA VAL F 34 -37.98 -27.25 -12.27
C VAL F 34 -37.96 -26.15 -11.23
N ARG F 35 -37.74 -24.94 -11.76
CA ARG F 35 -37.56 -23.76 -10.92
C ARG F 35 -38.79 -22.85 -10.96
N ILE F 36 -39.45 -22.69 -9.81
CA ILE F 36 -40.63 -21.83 -9.65
C ILE F 36 -40.23 -20.44 -9.13
N ASP F 37 -40.24 -19.47 -10.04
CA ASP F 37 -40.11 -18.06 -9.73
C ASP F 37 -41.45 -17.31 -9.68
N ARG F 38 -41.47 -16.13 -9.03
CA ARG F 38 -42.51 -15.12 -9.17
C ARG F 38 -42.67 -14.68 -10.62
N PRO F 39 -43.89 -14.45 -11.15
CA PRO F 39 -44.03 -13.91 -12.50
C PRO F 39 -43.57 -12.45 -12.59
N SER F 40 -43.57 -11.78 -11.42
CA SER F 40 -43.10 -10.40 -11.28
C SER F 40 -41.64 -10.28 -11.68
N SER F 41 -40.87 -11.37 -11.63
CA SER F 41 -39.49 -11.36 -12.09
C SER F 41 -39.24 -12.52 -13.04
N VAL F 42 -39.36 -12.29 -14.36
CA VAL F 42 -39.01 -13.32 -15.33
C VAL F 42 -38.71 -12.70 -16.70
N ASP F 43 -39.65 -11.94 -17.27
CA ASP F 43 -39.63 -11.56 -18.68
C ASP F 43 -40.02 -12.78 -19.53
N ILE F 45 -36.06 -15.38 -20.85
CA ILE F 45 -34.79 -16.16 -21.03
C ILE F 45 -33.69 -15.45 -20.22
N SER F 46 -33.18 -16.13 -19.17
CA SER F 46 -32.21 -15.55 -18.24
C SER F 46 -30.81 -15.49 -18.85
N ARG F 47 -30.09 -14.41 -18.55
CA ARG F 47 -28.69 -14.25 -18.95
C ARG F 47 -27.79 -14.60 -17.75
N ASP F 48 -28.39 -15.23 -16.72
CA ASP F 48 -27.67 -15.81 -15.59
C ASP F 48 -27.36 -17.28 -15.89
N ALA F 49 -26.09 -17.58 -16.19
CA ALA F 49 -25.65 -18.93 -16.54
C ALA F 49 -25.75 -19.93 -15.38
N MET F 50 -25.96 -19.48 -14.13
CA MET F 50 -26.22 -20.36 -12.98
C MET F 50 -27.60 -21.03 -13.04
N LEU F 51 -28.50 -20.51 -13.90
CA LEU F 51 -29.80 -21.12 -14.16
C LEU F 51 -29.74 -22.03 -15.39
N ARG F 52 -28.58 -22.64 -15.64
CA ARG F 52 -28.47 -23.70 -16.62
C ARG F 52 -29.12 -24.98 -16.08
N ASN F 53 -29.39 -25.93 -17.01
CA ASN F 53 -29.97 -27.24 -16.69
C ASN F 53 -31.25 -27.08 -15.84
N ARG F 54 -32.15 -26.21 -16.33
CA ARG F 54 -33.37 -25.80 -15.63
C ARG F 54 -34.55 -25.73 -16.61
N ARG F 55 -35.74 -26.08 -16.10
CA ARG F 55 -36.96 -25.55 -16.68
C ARG F 55 -37.51 -24.49 -15.72
N ILE F 56 -37.80 -23.30 -16.26
CA ILE F 56 -38.28 -22.18 -15.44
C ILE F 56 -39.80 -22.07 -15.60
N VAL F 57 -40.55 -22.22 -14.49
CA VAL F 57 -41.96 -21.86 -14.46
C VAL F 57 -42.20 -20.71 -13.47
N THR F 58 -43.20 -19.86 -13.76
CA THR F 58 -43.63 -18.79 -12.87
C THR F 58 -44.92 -19.21 -12.16
N ALA F 59 -45.26 -18.57 -11.05
CA ALA F 59 -46.42 -18.98 -10.29
C ALA F 59 -46.53 -18.22 -8.97
N ASP F 60 -47.38 -17.18 -8.95
CA ASP F 60 -47.69 -16.49 -7.70
C ASP F 60 -48.19 -17.50 -6.68
N LEU F 61 -47.41 -17.69 -5.61
CA LEU F 61 -47.66 -18.69 -4.58
C LEU F 61 -48.50 -18.14 -3.45
N LYS F 62 -48.80 -16.85 -3.52
CA LYS F 62 -49.73 -16.28 -2.56
C LYS F 62 -51.14 -16.64 -3.01
N SER F 63 -51.38 -16.68 -4.34
CA SER F 63 -52.69 -16.94 -4.92
C SER F 63 -53.07 -18.41 -4.78
N ASP F 64 -54.39 -18.66 -4.65
CA ASP F 64 -54.94 -19.95 -4.29
C ASP F 64 -54.49 -21.00 -5.30
N GLN F 65 -54.46 -20.61 -6.56
CA GLN F 65 -54.11 -21.53 -7.60
C GLN F 65 -52.61 -21.88 -7.54
N GLY F 66 -51.77 -20.85 -7.47
CA GLY F 66 -50.32 -21.05 -7.36
C GLY F 66 -49.99 -22.07 -6.27
N LEU F 67 -50.53 -21.92 -5.06
CA LEU F 67 -50.25 -22.88 -4.00
C LEU F 67 -50.53 -24.30 -4.50
N GLU F 68 -51.69 -24.49 -5.14
CA GLU F 68 -52.13 -25.81 -5.55
C GLU F 68 -51.25 -26.34 -6.70
N LEU F 69 -51.02 -25.55 -7.76
CA LEU F 69 -50.23 -25.99 -8.92
C LEU F 69 -48.79 -26.39 -8.54
N ALA F 70 -48.28 -25.83 -7.44
CA ALA F 70 -46.94 -26.13 -6.97
C ALA F 70 -46.95 -27.30 -6.00
N LEU F 71 -48.07 -27.49 -5.28
CA LEU F 71 -48.18 -28.59 -4.32
C LEU F 71 -48.28 -29.93 -5.06
N LYS F 72 -48.65 -29.85 -6.35
CA LYS F 72 -48.79 -30.99 -7.24
C LYS F 72 -47.50 -31.29 -8.00
N LEU F 73 -46.65 -30.27 -8.25
CA LEU F 73 -45.30 -30.51 -8.73
C LEU F 73 -44.55 -31.24 -7.62
N ILE F 74 -44.71 -30.76 -6.41
CA ILE F 74 -44.00 -31.31 -5.27
C ILE F 74 -44.43 -32.74 -5.03
N ALA F 75 -45.67 -33.04 -5.44
CA ALA F 75 -46.26 -34.34 -5.18
C ALA F 75 -45.57 -35.41 -6.04
N LYS F 76 -45.20 -35.04 -7.28
CA LYS F 76 -44.62 -35.91 -8.28
C LYS F 76 -43.09 -35.80 -8.33
N ALA F 77 -42.44 -35.31 -7.25
CA ALA F 77 -41.04 -34.95 -7.30
C ALA F 77 -40.31 -35.49 -6.07
N ASP F 78 -38.97 -35.63 -6.20
CA ASP F 78 -38.11 -36.22 -5.18
C ASP F 78 -37.57 -35.22 -4.18
N VAL F 79 -37.31 -34.00 -4.68
CA VAL F 79 -36.59 -33.01 -3.89
C VAL F 79 -37.26 -31.64 -4.02
N LEU F 80 -37.40 -31.00 -2.85
CA LEU F 80 -37.72 -29.58 -2.84
C LEU F 80 -36.57 -28.78 -2.21
N ILE F 81 -36.21 -27.67 -2.89
CA ILE F 81 -35.25 -26.69 -2.37
C ILE F 81 -35.95 -25.34 -2.19
N GLU F 82 -35.77 -24.81 -0.99
CA GLU F 82 -36.16 -23.45 -0.65
C GLU F 82 -35.03 -22.77 0.14
N GLY F 83 -34.83 -21.47 -0.14
CA GLY F 83 -33.79 -20.68 0.52
C GLY F 83 -34.31 -19.37 1.11
N TYR F 84 -35.51 -19.41 1.70
CA TYR F 84 -36.14 -18.22 2.23
C TYR F 84 -35.92 -18.25 3.73
N ARG F 85 -36.25 -17.14 4.39
CA ARG F 85 -36.16 -17.07 5.83
C ARG F 85 -37.06 -18.17 6.39
N PRO F 86 -36.78 -18.65 7.59
CA PRO F 86 -37.69 -19.58 8.22
C PRO F 86 -39.09 -18.99 8.37
N GLY F 87 -40.12 -19.81 8.10
CA GLY F 87 -41.50 -19.40 8.27
C GLY F 87 -42.11 -19.09 6.91
N VAL F 88 -41.26 -18.76 5.94
CA VAL F 88 -41.86 -18.24 4.73
C VAL F 88 -42.63 -19.32 3.97
N THR F 89 -42.16 -20.59 4.05
CA THR F 89 -42.79 -21.66 3.28
C THR F 89 -44.04 -22.13 4.03
N GLU F 90 -43.95 -22.28 5.35
CA GLU F 90 -45.11 -22.52 6.19
C GLU F 90 -46.26 -21.60 5.74
N ARG F 91 -45.98 -20.30 5.59
CA ARG F 91 -47.04 -19.30 5.52
C ARG F 91 -47.56 -19.27 4.10
N LEU F 92 -46.76 -19.74 3.16
CA LEU F 92 -47.31 -20.06 1.86
C LEU F 92 -48.11 -21.38 1.93
N GLY F 93 -48.03 -22.13 3.05
CA GLY F 93 -48.52 -23.51 3.15
C GLY F 93 -47.81 -24.49 2.18
N LEU F 94 -46.52 -24.22 1.90
CA LEU F 94 -45.63 -25.11 1.18
C LEU F 94 -44.58 -25.57 2.19
N GLY F 95 -44.91 -25.50 3.48
CA GLY F 95 -44.01 -25.93 4.54
C GLY F 95 -43.71 -27.42 4.44
N PRO F 96 -42.94 -27.98 5.40
CA PRO F 96 -42.66 -29.41 5.42
C PRO F 96 -43.92 -30.25 5.60
N GLU F 97 -44.75 -29.91 6.59
CA GLU F 97 -45.88 -30.75 6.96
C GLU F 97 -46.94 -30.75 5.87
N GLU F 98 -47.17 -29.58 5.28
CA GLU F 98 -48.04 -29.43 4.13
C GLU F 98 -47.54 -30.23 2.92
N CYS F 99 -46.21 -30.35 2.79
CA CYS F 99 -45.62 -31.08 1.67
C CYS F 99 -45.68 -32.57 2.02
N ALA F 100 -45.42 -32.93 3.29
CA ALA F 100 -45.41 -34.30 3.76
C ALA F 100 -46.79 -34.96 3.68
N LYS F 101 -47.83 -34.14 3.46
CA LYS F 101 -49.17 -34.63 3.35
C LYS F 101 -49.42 -35.06 1.91
N VAL F 102 -48.67 -34.55 0.95
CA VAL F 102 -48.96 -34.88 -0.44
C VAL F 102 -47.84 -35.71 -1.07
N ASN F 103 -46.87 -36.15 -0.25
CA ASN F 103 -45.65 -36.77 -0.76
C ASN F 103 -44.66 -36.88 0.39
N ASP F 104 -44.80 -37.93 1.21
CA ASP F 104 -43.88 -38.19 2.30
C ASP F 104 -42.59 -38.88 1.80
N ARG F 105 -42.36 -38.90 0.49
CA ARG F 105 -41.06 -39.35 -0.01
C ARG F 105 -40.14 -38.15 -0.27
N LEU F 106 -40.61 -36.94 0.10
CA LEU F 106 -39.96 -35.71 -0.32
C LEU F 106 -38.68 -35.53 0.49
N ILE F 107 -37.62 -35.11 -0.23
CA ILE F 107 -36.51 -34.50 0.48
C ILE F 107 -36.71 -33.00 0.48
N TYR F 108 -36.88 -32.49 1.71
CA TYR F 108 -37.34 -31.13 1.94
C TYR F 108 -36.11 -30.31 2.33
N ALA F 109 -35.50 -29.62 1.35
CA ALA F 109 -34.16 -29.11 1.64
C ALA F 109 -34.20 -27.60 1.90
N ARG F 110 -33.83 -27.23 3.13
CA ARG F 110 -33.85 -25.86 3.63
C ARG F 110 -32.44 -25.23 3.78
N MET F 111 -32.21 -24.22 2.93
CA MET F 111 -30.95 -23.47 2.79
C MET F 111 -31.09 -22.09 3.44
N THR F 112 -30.46 -21.94 4.60
CA THR F 112 -30.34 -20.66 5.26
C THR F 112 -28.89 -20.36 5.67
N GLY F 113 -28.68 -19.15 6.23
CA GLY F 113 -27.40 -18.77 6.80
C GLY F 113 -27.30 -19.06 8.28
N TRP F 114 -28.31 -18.61 9.04
CA TRP F 114 -28.25 -18.73 10.49
C TRP F 114 -28.99 -19.99 10.96
N GLY F 115 -29.71 -20.70 10.07
CA GLY F 115 -30.45 -21.88 10.50
C GLY F 115 -31.94 -21.60 10.76
N GLN F 116 -32.60 -22.58 11.41
CA GLN F 116 -34.06 -22.59 11.45
C GLN F 116 -34.54 -21.91 12.73
N THR F 117 -33.74 -21.93 13.80
CA THR F 117 -34.07 -21.26 15.05
C THR F 117 -32.86 -20.52 15.60
N GLY F 118 -33.11 -19.79 16.70
CA GLY F 118 -32.09 -19.10 17.50
C GLY F 118 -32.21 -17.60 17.27
N PRO F 119 -31.46 -16.78 18.03
CA PRO F 119 -31.66 -15.32 17.97
C PRO F 119 -31.44 -14.61 16.62
N ARG F 120 -30.61 -15.19 15.70
CA ARG F 120 -30.29 -14.49 14.47
C ARG F 120 -31.13 -15.01 13.32
N SER F 121 -32.04 -15.94 13.63
CA SER F 121 -32.65 -16.76 12.59
C SER F 121 -33.53 -15.96 11.67
N GLN F 122 -33.95 -14.75 12.12
CA GLN F 122 -34.73 -13.88 11.23
C GLN F 122 -33.95 -12.69 10.66
N GLN F 123 -32.69 -12.47 11.09
CA GLN F 123 -31.85 -11.42 10.52
C GLN F 123 -31.47 -11.69 9.05
N ALA F 124 -31.69 -10.72 8.17
CA ALA F 124 -31.11 -10.77 6.84
C ALA F 124 -29.57 -10.91 6.91
N GLY F 125 -29.00 -11.41 5.82
CA GLY F 125 -27.58 -11.73 5.85
C GLY F 125 -27.08 -12.12 4.46
N HIS F 126 -25.74 -12.00 4.30
CA HIS F 126 -25.05 -12.56 3.16
C HIS F 126 -23.83 -13.35 3.66
N ASP F 127 -23.14 -14.00 2.71
CA ASP F 127 -21.97 -14.82 3.03
C ASP F 127 -21.08 -14.14 4.06
N ILE F 128 -20.70 -12.88 3.81
CA ILE F 128 -19.75 -12.21 4.66
C ILE F 128 -20.22 -12.20 6.11
N ASN F 129 -21.56 -12.11 6.33
CA ASN F 129 -22.09 -12.11 7.69
C ASN F 129 -21.93 -13.49 8.38
N TYR F 130 -22.27 -14.55 7.63
CA TYR F 130 -22.29 -15.90 8.18
C TYR F 130 -20.86 -16.32 8.55
N ILE F 131 -19.84 -15.99 7.73
CA ILE F 131 -18.48 -16.36 8.09
C ILE F 131 -17.84 -15.43 9.12
N SER F 132 -18.48 -14.30 9.45
CA SER F 132 -17.92 -13.38 10.43
C SER F 132 -18.10 -13.91 11.84
N LEU F 133 -19.22 -14.64 12.07
CA LEU F 133 -19.64 -15.09 13.39
C LEU F 133 -18.91 -16.35 13.87
N ASN F 134 -18.35 -17.15 12.94
CA ASN F 134 -17.76 -18.41 13.32
C ASN F 134 -16.23 -18.43 13.18
N GLY F 135 -15.58 -17.26 13.10
CA GLY F 135 -14.13 -17.23 13.16
C GLY F 135 -13.44 -17.23 11.80
N ILE F 136 -14.18 -17.47 10.72
CA ILE F 136 -13.58 -17.71 9.40
C ILE F 136 -13.05 -16.40 8.81
N LEU F 137 -13.90 -15.37 8.76
CA LEU F 137 -13.50 -14.14 8.14
C LEU F 137 -12.29 -13.51 8.85
N HIS F 138 -12.29 -13.55 10.16
CA HIS F 138 -11.22 -12.97 10.95
C HIS F 138 -9.86 -13.55 10.53
N ALA F 139 -9.86 -14.79 10.04
CA ALA F 139 -8.62 -15.50 9.76
C ALA F 139 -8.10 -15.27 8.34
N ILE F 140 -8.79 -14.47 7.54
CA ILE F 140 -8.46 -14.28 6.13
C ILE F 140 -7.95 -12.87 5.86
N GLY F 141 -6.74 -12.80 5.31
CA GLY F 141 -6.14 -11.55 4.90
C GLY F 141 -4.77 -11.35 5.54
N ARG F 142 -4.13 -10.25 5.18
CA ARG F 142 -2.84 -9.91 5.77
C ARG F 142 -3.02 -9.42 7.20
N GLY F 143 -1.95 -9.64 8.00
CA GLY F 143 -1.93 -9.39 9.43
C GLY F 143 -2.06 -7.90 9.77
N ASP F 144 -1.63 -7.04 8.86
CA ASP F 144 -1.59 -5.61 9.17
C ASP F 144 -2.76 -4.90 8.52
N GLU F 145 -3.82 -5.64 8.17
CA GLU F 145 -4.96 -5.09 7.46
C GLU F 145 -6.22 -5.72 8.01
N ARG F 146 -7.35 -5.09 7.73
CA ARG F 146 -8.61 -5.67 8.12
C ARG F 146 -8.91 -6.91 7.28
N PRO F 147 -9.74 -7.83 7.81
CA PRO F 147 -10.07 -9.05 7.11
C PRO F 147 -10.62 -8.76 5.73
N VAL F 148 -10.34 -9.68 4.81
CA VAL F 148 -10.82 -9.51 3.46
C VAL F 148 -11.72 -10.69 3.13
N PRO F 149 -12.88 -10.41 2.51
CA PRO F 149 -13.81 -11.46 2.17
C PRO F 149 -13.28 -12.36 1.06
N PRO F 150 -13.31 -13.71 1.23
CA PRO F 150 -12.92 -14.60 0.15
C PRO F 150 -14.02 -14.77 -0.89
N LEU F 151 -14.32 -13.68 -1.57
CA LEU F 151 -15.56 -13.57 -2.33
C LEU F 151 -16.69 -14.16 -1.49
N ASN F 152 -17.68 -14.79 -2.14
CA ASN F 152 -18.72 -15.50 -1.43
C ASN F 152 -18.53 -17.00 -1.56
N LEU F 153 -17.29 -17.47 -1.44
CA LEU F 153 -16.98 -18.87 -1.76
C LEU F 153 -17.17 -19.77 -0.56
N VAL F 154 -16.93 -19.24 0.64
CA VAL F 154 -16.85 -20.09 1.78
C VAL F 154 -18.21 -20.27 2.43
N GLY F 155 -19.02 -19.22 2.50
CA GLY F 155 -20.30 -19.34 3.20
C GLY F 155 -21.42 -19.77 2.25
N ASP F 156 -21.58 -19.11 1.10
CA ASP F 156 -22.61 -19.45 0.15
C ASP F 156 -22.39 -20.84 -0.47
N PHE F 157 -21.18 -21.11 -0.97
CA PHE F 157 -20.95 -22.25 -1.85
C PHE F 157 -20.31 -23.36 -1.05
N GLY F 158 -19.04 -23.22 -0.66
CA GLY F 158 -18.35 -24.28 0.03
C GLY F 158 -19.10 -24.75 1.27
N GLY F 159 -19.55 -23.80 2.10
CA GLY F 159 -20.19 -24.09 3.39
C GLY F 159 -21.72 -24.07 3.33
N GLY F 160 -22.28 -23.91 2.15
CA GLY F 160 -23.68 -23.57 1.96
C GLY F 160 -24.32 -24.59 1.04
N SER F 161 -24.26 -24.32 -0.26
CA SER F 161 -24.82 -25.18 -1.29
C SER F 161 -24.27 -26.60 -1.19
N MET F 162 -22.96 -26.73 -0.96
CA MET F 162 -22.38 -28.06 -1.06
C MET F 162 -22.87 -28.92 0.09
N PHE F 163 -23.11 -28.31 1.24
CA PHE F 163 -23.61 -29.05 2.40
C PHE F 163 -25.10 -29.36 2.22
N LEU F 164 -25.83 -28.50 1.52
CA LEU F 164 -27.21 -28.79 1.14
C LEU F 164 -27.20 -30.05 0.25
N LEU F 165 -26.32 -30.05 -0.77
CA LEU F 165 -26.22 -31.15 -1.73
C LEU F 165 -25.93 -32.49 -1.05
N VAL F 166 -24.97 -32.48 -0.13
CA VAL F 166 -24.62 -33.63 0.67
C VAL F 166 -25.85 -34.10 1.46
N GLY F 167 -26.59 -33.15 2.05
CA GLY F 167 -27.75 -33.53 2.87
C GLY F 167 -28.85 -34.17 2.00
N ILE F 168 -29.15 -33.49 0.91
CA ILE F 168 -30.09 -34.01 -0.06
C ILE F 168 -29.68 -35.42 -0.46
N LEU F 169 -28.40 -35.61 -0.83
CA LEU F 169 -27.99 -36.85 -1.47
C LEU F 169 -27.90 -37.94 -0.42
N ALA F 170 -27.46 -37.61 0.80
CA ALA F 170 -27.44 -38.56 1.90
C ALA F 170 -28.84 -39.00 2.30
N ALA F 171 -29.82 -38.12 2.10
CA ALA F 171 -31.16 -38.40 2.56
C ALA F 171 -31.86 -39.26 1.52
N LEU F 172 -31.50 -39.09 0.24
CA LEU F 172 -31.93 -39.99 -0.81
C LEU F 172 -31.41 -41.41 -0.58
N TRP F 173 -30.24 -41.56 0.07
CA TRP F 173 -29.69 -42.88 0.37
C TRP F 173 -30.48 -43.51 1.51
N GLU F 174 -30.74 -42.72 2.55
CA GLU F 174 -31.54 -43.16 3.69
C GLU F 174 -32.95 -43.57 3.23
N ARG F 175 -33.54 -42.81 2.30
CA ARG F 175 -34.88 -43.05 1.77
C ARG F 175 -34.98 -44.42 1.09
N GLN F 176 -33.86 -44.90 0.54
CA GLN F 176 -33.84 -46.17 -0.18
C GLN F 176 -34.25 -47.34 0.72
N SER F 177 -33.96 -47.24 2.02
CA SER F 177 -34.26 -48.30 2.98
C SER F 177 -35.32 -47.90 4.02
N SER F 178 -35.91 -46.69 3.93
CA SER F 178 -36.92 -46.29 4.91
C SER F 178 -38.24 -46.02 4.21
N GLY F 179 -38.23 -45.79 2.89
CA GLY F 179 -39.42 -45.43 2.12
C GLY F 179 -39.85 -43.97 2.27
N LYS F 180 -39.21 -43.24 3.20
CA LYS F 180 -39.62 -41.91 3.65
C LYS F 180 -38.62 -40.82 3.24
N GLY F 181 -39.15 -39.65 2.89
CA GLY F 181 -38.38 -38.41 2.87
C GLY F 181 -38.07 -37.90 4.28
N GLN F 182 -37.64 -36.62 4.35
CA GLN F 182 -37.33 -35.93 5.60
C GLN F 182 -36.79 -34.52 5.25
N VAL F 183 -36.46 -33.78 6.33
CA VAL F 183 -36.09 -32.36 6.20
C VAL F 183 -34.58 -32.20 6.45
N VAL F 184 -33.95 -31.57 5.46
CA VAL F 184 -32.52 -31.20 5.56
C VAL F 184 -32.41 -29.70 5.91
N ASP F 185 -31.84 -29.44 7.08
CA ASP F 185 -31.58 -28.09 7.57
C ASP F 185 -30.08 -27.78 7.41
N ALA F 186 -29.77 -27.09 6.31
CA ALA F 186 -28.43 -26.65 5.97
C ALA F 186 -28.26 -25.16 6.28
N ALA F 187 -27.48 -24.86 7.31
CA ALA F 187 -27.15 -23.49 7.65
C ALA F 187 -25.67 -23.19 7.30
N MET F 188 -25.45 -22.07 6.58
CA MET F 188 -24.11 -21.68 6.16
C MET F 188 -23.19 -21.52 7.36
N VAL F 189 -23.68 -21.10 8.52
CA VAL F 189 -22.82 -20.96 9.67
C VAL F 189 -22.33 -22.31 10.18
N ASP F 190 -23.10 -23.37 9.91
CA ASP F 190 -22.71 -24.71 10.34
C ASP F 190 -21.79 -25.36 9.29
N GLY F 191 -22.24 -25.37 8.04
CA GLY F 191 -21.51 -25.96 6.94
C GLY F 191 -20.11 -25.35 6.83
N SER F 192 -19.98 -24.02 6.99
CA SER F 192 -18.70 -23.34 6.80
C SER F 192 -17.78 -23.68 7.98
N SER F 193 -18.35 -23.94 9.16
CA SER F 193 -17.56 -24.34 10.31
C SER F 193 -17.01 -25.77 10.13
N VAL F 194 -17.79 -26.64 9.49
CA VAL F 194 -17.29 -27.98 9.20
C VAL F 194 -16.23 -27.91 8.09
N LEU F 195 -16.45 -27.06 7.10
CA LEU F 195 -15.48 -26.75 6.05
C LEU F 195 -14.11 -26.40 6.61
N ILE F 196 -14.06 -25.69 7.74
CA ILE F 196 -12.83 -25.22 8.32
C ILE F 196 -12.46 -26.07 9.53
N GLN F 197 -12.91 -27.34 9.56
CA GLN F 197 -12.66 -28.19 10.72
C GLN F 197 -11.15 -28.39 10.93
N MET F 198 -10.38 -28.36 9.84
CA MET F 198 -8.94 -28.53 9.97
C MET F 198 -8.37 -27.48 10.90
N MET F 199 -8.83 -26.23 10.77
CA MET F 199 -8.24 -25.17 11.59
C MET F 199 -8.65 -25.37 13.04
N TRP F 200 -9.89 -25.85 13.26
CA TRP F 200 -10.29 -26.08 14.65
C TRP F 200 -9.43 -27.20 15.25
N ALA F 201 -9.14 -28.23 14.43
CA ALA F 201 -8.25 -29.32 14.84
C ALA F 201 -6.83 -28.82 15.08
N MET F 202 -6.30 -28.01 14.16
CA MET F 202 -4.94 -27.52 14.36
C MET F 202 -4.85 -26.62 15.57
N ARG F 203 -5.92 -25.84 15.86
CA ARG F 203 -5.91 -24.92 16.98
C ARG F 203 -5.87 -25.69 18.31
N ALA F 204 -6.58 -26.82 18.36
CA ALA F 204 -6.60 -27.68 19.53
C ALA F 204 -5.21 -28.22 19.84
N THR F 205 -4.38 -28.49 18.83
CA THR F 205 -3.07 -29.03 19.08
C THR F 205 -2.02 -27.94 19.11
N GLY F 206 -2.43 -26.67 19.05
CA GLY F 206 -1.46 -25.57 19.04
C GLY F 206 -0.74 -25.38 17.69
N MET F 207 -1.26 -25.90 16.60
CA MET F 207 -0.61 -25.69 15.32
C MET F 207 -1.33 -24.59 14.51
N TRP F 208 -2.22 -23.82 15.15
CA TRP F 208 -2.88 -22.70 14.49
C TRP F 208 -3.21 -21.65 15.52
N THR F 209 -2.87 -20.37 15.27
CA THR F 209 -3.22 -19.30 16.20
C THR F 209 -4.28 -18.38 15.58
N ASP F 210 -4.92 -17.60 16.46
CA ASP F 210 -5.96 -16.66 16.05
C ASP F 210 -5.38 -15.39 15.42
N THR F 211 -4.07 -15.15 15.49
CA THR F 211 -3.45 -14.02 14.81
C THR F 211 -3.55 -14.24 13.31
N ARG F 212 -4.05 -13.23 12.60
CA ARG F 212 -4.23 -13.26 11.15
C ARG F 212 -2.87 -13.09 10.49
N GLY F 213 -2.61 -13.87 9.45
CA GLY F 213 -1.41 -13.67 8.65
C GLY F 213 -0.16 -14.23 9.30
N ALA F 214 -0.32 -15.15 10.27
CA ALA F 214 0.77 -15.71 11.04
C ALA F 214 0.73 -17.24 11.10
N ASN F 215 0.15 -17.94 10.12
CA ASN F 215 0.02 -19.39 10.22
C ASN F 215 0.56 -20.01 8.94
N MET F 216 0.57 -21.34 8.85
CA MET F 216 1.18 -22.00 7.71
C MET F 216 0.38 -21.78 6.44
N LEU F 217 -0.96 -21.66 6.54
CA LEU F 217 -1.77 -21.68 5.34
C LEU F 217 -2.52 -20.37 5.07
N ASP F 218 -2.21 -19.31 5.82
CA ASP F 218 -2.96 -18.07 5.70
C ASP F 218 -2.16 -17.02 4.96
N GLY F 219 -0.94 -17.34 4.49
CA GLY F 219 -0.07 -16.34 3.89
C GLY F 219 1.11 -15.96 4.78
N GLY F 220 1.11 -16.40 6.03
CA GLY F 220 2.21 -16.12 6.95
C GLY F 220 3.49 -16.89 6.65
N ALA F 221 3.39 -18.09 6.06
CA ALA F 221 4.59 -18.84 5.69
C ALA F 221 5.15 -18.39 4.35
N PRO F 222 6.45 -18.02 4.24
CA PRO F 222 7.06 -17.64 2.97
C PRO F 222 6.97 -18.64 1.82
N TYR F 223 6.83 -19.92 2.19
CA TYR F 223 6.70 -20.98 1.21
C TYR F 223 5.24 -21.34 0.91
N TYR F 224 4.25 -20.61 1.47
CA TYR F 224 2.85 -20.76 1.09
C TYR F 224 2.22 -19.37 0.93
N ASP F 225 2.41 -18.74 -0.23
CA ASP F 225 1.96 -17.39 -0.46
C ASP F 225 2.10 -17.09 -1.94
N THR F 226 1.62 -15.90 -2.35
CA THR F 226 1.89 -15.37 -3.67
C THR F 226 3.12 -14.46 -3.65
N TYR F 227 3.77 -14.32 -4.80
CA TYR F 227 4.91 -13.43 -4.96
C TYR F 227 4.70 -12.63 -6.24
N GLU F 228 5.01 -11.34 -6.13
CA GLU F 228 4.97 -10.47 -7.29
C GLU F 228 6.23 -10.65 -8.13
N CYS F 229 6.02 -10.72 -9.45
CA CYS F 229 7.08 -10.93 -10.42
C CYS F 229 7.55 -9.59 -11.01
N ALA F 230 8.60 -9.64 -11.84
CA ALA F 230 9.20 -8.45 -12.44
C ALA F 230 8.17 -7.72 -13.30
N ASP F 231 7.20 -8.43 -13.88
CA ASP F 231 6.19 -7.78 -14.71
C ASP F 231 4.94 -7.33 -13.94
N GLY F 232 4.91 -7.43 -12.60
CA GLY F 232 3.73 -7.05 -11.84
C GLY F 232 2.65 -8.14 -11.74
N ARG F 233 2.85 -9.31 -12.39
CA ARG F 233 1.96 -10.45 -12.28
C ARG F 233 2.50 -11.31 -11.15
N TYR F 234 1.86 -12.45 -10.88
CA TYR F 234 2.13 -13.17 -9.63
C TYR F 234 2.26 -14.66 -9.88
N VAL F 235 3.08 -15.28 -9.03
CA VAL F 235 3.09 -16.72 -8.89
C VAL F 235 2.62 -17.08 -7.49
N ALA F 236 2.18 -18.32 -7.39
CA ALA F 236 1.78 -18.93 -6.14
C ALA F 236 2.79 -19.98 -5.79
N VAL F 237 3.20 -19.98 -4.54
CA VAL F 237 4.13 -20.94 -4.02
C VAL F 237 3.43 -21.71 -2.91
N GLY F 238 3.48 -23.05 -3.01
CA GLY F 238 2.85 -23.91 -2.04
C GLY F 238 3.75 -25.06 -1.61
N ALA F 239 5.04 -24.76 -1.39
CA ALA F 239 6.05 -25.80 -1.27
C ALA F 239 6.22 -26.18 0.19
N ILE F 240 5.21 -26.86 0.74
CA ILE F 240 5.22 -27.16 2.15
C ILE F 240 6.24 -28.25 2.47
N GLU F 241 6.21 -29.31 1.65
CA GLU F 241 7.06 -30.48 1.92
C GLU F 241 8.52 -30.10 1.67
N PRO F 242 9.45 -30.47 2.57
CA PRO F 242 10.83 -30.03 2.42
C PRO F 242 11.44 -30.34 1.06
N GLN F 243 11.07 -31.46 0.45
CA GLN F 243 11.65 -31.88 -0.82
CA GLN F 243 11.66 -31.85 -0.83
C GLN F 243 11.16 -30.93 -1.93
N PHE F 244 9.88 -30.55 -1.87
CA PHE F 244 9.34 -29.63 -2.87
C PHE F 244 9.97 -28.26 -2.67
N TYR F 245 10.07 -27.83 -1.40
CA TYR F 245 10.71 -26.58 -1.05
C TYR F 245 12.14 -26.52 -1.61
N ALA F 246 12.88 -27.63 -1.51
CA ALA F 246 14.25 -27.65 -2.03
C ALA F 246 14.23 -27.48 -3.54
N ALA F 247 13.24 -28.07 -4.21
CA ALA F 247 13.19 -27.94 -5.67
C ALA F 247 12.92 -26.48 -6.06
N MET F 248 12.09 -25.82 -5.27
CA MET F 248 11.71 -24.44 -5.51
C MET F 248 12.97 -23.56 -5.42
N LEU F 249 13.73 -23.72 -4.33
CA LEU F 249 14.97 -22.98 -4.13
C LEU F 249 15.91 -23.18 -5.34
N ALA F 250 16.03 -24.43 -5.79
CA ALA F 250 16.90 -24.73 -6.91
C ALA F 250 16.50 -23.94 -8.14
N GLY F 251 15.20 -23.89 -8.45
CA GLY F 251 14.80 -23.16 -9.64
C GLY F 251 14.94 -21.65 -9.47
N LEU F 252 14.86 -21.15 -8.23
CA LEU F 252 15.03 -19.71 -7.98
C LEU F 252 16.50 -19.33 -8.12
N GLY F 253 17.38 -20.31 -7.95
CA GLY F 253 18.79 -20.02 -8.02
C GLY F 253 19.33 -19.62 -6.67
N LEU F 254 18.62 -19.92 -5.56
CA LEU F 254 19.11 -19.66 -4.23
C LEU F 254 19.76 -20.89 -3.62
N ASP F 255 20.92 -20.67 -3.01
CA ASP F 255 21.63 -21.73 -2.33
C ASP F 255 21.00 -21.89 -0.96
N ALA F 256 20.50 -23.10 -0.66
CA ALA F 256 19.88 -23.35 0.62
C ALA F 256 20.78 -22.94 1.78
N ALA F 257 22.10 -23.11 1.64
CA ALA F 257 23.03 -22.84 2.73
C ALA F 257 23.09 -21.34 3.08
N GLU F 258 22.66 -20.46 2.18
CA GLU F 258 22.64 -19.02 2.45
C GLU F 258 21.36 -18.56 3.15
N LEU F 259 20.40 -19.46 3.38
CA LEU F 259 19.05 -19.07 3.79
C LEU F 259 18.77 -19.55 5.21
N PRO F 260 17.89 -18.88 5.98
CA PRO F 260 17.38 -19.50 7.19
C PRO F 260 16.67 -20.83 6.93
N PRO F 261 16.50 -21.68 7.95
CA PRO F 261 15.71 -22.88 7.78
C PRO F 261 14.26 -22.56 7.41
N GLN F 262 13.66 -23.47 6.63
CA GLN F 262 12.36 -23.27 6.04
C GLN F 262 11.34 -22.98 7.13
N ASN F 263 11.46 -23.72 8.23
CA ASN F 263 10.49 -23.67 9.29
C ASN F 263 11.06 -23.00 10.53
N ASP F 264 12.13 -22.22 10.43
CA ASP F 264 12.46 -21.33 11.53
C ASP F 264 11.60 -20.06 11.45
N ARG F 265 10.47 -20.06 12.16
CA ARG F 265 9.48 -19.00 12.06
C ARG F 265 10.08 -17.67 12.52
N ALA F 266 11.01 -17.70 13.48
CA ALA F 266 11.59 -16.48 13.97
C ALA F 266 12.35 -15.75 12.85
N ARG F 267 12.75 -16.45 11.78
CA ARG F 267 13.55 -15.82 10.74
C ARG F 267 12.78 -15.77 9.42
N TRP F 268 11.47 -16.05 9.48
CA TRP F 268 10.61 -15.87 8.32
C TRP F 268 10.70 -14.46 7.73
N PRO F 269 10.85 -13.34 8.50
CA PRO F 269 11.10 -12.04 7.87
C PRO F 269 12.26 -12.08 6.87
N GLU F 270 13.38 -12.70 7.24
CA GLU F 270 14.56 -12.69 6.37
C GLU F 270 14.28 -13.59 5.17
N LEU F 271 13.69 -14.77 5.44
CA LEU F 271 13.43 -15.71 4.37
C LEU F 271 12.48 -15.08 3.35
N ARG F 272 11.44 -14.37 3.83
CA ARG F 272 10.50 -13.74 2.93
C ARG F 272 11.19 -12.69 2.07
N ALA F 273 12.11 -11.92 2.65
CA ALA F 273 12.85 -10.92 1.88
C ALA F 273 13.68 -11.58 0.78
N LEU F 274 14.32 -12.70 1.09
CA LEU F 274 15.12 -13.40 0.08
C LEU F 274 14.29 -13.93 -1.09
N LEU F 275 13.16 -14.57 -0.77
CA LEU F 275 12.29 -15.10 -1.82
C LEU F 275 11.63 -13.98 -2.61
N THR F 276 11.27 -12.89 -1.93
CA THR F 276 10.64 -11.75 -2.59
C THR F 276 11.58 -11.18 -3.64
N GLU F 277 12.86 -10.98 -3.29
CA GLU F 277 13.81 -10.42 -4.27
C GLU F 277 13.99 -11.37 -5.44
N ALA F 278 14.08 -12.68 -5.14
CA ALA F 278 14.31 -13.66 -6.17
C ALA F 278 13.16 -13.73 -7.16
N PHE F 279 11.91 -13.89 -6.69
CA PHE F 279 10.79 -13.94 -7.60
C PHE F 279 10.62 -12.63 -8.36
N ALA F 280 10.96 -11.50 -7.71
CA ALA F 280 10.78 -10.20 -8.35
C ALA F 280 11.80 -10.01 -9.50
N SER F 281 12.83 -10.86 -9.57
CA SER F 281 13.94 -10.61 -10.49
C SER F 281 13.60 -11.11 -11.90
N HIS F 282 12.51 -11.84 -12.09
CA HIS F 282 12.08 -12.24 -13.42
C HIS F 282 10.56 -12.17 -13.52
N ASP F 283 10.04 -12.30 -14.74
CA ASP F 283 8.61 -12.17 -14.95
C ASP F 283 7.91 -13.52 -14.74
N ARG F 284 6.58 -13.50 -14.79
CA ARG F 284 5.81 -14.67 -14.40
C ARG F 284 6.06 -15.79 -15.40
N ASP F 285 6.02 -15.45 -16.69
CA ASP F 285 6.35 -16.42 -17.73
C ASP F 285 7.71 -17.07 -17.48
N HIS F 286 8.72 -16.30 -17.06
CA HIS F 286 10.01 -16.92 -16.79
C HIS F 286 9.88 -18.02 -15.73
N TRP F 287 9.07 -17.80 -14.68
CA TRP F 287 8.94 -18.80 -13.64
C TRP F 287 8.11 -20.00 -14.14
N GLY F 288 7.14 -19.76 -15.01
CA GLY F 288 6.50 -20.87 -15.74
C GLY F 288 7.49 -21.79 -16.46
N ALA F 289 8.41 -21.21 -17.23
CA ALA F 289 9.38 -22.01 -17.95
C ALA F 289 10.26 -22.79 -16.97
N VAL F 290 10.83 -22.10 -15.97
CA VAL F 290 11.72 -22.73 -15.00
C VAL F 290 11.02 -23.90 -14.32
N PHE F 291 9.78 -23.70 -13.84
CA PHE F 291 9.11 -24.70 -13.03
C PHE F 291 8.04 -25.30 -13.90
N ALA F 292 8.27 -26.47 -14.46
CA ALA F 292 7.42 -26.79 -15.60
C ALA F 292 6.58 -28.01 -15.30
N ASN F 293 7.24 -29.17 -15.34
CA ASN F 293 6.64 -30.41 -14.92
C ASN F 293 7.09 -30.67 -13.50
N SER F 294 7.24 -29.60 -12.70
CA SER F 294 8.11 -29.71 -11.54
C SER F 294 7.31 -29.81 -10.24
N ASP F 295 7.87 -30.50 -9.24
CA ASP F 295 7.24 -30.62 -7.94
C ASP F 295 7.55 -29.45 -6.98
N ALA F 296 8.09 -28.33 -7.49
CA ALA F 296 8.41 -27.20 -6.65
C ALA F 296 7.16 -26.46 -6.12
N CYS F 297 5.97 -26.80 -6.63
CA CYS F 297 4.70 -26.17 -6.22
C CYS F 297 4.69 -24.67 -6.47
N VAL F 298 5.07 -24.29 -7.68
CA VAL F 298 5.03 -22.91 -8.13
C VAL F 298 4.21 -22.87 -9.41
N THR F 299 3.15 -22.07 -9.41
CA THR F 299 2.24 -21.93 -10.52
C THR F 299 1.98 -20.44 -10.74
N PRO F 300 1.72 -20.05 -11.99
CA PRO F 300 1.29 -18.70 -12.27
C PRO F 300 -0.14 -18.47 -11.74
N VAL F 301 -0.35 -17.29 -11.16
CA VAL F 301 -1.67 -16.85 -10.76
C VAL F 301 -2.38 -16.20 -11.95
N LEU F 302 -3.20 -16.99 -12.63
CA LEU F 302 -3.87 -16.53 -13.83
C LEU F 302 -5.15 -15.77 -13.45
N ALA F 303 -5.38 -14.67 -14.18
CA ALA F 303 -6.67 -13.99 -14.19
C ALA F 303 -7.69 -14.80 -14.98
N PHE F 304 -8.98 -14.63 -14.66
CA PHE F 304 -10.05 -15.37 -15.33
C PHE F 304 -9.80 -15.41 -16.86
N GLY F 305 -9.52 -14.24 -17.43
CA GLY F 305 -9.46 -14.08 -18.88
C GLY F 305 -8.31 -14.83 -19.54
N GLU F 306 -7.36 -15.34 -18.75
CA GLU F 306 -6.18 -16.03 -19.27
C GLU F 306 -6.31 -17.54 -19.09
N VAL F 307 -7.31 -17.98 -18.34
CA VAL F 307 -7.44 -19.39 -17.99
C VAL F 307 -7.64 -20.26 -19.23
N HIS F 308 -8.47 -19.79 -20.17
CA HIS F 308 -8.76 -20.53 -21.38
C HIS F 308 -7.49 -20.82 -22.21
N ASN F 309 -6.33 -20.24 -21.88
CA ASN F 309 -5.10 -20.49 -22.65
C ASN F 309 -4.13 -21.41 -21.92
N GLU F 310 -4.55 -22.03 -20.81
CA GLU F 310 -3.66 -22.87 -20.02
C GLU F 310 -3.80 -24.33 -20.46
N PRO F 311 -2.72 -24.98 -20.93
CA PRO F 311 -2.81 -26.31 -21.53
C PRO F 311 -3.55 -27.35 -20.69
N HIS F 312 -3.26 -27.43 -19.40
CA HIS F 312 -3.90 -28.44 -18.56
C HIS F 312 -5.40 -28.21 -18.42
N ILE F 313 -5.80 -26.92 -18.45
CA ILE F 313 -7.21 -26.53 -18.43
C ILE F 313 -7.90 -27.00 -19.71
N ILE F 314 -7.32 -26.59 -20.86
CA ILE F 314 -7.82 -26.92 -22.20
C ILE F 314 -7.94 -28.44 -22.33
N GLU F 315 -6.89 -29.19 -22.00
CA GLU F 315 -6.86 -30.61 -22.30
C GLU F 315 -7.87 -31.44 -21.52
N ARG F 316 -8.18 -31.05 -20.27
CA ARG F 316 -9.18 -31.77 -19.51
C ARG F 316 -10.61 -31.23 -19.73
N ASN F 317 -10.78 -30.20 -20.57
CA ASN F 317 -12.08 -29.58 -20.82
C ASN F 317 -12.78 -29.21 -19.51
N THR F 318 -12.04 -28.53 -18.61
CA THR F 318 -12.60 -28.02 -17.38
C THR F 318 -13.70 -26.98 -17.69
N PHE F 319 -13.58 -26.26 -18.82
CA PHE F 319 -14.51 -25.19 -19.22
C PHE F 319 -15.15 -25.53 -20.58
N TYR F 320 -16.37 -25.05 -20.82
CA TYR F 320 -16.98 -25.04 -22.14
C TYR F 320 -17.41 -23.61 -22.48
N GLU F 321 -17.54 -23.30 -23.76
CA GLU F 321 -17.92 -21.96 -24.17
C GLU F 321 -19.43 -21.88 -24.32
N ALA F 322 -20.09 -21.12 -23.43
CA ALA F 322 -21.48 -20.75 -23.60
C ALA F 322 -21.55 -19.35 -24.20
N ASN F 323 -22.70 -19.03 -24.80
CA ASN F 323 -23.26 -17.69 -24.71
C ASN F 323 -22.13 -16.67 -24.92
N GLY F 324 -21.73 -15.96 -23.84
CA GLY F 324 -20.80 -14.85 -23.96
C GLY F 324 -19.56 -15.04 -23.08
N GLY F 325 -19.03 -16.27 -23.03
CA GLY F 325 -17.79 -16.56 -22.32
C GLY F 325 -17.77 -17.99 -21.80
N TRP F 326 -16.62 -18.37 -21.25
CA TRP F 326 -16.41 -19.70 -20.71
C TRP F 326 -17.25 -19.92 -19.45
N GLN F 327 -17.64 -21.17 -19.24
CA GLN F 327 -18.35 -21.58 -18.06
C GLN F 327 -17.77 -22.91 -17.67
N PRO F 328 -17.73 -23.24 -16.36
CA PRO F 328 -17.19 -24.54 -15.97
C PRO F 328 -18.11 -25.70 -16.31
N MET F 329 -17.51 -26.75 -16.88
CA MET F 329 -18.17 -28.03 -17.07
C MET F 329 -18.53 -28.58 -15.70
N PRO F 330 -19.53 -29.50 -15.60
CA PRO F 330 -19.88 -30.16 -14.36
C PRO F 330 -18.73 -30.86 -13.66
N ALA F 331 -18.86 -30.95 -12.33
CA ALA F 331 -17.92 -31.67 -11.48
C ALA F 331 -18.69 -32.35 -10.36
N PRO F 332 -18.21 -33.48 -9.80
CA PRO F 332 -17.05 -34.21 -10.33
C PRO F 332 -17.38 -35.01 -11.58
N ARG F 333 -16.45 -35.88 -12.02
CA ARG F 333 -16.65 -36.62 -13.25
C ARG F 333 -16.86 -38.09 -12.91
N PHE F 334 -17.65 -38.75 -13.78
CA PHE F 334 -18.13 -40.11 -13.54
C PHE F 334 -17.71 -41.00 -14.70
N SER F 335 -17.09 -42.15 -14.41
CA SER F 335 -16.54 -42.99 -15.48
C SER F 335 -17.63 -43.57 -16.40
N ARG F 336 -18.75 -44.07 -15.82
CA ARG F 336 -19.81 -44.69 -16.60
C ARG F 336 -20.92 -43.69 -17.00
N THR F 337 -21.60 -43.08 -16.02
CA THR F 337 -22.68 -42.15 -16.35
C THR F 337 -22.18 -40.71 -16.32
N ALA F 338 -21.57 -40.28 -17.42
CA ALA F 338 -20.85 -39.02 -17.45
C ALA F 338 -21.83 -37.89 -17.74
N SER F 339 -21.67 -36.76 -17.03
CA SER F 339 -22.53 -35.61 -17.23
C SER F 339 -22.32 -35.10 -18.64
N SER F 340 -23.23 -34.26 -19.16
CA SER F 340 -23.02 -33.65 -20.46
C SER F 340 -22.93 -32.14 -20.32
N GLN F 341 -22.62 -31.46 -21.44
CA GLN F 341 -22.50 -30.02 -21.48
C GLN F 341 -23.81 -29.41 -21.01
N PRO F 342 -23.81 -28.49 -20.02
CA PRO F 342 -25.06 -27.97 -19.47
C PRO F 342 -25.95 -27.40 -20.58
N ARG F 343 -27.25 -27.46 -20.38
CA ARG F 343 -28.19 -26.83 -21.31
C ARG F 343 -28.36 -25.38 -20.88
N PRO F 344 -28.33 -24.41 -21.84
CA PRO F 344 -28.47 -23.00 -21.48
C PRO F 344 -29.80 -22.70 -20.79
N PRO F 345 -29.94 -21.57 -20.06
CA PRO F 345 -31.21 -21.26 -19.39
C PRO F 345 -32.42 -21.31 -20.31
N ALA F 346 -33.48 -22.02 -19.87
CA ALA F 346 -34.65 -22.29 -20.70
C ALA F 346 -35.54 -21.06 -20.81
N ALA F 347 -36.08 -20.81 -22.02
CA ALA F 347 -37.25 -19.95 -22.15
C ALA F 347 -38.33 -20.50 -21.21
N THR F 348 -39.09 -19.58 -20.60
CA THR F 348 -39.88 -19.92 -19.43
C THR F 348 -41.15 -20.63 -19.91
N ILE F 349 -41.43 -21.78 -19.31
CA ILE F 349 -42.48 -22.65 -19.83
C ILE F 349 -43.59 -22.72 -18.78
N ASP F 350 -44.78 -23.10 -19.25
CA ASP F 350 -46.00 -23.08 -18.45
C ASP F 350 -46.04 -24.32 -17.56
N ILE F 351 -46.54 -24.17 -16.34
CA ILE F 351 -46.42 -25.18 -15.28
C ILE F 351 -47.32 -26.39 -15.56
N GLU F 352 -48.32 -26.17 -16.43
CA GLU F 352 -49.24 -27.21 -16.87
C GLU F 352 -48.47 -28.25 -17.66
N ALA F 353 -47.78 -27.77 -18.73
CA ALA F 353 -47.00 -28.59 -19.63
C ALA F 353 -46.00 -29.49 -18.89
N VAL F 354 -45.57 -29.06 -17.68
CA VAL F 354 -44.62 -29.80 -16.87
C VAL F 354 -45.37 -30.94 -16.16
N LEU F 355 -46.56 -30.66 -15.63
CA LEU F 355 -47.29 -31.71 -14.93
C LEU F 355 -47.69 -32.85 -15.88
N THR F 356 -47.85 -32.54 -17.19
CA THR F 356 -48.09 -33.52 -18.25
C THR F 356 -46.91 -34.49 -18.29
N ASP F 357 -45.77 -33.99 -18.79
CA ASP F 357 -44.46 -34.63 -18.77
C ASP F 357 -44.31 -35.61 -17.59
N TRP F 358 -44.56 -35.13 -16.36
CA TRP F 358 -44.52 -35.93 -15.15
C TRP F 358 -45.89 -36.58 -14.93
N ASP F 359 -46.28 -37.46 -15.86
CA ASP F 359 -47.59 -38.08 -15.87
C ASP F 359 -48.69 -37.04 -15.63
N MET G 1 50.91 -24.83 -3.71
CA MET G 1 50.07 -25.61 -4.67
C MET G 1 48.72 -25.95 -4.04
N ALA G 2 47.63 -25.62 -4.75
CA ALA G 2 46.28 -25.77 -4.22
C ALA G 2 45.83 -27.24 -4.24
N GLY G 3 45.23 -27.68 -3.14
CA GLY G 3 44.38 -28.87 -3.11
C GLY G 3 44.80 -29.82 -2.00
N PRO G 4 44.06 -30.90 -1.75
CA PRO G 4 44.36 -31.74 -0.61
C PRO G 4 45.64 -32.57 -0.71
N LEU G 5 46.23 -32.67 -1.90
CA LEU G 5 47.43 -33.49 -2.05
C LEU G 5 48.67 -32.60 -2.11
N SER G 6 48.48 -31.29 -1.84
CA SER G 6 49.57 -30.35 -1.68
C SER G 6 50.69 -31.00 -0.88
N GLY G 7 51.92 -30.95 -1.43
CA GLY G 7 53.07 -31.56 -0.79
C GLY G 7 53.41 -32.96 -1.29
N LEU G 8 52.44 -33.72 -1.84
CA LEU G 8 52.73 -35.07 -2.32
C LEU G 8 53.62 -35.00 -3.57
N ARG G 9 54.62 -35.89 -3.59
CA ARG G 9 55.63 -35.90 -4.64
C ARG G 9 55.55 -37.19 -5.42
N VAL G 10 55.48 -37.03 -6.75
CA VAL G 10 55.12 -38.15 -7.63
C VAL G 10 56.13 -38.22 -8.78
N VAL G 11 56.68 -39.43 -8.97
CA VAL G 11 57.49 -39.65 -10.15
C VAL G 11 56.71 -40.51 -11.16
N GLU G 12 56.58 -39.95 -12.37
CA GLU G 12 55.83 -40.59 -13.46
C GLU G 12 56.78 -40.93 -14.63
N LEU G 13 56.96 -42.24 -14.85
CA LEU G 13 57.64 -42.74 -16.04
C LEU G 13 56.67 -42.73 -17.24
N ALA G 14 56.88 -41.81 -18.19
CA ALA G 14 55.96 -41.58 -19.28
C ALA G 14 55.52 -42.87 -19.97
N GLY G 15 54.19 -42.99 -20.06
CA GLY G 15 53.52 -44.07 -20.78
C GLY G 15 52.31 -43.49 -21.50
N ILE G 16 51.34 -44.36 -21.79
CA ILE G 16 50.11 -43.99 -22.48
C ILE G 16 48.90 -44.54 -21.71
N GLY G 17 47.77 -43.83 -21.84
CA GLY G 17 46.51 -44.29 -21.27
C GLY G 17 46.39 -44.01 -19.78
N PRO G 18 46.23 -45.05 -18.95
CA PRO G 18 45.85 -44.87 -17.56
C PRO G 18 46.92 -44.20 -16.69
N GLY G 19 48.20 -44.56 -16.91
CA GLY G 19 49.28 -43.98 -16.12
C GLY G 19 49.26 -42.45 -16.18
N PRO G 20 49.27 -41.82 -17.37
CA PRO G 20 49.22 -40.37 -17.45
C PRO G 20 47.95 -39.72 -16.89
N HIS G 21 46.86 -40.51 -16.86
CA HIS G 21 45.58 -39.99 -16.40
C HIS G 21 45.60 -39.97 -14.86
N ALA G 22 46.09 -41.06 -14.27
CA ALA G 22 46.29 -41.09 -12.84
C ALA G 22 47.20 -39.93 -12.40
N ALA G 23 48.28 -39.68 -13.14
CA ALA G 23 49.23 -38.66 -12.74
C ALA G 23 48.62 -37.27 -12.86
N MET G 24 47.85 -37.06 -13.94
CA MET G 24 47.07 -35.85 -14.12
C MET G 24 46.21 -35.55 -12.88
N ILE G 25 45.47 -36.54 -12.38
CA ILE G 25 44.49 -36.29 -11.32
C ILE G 25 45.25 -35.99 -10.02
N LEU G 26 46.36 -36.71 -9.78
CA LEU G 26 47.22 -36.40 -8.64
C LEU G 26 47.64 -34.94 -8.70
N GLY G 27 48.15 -34.48 -9.85
CA GLY G 27 48.56 -33.10 -10.00
C GLY G 27 47.40 -32.12 -9.99
N ASP G 28 46.21 -32.62 -10.40
CA ASP G 28 44.99 -31.82 -10.37
C ASP G 28 44.67 -31.40 -8.93
N LEU G 29 44.84 -32.32 -7.99
CA LEU G 29 44.48 -32.14 -6.59
C LEU G 29 45.63 -31.60 -5.73
N GLY G 30 46.72 -31.14 -6.40
CA GLY G 30 47.81 -30.41 -5.78
C GLY G 30 49.15 -31.16 -5.63
N ALA G 31 49.23 -32.44 -6.02
CA ALA G 31 50.49 -33.17 -5.96
C ALA G 31 51.52 -32.57 -6.91
N ASP G 32 52.80 -32.78 -6.52
CA ASP G 32 53.96 -32.35 -7.29
C ASP G 32 54.46 -33.53 -8.12
N VAL G 33 54.29 -33.37 -9.44
CA VAL G 33 54.33 -34.49 -10.36
C VAL G 33 55.45 -34.25 -11.35
N VAL G 34 56.44 -35.14 -11.29
CA VAL G 34 57.56 -35.05 -12.21
C VAL G 34 57.48 -36.24 -13.15
N ARG G 35 57.28 -35.90 -14.43
CA ARG G 35 57.15 -36.87 -15.50
C ARG G 35 58.48 -37.04 -16.27
N ILE G 36 59.06 -38.24 -16.21
CA ILE G 36 60.28 -38.55 -16.94
C ILE G 36 59.92 -39.15 -18.30
N ASP G 37 60.07 -38.37 -19.38
CA ASP G 37 59.98 -38.85 -20.76
C ASP G 37 61.39 -39.10 -21.35
N ARG G 38 61.46 -39.96 -22.39
CA ARG G 38 62.69 -40.20 -23.15
C ARG G 38 62.95 -38.99 -24.05
N PRO G 39 64.23 -38.59 -24.30
CA PRO G 39 64.50 -37.31 -24.98
C PRO G 39 64.02 -37.25 -26.42
N SER G 40 64.02 -38.42 -27.08
CA SER G 40 63.45 -38.60 -28.41
C SER G 40 61.99 -38.12 -28.47
N SER G 41 61.10 -38.71 -27.65
CA SER G 41 59.73 -38.22 -27.51
C SER G 41 59.73 -36.82 -26.89
N VAL G 42 59.92 -35.78 -27.70
CA VAL G 42 60.03 -34.42 -27.17
C VAL G 42 60.05 -33.40 -28.32
N ASP G 43 59.12 -32.43 -28.22
CA ASP G 43 58.88 -31.43 -29.24
C ASP G 43 59.21 -30.06 -28.63
N GLY G 44 58.17 -29.23 -28.41
CA GLY G 44 58.26 -28.05 -27.56
C GLY G 44 57.34 -28.19 -26.35
N ILE G 45 56.38 -27.28 -26.19
CA ILE G 45 55.30 -27.49 -25.24
C ILE G 45 54.41 -28.59 -25.81
N SER G 46 54.02 -29.57 -24.97
CA SER G 46 53.04 -30.58 -25.35
C SER G 46 51.67 -29.92 -25.51
N ARG G 47 50.92 -30.33 -26.54
CA ARG G 47 49.55 -29.87 -26.69
C ARG G 47 48.58 -30.97 -26.26
N ASP G 48 49.09 -32.05 -25.62
CA ASP G 48 48.22 -32.98 -24.89
C ASP G 48 47.87 -32.37 -23.52
N ALA G 49 46.64 -31.85 -23.40
CA ALA G 49 46.16 -31.30 -22.12
C ALA G 49 46.01 -32.39 -21.05
N MET G 50 46.16 -33.70 -21.40
CA MET G 50 46.32 -34.70 -20.35
C MET G 50 47.64 -34.53 -19.56
N LEU G 51 48.60 -33.76 -20.09
CA LEU G 51 49.87 -33.52 -19.42
C LEU G 51 49.86 -32.18 -18.67
N ARG G 52 48.70 -31.76 -18.17
CA ARG G 52 48.60 -30.56 -17.36
C ARG G 52 49.10 -30.89 -15.94
N ASN G 53 49.38 -29.85 -15.15
CA ASN G 53 49.81 -29.99 -13.76
C ASN G 53 51.04 -30.91 -13.62
N ARG G 54 52.06 -30.62 -14.42
CA ARG G 54 53.19 -31.54 -14.60
C ARG G 54 54.50 -30.75 -14.59
N ARG G 55 55.61 -31.35 -14.17
CA ARG G 55 56.89 -30.94 -14.74
C ARG G 55 57.46 -32.10 -15.56
N ILE G 56 57.86 -31.77 -16.80
CA ILE G 56 58.40 -32.75 -17.75
C ILE G 56 59.93 -32.74 -17.71
N VAL G 57 60.54 -33.92 -17.58
CA VAL G 57 61.99 -34.02 -17.73
C VAL G 57 62.37 -35.16 -18.67
N THR G 58 63.48 -34.90 -19.40
CA THR G 58 64.07 -35.71 -20.45
C THR G 58 65.21 -36.54 -19.88
N ALA G 59 65.42 -37.77 -20.34
CA ALA G 59 66.43 -38.63 -19.73
C ALA G 59 66.37 -40.07 -20.24
N ASP G 60 67.47 -40.52 -20.86
CA ASP G 60 67.62 -41.89 -21.35
C ASP G 60 67.93 -42.82 -20.19
N LEU G 61 67.01 -43.75 -19.88
CA LEU G 61 67.13 -44.60 -18.70
C LEU G 61 67.98 -45.83 -18.98
N LYS G 62 68.34 -46.03 -20.24
CA LYS G 62 69.19 -47.14 -20.62
C LYS G 62 70.65 -46.80 -20.33
N SER G 63 70.99 -45.50 -20.38
CA SER G 63 72.28 -44.98 -19.93
C SER G 63 72.52 -45.23 -18.43
N ASP G 64 73.69 -44.76 -17.97
CA ASP G 64 74.11 -44.83 -16.58
C ASP G 64 73.78 -43.51 -15.88
N GLN G 65 73.87 -42.40 -16.61
CA GLN G 65 73.52 -41.09 -16.11
C GLN G 65 72.02 -41.03 -15.80
N GLY G 66 71.20 -41.49 -16.76
CA GLY G 66 69.76 -41.50 -16.59
C GLY G 66 69.33 -42.35 -15.39
N LEU G 67 69.82 -43.59 -15.29
CA LEU G 67 69.42 -44.50 -14.22
C LEU G 67 69.73 -43.84 -12.88
N GLU G 68 70.75 -42.97 -12.86
CA GLU G 68 71.21 -42.37 -11.61
C GLU G 68 70.29 -41.21 -11.25
N LEU G 69 70.16 -40.23 -12.15
CA LEU G 69 69.29 -39.08 -11.97
C LEU G 69 67.86 -39.51 -11.60
N ALA G 70 67.36 -40.57 -12.22
CA ALA G 70 66.00 -41.04 -11.99
C ALA G 70 65.88 -41.67 -10.61
N LEU G 71 66.95 -42.33 -10.13
CA LEU G 71 66.93 -42.92 -8.80
C LEU G 71 67.08 -41.84 -7.72
N LYS G 72 67.43 -40.61 -8.14
CA LYS G 72 67.62 -39.47 -7.26
C LYS G 72 66.36 -38.59 -7.19
N LEU G 73 65.41 -38.80 -8.11
CA LEU G 73 64.08 -38.30 -7.90
C LEU G 73 63.38 -39.31 -7.01
N ILE G 74 63.42 -40.57 -7.44
CA ILE G 74 62.67 -41.60 -6.74
C ILE G 74 63.05 -41.66 -5.25
N ALA G 75 64.25 -41.14 -4.91
CA ALA G 75 64.75 -41.11 -3.54
C ALA G 75 64.00 -40.05 -2.72
N LYS G 76 63.70 -38.90 -3.35
CA LYS G 76 63.04 -37.76 -2.71
C LYS G 76 61.53 -37.71 -2.99
N ALA G 77 60.85 -38.85 -3.19
CA ALA G 77 59.46 -38.80 -3.63
C ALA G 77 58.61 -39.81 -2.86
N ASP G 78 57.29 -39.62 -2.94
CA ASP G 78 56.34 -40.48 -2.23
C ASP G 78 55.84 -41.62 -3.10
N VAL G 79 55.71 -41.32 -4.39
CA VAL G 79 55.04 -42.23 -5.31
C VAL G 79 55.81 -42.39 -6.61
N LEU G 80 55.88 -43.64 -7.07
CA LEU G 80 56.26 -43.92 -8.45
C LEU G 80 55.14 -44.61 -9.24
N ILE G 81 54.97 -44.07 -10.46
CA ILE G 81 54.02 -44.59 -11.46
C ILE G 81 54.79 -45.03 -12.71
N GLU G 82 54.64 -46.31 -13.04
CA GLU G 82 55.08 -46.81 -14.32
C GLU G 82 53.96 -47.63 -14.94
N GLY G 83 53.77 -47.47 -16.26
CA GLY G 83 52.85 -48.34 -16.97
C GLY G 83 53.45 -49.04 -18.20
N TYR G 84 54.55 -49.78 -17.99
CA TYR G 84 55.23 -50.53 -19.04
C TYR G 84 54.89 -51.98 -18.81
N ARG G 85 55.26 -52.85 -19.76
CA ARG G 85 55.01 -54.26 -19.55
C ARG G 85 55.72 -54.70 -18.27
N PRO G 86 55.26 -55.77 -17.62
CA PRO G 86 55.99 -56.29 -16.48
C PRO G 86 57.38 -56.73 -16.86
N GLY G 87 58.28 -56.65 -15.88
CA GLY G 87 59.63 -57.10 -16.07
C GLY G 87 60.45 -55.97 -16.66
N VAL G 88 59.79 -54.88 -17.09
CA VAL G 88 60.50 -53.84 -17.83
C VAL G 88 61.35 -53.06 -16.83
N THR G 89 60.75 -52.33 -15.88
CA THR G 89 61.50 -51.47 -14.96
C THR G 89 62.57 -52.29 -14.25
N GLU G 90 62.26 -53.54 -13.86
CA GLU G 90 63.30 -54.40 -13.29
C GLU G 90 64.56 -54.27 -14.15
N ARG G 91 64.46 -54.65 -15.44
CA ARG G 91 65.60 -54.63 -16.37
C ARG G 91 66.21 -53.24 -16.47
N LEU G 92 65.45 -52.16 -16.31
CA LEU G 92 66.11 -50.86 -16.27
C LEU G 92 66.81 -50.67 -14.91
N GLY G 93 66.60 -51.64 -13.99
CA GLY G 93 66.95 -51.53 -12.56
C GLY G 93 66.19 -50.42 -11.80
N LEU G 94 64.95 -50.12 -12.22
CA LEU G 94 64.06 -49.20 -11.51
C LEU G 94 62.93 -50.00 -10.90
N GLY G 95 63.09 -51.32 -10.77
CA GLY G 95 62.07 -52.20 -10.23
C GLY G 95 61.80 -51.90 -8.75
N PRO G 96 60.77 -52.51 -8.13
CA PRO G 96 60.54 -52.29 -6.71
C PRO G 96 61.83 -52.46 -5.89
N GLU G 97 62.49 -53.62 -6.08
CA GLU G 97 63.73 -54.03 -5.42
C GLU G 97 64.72 -52.87 -5.28
N GLU G 98 65.13 -52.33 -6.43
CA GLU G 98 66.13 -51.28 -6.50
C GLU G 98 65.60 -49.95 -5.97
N CYS G 99 64.29 -49.74 -6.06
CA CYS G 99 63.72 -48.45 -5.66
C CYS G 99 63.68 -48.45 -4.13
N ALA G 100 63.30 -49.61 -3.56
CA ALA G 100 63.18 -49.83 -2.13
C ALA G 100 64.52 -49.70 -1.39
N LYS G 101 65.63 -49.59 -2.15
CA LYS G 101 66.94 -49.45 -1.57
C LYS G 101 67.32 -47.98 -1.46
N VAL G 102 66.69 -47.10 -2.24
CA VAL G 102 67.00 -45.70 -2.08
C VAL G 102 65.83 -44.95 -1.40
N ASN G 103 64.84 -45.71 -0.90
CA ASN G 103 63.57 -45.14 -0.44
C ASN G 103 62.61 -46.25 -0.06
N ASP G 104 62.63 -46.70 1.20
CA ASP G 104 61.73 -47.77 1.63
C ASP G 104 60.35 -47.19 1.94
N ARG G 105 60.14 -45.89 1.69
CA ARG G 105 58.84 -45.31 1.98
C ARG G 105 57.96 -45.24 0.74
N LEU G 106 58.50 -45.67 -0.41
CA LEU G 106 57.94 -45.33 -1.71
C LEU G 106 56.71 -46.19 -2.01
N ILE G 107 55.68 -45.51 -2.55
CA ILE G 107 54.57 -46.24 -3.15
C ILE G 107 54.91 -46.51 -4.61
N TYR G 108 55.02 -47.81 -4.93
CA TYR G 108 55.52 -48.20 -6.24
C TYR G 108 54.32 -48.66 -7.06
N ALA G 109 53.84 -47.78 -7.94
CA ALA G 109 52.51 -48.04 -8.51
C ALA G 109 52.65 -48.56 -9.95
N ARG G 110 52.19 -49.80 -10.18
CA ARG G 110 52.33 -50.48 -11.46
C ARG G 110 50.99 -50.59 -12.20
N MET G 111 50.91 -49.86 -13.33
CA MET G 111 49.70 -49.76 -14.18
C MET G 111 49.84 -50.64 -15.44
N THR G 112 49.16 -51.76 -15.45
CA THR G 112 49.08 -52.60 -16.63
C THR G 112 47.62 -52.98 -16.94
N GLY G 113 47.47 -53.81 -17.98
CA GLY G 113 46.16 -54.30 -18.41
C GLY G 113 45.92 -55.71 -17.90
N TRP G 114 46.96 -56.56 -18.08
CA TRP G 114 46.81 -57.97 -17.84
C TRP G 114 47.37 -58.34 -16.46
N GLY G 115 48.08 -57.43 -15.82
CA GLY G 115 48.67 -57.71 -14.52
C GLY G 115 50.14 -58.10 -14.64
N GLN G 116 50.72 -58.57 -13.51
CA GLN G 116 52.16 -58.71 -13.40
C GLN G 116 52.59 -60.12 -13.84
N THR G 117 51.69 -61.10 -13.83
CA THR G 117 52.03 -62.46 -14.23
C THR G 117 50.86 -63.07 -14.99
N GLY G 118 51.05 -64.31 -15.45
CA GLY G 118 50.01 -65.10 -16.09
C GLY G 118 50.20 -65.09 -17.60
N PRO G 119 49.46 -65.93 -18.35
CA PRO G 119 49.75 -66.16 -19.78
C PRO G 119 49.73 -64.90 -20.67
N ARG G 120 48.87 -63.92 -20.35
CA ARG G 120 48.70 -62.78 -21.24
C ARG G 120 49.59 -61.62 -20.82
N SER G 121 50.44 -61.83 -19.80
CA SER G 121 51.14 -60.73 -19.15
C SER G 121 52.10 -59.95 -20.04
N GLN G 122 52.58 -60.54 -21.15
CA GLN G 122 53.48 -59.80 -22.03
C GLN G 122 52.80 -59.45 -23.37
N GLN G 123 51.52 -59.79 -23.51
CA GLN G 123 50.76 -59.35 -24.68
C GLN G 123 50.52 -57.84 -24.69
N ALA G 124 50.86 -57.19 -25.80
CA ALA G 124 50.40 -55.83 -26.04
C ALA G 124 48.86 -55.82 -26.05
N GLY G 125 48.30 -54.67 -25.71
CA GLY G 125 46.85 -54.57 -25.65
C GLY G 125 46.43 -53.12 -25.46
N HIS G 126 45.15 -52.85 -25.73
CA HIS G 126 44.54 -51.59 -25.37
C HIS G 126 43.24 -51.84 -24.60
N ASP G 127 42.53 -50.76 -24.25
CA ASP G 127 41.25 -50.82 -23.50
C ASP G 127 40.37 -51.96 -24.00
N ILE G 128 40.09 -52.00 -25.31
CA ILE G 128 39.14 -52.93 -25.90
C ILE G 128 39.50 -54.40 -25.60
N ASN G 129 40.81 -54.69 -25.56
CA ASN G 129 41.30 -56.04 -25.26
C ASN G 129 41.02 -56.43 -23.79
N TYR G 130 41.33 -55.54 -22.86
CA TYR G 130 41.20 -55.85 -21.45
C TYR G 130 39.73 -56.07 -21.09
N ILE G 131 38.83 -55.25 -21.63
CA ILE G 131 37.42 -55.45 -21.34
C ILE G 131 36.78 -56.56 -22.15
N SER G 132 37.45 -57.10 -23.18
CA SER G 132 36.82 -58.20 -23.90
C SER G 132 36.87 -59.49 -23.08
N LEU G 133 37.89 -59.62 -22.25
CA LEU G 133 38.19 -60.88 -21.61
C LEU G 133 37.34 -61.10 -20.37
N ASN G 134 36.76 -60.03 -19.75
CA ASN G 134 36.12 -60.19 -18.46
C ASN G 134 34.62 -60.00 -18.55
N GLY G 135 34.04 -60.14 -19.76
CA GLY G 135 32.61 -60.06 -19.96
C GLY G 135 32.10 -58.66 -20.26
N ILE G 136 32.88 -57.61 -20.00
CA ILE G 136 32.31 -56.27 -20.08
C ILE G 136 31.92 -55.91 -21.52
N LEU G 137 32.85 -56.09 -22.47
CA LEU G 137 32.61 -55.63 -23.85
C LEU G 137 31.42 -56.35 -24.47
N HIS G 138 31.29 -57.64 -24.17
CA HIS G 138 30.18 -58.44 -24.64
C HIS G 138 28.81 -57.86 -24.23
N ALA G 139 28.74 -57.12 -23.13
CA ALA G 139 27.47 -56.66 -22.58
C ALA G 139 27.07 -55.30 -23.14
N ILE G 140 27.90 -54.68 -23.99
CA ILE G 140 27.70 -53.31 -24.42
C ILE G 140 27.26 -53.24 -25.90
N GLY G 141 26.13 -52.57 -26.16
CA GLY G 141 25.67 -52.38 -27.52
C GLY G 141 24.26 -52.95 -27.71
N ARG G 142 23.71 -52.77 -28.90
CA ARG G 142 22.40 -53.33 -29.23
C ARG G 142 22.50 -54.86 -29.39
N GLY G 143 21.40 -55.58 -29.14
CA GLY G 143 21.44 -57.03 -29.19
C GLY G 143 21.56 -57.54 -30.63
N ASP G 144 21.13 -56.74 -31.60
CA ASP G 144 21.08 -57.17 -32.99
C ASP G 144 22.39 -56.81 -33.70
N GLU G 145 23.43 -56.41 -32.94
CA GLU G 145 24.68 -55.95 -33.53
C GLU G 145 25.85 -56.45 -32.70
N ARG G 146 27.05 -56.33 -33.27
CA ARG G 146 28.24 -56.71 -32.55
C ARG G 146 28.53 -55.68 -31.47
N PRO G 147 29.27 -56.10 -30.42
CA PRO G 147 29.58 -55.23 -29.30
C PRO G 147 30.26 -53.94 -29.74
N VAL G 148 29.96 -52.86 -29.03
CA VAL G 148 30.53 -51.57 -29.39
C VAL G 148 31.40 -51.11 -28.24
N PRO G 149 32.60 -50.61 -28.51
CA PRO G 149 33.44 -50.14 -27.43
C PRO G 149 32.88 -48.86 -26.83
N PRO G 150 32.83 -48.79 -25.49
CA PRO G 150 32.47 -47.56 -24.80
C PRO G 150 33.64 -46.60 -24.67
N LEU G 151 34.12 -46.13 -25.83
CA LEU G 151 35.40 -45.46 -25.96
C LEU G 151 36.42 -46.29 -25.19
N ASN G 152 37.37 -45.61 -24.54
CA ASN G 152 38.31 -46.28 -23.64
C ASN G 152 38.08 -45.87 -22.18
N LEU G 153 36.79 -45.75 -21.80
CA LEU G 153 36.40 -45.17 -20.52
C LEU G 153 36.45 -46.21 -19.41
N VAL G 154 36.21 -47.48 -19.77
CA VAL G 154 35.91 -48.50 -18.79
C VAL G 154 37.19 -49.21 -18.39
N GLY G 155 38.07 -49.48 -19.36
CA GLY G 155 39.31 -50.22 -19.12
C GLY G 155 40.44 -49.29 -18.69
N ASP G 156 40.78 -48.31 -19.54
CA ASP G 156 41.86 -47.40 -19.25
C ASP G 156 41.59 -46.54 -18.00
N PHE G 157 40.40 -45.92 -17.91
CA PHE G 157 40.19 -44.88 -16.90
C PHE G 157 39.39 -45.44 -15.73
N GLY G 158 38.11 -45.73 -15.94
CA GLY G 158 37.26 -46.22 -14.86
C GLY G 158 37.87 -47.40 -14.11
N GLY G 159 38.41 -48.35 -14.87
CA GLY G 159 38.88 -49.59 -14.29
C GLY G 159 40.40 -49.66 -14.24
N GLY G 160 41.06 -48.56 -14.61
CA GLY G 160 42.51 -48.51 -14.75
C GLY G 160 43.13 -47.43 -13.88
N SER G 161 43.22 -46.23 -14.42
CA SER G 161 43.76 -45.10 -13.71
C SER G 161 43.05 -44.93 -12.35
N MET G 162 41.73 -45.10 -12.29
CA MET G 162 41.02 -44.78 -11.06
C MET G 162 41.41 -45.78 -9.97
N PHE G 163 41.57 -47.05 -10.35
CA PHE G 163 42.00 -48.03 -9.38
C PHE G 163 43.49 -47.84 -9.03
N LEU G 164 44.33 -47.33 -9.92
CA LEU G 164 45.71 -47.02 -9.54
C LEU G 164 45.65 -45.96 -8.44
N LEU G 165 44.89 -44.89 -8.68
CA LEU G 165 44.71 -43.80 -7.75
C LEU G 165 44.24 -44.30 -6.40
N VAL G 166 43.19 -45.13 -6.37
CA VAL G 166 42.72 -45.68 -5.11
C VAL G 166 43.86 -46.41 -4.39
N GLY G 167 44.64 -47.19 -5.14
CA GLY G 167 45.62 -48.07 -4.51
C GLY G 167 46.76 -47.21 -3.99
N ILE G 168 47.15 -46.20 -4.77
CA ILE G 168 48.17 -45.28 -4.32
C ILE G 168 47.69 -44.64 -3.01
N LEU G 169 46.50 -44.04 -3.05
CA LEU G 169 46.05 -43.21 -1.94
C LEU G 169 45.82 -44.06 -0.70
N ALA G 170 45.32 -45.29 -0.87
CA ALA G 170 45.17 -46.26 0.20
C ALA G 170 46.50 -46.70 0.80
N ALA G 171 47.53 -46.84 -0.03
CA ALA G 171 48.87 -47.22 0.40
C ALA G 171 49.50 -46.10 1.24
N LEU G 172 49.31 -44.86 0.80
CA LEU G 172 49.77 -43.70 1.53
C LEU G 172 49.12 -43.65 2.91
N TRP G 173 47.89 -44.12 3.03
CA TRP G 173 47.22 -44.14 4.31
C TRP G 173 47.85 -45.20 5.19
N GLU G 174 48.22 -46.35 4.60
CA GLU G 174 48.76 -47.47 5.35
C GLU G 174 50.14 -47.08 5.84
N ARG G 175 50.85 -46.31 5.01
CA ARG G 175 52.19 -45.84 5.30
C ARG G 175 52.21 -44.91 6.50
N GLN G 176 51.05 -44.31 6.85
CA GLN G 176 50.99 -43.35 7.96
C GLN G 176 51.16 -44.12 9.29
N SER G 177 50.65 -45.36 9.39
CA SER G 177 50.99 -46.27 10.47
C SER G 177 52.40 -46.85 10.28
N SER G 178 52.52 -47.71 9.25
CA SER G 178 53.56 -48.70 9.13
C SER G 178 54.93 -48.07 8.99
N GLY G 179 55.03 -46.88 8.37
CA GLY G 179 56.31 -46.23 8.11
C GLY G 179 56.93 -46.62 6.77
N LYS G 180 56.28 -47.58 6.07
CA LYS G 180 56.85 -48.35 4.96
C LYS G 180 55.99 -48.24 3.68
N GLY G 181 56.68 -48.08 2.54
CA GLY G 181 56.07 -48.10 1.22
C GLY G 181 55.53 -49.48 0.85
N GLN G 182 55.23 -49.66 -0.45
CA GLN G 182 54.86 -50.96 -0.97
C GLN G 182 54.47 -50.82 -2.45
N VAL G 183 54.08 -51.96 -3.05
CA VAL G 183 53.83 -52.06 -4.47
C VAL G 183 52.33 -52.17 -4.69
N VAL G 184 51.83 -51.33 -5.60
CA VAL G 184 50.44 -51.40 -6.01
C VAL G 184 50.37 -52.03 -7.38
N ASP G 185 49.73 -53.20 -7.48
CA ASP G 185 49.50 -53.86 -8.75
C ASP G 185 48.08 -53.54 -9.25
N ALA G 186 47.97 -52.54 -10.16
CA ALA G 186 46.71 -52.17 -10.78
C ALA G 186 46.61 -52.65 -12.23
N ALA G 187 45.85 -53.73 -12.42
CA ALA G 187 45.52 -54.29 -13.72
C ALA G 187 44.08 -53.95 -14.15
N MET G 188 43.97 -53.45 -15.37
CA MET G 188 42.70 -53.02 -15.95
C MET G 188 41.71 -54.16 -15.95
N VAL G 189 42.17 -55.39 -16.16
CA VAL G 189 41.22 -56.49 -16.20
C VAL G 189 40.61 -56.74 -14.81
N ASP G 190 41.35 -56.35 -13.76
CA ASP G 190 40.88 -56.48 -12.38
C ASP G 190 39.98 -55.28 -12.02
N GLY G 191 40.53 -54.09 -12.22
CA GLY G 191 39.82 -52.88 -11.85
C GLY G 191 38.47 -52.81 -12.56
N SER G 192 38.47 -53.15 -13.85
CA SER G 192 37.26 -53.07 -14.64
C SER G 192 36.24 -54.11 -14.17
N SER G 193 36.70 -55.26 -13.65
CA SER G 193 35.78 -56.24 -13.11
C SER G 193 35.10 -55.75 -11.81
N VAL G 194 35.84 -55.03 -10.97
CA VAL G 194 35.29 -54.46 -9.74
C VAL G 194 34.35 -53.31 -10.12
N LEU G 195 34.68 -52.61 -11.20
CA LEU G 195 33.84 -51.53 -11.68
C LEU G 195 32.45 -52.05 -12.03
N ILE G 196 32.34 -53.26 -12.57
CA ILE G 196 31.07 -53.83 -12.97
C ILE G 196 30.55 -54.87 -11.97
N GLN G 197 31.00 -54.74 -10.71
CA GLN G 197 30.56 -55.69 -9.66
C GLN G 197 29.05 -55.79 -9.55
N MET G 198 28.32 -54.69 -9.78
CA MET G 198 26.87 -54.76 -9.71
C MET G 198 26.32 -55.79 -10.69
N MET G 199 26.91 -55.91 -11.90
CA MET G 199 26.34 -56.84 -12.86
C MET G 199 26.57 -58.27 -12.39
N TRP G 200 27.77 -58.52 -11.84
CA TRP G 200 28.10 -59.83 -11.31
C TRP G 200 27.15 -60.16 -10.16
N ALA G 201 26.84 -59.15 -9.33
CA ALA G 201 25.87 -59.30 -8.23
C ALA G 201 24.48 -59.70 -8.74
N MET G 202 23.98 -58.94 -9.72
CA MET G 202 22.63 -59.13 -10.22
C MET G 202 22.54 -60.44 -10.99
N ARG G 203 23.66 -60.81 -11.64
CA ARG G 203 23.72 -62.07 -12.34
C ARG G 203 23.48 -63.24 -11.38
N ALA G 204 24.02 -63.15 -10.16
CA ALA G 204 23.94 -64.24 -9.17
C ALA G 204 22.51 -64.43 -8.71
N THR G 205 21.69 -63.38 -8.75
CA THR G 205 20.32 -63.43 -8.28
C THR G 205 19.34 -63.47 -9.45
N GLY G 206 19.83 -63.66 -10.68
CA GLY G 206 18.95 -63.78 -11.83
C GLY G 206 18.40 -62.43 -12.33
N MET G 207 18.98 -61.31 -11.90
CA MET G 207 18.49 -59.99 -12.30
C MET G 207 19.27 -59.46 -13.51
N TRP G 208 20.18 -60.26 -14.06
CA TRP G 208 20.92 -59.85 -15.25
C TRP G 208 21.30 -61.07 -16.06
N THR G 209 21.10 -61.03 -17.38
CA THR G 209 21.43 -62.12 -18.29
C THR G 209 22.58 -61.71 -19.23
N ASP G 210 23.24 -62.73 -19.78
CA ASP G 210 24.35 -62.56 -20.68
C ASP G 210 23.88 -62.08 -22.05
N THR G 211 22.58 -62.07 -22.33
CA THR G 211 22.07 -61.54 -23.58
C THR G 211 22.23 -60.03 -23.62
N ARG G 212 22.94 -59.59 -24.66
CA ARG G 212 23.20 -58.17 -24.86
C ARG G 212 21.88 -57.48 -25.23
N GLY G 213 21.68 -56.28 -24.68
CA GLY G 213 20.54 -55.47 -25.09
C GLY G 213 19.22 -55.94 -24.46
N ALA G 214 19.25 -56.81 -23.44
CA ALA G 214 18.01 -57.32 -22.87
C ALA G 214 17.94 -57.18 -21.36
N ASN G 215 18.52 -56.14 -20.77
CA ASN G 215 18.60 -55.97 -19.33
C ASN G 215 18.09 -54.58 -18.97
N MET G 216 18.02 -54.28 -17.67
CA MET G 216 17.45 -52.99 -17.25
C MET G 216 18.34 -51.82 -17.62
N LEU G 217 19.66 -52.03 -17.64
CA LEU G 217 20.61 -50.92 -17.75
C LEU G 217 21.49 -50.90 -19.02
N ASP G 218 21.21 -51.75 -20.02
CA ASP G 218 22.03 -51.85 -21.24
C ASP G 218 21.29 -51.32 -22.47
N GLY G 219 20.11 -50.75 -22.23
CA GLY G 219 19.25 -50.29 -23.31
C GLY G 219 18.12 -51.26 -23.65
N GLY G 220 18.05 -52.40 -23.00
CA GLY G 220 16.91 -53.28 -23.16
C GLY G 220 15.57 -52.70 -22.65
N ALA G 221 15.63 -51.86 -21.60
CA ALA G 221 14.45 -51.35 -20.96
C ALA G 221 14.00 -50.08 -21.65
N PRO G 222 12.72 -49.98 -22.04
CA PRO G 222 12.27 -48.76 -22.71
C PRO G 222 12.36 -47.48 -21.90
N TYR G 223 12.35 -47.62 -20.58
CA TYR G 223 12.41 -46.46 -19.72
C TYR G 223 13.87 -46.18 -19.37
N TYR G 224 14.83 -46.92 -19.96
CA TYR G 224 16.24 -46.63 -19.70
C TYR G 224 17.01 -46.75 -21.01
N ASP G 225 16.97 -45.69 -21.81
CA ASP G 225 17.50 -45.70 -23.17
C ASP G 225 17.45 -44.30 -23.76
N THR G 226 18.06 -44.14 -24.95
CA THR G 226 17.95 -42.94 -25.74
C THR G 226 16.79 -43.09 -26.73
N TYR G 227 16.24 -41.96 -27.14
CA TYR G 227 15.15 -41.87 -28.10
C TYR G 227 15.49 -40.77 -29.09
N GLU G 228 15.18 -41.05 -30.36
CA GLU G 228 15.38 -40.08 -31.41
C GLU G 228 14.15 -39.19 -31.45
N CYS G 229 14.38 -37.88 -31.57
CA CYS G 229 13.36 -36.86 -31.61
C CYS G 229 13.08 -36.41 -33.06
N ALA G 230 12.13 -35.49 -33.28
CA ALA G 230 11.69 -35.09 -34.64
C ALA G 230 12.82 -34.49 -35.46
N ASP G 231 13.79 -33.86 -34.79
CA ASP G 231 14.89 -33.18 -35.43
C ASP G 231 16.11 -34.08 -35.62
N GLY G 232 16.02 -35.38 -35.32
CA GLY G 232 17.17 -36.28 -35.46
C GLY G 232 18.16 -36.17 -34.29
N ARG G 233 17.86 -35.34 -33.28
CA ARG G 233 18.67 -35.31 -32.06
C ARG G 233 18.08 -36.27 -31.04
N TYR G 234 18.71 -36.41 -29.86
CA TYR G 234 18.31 -37.47 -28.94
C TYR G 234 18.06 -36.93 -27.54
N VAL G 235 17.24 -37.67 -26.81
CA VAL G 235 17.05 -37.48 -25.40
C VAL G 235 17.41 -38.80 -24.77
N ALA G 236 17.77 -38.72 -23.48
CA ALA G 236 17.97 -39.89 -22.68
C ALA G 236 16.85 -39.95 -21.67
N VAL G 237 16.28 -41.15 -21.53
CA VAL G 237 15.32 -41.47 -20.50
C VAL G 237 15.93 -42.42 -19.51
N GLY G 238 15.77 -42.09 -18.22
CA GLY G 238 16.29 -42.94 -17.15
C GLY G 238 15.30 -43.13 -16.00
N ALA G 239 14.03 -43.28 -16.36
CA ALA G 239 12.97 -43.24 -15.37
C ALA G 239 12.69 -44.62 -14.82
N ILE G 240 13.57 -45.09 -13.91
CA ILE G 240 13.47 -46.44 -13.38
C ILE G 240 12.36 -46.48 -12.35
N GLU G 241 12.36 -45.51 -11.42
CA GLU G 241 11.42 -45.50 -10.31
C GLU G 241 10.03 -45.19 -10.88
N PRO G 242 8.98 -45.91 -10.41
CA PRO G 242 7.66 -45.74 -10.98
C PRO G 242 7.16 -44.30 -10.96
N GLN G 243 7.47 -43.60 -9.88
CA GLN G 243 6.96 -42.24 -9.76
C GLN G 243 7.61 -41.35 -10.83
N PHE G 244 8.89 -41.60 -11.12
CA PHE G 244 9.55 -40.77 -12.11
C PHE G 244 9.03 -41.13 -13.49
N TYR G 245 8.82 -42.44 -13.70
CA TYR G 245 8.28 -42.91 -14.96
C TYR G 245 6.89 -42.30 -15.22
N ALA G 246 6.03 -42.28 -14.19
CA ALA G 246 4.72 -41.64 -14.37
C ALA G 246 4.86 -40.19 -14.80
N ALA G 247 5.81 -39.47 -14.21
CA ALA G 247 6.00 -38.09 -14.60
C ALA G 247 6.44 -37.99 -16.06
N MET G 248 7.26 -38.95 -16.50
CA MET G 248 7.73 -38.96 -17.87
C MET G 248 6.51 -39.11 -18.80
N LEU G 249 5.64 -40.08 -18.54
CA LEU G 249 4.44 -40.30 -19.36
C LEU G 249 3.56 -39.05 -19.45
N ALA G 250 3.36 -38.39 -18.31
CA ALA G 250 2.50 -37.21 -18.26
C ALA G 250 3.05 -36.14 -19.18
N GLY G 251 4.39 -35.94 -19.13
CA GLY G 251 5.01 -34.96 -20.01
C GLY G 251 4.88 -35.35 -21.47
N LEU G 252 4.89 -36.66 -21.75
CA LEU G 252 4.80 -37.14 -23.13
C LEU G 252 3.38 -36.98 -23.65
N GLY G 253 2.42 -36.87 -22.73
CA GLY G 253 1.02 -36.78 -23.13
C GLY G 253 0.45 -38.17 -23.32
N LEU G 254 1.08 -39.19 -22.71
CA LEU G 254 0.59 -40.56 -22.81
C LEU G 254 -0.18 -40.93 -21.55
N ASP G 255 -1.36 -41.49 -21.78
CA ASP G 255 -2.21 -41.96 -20.71
C ASP G 255 -1.75 -43.36 -20.32
N ALA G 256 -1.36 -43.51 -19.05
CA ALA G 256 -0.82 -44.76 -18.52
C ALA G 256 -1.80 -45.91 -18.67
N ALA G 257 -3.12 -45.63 -18.68
CA ALA G 257 -4.07 -46.71 -18.87
C ALA G 257 -3.96 -47.34 -20.26
N GLU G 258 -3.48 -46.63 -21.29
CA GLU G 258 -3.41 -47.19 -22.64
C GLU G 258 -2.11 -47.97 -22.89
N LEU G 259 -1.20 -48.07 -21.89
CA LEU G 259 0.11 -48.65 -22.10
C LEU G 259 0.21 -49.96 -21.34
N PRO G 260 1.11 -50.87 -21.76
CA PRO G 260 1.43 -51.99 -20.90
C PRO G 260 2.10 -51.51 -19.60
N PRO G 261 2.20 -52.38 -18.58
CA PRO G 261 2.92 -52.03 -17.36
C PRO G 261 4.42 -51.84 -17.63
N GLN G 262 4.97 -50.85 -16.94
CA GLN G 262 6.35 -50.47 -17.05
C GLN G 262 7.27 -51.70 -17.04
N ASN G 263 7.06 -52.67 -16.14
CA ASN G 263 7.98 -53.79 -16.02
C ASN G 263 7.37 -55.13 -16.44
N ASP G 264 6.36 -55.13 -17.30
CA ASP G 264 6.02 -56.34 -18.01
C ASP G 264 6.95 -56.47 -19.22
N ARG G 265 7.99 -57.29 -19.07
CA ARG G 265 9.09 -57.36 -20.03
C ARG G 265 8.62 -57.97 -21.34
N ALA G 266 7.62 -58.85 -21.26
CA ALA G 266 7.02 -59.48 -22.42
C ALA G 266 6.34 -58.44 -23.30
N ARG G 267 5.99 -57.27 -22.76
CA ARG G 267 5.30 -56.28 -23.57
C ARG G 267 6.19 -55.06 -23.81
N TRP G 268 7.49 -55.17 -23.51
CA TRP G 268 8.41 -54.10 -23.79
C TRP G 268 8.39 -53.73 -25.28
N PRO G 269 8.21 -54.68 -26.24
CA PRO G 269 8.13 -54.31 -27.65
C PRO G 269 7.06 -53.28 -27.97
N GLU G 270 5.86 -53.50 -27.41
CA GLU G 270 4.79 -52.53 -27.61
C GLU G 270 5.09 -51.23 -26.88
N LEU G 271 5.59 -51.32 -25.62
CA LEU G 271 5.90 -50.12 -24.85
C LEU G 271 6.92 -49.29 -25.59
N ARG G 272 8.00 -49.93 -26.09
CA ARG G 272 9.03 -49.19 -26.78
C ARG G 272 8.45 -48.48 -28.01
N ALA G 273 7.58 -49.20 -28.75
CA ALA G 273 6.95 -48.59 -29.92
C ALA G 273 6.16 -47.34 -29.55
N LEU G 274 5.45 -47.36 -28.41
CA LEU G 274 4.65 -46.21 -28.00
C LEU G 274 5.53 -45.03 -27.59
N LEU G 275 6.60 -45.30 -26.83
CA LEU G 275 7.49 -44.21 -26.43
C LEU G 275 8.20 -43.64 -27.65
N THR G 276 8.62 -44.54 -28.57
CA THR G 276 9.41 -44.14 -29.73
C THR G 276 8.65 -43.09 -30.54
N GLU G 277 7.35 -43.39 -30.80
CA GLU G 277 6.45 -42.55 -31.58
C GLU G 277 6.22 -41.22 -30.85
N ALA G 278 5.98 -41.28 -29.54
CA ALA G 278 5.83 -40.06 -28.78
C ALA G 278 7.07 -39.16 -28.83
N PHE G 279 8.25 -39.73 -28.53
CA PHE G 279 9.43 -38.84 -28.50
C PHE G 279 9.76 -38.32 -29.90
N ALA G 280 9.47 -39.14 -30.93
CA ALA G 280 9.75 -38.73 -32.31
C ALA G 280 8.82 -37.61 -32.77
N SER G 281 7.74 -37.32 -32.04
CA SER G 281 6.72 -36.38 -32.51
C SER G 281 7.13 -34.94 -32.24
N HIS G 282 8.12 -34.70 -31.39
CA HIS G 282 8.61 -33.33 -31.21
C HIS G 282 10.13 -33.34 -31.18
N ASP G 283 10.74 -32.14 -31.26
CA ASP G 283 12.19 -32.02 -31.29
C ASP G 283 12.78 -32.02 -29.88
N ARG G 284 14.11 -32.13 -29.81
CA ARG G 284 14.81 -32.29 -28.55
C ARG G 284 14.57 -31.07 -27.66
N ASP G 285 14.60 -29.85 -28.22
CA ASP G 285 14.35 -28.65 -27.44
C ASP G 285 12.96 -28.68 -26.80
N HIS G 286 11.95 -29.15 -27.57
CA HIS G 286 10.60 -29.28 -27.05
C HIS G 286 10.62 -30.10 -25.77
N TRP G 287 11.34 -31.23 -25.79
CA TRP G 287 11.38 -32.07 -24.60
C TRP G 287 12.18 -31.40 -23.48
N GLY G 288 13.23 -30.64 -23.79
CA GLY G 288 13.94 -29.91 -22.74
C GLY G 288 12.97 -28.96 -22.00
N ALA G 289 12.07 -28.34 -22.74
CA ALA G 289 11.18 -27.36 -22.14
C ALA G 289 10.09 -28.10 -21.36
N VAL G 290 9.51 -29.16 -21.97
CA VAL G 290 8.50 -29.94 -21.29
C VAL G 290 9.06 -30.46 -19.96
N PHE G 291 10.29 -30.99 -19.93
CA PHE G 291 10.71 -31.71 -18.73
C PHE G 291 11.58 -30.87 -17.78
N ALA G 292 12.09 -29.73 -18.25
CA ALA G 292 12.58 -28.64 -17.40
C ALA G 292 13.19 -29.06 -16.06
N ASN G 293 12.42 -28.87 -14.96
CA ASN G 293 12.95 -28.93 -13.59
C ASN G 293 12.51 -30.27 -12.98
N SER G 294 12.26 -31.31 -13.79
CA SER G 294 11.38 -32.37 -13.33
C SER G 294 12.11 -33.66 -12.97
N ASP G 295 11.42 -34.52 -12.21
CA ASP G 295 11.91 -35.83 -11.84
C ASP G 295 11.62 -36.91 -12.90
N ALA G 296 11.22 -36.49 -14.11
CA ALA G 296 10.89 -37.41 -15.21
C ALA G 296 12.15 -38.14 -15.73
N CYS G 297 13.35 -37.65 -15.39
CA CYS G 297 14.61 -38.27 -15.77
C CYS G 297 14.72 -38.32 -17.29
N VAL G 298 14.42 -37.19 -17.95
CA VAL G 298 14.59 -37.03 -19.37
C VAL G 298 15.53 -35.86 -19.60
N THR G 299 16.66 -36.10 -20.27
CA THR G 299 17.67 -35.07 -20.47
C THR G 299 18.03 -35.01 -21.94
N PRO G 300 18.44 -33.85 -22.48
CA PRO G 300 18.97 -33.81 -23.82
C PRO G 300 20.31 -34.54 -23.89
N VAL G 301 20.53 -35.32 -24.94
CA VAL G 301 21.84 -35.90 -25.22
C VAL G 301 22.67 -34.88 -25.99
N LEU G 302 23.56 -34.19 -25.28
CA LEU G 302 24.33 -33.08 -25.84
C LEU G 302 25.62 -33.61 -26.46
N ALA G 303 25.99 -33.02 -27.61
CA ALA G 303 27.30 -33.26 -28.21
C ALA G 303 28.32 -32.42 -27.47
N PHE G 304 29.58 -32.87 -27.45
CA PHE G 304 30.63 -32.10 -26.78
C PHE G 304 30.51 -30.61 -27.10
N GLY G 305 30.34 -30.27 -28.37
CA GLY G 305 30.38 -28.88 -28.81
C GLY G 305 29.24 -28.03 -28.24
N GLU G 306 28.22 -28.66 -27.64
CA GLU G 306 27.06 -27.97 -27.09
C GLU G 306 27.12 -27.85 -25.56
N VAL G 307 28.04 -28.59 -24.94
CA VAL G 307 28.06 -28.69 -23.48
C VAL G 307 28.26 -27.33 -22.83
N HIS G 308 29.13 -26.50 -23.41
CA HIS G 308 29.43 -25.18 -22.88
C HIS G 308 28.21 -24.26 -22.80
N ASN G 309 27.09 -24.55 -23.49
CA ASN G 309 25.92 -23.70 -23.40
C ASN G 309 24.87 -24.21 -22.42
N GLU G 310 25.15 -25.30 -21.71
CA GLU G 310 24.18 -25.88 -20.81
C GLU G 310 24.28 -25.20 -19.44
N PRO G 311 23.18 -24.58 -18.94
CA PRO G 311 23.20 -23.81 -17.69
C PRO G 311 23.83 -24.52 -16.49
N HIS G 312 23.45 -25.76 -16.22
CA HIS G 312 23.95 -26.46 -15.04
C HIS G 312 25.48 -26.64 -15.12
N ILE G 313 25.99 -26.80 -16.34
CA ILE G 313 27.39 -27.01 -16.60
C ILE G 313 28.12 -25.69 -16.37
N ILE G 314 27.58 -24.60 -16.89
CA ILE G 314 28.20 -23.28 -16.77
C ILE G 314 28.26 -22.86 -15.30
N GLU G 315 27.13 -22.89 -14.60
CA GLU G 315 27.11 -22.34 -13.26
C GLU G 315 27.97 -23.11 -12.28
N ARG G 316 28.18 -24.42 -12.46
CA ARG G 316 29.01 -25.16 -11.52
C ARG G 316 30.49 -25.14 -11.93
N ASN G 317 30.86 -24.50 -13.05
CA ASN G 317 32.25 -24.45 -13.47
C ASN G 317 32.82 -25.86 -13.62
N THR G 318 32.08 -26.72 -14.31
CA THR G 318 32.55 -28.07 -14.59
C THR G 318 33.77 -28.03 -15.54
N PHE G 319 33.80 -27.03 -16.45
CA PHE G 319 34.84 -26.83 -17.46
C PHE G 319 35.50 -25.46 -17.32
N TYR G 320 36.73 -25.32 -17.84
CA TYR G 320 37.46 -24.05 -17.98
C TYR G 320 37.98 -23.97 -19.42
N GLU G 321 38.23 -22.74 -19.96
CA GLU G 321 38.73 -22.58 -21.32
C GLU G 321 40.25 -22.67 -21.33
N ALA G 322 40.83 -23.25 -22.40
CA ALA G 322 42.25 -23.45 -22.47
C ALA G 322 42.66 -23.75 -23.92
N ASN G 323 43.51 -22.87 -24.49
CA ASN G 323 44.12 -23.12 -25.78
C ASN G 323 43.05 -23.53 -26.78
N GLY G 324 42.06 -22.66 -27.00
CA GLY G 324 40.95 -22.91 -27.89
C GLY G 324 40.32 -24.30 -27.66
N GLY G 325 39.95 -24.58 -26.41
CA GLY G 325 39.19 -25.80 -26.12
C GLY G 325 38.84 -25.91 -24.64
N TRP G 326 37.58 -26.22 -24.34
CA TRP G 326 37.18 -26.48 -22.97
C TRP G 326 37.84 -27.75 -22.49
N GLN G 327 38.03 -27.84 -21.17
CA GLN G 327 38.68 -28.96 -20.51
C GLN G 327 37.99 -29.07 -19.17
N PRO G 328 37.86 -30.28 -18.60
CA PRO G 328 37.19 -30.41 -17.31
C PRO G 328 38.04 -29.93 -16.15
N MET G 329 37.42 -29.22 -15.21
CA MET G 329 38.07 -28.86 -13.96
C MET G 329 38.29 -30.08 -13.10
N PRO G 330 39.23 -30.01 -12.14
CA PRO G 330 39.47 -31.11 -11.23
C PRO G 330 38.22 -31.68 -10.55
N ALA G 331 38.25 -32.98 -10.29
CA ALA G 331 37.16 -33.59 -9.58
C ALA G 331 37.78 -34.61 -8.66
N PRO G 332 37.17 -34.93 -7.49
CA PRO G 332 36.01 -34.23 -7.00
C PRO G 332 36.40 -32.89 -6.39
N ARG G 333 35.49 -32.28 -5.62
CA ARG G 333 35.68 -30.96 -5.04
C ARG G 333 35.83 -31.08 -3.53
N PHE G 334 36.63 -30.15 -2.96
CA PHE G 334 36.96 -30.17 -1.54
C PHE G 334 36.54 -28.84 -0.93
N SER G 335 35.84 -28.88 0.22
CA SER G 335 35.31 -27.66 0.84
C SER G 335 36.41 -26.74 1.41
N ARG G 336 37.50 -27.27 1.99
CA ARG G 336 38.52 -26.46 2.64
C ARG G 336 39.74 -26.25 1.76
N THR G 337 40.35 -27.34 1.26
CA THR G 337 41.51 -27.26 0.39
C THR G 337 41.12 -27.53 -1.06
N ALA G 338 40.62 -26.49 -1.72
CA ALA G 338 40.05 -26.58 -3.04
C ALA G 338 41.14 -26.54 -4.11
N SER G 339 40.98 -27.37 -5.15
CA SER G 339 41.90 -27.39 -6.27
C SER G 339 41.80 -26.08 -7.03
N SER G 340 42.87 -25.74 -7.75
CA SER G 340 42.84 -24.57 -8.60
C SER G 340 42.70 -25.02 -10.05
N GLN G 341 42.57 -24.02 -10.93
CA GLN G 341 42.58 -24.28 -12.35
C GLN G 341 43.89 -24.97 -12.71
N PRO G 342 43.85 -26.07 -13.47
CA PRO G 342 45.07 -26.71 -13.93
C PRO G 342 46.02 -25.74 -14.63
N ARG G 343 47.31 -25.94 -14.38
CA ARG G 343 48.34 -25.21 -15.11
C ARG G 343 48.56 -25.87 -16.46
N PRO G 344 48.66 -25.09 -17.57
CA PRO G 344 48.81 -25.68 -18.89
C PRO G 344 50.15 -26.39 -18.99
N PRO G 345 50.29 -27.44 -19.83
CA PRO G 345 51.58 -28.11 -20.00
C PRO G 345 52.69 -27.11 -20.33
N ALA G 346 53.85 -27.28 -19.69
CA ALA G 346 54.90 -26.28 -19.74
C ALA G 346 56.10 -26.81 -20.52
N ALA G 347 57.01 -25.91 -20.88
CA ALA G 347 58.28 -26.29 -21.49
C ALA G 347 59.03 -27.25 -20.58
N THR G 348 59.97 -28.00 -21.19
CA THR G 348 60.78 -28.97 -20.48
C THR G 348 61.62 -28.25 -19.45
N ILE G 349 61.97 -28.99 -18.41
CA ILE G 349 62.78 -28.49 -17.34
C ILE G 349 63.91 -29.49 -17.19
N ASP G 350 65.07 -28.99 -16.75
CA ASP G 350 66.27 -29.80 -16.59
C ASP G 350 66.13 -30.55 -15.26
N ILE G 351 66.43 -31.85 -15.30
CA ILE G 351 66.24 -32.73 -14.15
C ILE G 351 67.05 -32.29 -12.94
N GLU G 352 68.17 -31.59 -13.19
CA GLU G 352 68.99 -31.04 -12.13
C GLU G 352 68.19 -29.98 -11.37
N ALA G 353 67.56 -29.07 -12.14
CA ALA G 353 66.85 -27.93 -11.58
C ALA G 353 65.72 -28.40 -10.66
N VAL G 354 65.17 -29.60 -10.93
CA VAL G 354 64.13 -30.17 -10.09
C VAL G 354 64.75 -30.62 -8.77
N LEU G 355 65.79 -31.47 -8.85
CA LEU G 355 66.48 -31.97 -7.67
C LEU G 355 66.94 -30.86 -6.70
N THR G 356 67.19 -29.64 -7.22
CA THR G 356 67.50 -28.46 -6.41
C THR G 356 66.26 -28.11 -5.59
N ASP G 357 65.26 -27.57 -6.28
CA ASP G 357 63.93 -27.32 -5.74
C ASP G 357 63.56 -28.37 -4.69
N TRP G 358 63.75 -29.66 -4.94
CA TRP G 358 63.37 -30.71 -3.98
C TRP G 358 64.47 -31.00 -2.94
N ASP G 359 65.58 -30.25 -2.98
CA ASP G 359 66.77 -30.53 -2.18
C ASP G 359 67.36 -31.89 -2.61
N MET H 1 41.43 -57.02 10.28
CA MET H 1 40.97 -56.95 8.87
C MET H 1 42.15 -56.76 7.92
N ALA H 2 42.20 -57.61 6.86
CA ALA H 2 43.28 -57.56 5.88
C ALA H 2 43.07 -56.44 4.87
N GLY H 3 44.12 -55.66 4.62
CA GLY H 3 44.19 -54.75 3.49
C GLY H 3 44.89 -53.48 3.93
N PRO H 4 45.21 -52.52 3.03
CA PRO H 4 45.92 -51.31 3.45
C PRO H 4 45.07 -50.30 4.23
N LEU H 5 43.76 -50.51 4.29
CA LEU H 5 42.88 -49.52 4.90
C LEU H 5 42.44 -50.03 6.26
N SER H 6 43.12 -51.09 6.74
CA SER H 6 42.93 -51.63 8.07
C SER H 6 42.89 -50.50 9.10
N GLY H 7 41.81 -50.47 9.89
CA GLY H 7 41.67 -49.49 10.94
C GLY H 7 40.82 -48.28 10.55
N LEU H 8 40.59 -48.06 9.23
CA LEU H 8 39.73 -47.00 8.71
C LEU H 8 38.28 -47.32 9.06
N ARG H 9 37.61 -46.32 9.64
CA ARG H 9 36.22 -46.50 10.07
C ARG H 9 35.32 -45.59 9.25
N VAL H 10 34.26 -46.21 8.75
CA VAL H 10 33.44 -45.61 7.73
C VAL H 10 31.98 -45.85 8.07
N VAL H 11 31.21 -44.75 8.06
CA VAL H 11 29.76 -44.89 8.17
C VAL H 11 29.14 -44.55 6.83
N GLU H 12 28.27 -45.46 6.39
CA GLU H 12 27.54 -45.36 5.13
C GLU H 12 26.05 -45.20 5.42
N LEU H 13 25.48 -44.07 5.00
CA LEU H 13 24.03 -43.96 4.92
C LEU H 13 23.54 -44.64 3.62
N ALA H 14 22.93 -45.81 3.79
CA ALA H 14 22.43 -46.65 2.72
C ALA H 14 21.77 -45.83 1.62
N GLY H 15 22.30 -45.99 0.39
CA GLY H 15 21.68 -45.47 -0.82
C GLY H 15 21.80 -46.49 -1.97
N ILE H 16 21.84 -45.98 -3.21
CA ILE H 16 21.91 -46.86 -4.36
C ILE H 16 23.02 -46.37 -5.29
N GLY H 17 23.66 -47.31 -6.00
CA GLY H 17 24.59 -46.95 -7.06
C GLY H 17 25.98 -46.59 -6.54
N PRO H 18 26.50 -45.37 -6.77
CA PRO H 18 27.90 -45.06 -6.46
C PRO H 18 28.26 -45.18 -4.99
N GLY H 19 27.39 -44.68 -4.10
CA GLY H 19 27.64 -44.74 -2.67
C GLY H 19 27.98 -46.12 -2.17
N PRO H 20 27.11 -47.14 -2.33
CA PRO H 20 27.45 -48.48 -1.87
C PRO H 20 28.67 -49.11 -2.55
N HIS H 21 28.96 -48.71 -3.81
CA HIS H 21 30.11 -49.26 -4.52
C HIS H 21 31.38 -48.70 -3.87
N ALA H 22 31.45 -47.39 -3.64
CA ALA H 22 32.57 -46.82 -2.93
C ALA H 22 32.72 -47.48 -1.55
N ALA H 23 31.62 -47.59 -0.80
CA ALA H 23 31.66 -48.19 0.51
C ALA H 23 32.24 -49.60 0.40
N MET H 24 31.78 -50.36 -0.61
CA MET H 24 32.23 -51.74 -0.84
C MET H 24 33.74 -51.78 -1.08
N ILE H 25 34.27 -50.85 -1.85
CA ILE H 25 35.68 -50.91 -2.19
C ILE H 25 36.47 -50.60 -0.92
N LEU H 26 36.03 -49.60 -0.14
CA LEU H 26 36.77 -49.25 1.07
C LEU H 26 36.85 -50.49 1.97
N GLY H 27 35.72 -51.18 2.12
CA GLY H 27 35.64 -52.41 2.88
C GLY H 27 36.41 -53.58 2.26
N ASP H 28 36.53 -53.60 0.92
CA ASP H 28 37.31 -54.63 0.25
C ASP H 28 38.77 -54.56 0.68
N LEU H 29 39.27 -53.34 0.89
CA LEU H 29 40.66 -53.01 1.19
C LEU H 29 40.95 -52.89 2.71
N GLY H 30 40.03 -53.38 3.55
CA GLY H 30 40.30 -53.55 4.96
C GLY H 30 39.48 -52.60 5.86
N ALA H 31 38.79 -51.63 5.26
CA ALA H 31 38.07 -50.63 6.05
C ALA H 31 36.94 -51.27 6.86
N ASP H 32 36.69 -50.64 8.01
CA ASP H 32 35.61 -51.07 8.89
C ASP H 32 34.38 -50.24 8.53
N VAL H 33 33.40 -50.91 7.92
CA VAL H 33 32.35 -50.19 7.23
C VAL H 33 31.03 -50.59 7.86
N VAL H 34 30.34 -49.56 8.33
CA VAL H 34 29.11 -49.74 9.06
C VAL H 34 28.02 -49.02 8.28
N ARG H 35 27.07 -49.82 7.80
CA ARG H 35 26.10 -49.27 6.88
C ARG H 35 24.78 -49.13 7.62
N ILE H 36 24.27 -47.89 7.66
CA ILE H 36 23.03 -47.62 8.37
C ILE H 36 21.87 -47.73 7.39
N ASP H 37 21.00 -48.71 7.59
CA ASP H 37 19.82 -48.85 6.74
C ASP H 37 18.53 -48.51 7.51
N ARG H 38 17.46 -48.25 6.74
CA ARG H 38 16.11 -48.15 7.29
C ARG H 38 15.70 -49.50 7.88
N PRO H 39 15.03 -49.52 9.06
CA PRO H 39 14.45 -50.77 9.54
C PRO H 39 13.49 -51.38 8.53
N SER H 40 12.78 -50.53 7.76
CA SER H 40 11.74 -50.95 6.81
C SER H 40 12.31 -51.86 5.73
N SER H 41 13.22 -51.35 4.88
CA SER H 41 13.80 -52.19 3.85
C SER H 41 15.04 -52.91 4.40
N VAL H 42 14.82 -53.90 5.29
CA VAL H 42 15.71 -55.04 5.49
C VAL H 42 14.81 -56.27 5.65
N ASP H 43 15.42 -57.44 5.96
CA ASP H 43 14.68 -58.69 6.05
C ASP H 43 15.57 -59.78 6.67
N GLY H 44 16.48 -60.37 5.89
CA GLY H 44 17.43 -61.36 6.36
C GLY H 44 18.86 -60.96 6.00
N ILE H 45 19.70 -61.97 5.70
CA ILE H 45 20.99 -61.73 5.06
C ILE H 45 20.72 -61.17 3.65
N SER H 46 21.37 -60.04 3.28
CA SER H 46 21.23 -59.51 1.93
C SER H 46 21.93 -60.43 0.94
N ARG H 47 21.36 -60.54 -0.26
CA ARG H 47 22.01 -61.30 -1.31
C ARG H 47 22.42 -60.34 -2.43
N ASP H 48 22.59 -59.05 -2.07
CA ASP H 48 23.34 -58.12 -2.91
C ASP H 48 24.83 -58.26 -2.56
N ALA H 49 25.57 -58.97 -3.43
CA ALA H 49 26.99 -59.18 -3.20
C ALA H 49 27.72 -57.84 -3.18
N MET H 50 27.06 -56.73 -3.61
CA MET H 50 27.66 -55.41 -3.43
C MET H 50 27.78 -54.99 -1.95
N LEU H 51 26.88 -55.51 -1.10
CA LEU H 51 26.93 -55.24 0.34
C LEU H 51 27.87 -56.22 1.06
N ARG H 52 28.92 -56.67 0.37
CA ARG H 52 29.95 -57.46 1.02
C ARG H 52 30.80 -56.53 1.89
N ASN H 53 31.58 -57.10 2.80
CA ASN H 53 32.54 -56.37 3.63
C ASN H 53 31.91 -55.25 4.47
N ARG H 54 30.71 -55.50 5.03
CA ARG H 54 29.98 -54.52 5.83
C ARG H 54 29.57 -55.12 7.18
N ARG H 55 29.22 -54.25 8.15
CA ARG H 55 28.17 -54.53 9.13
C ARG H 55 26.97 -53.63 8.83
N ILE H 56 25.80 -54.27 8.63
CA ILE H 56 24.52 -53.59 8.43
C ILE H 56 23.84 -53.36 9.79
N VAL H 57 23.43 -52.12 10.06
CA VAL H 57 22.57 -51.81 11.21
C VAL H 57 21.38 -51.02 10.71
N THR H 58 20.25 -51.10 11.44
CA THR H 58 19.07 -50.32 11.12
C THR H 58 18.87 -49.19 12.14
N ALA H 59 17.95 -48.28 11.83
CA ALA H 59 17.81 -47.06 12.58
C ALA H 59 16.98 -46.07 11.77
N ASP H 60 15.77 -45.79 12.26
CA ASP H 60 14.98 -44.68 11.77
C ASP H 60 15.69 -43.38 12.15
N LEU H 61 16.22 -42.64 11.16
CA LEU H 61 17.01 -41.43 11.40
C LEU H 61 16.09 -40.22 11.56
N LYS H 62 14.80 -40.41 11.31
CA LYS H 62 13.81 -39.40 11.65
C LYS H 62 13.42 -39.47 13.13
N SER H 63 13.67 -40.61 13.81
CA SER H 63 13.63 -40.75 15.28
C SER H 63 14.62 -39.83 15.98
N ASP H 64 14.30 -39.46 17.24
CA ASP H 64 15.24 -38.79 18.12
C ASP H 64 16.36 -39.75 18.50
N GLN H 65 15.95 -40.99 18.79
CA GLN H 65 16.85 -42.05 19.18
C GLN H 65 17.78 -42.41 18.02
N GLY H 66 17.18 -42.77 16.87
CA GLY H 66 17.89 -43.06 15.64
C GLY H 66 18.96 -42.02 15.29
N LEU H 67 18.63 -40.73 15.43
CA LEU H 67 19.54 -39.66 15.09
C LEU H 67 20.70 -39.67 16.08
N GLU H 68 20.41 -39.98 17.33
CA GLU H 68 21.43 -39.88 18.37
C GLU H 68 22.43 -41.02 18.21
N LEU H 69 21.93 -42.24 17.95
CA LEU H 69 22.77 -43.40 17.70
C LEU H 69 23.68 -43.18 16.47
N ALA H 70 23.16 -42.56 15.42
CA ALA H 70 23.94 -42.27 14.24
C ALA H 70 25.03 -41.24 14.56
N LEU H 71 24.70 -40.19 15.32
CA LEU H 71 25.68 -39.18 15.71
C LEU H 71 26.77 -39.80 16.56
N LYS H 72 26.46 -40.81 17.38
CA LYS H 72 27.48 -41.45 18.20
C LYS H 72 28.44 -42.23 17.30
N LEU H 73 27.89 -43.09 16.41
CA LEU H 73 28.66 -43.83 15.40
C LEU H 73 29.59 -42.91 14.64
N ILE H 74 29.02 -41.81 14.14
CA ILE H 74 29.75 -40.86 13.33
C ILE H 74 30.86 -40.21 14.14
N ALA H 75 30.71 -40.17 15.47
CA ALA H 75 31.67 -39.49 16.31
C ALA H 75 32.96 -40.33 16.42
N LYS H 76 32.82 -41.66 16.38
CA LYS H 76 33.95 -42.58 16.44
C LYS H 76 34.48 -42.97 15.05
N ALA H 77 34.10 -42.27 13.96
CA ALA H 77 34.43 -42.68 12.59
C ALA H 77 35.37 -41.69 11.91
N ASP H 78 36.01 -42.15 10.82
CA ASP H 78 36.87 -41.30 10.02
C ASP H 78 36.10 -40.71 8.85
N VAL H 79 35.14 -41.51 8.37
CA VAL H 79 34.48 -41.20 7.10
C VAL H 79 32.98 -41.41 7.16
N LEU H 80 32.28 -40.42 6.59
CA LEU H 80 30.86 -40.53 6.31
C LEU H 80 30.58 -40.45 4.80
N ILE H 81 29.75 -41.40 4.35
CA ILE H 81 29.26 -41.46 2.97
C ILE H 81 27.74 -41.29 2.97
N GLU H 82 27.30 -40.30 2.21
CA GLU H 82 25.88 -40.17 1.92
C GLU H 82 25.67 -39.90 0.43
N GLY H 83 24.63 -40.51 -0.13
CA GLY H 83 24.28 -40.29 -1.53
C GLY H 83 22.82 -39.89 -1.73
N TYR H 84 22.26 -39.09 -0.82
CA TYR H 84 20.91 -38.57 -0.99
C TYR H 84 20.96 -37.26 -1.77
N ARG H 85 19.76 -36.75 -2.11
CA ARG H 85 19.71 -35.43 -2.71
C ARG H 85 20.29 -34.44 -1.71
N PRO H 86 20.88 -33.32 -2.16
CA PRO H 86 21.37 -32.31 -1.26
C PRO H 86 20.24 -31.74 -0.39
N GLY H 87 20.52 -31.60 0.91
CA GLY H 87 19.59 -31.06 1.89
C GLY H 87 19.05 -32.19 2.76
N VAL H 88 19.21 -33.42 2.32
CA VAL H 88 18.52 -34.47 3.04
C VAL H 88 19.21 -34.71 4.38
N THR H 89 20.57 -34.78 4.37
CA THR H 89 21.29 -35.00 5.62
C THR H 89 21.12 -33.72 6.49
N GLU H 90 21.15 -32.53 5.90
CA GLU H 90 20.93 -31.33 6.69
C GLU H 90 19.65 -31.46 7.53
N ARG H 91 18.54 -31.89 6.92
CA ARG H 91 17.27 -32.00 7.60
C ARG H 91 17.21 -33.17 8.57
N LEU H 92 17.90 -34.27 8.31
CA LEU H 92 17.90 -35.33 9.28
C LEU H 92 18.62 -34.91 10.56
N GLY H 93 19.36 -33.79 10.51
CA GLY H 93 20.29 -33.40 11.57
C GLY H 93 21.67 -34.06 11.45
N LEU H 94 22.02 -34.54 10.23
CA LEU H 94 23.21 -35.34 9.97
C LEU H 94 24.08 -34.65 8.94
N GLY H 95 23.90 -33.35 8.78
CA GLY H 95 24.60 -32.56 7.78
C GLY H 95 26.05 -32.28 8.20
N PRO H 96 26.87 -31.70 7.32
CA PRO H 96 28.26 -31.42 7.65
C PRO H 96 28.43 -30.65 8.96
N GLU H 97 27.65 -29.58 9.17
CA GLU H 97 27.82 -28.76 10.36
C GLU H 97 27.47 -29.55 11.62
N GLU H 98 26.34 -30.22 11.63
CA GLU H 98 25.97 -31.04 12.77
C GLU H 98 27.03 -32.12 13.03
N CYS H 99 27.64 -32.64 11.95
CA CYS H 99 28.59 -33.74 12.10
C CYS H 99 29.90 -33.21 12.71
N ALA H 100 30.30 -32.02 12.27
CA ALA H 100 31.54 -31.35 12.65
C ALA H 100 31.56 -30.92 14.12
N LYS H 101 30.39 -30.88 14.77
CA LYS H 101 30.32 -30.55 16.18
C LYS H 101 30.70 -31.77 16.99
N VAL H 102 30.34 -32.96 16.50
CA VAL H 102 30.70 -34.16 17.21
C VAL H 102 32.02 -34.75 16.68
N ASN H 103 32.69 -34.13 15.69
CA ASN H 103 33.87 -34.75 15.07
C ASN H 103 34.47 -33.83 14.01
N ASP H 104 35.43 -33.00 14.41
CA ASP H 104 36.06 -32.07 13.48
C ASP H 104 37.08 -32.79 12.59
N ARG H 105 37.25 -34.12 12.74
CA ARG H 105 38.19 -34.82 11.86
C ARG H 105 37.48 -35.58 10.72
N LEU H 106 36.17 -35.36 10.57
CA LEU H 106 35.35 -36.24 9.75
C LEU H 106 35.59 -35.91 8.28
N ILE H 107 35.79 -36.95 7.47
CA ILE H 107 35.66 -36.81 6.02
C ILE H 107 34.20 -37.06 5.63
N TYR H 108 33.57 -35.96 5.22
CA TYR H 108 32.15 -35.96 4.88
C TYR H 108 32.04 -35.98 3.35
N ALA H 109 31.64 -37.15 2.84
CA ALA H 109 31.70 -37.48 1.42
C ALA H 109 30.28 -37.56 0.86
N ARG H 110 30.01 -36.61 0.00
CA ARG H 110 28.68 -36.46 -0.57
C ARG H 110 28.70 -36.89 -2.04
N MET H 111 28.00 -37.97 -2.31
CA MET H 111 27.89 -38.54 -3.65
C MET H 111 26.58 -38.14 -4.32
N THR H 112 26.63 -37.33 -5.38
CA THR H 112 25.47 -37.01 -6.19
C THR H 112 25.79 -37.09 -7.68
N GLY H 113 24.76 -36.92 -8.49
CA GLY H 113 24.96 -36.87 -9.93
C GLY H 113 25.18 -35.46 -10.39
N TRP H 114 24.30 -34.56 -9.92
CA TRP H 114 24.29 -33.19 -10.43
C TRP H 114 25.19 -32.27 -9.59
N GLY H 115 25.51 -32.67 -8.36
CA GLY H 115 26.29 -31.80 -7.51
C GLY H 115 25.44 -31.13 -6.43
N GLN H 116 26.12 -30.33 -5.61
CA GLN H 116 25.51 -29.83 -4.39
C GLN H 116 24.70 -28.58 -4.67
N THR H 117 25.04 -27.80 -5.70
CA THR H 117 24.29 -26.60 -6.03
C THR H 117 23.97 -26.58 -7.53
N GLY H 118 23.16 -25.61 -7.97
CA GLY H 118 22.89 -25.36 -9.38
C GLY H 118 21.48 -25.81 -9.77
N PRO H 119 20.99 -25.46 -10.99
CA PRO H 119 19.59 -25.64 -11.35
C PRO H 119 19.07 -27.07 -11.31
N ARG H 120 19.97 -28.06 -11.51
CA ARG H 120 19.56 -29.44 -11.56
C ARG H 120 19.85 -30.13 -10.24
N SER H 121 20.32 -29.38 -9.22
CA SER H 121 20.77 -30.00 -7.99
C SER H 121 19.71 -30.85 -7.31
N GLN H 122 18.41 -30.57 -7.55
CA GLN H 122 17.38 -31.34 -6.88
C GLN H 122 16.61 -32.28 -7.82
N GLN H 123 17.02 -32.32 -9.09
CA GLN H 123 16.36 -33.15 -10.08
C GLN H 123 16.80 -34.61 -9.91
N ALA H 124 15.83 -35.53 -9.89
CA ALA H 124 16.16 -36.94 -9.88
C ALA H 124 16.98 -37.27 -11.13
N GLY H 125 17.66 -38.41 -11.11
CA GLY H 125 18.47 -38.79 -12.24
C GLY H 125 19.09 -40.17 -12.04
N HIS H 126 19.50 -40.74 -13.17
CA HIS H 126 20.31 -41.92 -13.16
C HIS H 126 21.54 -41.72 -14.05
N ASP H 127 22.40 -42.75 -14.14
CA ASP H 127 23.66 -42.66 -14.86
C ASP H 127 23.47 -42.00 -16.21
N ILE H 128 22.50 -42.55 -16.99
CA ILE H 128 22.31 -42.17 -18.38
C ILE H 128 22.04 -40.67 -18.47
N ASN H 129 21.39 -40.08 -17.45
CA ASN H 129 21.10 -38.65 -17.48
C ASN H 129 22.38 -37.84 -17.27
N TYR H 130 23.21 -38.24 -16.31
CA TYR H 130 24.42 -37.47 -15.94
C TYR H 130 25.37 -37.45 -17.13
N ILE H 131 25.51 -38.58 -17.84
CA ILE H 131 26.42 -38.64 -19.00
C ILE H 131 25.81 -38.06 -20.26
N SER H 132 24.49 -37.81 -20.27
CA SER H 132 23.90 -37.20 -21.45
C SER H 132 24.25 -35.70 -21.55
N LEU H 133 24.42 -35.04 -20.41
CA LEU H 133 24.51 -33.59 -20.37
C LEU H 133 25.94 -33.10 -20.64
N ASN H 134 26.94 -33.97 -20.53
CA ASN H 134 28.33 -33.52 -20.64
C ASN H 134 29.04 -34.09 -21.86
N GLY H 135 28.27 -34.60 -22.85
CA GLY H 135 28.82 -34.99 -24.14
C GLY H 135 29.14 -36.49 -24.28
N ILE H 136 29.19 -37.23 -23.17
CA ILE H 136 29.75 -38.58 -23.17
C ILE H 136 28.83 -39.53 -23.93
N LEU H 137 27.56 -39.60 -23.52
CA LEU H 137 26.60 -40.52 -24.10
C LEU H 137 26.48 -40.33 -25.60
N HIS H 138 26.50 -39.08 -26.03
CA HIS H 138 26.38 -38.77 -27.42
C HIS H 138 27.49 -39.45 -28.25
N ALA H 139 28.65 -39.61 -27.65
CA ALA H 139 29.82 -40.18 -28.32
C ALA H 139 29.84 -41.70 -28.40
N ILE H 140 28.92 -42.41 -27.74
CA ILE H 140 28.96 -43.86 -27.64
C ILE H 140 27.93 -44.52 -28.57
N GLY H 141 28.37 -45.42 -29.46
CA GLY H 141 27.49 -46.22 -30.29
C GLY H 141 27.89 -46.09 -31.76
N ARG H 142 27.21 -46.80 -32.66
CA ARG H 142 27.46 -46.70 -34.08
C ARG H 142 26.90 -45.38 -34.64
N GLY H 143 27.49 -44.89 -35.71
CA GLY H 143 27.16 -43.58 -36.26
C GLY H 143 25.74 -43.57 -36.84
N ASP H 144 25.29 -44.73 -37.31
CA ASP H 144 24.02 -44.85 -37.99
C ASP H 144 22.88 -45.15 -37.01
N GLU H 145 23.09 -45.00 -35.70
CA GLU H 145 22.09 -45.40 -34.73
C GLU H 145 22.09 -44.48 -33.53
N ARG H 146 21.10 -44.59 -32.68
CA ARG H 146 21.02 -43.69 -31.54
C ARG H 146 22.02 -44.11 -30.47
N PRO H 147 22.52 -43.20 -29.63
CA PRO H 147 23.57 -43.54 -28.69
C PRO H 147 23.16 -44.69 -27.80
N VAL H 148 24.15 -45.48 -27.41
CA VAL H 148 23.84 -46.59 -26.54
C VAL H 148 24.48 -46.40 -25.15
N PRO H 149 23.73 -46.68 -24.07
CA PRO H 149 24.27 -46.50 -22.73
C PRO H 149 25.33 -47.56 -22.44
N PRO H 150 26.54 -47.14 -21.99
CA PRO H 150 27.57 -48.06 -21.59
C PRO H 150 27.32 -48.60 -20.19
N LEU H 151 26.23 -49.35 -20.12
CA LEU H 151 25.56 -49.74 -18.90
C LEU H 151 25.56 -48.51 -18.02
N ASN H 152 25.85 -48.69 -16.73
CA ASN H 152 25.99 -47.56 -15.80
C ASN H 152 27.42 -47.46 -15.31
N LEU H 153 28.39 -47.77 -16.20
CA LEU H 153 29.78 -47.86 -15.81
C LEU H 153 30.43 -46.49 -15.66
N VAL H 154 29.99 -45.50 -16.45
CA VAL H 154 30.78 -44.31 -16.65
C VAL H 154 30.32 -43.25 -15.66
N GLY H 155 29.02 -43.16 -15.41
CA GLY H 155 28.49 -42.16 -14.48
C GLY H 155 28.52 -42.66 -13.05
N ASP H 156 27.89 -43.80 -12.77
CA ASP H 156 27.85 -44.32 -11.41
C ASP H 156 29.22 -44.72 -10.84
N PHE H 157 30.04 -45.46 -11.60
CA PHE H 157 31.23 -46.06 -11.03
C PHE H 157 32.45 -45.26 -11.49
N GLY H 158 32.81 -45.35 -12.78
CA GLY H 158 34.06 -44.74 -13.17
C GLY H 158 34.12 -43.25 -12.85
N GLY H 159 33.01 -42.54 -13.10
CA GLY H 159 32.96 -41.10 -12.85
C GLY H 159 32.24 -40.75 -11.54
N GLY H 160 31.92 -41.75 -10.74
CA GLY H 160 31.06 -41.57 -9.59
C GLY H 160 31.74 -42.02 -8.31
N SER H 161 31.53 -43.28 -7.96
CA SER H 161 32.15 -43.91 -6.81
C SER H 161 33.67 -43.71 -6.85
N MET H 162 34.30 -43.81 -8.04
CA MET H 162 35.75 -43.85 -8.05
C MET H 162 36.29 -42.49 -7.68
N PHE H 163 35.59 -41.43 -8.09
CA PHE H 163 36.00 -40.09 -7.71
C PHE H 163 35.62 -39.79 -6.25
N LEU H 164 34.55 -40.39 -5.73
CA LEU H 164 34.26 -40.32 -4.31
C LEU H 164 35.46 -40.88 -3.54
N LEU H 165 35.91 -42.07 -3.92
CA LEU H 165 37.05 -42.70 -3.29
C LEU H 165 38.30 -41.85 -3.36
N VAL H 166 38.65 -41.32 -4.52
CA VAL H 166 39.84 -40.49 -4.64
C VAL H 166 39.74 -39.29 -3.68
N GLY H 167 38.52 -38.76 -3.53
CA GLY H 167 38.30 -37.61 -2.67
C GLY H 167 38.44 -37.96 -1.18
N ILE H 168 37.83 -39.07 -0.79
CA ILE H 168 37.95 -39.58 0.55
C ILE H 168 39.43 -39.80 0.92
N LEU H 169 40.16 -40.51 0.06
CA LEU H 169 41.52 -40.92 0.40
C LEU H 169 42.43 -39.71 0.27
N ALA H 170 42.14 -38.79 -0.66
CA ALA H 170 42.95 -37.59 -0.77
C ALA H 170 42.78 -36.73 0.48
N ALA H 171 41.54 -36.64 0.99
CA ALA H 171 41.26 -35.77 2.12
C ALA H 171 41.87 -36.37 3.40
N LEU H 172 41.93 -37.72 3.47
CA LEU H 172 42.55 -38.45 4.55
C LEU H 172 44.04 -38.13 4.58
N TRP H 173 44.65 -37.98 3.39
CA TRP H 173 46.04 -37.58 3.29
C TRP H 173 46.20 -36.18 3.88
N GLU H 174 45.44 -35.25 3.33
CA GLU H 174 45.51 -33.87 3.75
C GLU H 174 45.25 -33.76 5.25
N ARG H 175 44.42 -34.65 5.78
CA ARG H 175 44.09 -34.60 7.19
C ARG H 175 45.35 -34.83 8.03
N GLN H 176 46.13 -35.86 7.66
CA GLN H 176 47.33 -36.25 8.38
C GLN H 176 48.19 -35.04 8.69
N SER H 177 48.14 -34.03 7.83
CA SER H 177 48.93 -32.83 7.99
C SER H 177 48.16 -31.69 8.68
N SER H 178 46.83 -31.67 8.59
CA SER H 178 46.07 -30.53 9.09
C SER H 178 45.30 -30.85 10.37
N GLY H 179 45.17 -32.14 10.74
CA GLY H 179 44.33 -32.56 11.85
C GLY H 179 42.82 -32.39 11.62
N LYS H 180 42.41 -31.92 10.41
CA LYS H 180 41.04 -31.50 10.14
C LYS H 180 40.42 -32.26 8.96
N GLY H 181 39.13 -32.63 9.14
CA GLY H 181 38.30 -33.15 8.07
C GLY H 181 37.80 -32.06 7.11
N GLN H 182 36.96 -32.47 6.13
CA GLN H 182 36.39 -31.50 5.22
C GLN H 182 35.30 -32.22 4.43
N VAL H 183 34.59 -31.44 3.58
CA VAL H 183 33.52 -31.99 2.74
C VAL H 183 34.07 -32.31 1.35
N VAL H 184 33.83 -33.55 0.93
CA VAL H 184 34.07 -34.02 -0.42
C VAL H 184 32.75 -34.01 -1.20
N ASP H 185 32.68 -33.12 -2.20
CA ASP H 185 31.57 -33.01 -3.13
C ASP H 185 31.91 -33.75 -4.44
N ALA H 186 31.48 -35.01 -4.54
CA ALA H 186 31.65 -35.84 -5.73
C ALA H 186 30.38 -35.87 -6.57
N ALA H 187 30.40 -35.19 -7.71
CA ALA H 187 29.24 -35.20 -8.60
C ALA H 187 29.57 -35.99 -9.87
N MET H 188 28.68 -36.90 -10.26
CA MET H 188 28.92 -37.77 -11.40
C MET H 188 29.18 -36.99 -12.68
N VAL H 189 28.52 -35.83 -12.83
CA VAL H 189 28.66 -35.06 -14.06
C VAL H 189 30.08 -34.47 -14.17
N ASP H 190 30.76 -34.27 -13.04
CA ASP H 190 32.12 -33.75 -13.00
C ASP H 190 33.11 -34.92 -13.17
N GLY H 191 32.98 -35.92 -12.33
CA GLY H 191 33.90 -37.04 -12.35
C GLY H 191 33.94 -37.69 -13.73
N SER H 192 32.77 -37.82 -14.39
CA SER H 192 32.75 -38.50 -15.68
C SER H 192 33.39 -37.57 -16.71
N SER H 193 33.36 -36.26 -16.48
CA SER H 193 34.00 -35.33 -17.41
C SER H 193 35.53 -35.45 -17.31
N VAL H 194 36.05 -35.66 -16.10
CA VAL H 194 37.48 -35.87 -15.96
C VAL H 194 37.87 -37.27 -16.48
N LEU H 195 36.98 -38.25 -16.34
CA LEU H 195 37.20 -39.56 -16.92
C LEU H 195 37.47 -39.45 -18.43
N ILE H 196 36.80 -38.52 -19.11
CA ILE H 196 36.83 -38.43 -20.57
C ILE H 196 37.71 -37.27 -21.00
N GLN H 197 38.61 -36.89 -20.09
CA GLN H 197 39.47 -35.74 -20.39
C GLN H 197 40.28 -35.99 -21.67
N MET H 198 40.61 -37.25 -21.95
CA MET H 198 41.37 -37.54 -23.18
C MET H 198 40.63 -37.04 -24.43
N MET H 199 39.30 -37.23 -24.49
CA MET H 199 38.57 -36.75 -25.66
C MET H 199 38.53 -35.23 -25.69
N TRP H 200 38.41 -34.59 -24.54
CA TRP H 200 38.40 -33.14 -24.58
C TRP H 200 39.76 -32.63 -25.09
N ALA H 201 40.84 -33.30 -24.68
CA ALA H 201 42.19 -32.98 -25.18
C ALA H 201 42.27 -33.16 -26.70
N MET H 202 41.95 -34.37 -27.18
CA MET H 202 42.03 -34.67 -28.60
C MET H 202 41.14 -33.75 -29.41
N ARG H 203 40.01 -33.31 -28.83
CA ARG H 203 39.07 -32.48 -29.56
C ARG H 203 39.73 -31.14 -29.88
N ALA H 204 40.55 -30.69 -28.93
CA ALA H 204 41.19 -29.39 -28.95
C ALA H 204 42.31 -29.32 -30.01
N THR H 205 42.91 -30.47 -30.32
CA THR H 205 43.95 -30.59 -31.33
C THR H 205 43.36 -31.07 -32.67
N GLY H 206 42.04 -31.21 -32.81
CA GLY H 206 41.45 -31.73 -34.05
C GLY H 206 41.63 -33.23 -34.22
N MET H 207 41.94 -33.99 -33.15
CA MET H 207 42.13 -35.43 -33.23
C MET H 207 40.87 -36.19 -32.79
N TRP H 208 39.75 -35.48 -32.57
CA TRP H 208 38.51 -36.10 -32.15
C TRP H 208 37.36 -35.23 -32.61
N THR H 209 36.32 -35.83 -33.19
CA THR H 209 35.19 -35.03 -33.61
C THR H 209 33.91 -35.57 -32.98
N ASP H 210 32.90 -34.69 -33.02
CA ASP H 210 31.63 -34.92 -32.37
C ASP H 210 30.75 -35.87 -33.19
N THR H 211 31.20 -36.25 -34.40
CA THR H 211 30.53 -37.28 -35.17
C THR H 211 30.70 -38.62 -34.48
N ARG H 212 29.58 -39.26 -34.14
CA ARG H 212 29.58 -40.57 -33.52
C ARG H 212 30.04 -41.62 -34.54
N GLY H 213 30.89 -42.55 -34.10
CA GLY H 213 31.31 -43.67 -34.95
C GLY H 213 32.37 -43.29 -35.98
N ALA H 214 33.10 -42.20 -35.77
CA ALA H 214 34.05 -41.72 -36.79
C ALA H 214 35.40 -41.31 -36.19
N ASN H 215 35.82 -41.99 -35.12
CA ASN H 215 37.01 -41.60 -34.40
C ASN H 215 37.84 -42.86 -34.15
N MET H 216 39.08 -42.72 -33.68
CA MET H 216 39.94 -43.88 -33.50
C MET H 216 39.45 -44.84 -32.42
N LEU H 217 38.74 -44.34 -31.38
CA LEU H 217 38.46 -45.17 -30.21
C LEU H 217 36.98 -45.44 -29.98
N ASP H 218 36.10 -45.13 -30.94
CA ASP H 218 34.65 -45.23 -30.72
C ASP H 218 34.04 -46.36 -31.56
N GLY H 219 34.88 -47.13 -32.31
CA GLY H 219 34.43 -48.20 -33.18
C GLY H 219 34.56 -47.81 -34.66
N GLY H 220 34.83 -46.56 -34.92
CA GLY H 220 35.02 -46.10 -36.29
C GLY H 220 36.28 -46.65 -36.99
N ALA H 221 37.39 -46.83 -36.26
CA ALA H 221 38.61 -47.37 -36.82
C ALA H 221 38.50 -48.88 -36.96
N PRO H 222 38.78 -49.44 -38.16
CA PRO H 222 38.75 -50.87 -38.38
C PRO H 222 39.69 -51.70 -37.53
N TYR H 223 40.79 -51.09 -37.10
CA TYR H 223 41.74 -51.73 -36.19
C TYR H 223 41.44 -51.50 -34.71
N TYR H 224 40.27 -50.92 -34.36
CA TYR H 224 39.86 -50.68 -32.98
C TYR H 224 38.36 -50.88 -32.90
N ASP H 225 37.97 -52.15 -32.91
CA ASP H 225 36.58 -52.51 -33.05
C ASP H 225 36.44 -54.00 -32.87
N THR H 226 35.18 -54.48 -32.84
CA THR H 226 34.89 -55.90 -32.77
C THR H 226 34.55 -56.41 -34.16
N TYR H 227 34.76 -57.73 -34.38
CA TYR H 227 34.47 -58.45 -35.60
C TYR H 227 33.74 -59.74 -35.27
N GLU H 228 32.78 -60.08 -36.12
CA GLU H 228 32.08 -61.33 -35.96
C GLU H 228 32.86 -62.47 -36.64
N CYS H 229 32.88 -63.64 -36.00
CA CYS H 229 33.64 -64.79 -36.45
C CYS H 229 32.70 -65.84 -37.06
N ALA H 230 33.27 -66.91 -37.61
CA ALA H 230 32.47 -67.90 -38.34
C ALA H 230 31.41 -68.51 -37.44
N ASP H 231 31.61 -68.52 -36.11
CA ASP H 231 30.67 -69.17 -35.21
C ASP H 231 29.66 -68.16 -34.66
N GLY H 232 29.73 -66.89 -35.09
CA GLY H 232 28.78 -65.90 -34.61
C GLY H 232 29.22 -65.26 -33.30
N ARG H 233 30.41 -65.65 -32.81
CA ARG H 233 31.01 -65.03 -31.64
C ARG H 233 32.00 -63.97 -32.11
N TYR H 234 32.59 -63.20 -31.19
CA TYR H 234 33.30 -61.99 -31.57
C TYR H 234 34.74 -62.00 -31.07
N VAL H 235 35.58 -61.27 -31.82
CA VAL H 235 36.90 -60.86 -31.35
C VAL H 235 36.94 -59.36 -31.26
N ALA H 236 37.77 -58.87 -30.34
CA ALA H 236 38.17 -57.50 -30.26
C ALA H 236 39.56 -57.35 -30.87
N VAL H 237 39.65 -56.32 -31.71
CA VAL H 237 40.89 -55.80 -32.24
C VAL H 237 41.16 -54.41 -31.69
N GLY H 238 42.40 -54.20 -31.25
CA GLY H 238 42.87 -52.99 -30.60
C GLY H 238 44.25 -52.59 -31.10
N ALA H 239 44.57 -52.95 -32.37
CA ALA H 239 45.93 -52.81 -32.91
C ALA H 239 46.20 -51.41 -33.45
N ILE H 240 46.39 -50.45 -32.53
CA ILE H 240 46.56 -49.05 -32.85
C ILE H 240 47.95 -48.80 -33.44
N GLU H 241 48.97 -49.32 -32.74
CA GLU H 241 50.35 -49.07 -33.14
C GLU H 241 50.66 -49.83 -34.43
N PRO H 242 51.41 -49.25 -35.37
CA PRO H 242 51.66 -49.90 -36.65
C PRO H 242 52.24 -51.31 -36.58
N GLN H 243 53.14 -51.52 -35.62
CA GLN H 243 53.84 -52.80 -35.57
C GLN H 243 52.86 -53.87 -35.11
N PHE H 244 51.92 -53.50 -34.23
CA PHE H 244 50.94 -54.45 -33.73
C PHE H 244 49.94 -54.72 -34.84
N TYR H 245 49.54 -53.66 -35.56
CA TYR H 245 48.66 -53.83 -36.71
C TYR H 245 49.30 -54.75 -37.75
N ALA H 246 50.57 -54.56 -38.04
CA ALA H 246 51.29 -55.41 -39.02
C ALA H 246 51.23 -56.88 -38.61
N ALA H 247 51.37 -57.14 -37.30
CA ALA H 247 51.37 -58.51 -36.81
C ALA H 247 50.01 -59.14 -37.00
N MET H 248 48.98 -58.31 -36.79
CA MET H 248 47.61 -58.79 -36.93
C MET H 248 47.33 -59.17 -38.38
N LEU H 249 47.75 -58.31 -39.32
CA LEU H 249 47.53 -58.54 -40.75
C LEU H 249 48.16 -59.87 -41.16
N ALA H 250 49.38 -60.10 -40.70
CA ALA H 250 50.09 -61.34 -41.04
C ALA H 250 49.38 -62.57 -40.49
N GLY H 251 48.82 -62.49 -39.28
CA GLY H 251 48.10 -63.61 -38.68
C GLY H 251 46.76 -63.86 -39.35
N LEU H 252 46.18 -62.83 -39.99
CA LEU H 252 44.96 -63.02 -40.78
C LEU H 252 45.27 -63.50 -42.18
N GLY H 253 46.54 -63.50 -42.59
CA GLY H 253 46.87 -63.98 -43.93
C GLY H 253 46.71 -62.87 -44.96
N LEU H 254 46.82 -61.62 -44.51
CA LEU H 254 46.57 -60.49 -45.38
C LEU H 254 47.90 -59.82 -45.62
N ASP H 255 48.08 -59.56 -46.89
CA ASP H 255 49.31 -58.98 -47.36
C ASP H 255 49.09 -57.48 -47.40
N ALA H 256 49.94 -56.73 -46.69
CA ALA H 256 49.71 -55.32 -46.44
C ALA H 256 49.77 -54.50 -47.72
N ALA H 257 50.56 -54.93 -48.73
CA ALA H 257 50.68 -54.16 -49.97
C ALA H 257 49.37 -54.20 -50.75
N GLU H 258 48.49 -55.16 -50.44
CA GLU H 258 47.19 -55.26 -51.08
C GLU H 258 46.07 -54.50 -50.35
N LEU H 259 46.35 -53.76 -49.28
CA LEU H 259 45.30 -53.17 -48.45
C LEU H 259 45.45 -51.65 -48.50
N PRO H 260 44.40 -50.87 -48.19
CA PRO H 260 44.59 -49.45 -47.94
C PRO H 260 45.53 -49.17 -46.77
N PRO H 261 46.13 -47.97 -46.66
CA PRO H 261 46.88 -47.62 -45.46
C PRO H 261 46.04 -47.70 -44.18
N GLN H 262 46.69 -48.05 -43.07
CA GLN H 262 46.01 -48.20 -41.79
C GLN H 262 45.19 -46.96 -41.43
N ASN H 263 45.74 -45.78 -41.68
CA ASN H 263 45.13 -44.52 -41.22
C ASN H 263 44.68 -43.63 -42.37
N ASP H 264 44.45 -44.20 -43.55
CA ASP H 264 43.66 -43.52 -44.56
C ASP H 264 42.16 -43.69 -44.29
N ARG H 265 41.59 -42.67 -43.65
CA ARG H 265 40.20 -42.70 -43.19
C ARG H 265 39.19 -42.77 -44.33
N ALA H 266 39.51 -42.15 -45.47
CA ALA H 266 38.66 -42.24 -46.66
C ALA H 266 38.41 -43.70 -47.05
N ARG H 267 39.40 -44.59 -46.87
CA ARG H 267 39.29 -45.99 -47.29
C ARG H 267 38.96 -46.96 -46.14
N TRP H 268 38.60 -46.43 -44.97
CA TRP H 268 38.35 -47.31 -43.85
C TRP H 268 37.22 -48.30 -44.17
N PRO H 269 36.13 -47.90 -44.86
CA PRO H 269 35.09 -48.86 -45.26
C PRO H 269 35.65 -50.06 -46.02
N GLU H 270 36.56 -49.81 -46.94
CA GLU H 270 37.21 -50.86 -47.72
C GLU H 270 38.09 -51.75 -46.84
N LEU H 271 38.94 -51.14 -45.98
CA LEU H 271 39.73 -51.86 -44.99
C LEU H 271 38.88 -52.77 -44.13
N ARG H 272 37.80 -52.20 -43.61
CA ARG H 272 36.91 -52.92 -42.71
C ARG H 272 36.30 -54.12 -43.40
N ALA H 273 35.88 -53.92 -44.65
CA ALA H 273 35.35 -55.03 -45.43
C ALA H 273 36.34 -56.19 -45.56
N LEU H 274 37.61 -55.89 -45.85
CA LEU H 274 38.63 -56.93 -46.01
C LEU H 274 38.85 -57.64 -44.66
N LEU H 275 38.99 -56.89 -43.55
CA LEU H 275 39.14 -57.50 -42.22
C LEU H 275 37.91 -58.34 -41.85
N THR H 276 36.71 -57.85 -42.20
CA THR H 276 35.47 -58.57 -41.88
C THR H 276 35.47 -59.96 -42.52
N GLU H 277 35.80 -60.01 -43.82
CA GLU H 277 35.89 -61.28 -44.51
C GLU H 277 36.93 -62.19 -43.83
N ALA H 278 38.08 -61.65 -43.46
CA ALA H 278 39.13 -62.50 -42.89
C ALA H 278 38.67 -63.10 -41.56
N PHE H 279 38.19 -62.29 -40.63
CA PHE H 279 37.78 -62.80 -39.32
C PHE H 279 36.57 -63.72 -39.43
N ALA H 280 35.67 -63.49 -40.41
CA ALA H 280 34.52 -64.37 -40.59
C ALA H 280 34.92 -65.76 -41.08
N SER H 281 36.18 -66.00 -41.46
CA SER H 281 36.53 -67.28 -42.07
C SER H 281 36.92 -68.32 -41.01
N HIS H 282 37.18 -67.92 -39.77
CA HIS H 282 37.33 -68.90 -38.70
C HIS H 282 36.54 -68.47 -37.47
N ASP H 283 36.47 -69.40 -36.50
CA ASP H 283 35.73 -69.15 -35.28
C ASP H 283 36.61 -68.40 -34.26
N ARG H 284 35.94 -67.90 -33.21
CA ARG H 284 36.54 -67.00 -32.26
C ARG H 284 37.72 -67.68 -31.56
N ASP H 285 37.53 -68.95 -31.17
CA ASP H 285 38.60 -69.64 -30.43
C ASP H 285 39.83 -69.87 -31.32
N HIS H 286 39.60 -70.04 -32.62
CA HIS H 286 40.72 -70.17 -33.53
C HIS H 286 41.57 -68.92 -33.43
N TRP H 287 40.95 -67.73 -33.50
CA TRP H 287 41.72 -66.51 -33.50
C TRP H 287 42.41 -66.32 -32.14
N GLY H 288 41.71 -66.72 -31.08
CA GLY H 288 42.28 -66.56 -29.76
C GLY H 288 43.59 -67.33 -29.68
N ALA H 289 43.56 -68.59 -30.14
CA ALA H 289 44.74 -69.44 -30.18
C ALA H 289 45.82 -68.89 -31.10
N VAL H 290 45.44 -68.54 -32.33
CA VAL H 290 46.41 -68.03 -33.28
C VAL H 290 47.13 -66.81 -32.73
N PHE H 291 46.43 -65.95 -31.97
CA PHE H 291 47.07 -64.72 -31.58
C PHE H 291 47.51 -64.75 -30.11
N ALA H 292 47.42 -65.90 -29.43
CA ALA H 292 48.02 -66.02 -28.09
C ALA H 292 49.53 -65.78 -28.15
N ASN H 293 50.05 -64.93 -27.26
CA ASN H 293 51.47 -64.64 -27.14
C ASN H 293 51.93 -63.64 -28.20
N SER H 294 50.96 -63.09 -28.95
CA SER H 294 51.26 -62.09 -29.95
C SER H 294 50.90 -60.73 -29.41
N ASP H 295 51.52 -59.77 -30.08
CA ASP H 295 51.24 -58.36 -29.95
C ASP H 295 50.21 -57.86 -30.97
N ALA H 296 49.42 -58.74 -31.57
CA ALA H 296 48.44 -58.35 -32.58
C ALA H 296 47.23 -57.62 -31.97
N CYS H 297 47.09 -57.63 -30.63
CA CYS H 297 45.97 -56.99 -29.94
C CYS H 297 44.62 -57.50 -30.45
N VAL H 298 44.49 -58.82 -30.48
CA VAL H 298 43.27 -59.48 -30.86
C VAL H 298 42.92 -60.42 -29.71
N THR H 299 41.70 -60.29 -29.15
CA THR H 299 41.30 -61.11 -28.03
C THR H 299 39.88 -61.57 -28.25
N PRO H 300 39.52 -62.74 -27.68
CA PRO H 300 38.14 -63.19 -27.74
C PRO H 300 37.26 -62.35 -26.81
N VAL H 301 36.03 -62.10 -27.28
CA VAL H 301 35.05 -61.39 -26.50
C VAL H 301 34.23 -62.43 -25.76
N LEU H 302 34.48 -62.54 -24.46
CA LEU H 302 33.85 -63.55 -23.63
C LEU H 302 32.58 -62.96 -22.98
N ALA H 303 31.52 -63.76 -22.99
CA ALA H 303 30.36 -63.45 -22.17
C ALA H 303 30.68 -63.74 -20.70
N PHE H 304 30.00 -63.06 -19.77
CA PHE H 304 30.22 -63.23 -18.34
C PHE H 304 30.34 -64.72 -18.01
N GLY H 305 29.41 -65.52 -18.55
CA GLY H 305 29.29 -66.95 -18.30
C GLY H 305 30.52 -67.76 -18.70
N GLU H 306 31.42 -67.20 -19.52
CA GLU H 306 32.52 -67.99 -20.04
C GLU H 306 33.81 -67.56 -19.35
N VAL H 307 33.73 -66.49 -18.56
CA VAL H 307 34.95 -65.87 -18.07
C VAL H 307 35.73 -66.78 -17.15
N HIS H 308 35.00 -67.65 -16.40
CA HIS H 308 35.60 -68.47 -15.36
C HIS H 308 36.50 -69.53 -15.98
N ASN H 309 36.31 -69.83 -17.28
CA ASN H 309 37.08 -70.85 -18.00
C ASN H 309 38.31 -70.28 -18.71
N GLU H 310 38.63 -69.01 -18.50
CA GLU H 310 39.71 -68.35 -19.21
C GLU H 310 41.02 -68.44 -18.40
N PRO H 311 42.07 -69.11 -18.93
CA PRO H 311 43.30 -69.34 -18.19
C PRO H 311 43.84 -68.11 -17.49
N HIS H 312 43.92 -66.98 -18.19
CA HIS H 312 44.51 -65.79 -17.59
C HIS H 312 43.68 -65.27 -16.42
N ILE H 313 42.36 -65.49 -16.45
CA ILE H 313 41.47 -65.03 -15.38
C ILE H 313 41.70 -65.95 -14.18
N ILE H 314 41.57 -67.27 -14.43
CA ILE H 314 41.77 -68.34 -13.45
C ILE H 314 43.09 -68.14 -12.71
N GLU H 315 44.18 -68.01 -13.45
CA GLU H 315 45.49 -68.09 -12.84
C GLU H 315 45.83 -66.87 -12.01
N ARG H 316 45.20 -65.72 -12.25
CA ARG H 316 45.44 -64.56 -11.40
C ARG H 316 44.37 -64.38 -10.29
N ASN H 317 43.42 -65.30 -10.15
CA ASN H 317 42.37 -65.18 -9.14
C ASN H 317 41.70 -63.81 -9.21
N THR H 318 41.37 -63.37 -10.43
CA THR H 318 40.62 -62.12 -10.59
C THR H 318 39.25 -62.27 -9.93
N PHE H 319 38.68 -63.48 -9.96
CA PHE H 319 37.38 -63.79 -9.39
C PHE H 319 37.46 -64.87 -8.28
N TYR H 320 36.40 -64.93 -7.45
CA TYR H 320 36.23 -65.96 -6.42
C TYR H 320 34.78 -66.39 -6.47
N GLU H 321 34.48 -67.60 -6.00
CA GLU H 321 33.13 -68.13 -6.07
C GLU H 321 32.54 -68.07 -4.66
N ALA H 322 31.80 -66.99 -4.36
CA ALA H 322 30.87 -66.98 -3.24
C ALA H 322 29.49 -67.19 -3.83
N ASN H 323 28.45 -67.00 -3.00
CA ASN H 323 27.14 -66.67 -3.54
C ASN H 323 26.62 -67.93 -4.24
N GLY H 324 25.73 -67.74 -5.21
CA GLY H 324 25.55 -68.68 -6.31
C GLY H 324 26.11 -68.09 -7.59
N GLY H 325 27.38 -67.64 -7.54
CA GLY H 325 28.10 -67.17 -8.72
C GLY H 325 29.42 -66.49 -8.40
N TRP H 326 30.26 -66.37 -9.44
CA TRP H 326 31.54 -65.68 -9.37
C TRP H 326 31.32 -64.19 -9.09
N GLN H 327 32.35 -63.61 -8.45
CA GLN H 327 32.39 -62.23 -8.02
C GLN H 327 33.82 -61.79 -8.14
N PRO H 328 34.08 -60.52 -8.53
CA PRO H 328 35.44 -60.01 -8.60
C PRO H 328 36.12 -59.90 -7.24
N MET H 329 37.38 -60.34 -7.19
CA MET H 329 38.23 -60.10 -6.04
C MET H 329 38.54 -58.60 -5.97
N PRO H 330 38.92 -58.08 -4.77
CA PRO H 330 39.31 -56.70 -4.63
C PRO H 330 40.40 -56.31 -5.60
N ALA H 331 40.34 -55.04 -5.95
CA ALA H 331 41.36 -54.41 -6.74
C ALA H 331 41.55 -53.04 -6.15
N PRO H 332 42.73 -52.41 -6.36
CA PRO H 332 43.89 -53.12 -6.91
C PRO H 332 44.53 -54.07 -5.88
N ARG H 333 45.77 -54.52 -6.18
CA ARG H 333 46.49 -55.51 -5.37
C ARG H 333 47.67 -54.83 -4.68
N PHE H 334 48.01 -55.32 -3.48
CA PHE H 334 49.03 -54.70 -2.64
C PHE H 334 50.12 -55.73 -2.26
N SER H 335 51.40 -55.31 -2.23
CA SER H 335 52.48 -56.28 -1.99
C SER H 335 52.51 -56.74 -0.52
N ARG H 336 52.59 -55.81 0.44
CA ARG H 336 52.63 -56.16 1.86
C ARG H 336 51.24 -56.46 2.46
N THR H 337 50.31 -55.49 2.34
CA THR H 337 49.03 -55.57 3.01
C THR H 337 47.92 -56.02 2.06
N ALA H 338 47.93 -57.31 1.73
CA ALA H 338 47.01 -57.83 0.73
C ALA H 338 45.61 -57.86 1.30
N SER H 339 44.63 -57.56 0.45
CA SER H 339 43.22 -57.73 0.79
C SER H 339 42.96 -59.21 0.94
N SER H 340 41.74 -59.55 1.32
CA SER H 340 41.39 -60.94 1.49
C SER H 340 40.05 -61.15 0.83
N GLN H 341 39.66 -62.41 0.72
CA GLN H 341 38.38 -62.73 0.15
C GLN H 341 37.35 -61.84 0.85
N PRO H 342 36.41 -61.19 0.12
CA PRO H 342 35.33 -60.47 0.75
C PRO H 342 34.50 -61.35 1.67
N ARG H 343 34.11 -60.76 2.81
CA ARG H 343 33.24 -61.38 3.78
C ARG H 343 31.84 -61.19 3.23
N PRO H 344 31.04 -62.26 3.05
CA PRO H 344 29.72 -62.11 2.45
C PRO H 344 28.82 -61.19 3.25
N PRO H 345 27.63 -60.83 2.74
CA PRO H 345 26.70 -60.05 3.53
C PRO H 345 26.19 -60.85 4.72
N ALA H 346 26.30 -60.28 5.93
CA ALA H 346 25.89 -60.92 7.18
C ALA H 346 24.50 -60.42 7.58
N ALA H 347 24.03 -60.82 8.77
CA ALA H 347 22.72 -60.36 9.27
C ALA H 347 22.88 -59.07 10.08
N THR H 348 21.75 -58.35 10.19
CA THR H 348 21.68 -57.01 10.76
C THR H 348 22.17 -57.04 12.21
N ILE H 349 23.40 -56.61 12.45
CA ILE H 349 23.90 -56.59 13.82
C ILE H 349 23.37 -55.35 14.52
N ASP H 350 23.73 -55.22 15.80
CA ASP H 350 23.06 -54.33 16.73
C ASP H 350 23.88 -53.07 16.92
N ILE H 351 23.23 -51.92 16.70
CA ILE H 351 23.94 -50.65 16.62
C ILE H 351 24.73 -50.36 17.89
N GLU H 352 24.27 -50.91 19.03
CA GLU H 352 24.92 -50.73 20.31
C GLU H 352 26.21 -51.56 20.41
N ALA H 353 26.15 -52.82 19.95
CA ALA H 353 27.30 -53.71 19.87
C ALA H 353 28.47 -53.03 19.16
N VAL H 354 28.12 -52.30 18.09
CA VAL H 354 29.09 -51.64 17.24
C VAL H 354 29.77 -50.52 18.03
N LEU H 355 28.99 -49.81 18.86
CA LEU H 355 29.51 -48.77 19.73
C LEU H 355 30.38 -49.34 20.85
N THR H 356 29.91 -50.45 21.47
CA THR H 356 30.72 -51.26 22.39
C THR H 356 32.10 -51.46 21.74
N ASP H 357 32.09 -52.19 20.61
CA ASP H 357 33.28 -52.54 19.85
C ASP H 357 34.14 -51.31 19.56
N TRP H 358 33.52 -50.17 19.19
CA TRP H 358 34.29 -48.99 18.79
C TRP H 358 34.71 -48.11 19.99
N ASP H 359 34.41 -48.51 21.23
CA ASP H 359 34.80 -47.77 22.42
C ASP H 359 34.09 -46.40 22.41
N MET I 1 -37.91 54.41 -21.41
CA MET I 1 -36.85 54.22 -22.44
C MET I 1 -37.52 53.90 -23.79
N ALA I 2 -37.13 54.65 -24.83
CA ALA I 2 -37.69 54.48 -26.17
C ALA I 2 -37.18 53.20 -26.80
N GLY I 3 -38.01 52.53 -27.59
CA GLY I 3 -37.53 51.49 -28.47
C GLY I 3 -38.34 50.25 -28.20
N PRO I 4 -38.31 49.25 -29.08
CA PRO I 4 -39.18 48.12 -28.88
C PRO I 4 -38.82 47.24 -27.69
N LEU I 5 -37.61 47.37 -27.14
CA LEU I 5 -37.21 46.49 -26.05
C LEU I 5 -37.36 47.20 -24.70
N SER I 6 -38.07 48.32 -24.66
CA SER I 6 -38.51 48.91 -23.41
C SER I 6 -39.03 47.83 -22.46
N GLY I 7 -38.61 47.88 -21.22
CA GLY I 7 -39.04 46.90 -20.24
C GLY I 7 -38.06 45.72 -20.10
N LEU I 8 -37.22 45.41 -21.10
CA LEU I 8 -36.34 44.26 -20.99
C LEU I 8 -35.18 44.62 -20.06
N ARG I 9 -34.89 43.70 -19.11
CA ARG I 9 -33.80 43.89 -18.16
C ARG I 9 -32.64 42.94 -18.46
N VAL I 10 -31.44 43.52 -18.56
CA VAL I 10 -30.28 42.76 -18.99
C VAL I 10 -29.16 42.97 -17.99
N VAL I 11 -28.52 41.87 -17.58
CA VAL I 11 -27.28 41.98 -16.82
C VAL I 11 -26.13 41.54 -17.71
N GLU I 12 -25.10 42.39 -17.82
CA GLU I 12 -23.91 42.13 -18.61
C GLU I 12 -22.66 41.98 -17.74
N LEU I 13 -22.07 40.80 -17.68
CA LEU I 13 -20.76 40.65 -17.07
C LEU I 13 -19.66 41.13 -18.05
N ALA I 14 -19.01 42.21 -17.67
CA ALA I 14 -18.14 42.98 -18.56
C ALA I 14 -17.07 42.08 -19.17
N GLY I 15 -16.99 42.12 -20.49
CA GLY I 15 -15.98 41.38 -21.24
C GLY I 15 -15.51 42.24 -22.41
N ILE I 16 -15.09 41.62 -23.49
CA ILE I 16 -14.57 42.36 -24.62
C ILE I 16 -15.20 41.74 -25.87
N GLY I 17 -15.40 42.57 -26.91
CA GLY I 17 -15.73 42.07 -28.23
C GLY I 17 -17.24 41.90 -28.41
N PRO I 18 -17.69 40.67 -28.67
CA PRO I 18 -19.09 40.46 -28.98
C PRO I 18 -20.08 40.75 -27.84
N GLY I 19 -19.76 40.38 -26.60
CA GLY I 19 -20.65 40.59 -25.48
C GLY I 19 -21.02 42.06 -25.34
N PRO I 20 -20.06 43.00 -25.23
CA PRO I 20 -20.44 44.39 -25.13
C PRO I 20 -21.20 44.96 -26.34
N HIS I 21 -20.94 44.44 -27.55
CA HIS I 21 -21.61 44.90 -28.76
C HIS I 21 -23.08 44.50 -28.69
N ALA I 22 -23.34 43.24 -28.34
CA ALA I 22 -24.70 42.74 -28.14
C ALA I 22 -25.47 43.53 -27.09
N ALA I 23 -24.83 43.73 -25.94
CA ALA I 23 -25.42 44.49 -24.85
C ALA I 23 -25.76 45.91 -25.31
N MET I 24 -24.86 46.50 -26.11
CA MET I 24 -25.07 47.83 -26.71
C MET I 24 -26.35 47.87 -27.55
N ILE I 25 -26.51 46.89 -28.45
CA ILE I 25 -27.66 46.89 -29.33
C ILE I 25 -28.97 46.68 -28.55
N LEU I 26 -28.96 45.81 -27.53
CA LEU I 26 -30.11 45.67 -26.64
C LEU I 26 -30.46 47.03 -26.05
N GLY I 27 -29.46 47.74 -25.52
CA GLY I 27 -29.68 49.06 -24.93
C GLY I 27 -30.14 50.11 -25.95
N ASP I 28 -29.58 50.01 -27.16
CA ASP I 28 -29.89 50.93 -28.24
C ASP I 28 -31.38 50.86 -28.53
N LEU I 29 -31.94 49.66 -28.46
CA LEU I 29 -33.33 49.39 -28.80
C LEU I 29 -34.25 49.47 -27.57
N GLY I 30 -33.74 49.98 -26.44
CA GLY I 30 -34.56 50.39 -25.30
C GLY I 30 -34.47 49.46 -24.09
N ALA I 31 -33.68 48.39 -24.17
CA ALA I 31 -33.41 47.57 -22.98
C ALA I 31 -32.72 48.36 -21.86
N ASP I 32 -33.04 47.92 -20.62
CA ASP I 32 -32.40 48.41 -19.41
C ASP I 32 -31.23 47.50 -19.08
N VAL I 33 -30.00 47.97 -19.38
CA VAL I 33 -28.82 47.12 -19.40
C VAL I 33 -27.93 47.52 -18.23
N VAL I 34 -27.64 46.57 -17.35
CA VAL I 34 -26.76 46.86 -16.23
C VAL I 34 -25.51 46.00 -16.37
N ARG I 35 -24.38 46.70 -16.38
CA ARG I 35 -23.10 46.10 -16.68
C ARG I 35 -22.25 46.03 -15.41
N ILE I 36 -21.88 44.81 -15.03
CA ILE I 36 -21.03 44.58 -13.86
C ILE I 36 -19.59 44.44 -14.36
N ASP I 37 -18.77 45.44 -14.04
CA ASP I 37 -17.34 45.38 -14.21
C ASP I 37 -16.64 45.11 -12.87
N ARG I 38 -15.32 44.86 -12.91
CA ARG I 38 -14.52 44.78 -11.69
C ARG I 38 -14.07 46.18 -11.28
N PRO I 39 -13.90 46.47 -9.96
CA PRO I 39 -13.52 47.82 -9.52
C PRO I 39 -12.18 48.27 -10.08
N SER I 40 -11.26 47.32 -10.24
CA SER I 40 -9.91 47.62 -10.69
C SER I 40 -9.93 48.30 -12.05
N SER I 41 -10.78 47.82 -12.97
CA SER I 41 -10.66 48.25 -14.35
C SER I 41 -11.65 49.38 -14.66
N VAL I 42 -12.15 50.09 -13.62
CA VAL I 42 -13.09 51.20 -13.81
C VAL I 42 -12.50 52.46 -13.15
N ASP I 43 -12.67 53.59 -13.84
CA ASP I 43 -11.79 54.74 -13.67
C ASP I 43 -12.52 56.02 -14.11
N GLY I 44 -13.67 56.31 -13.50
CA GLY I 44 -14.53 57.40 -13.98
C GLY I 44 -15.30 57.01 -15.25
N ILE I 45 -15.68 58.01 -16.06
CA ILE I 45 -16.57 57.82 -17.20
C ILE I 45 -15.79 57.21 -18.37
N SER I 46 -16.35 56.16 -18.99
CA SER I 46 -15.62 55.46 -20.05
C SER I 46 -15.57 56.35 -21.31
N ARG I 47 -14.42 56.27 -22.03
CA ARG I 47 -14.27 56.88 -23.35
C ARG I 47 -14.81 55.96 -24.46
N ASP I 48 -15.21 54.72 -24.13
CA ASP I 48 -15.62 53.76 -25.15
C ASP I 48 -17.08 53.98 -25.54
N ALA I 49 -17.33 54.60 -26.72
CA ALA I 49 -18.70 54.78 -27.19
C ALA I 49 -19.47 53.46 -27.31
N MET I 50 -18.80 52.28 -27.32
CA MET I 50 -19.54 51.01 -27.29
C MET I 50 -20.29 50.77 -25.97
N LEU I 51 -19.91 51.51 -24.94
CA LEU I 51 -20.55 51.36 -23.63
C LEU I 51 -21.66 52.38 -23.48
N ARG I 52 -22.26 52.79 -24.60
CA ARG I 52 -23.45 53.63 -24.57
C ARG I 52 -24.65 52.80 -24.10
N ASN I 53 -25.68 53.51 -23.63
CA ASN I 53 -26.95 52.89 -23.26
C ASN I 53 -26.81 51.87 -22.12
N ARG I 54 -26.03 52.23 -21.10
CA ARG I 54 -25.72 51.33 -20.01
C ARG I 54 -25.90 52.06 -18.69
N ARG I 55 -26.13 51.28 -17.61
CA ARG I 55 -25.61 51.68 -16.30
C ARG I 55 -24.46 50.75 -15.89
N ILE I 56 -23.38 51.37 -15.41
CA ILE I 56 -22.19 50.65 -15.02
C ILE I 56 -22.20 50.59 -13.49
N VAL I 57 -22.05 49.36 -13.00
CA VAL I 57 -21.79 49.10 -11.60
C VAL I 57 -20.59 48.17 -11.50
N THR I 58 -19.97 48.18 -10.33
CA THR I 58 -18.75 47.46 -10.06
C THR I 58 -18.94 46.48 -8.91
N ALA I 59 -18.26 45.34 -8.99
CA ALA I 59 -18.32 44.36 -7.93
C ALA I 59 -17.21 43.34 -8.10
N ASP I 60 -16.69 42.86 -6.98
CA ASP I 60 -15.69 41.81 -6.98
C ASP I 60 -16.44 40.50 -6.82
N LEU I 61 -16.62 39.81 -7.94
CA LEU I 61 -17.41 38.60 -7.99
C LEU I 61 -16.74 37.47 -7.24
N LYS I 62 -15.50 37.67 -6.79
CA LYS I 62 -14.83 36.64 -6.02
C LYS I 62 -15.11 36.80 -4.52
N SER I 63 -15.56 38.00 -4.11
CA SER I 63 -15.98 38.27 -2.74
C SER I 63 -17.38 37.71 -2.49
N ASP I 64 -17.72 37.50 -1.21
CA ASP I 64 -19.00 36.97 -0.79
C ASP I 64 -20.11 37.98 -1.10
N GLN I 65 -19.79 39.24 -0.84
CA GLN I 65 -20.74 40.31 -0.99
C GLN I 65 -20.97 40.65 -2.47
N GLY I 66 -19.90 40.57 -3.26
CA GLY I 66 -19.99 40.77 -4.69
C GLY I 66 -20.89 39.73 -5.34
N LEU I 67 -20.62 38.45 -5.04
CA LEU I 67 -21.43 37.36 -5.56
C LEU I 67 -22.89 37.57 -5.20
N GLU I 68 -23.15 37.97 -3.93
CA GLU I 68 -24.55 37.97 -3.50
C GLU I 68 -25.29 39.13 -4.18
N LEU I 69 -24.67 40.31 -4.26
CA LEU I 69 -25.27 41.46 -4.93
C LEU I 69 -25.56 41.17 -6.41
N ALA I 70 -24.68 40.40 -7.07
CA ALA I 70 -24.87 40.00 -8.46
C ALA I 70 -26.03 39.02 -8.59
N LEU I 71 -26.15 38.06 -7.66
CA LEU I 71 -27.25 37.10 -7.78
C LEU I 71 -28.60 37.80 -7.56
N LYS I 72 -28.61 38.90 -6.82
CA LYS I 72 -29.80 39.72 -6.64
C LYS I 72 -30.20 40.45 -7.91
N LEU I 73 -29.24 41.05 -8.62
CA LEU I 73 -29.56 41.68 -9.89
C LEU I 73 -30.16 40.64 -10.81
N ILE I 74 -29.45 39.52 -10.93
CA ILE I 74 -29.81 38.49 -11.89
C ILE I 74 -31.23 37.97 -11.60
N ALA I 75 -31.60 37.96 -10.31
CA ALA I 75 -32.91 37.49 -9.89
C ALA I 75 -34.03 38.36 -10.47
N LYS I 76 -33.79 39.67 -10.63
CA LYS I 76 -34.78 40.62 -11.12
C LYS I 76 -34.65 40.95 -12.63
N ALA I 77 -33.86 40.17 -13.38
CA ALA I 77 -33.57 40.47 -14.78
C ALA I 77 -34.13 39.40 -15.70
N ASP I 78 -34.20 39.74 -17.00
CA ASP I 78 -34.64 38.84 -18.04
C ASP I 78 -33.47 38.10 -18.67
N VAL I 79 -32.32 38.79 -18.79
CA VAL I 79 -31.22 38.27 -19.60
C VAL I 79 -29.93 38.42 -18.81
N LEU I 80 -29.11 37.36 -18.88
CA LEU I 80 -27.71 37.46 -18.48
C LEU I 80 -26.79 37.20 -19.68
N ILE I 81 -25.84 38.12 -19.85
CA ILE I 81 -24.78 37.98 -20.85
C ILE I 81 -23.42 37.79 -20.16
N GLU I 82 -22.71 36.73 -20.54
CA GLU I 82 -21.30 36.58 -20.15
C GLU I 82 -20.47 36.10 -21.36
N GLY I 83 -19.20 36.53 -21.39
CA GLY I 83 -18.28 36.17 -22.46
C GLY I 83 -16.89 35.75 -21.97
N TYR I 84 -16.85 34.89 -20.94
CA TYR I 84 -15.63 34.37 -20.37
C TYR I 84 -15.41 33.00 -20.94
N ARG I 85 -14.24 32.44 -20.65
CA ARG I 85 -14.02 31.05 -20.98
C ARG I 85 -15.10 30.19 -20.36
N PRO I 86 -15.45 29.04 -20.97
CA PRO I 86 -16.26 28.04 -20.29
C PRO I 86 -15.66 27.68 -18.93
N GLY I 87 -16.55 27.63 -17.94
CA GLY I 87 -16.19 27.19 -16.60
C GLY I 87 -16.00 28.36 -15.69
N VAL I 88 -15.88 29.58 -16.23
CA VAL I 88 -15.57 30.72 -15.37
C VAL I 88 -16.75 31.12 -14.49
N THR I 89 -17.91 31.37 -15.10
CA THR I 89 -19.09 31.70 -14.28
C THR I 89 -19.35 30.53 -13.30
N GLU I 90 -19.22 29.29 -13.74
CA GLU I 90 -19.44 28.16 -12.85
C GLU I 90 -18.61 28.30 -11.57
N ARG I 91 -17.30 28.55 -11.69
CA ARG I 91 -16.38 28.66 -10.57
C ARG I 91 -16.70 29.90 -9.74
N LEU I 92 -17.23 30.98 -10.34
CA LEU I 92 -17.58 32.17 -9.57
C LEU I 92 -18.89 32.03 -8.77
N GLY I 93 -19.65 30.98 -9.06
CA GLY I 93 -20.96 30.79 -8.44
C GLY I 93 -22.10 31.41 -9.27
N LEU I 94 -21.82 31.81 -10.52
CA LEU I 94 -22.78 32.51 -11.34
C LEU I 94 -23.12 31.65 -12.54
N GLY I 95 -22.89 30.35 -12.46
CA GLY I 95 -23.14 29.49 -13.59
C GLY I 95 -24.65 29.41 -13.87
N PRO I 96 -25.06 28.80 -14.99
CA PRO I 96 -26.47 28.65 -15.31
C PRO I 96 -27.25 27.94 -14.19
N GLU I 97 -26.69 26.84 -13.64
CA GLU I 97 -27.35 26.10 -12.58
C GLU I 97 -27.66 26.97 -11.36
N GLU I 98 -26.68 27.76 -10.93
CA GLU I 98 -26.87 28.63 -9.80
C GLU I 98 -27.90 29.71 -10.14
N CYS I 99 -27.85 30.22 -11.37
CA CYS I 99 -28.71 31.35 -11.75
C CYS I 99 -30.14 30.83 -11.83
N ALA I 100 -30.31 29.61 -12.30
CA ALA I 100 -31.61 28.96 -12.44
C ALA I 100 -32.29 28.77 -11.09
N LYS I 101 -31.48 28.68 -10.01
CA LYS I 101 -31.97 28.55 -8.66
C LYS I 101 -32.66 29.83 -8.19
N VAL I 102 -32.24 31.02 -8.65
CA VAL I 102 -32.83 32.28 -8.19
C VAL I 102 -33.80 32.88 -9.21
N ASN I 103 -33.91 32.31 -10.43
CA ASN I 103 -34.67 32.95 -11.51
C ASN I 103 -34.75 31.99 -12.68
N ASP I 104 -35.78 31.14 -12.70
CA ASP I 104 -35.93 30.15 -13.77
C ASP I 104 -36.52 30.75 -15.06
N ARG I 105 -36.77 32.07 -15.07
CA ARG I 105 -37.22 32.77 -16.28
C ARG I 105 -36.02 33.35 -17.05
N LEU I 106 -34.79 33.21 -16.52
CA LEU I 106 -33.61 33.90 -17.03
C LEU I 106 -33.19 33.32 -18.39
N ILE I 107 -32.86 34.22 -19.32
CA ILE I 107 -32.14 33.81 -20.53
C ILE I 107 -30.63 33.95 -20.25
N TYR I 108 -29.94 32.82 -20.28
CA TYR I 108 -28.53 32.83 -19.86
C TYR I 108 -27.69 32.76 -21.13
N ALA I 109 -27.12 33.90 -21.53
CA ALA I 109 -26.49 34.00 -22.84
C ALA I 109 -24.96 33.92 -22.71
N ARG I 110 -24.40 32.86 -23.28
CA ARG I 110 -22.98 32.54 -23.23
C ARG I 110 -22.31 32.83 -24.58
N MET I 111 -21.44 33.83 -24.59
CA MET I 111 -20.76 34.29 -25.80
C MET I 111 -19.31 33.84 -25.77
N THR I 112 -18.96 32.85 -26.61
CA THR I 112 -17.58 32.42 -26.77
C THR I 112 -17.19 32.44 -28.24
N GLY I 113 -15.91 32.11 -28.52
CA GLY I 113 -15.48 31.86 -29.89
C GLY I 113 -15.52 30.40 -30.29
N TRP I 114 -15.05 29.55 -29.36
CA TRP I 114 -14.88 28.14 -29.63
C TRP I 114 -16.07 27.28 -29.16
N GLY I 115 -16.94 27.85 -28.36
CA GLY I 115 -18.03 27.06 -27.78
C GLY I 115 -17.74 26.60 -26.32
N GLN I 116 -18.67 25.81 -25.78
CA GLN I 116 -18.59 25.36 -24.39
C GLN I 116 -17.79 24.08 -24.23
N THR I 117 -17.54 23.31 -25.29
CA THR I 117 -16.86 22.02 -25.21
C THR I 117 -15.90 21.90 -26.39
N GLY I 118 -15.10 20.85 -26.34
CA GLY I 118 -14.24 20.45 -27.44
C GLY I 118 -12.81 20.91 -27.18
N PRO I 119 -11.86 20.45 -28.04
CA PRO I 119 -10.43 20.53 -27.77
C PRO I 119 -9.85 21.93 -27.65
N ARG I 120 -10.44 22.90 -28.37
CA ARG I 120 -9.94 24.26 -28.32
C ARG I 120 -10.70 25.12 -27.34
N SER I 121 -11.63 24.54 -26.59
CA SER I 121 -12.59 25.37 -25.84
C SER I 121 -11.93 26.22 -24.76
N GLN I 122 -10.73 25.86 -24.32
CA GLN I 122 -10.07 26.65 -23.27
C GLN I 122 -8.95 27.54 -23.83
N GLN I 123 -8.76 27.57 -25.14
CA GLN I 123 -7.75 28.45 -25.73
C GLN I 123 -8.24 29.87 -25.85
N ALA I 124 -7.40 30.83 -25.44
CA ALA I 124 -7.60 32.22 -25.75
C ALA I 124 -7.65 32.40 -27.25
N GLY I 125 -8.34 33.45 -27.67
CA GLY I 125 -8.46 33.73 -29.09
C GLY I 125 -9.14 35.06 -29.38
N HIS I 126 -9.10 35.39 -30.68
CA HIS I 126 -9.70 36.61 -31.18
C HIS I 126 -10.34 36.26 -32.52
N ASP I 127 -11.06 37.25 -33.06
CA ASP I 127 -11.85 37.08 -34.29
C ASP I 127 -11.09 36.27 -35.31
N ILE I 128 -9.84 36.70 -35.59
CA ILE I 128 -9.03 36.14 -36.64
C ILE I 128 -8.83 34.64 -36.44
N ASN I 129 -8.71 34.18 -35.17
CA ASN I 129 -8.55 32.75 -34.90
C ASN I 129 -9.83 31.98 -35.23
N TYR I 130 -11.00 32.52 -34.85
CA TYR I 130 -12.23 31.75 -34.98
C TYR I 130 -12.64 31.61 -36.42
N ILE I 131 -12.40 32.65 -37.22
CA ILE I 131 -12.68 32.55 -38.64
C ILE I 131 -11.57 31.81 -39.40
N SER I 132 -10.42 31.51 -38.77
CA SER I 132 -9.39 30.81 -39.53
C SER I 132 -9.73 29.33 -39.61
N LEU I 133 -10.46 28.85 -38.60
CA LEU I 133 -10.70 27.42 -38.47
C LEU I 133 -11.85 26.92 -39.36
N ASN I 134 -12.76 27.80 -39.79
CA ASN I 134 -13.98 27.32 -40.45
C ASN I 134 -14.03 27.71 -41.92
N GLY I 135 -12.88 28.15 -42.47
CA GLY I 135 -12.69 28.32 -43.90
C GLY I 135 -12.88 29.77 -44.34
N ILE I 136 -13.40 30.61 -43.45
CA ILE I 136 -13.73 31.98 -43.83
C ILE I 136 -12.48 32.80 -44.16
N LEU I 137 -11.53 32.89 -43.23
CA LEU I 137 -10.38 33.77 -43.46
C LEU I 137 -9.65 33.36 -44.72
N HIS I 138 -9.55 32.07 -45.00
CA HIS I 138 -8.78 31.58 -46.12
C HIS I 138 -9.37 32.15 -47.42
N ALA I 139 -10.67 32.44 -47.38
CA ALA I 139 -11.41 32.84 -48.56
C ALA I 139 -11.32 34.34 -48.84
N ILE I 140 -10.67 35.10 -47.97
CA ILE I 140 -10.68 36.55 -48.07
C ILE I 140 -9.32 37.10 -48.47
N GLY I 141 -9.31 37.91 -49.55
CA GLY I 141 -8.10 38.57 -50.03
C GLY I 141 -7.83 38.29 -51.50
N ARG I 142 -6.74 38.87 -51.99
CA ARG I 142 -6.30 38.61 -53.37
C ARG I 142 -5.66 37.24 -53.45
N GLY I 143 -5.76 36.59 -54.61
CA GLY I 143 -5.25 35.24 -54.79
C GLY I 143 -3.72 35.17 -54.82
N ASP I 144 -3.08 36.28 -55.09
CA ASP I 144 -1.62 36.33 -55.17
C ASP I 144 -1.03 36.70 -53.79
N GLU I 145 -1.83 36.68 -52.73
CA GLU I 145 -1.38 37.16 -51.43
C GLU I 145 -1.95 36.30 -50.30
N ARG I 146 -1.42 36.54 -49.10
CA ARG I 146 -1.92 35.83 -47.95
C ARG I 146 -3.26 36.40 -47.52
N PRO I 147 -4.11 35.60 -46.84
CA PRO I 147 -5.45 36.06 -46.51
C PRO I 147 -5.38 37.34 -45.70
N VAL I 148 -6.39 38.20 -45.85
CA VAL I 148 -6.42 39.43 -45.09
C VAL I 148 -7.65 39.42 -44.18
N PRO I 149 -7.48 39.81 -42.91
CA PRO I 149 -8.58 39.86 -41.98
C PRO I 149 -9.56 40.95 -42.35
N PRO I 150 -10.86 40.60 -42.47
CA PRO I 150 -11.90 41.59 -42.65
C PRO I 150 -12.22 42.33 -41.37
N LEU I 151 -11.24 43.11 -40.89
CA LEU I 151 -11.25 43.65 -39.53
C LEU I 151 -11.71 42.52 -38.59
N ASN I 152 -12.45 42.85 -37.53
CA ASN I 152 -13.05 41.85 -36.65
C ASN I 152 -14.57 41.80 -36.89
N LEU I 153 -15.00 41.95 -38.14
CA LEU I 153 -16.41 42.16 -38.42
C LEU I 153 -17.18 40.86 -38.51
N VAL I 154 -16.51 39.76 -38.87
CA VAL I 154 -17.23 38.58 -39.31
C VAL I 154 -17.36 37.62 -38.13
N GLY I 155 -16.32 37.53 -37.30
CA GLY I 155 -16.30 36.61 -36.17
C GLY I 155 -16.88 37.23 -34.91
N ASP I 156 -16.37 38.38 -34.47
CA ASP I 156 -16.88 39.09 -33.31
C ASP I 156 -18.33 39.59 -33.47
N PHE I 157 -18.67 40.24 -34.59
CA PHE I 157 -19.96 40.91 -34.68
C PHE I 157 -20.94 40.10 -35.53
N GLY I 158 -20.70 40.05 -36.86
CA GLY I 158 -21.56 39.33 -37.76
C GLY I 158 -21.92 37.93 -37.27
N GLY I 159 -20.91 37.16 -36.87
CA GLY I 159 -21.08 35.77 -36.49
C GLY I 159 -21.01 35.56 -34.97
N GLY I 160 -20.99 36.66 -34.24
CA GLY I 160 -20.73 36.68 -32.81
C GLY I 160 -21.90 37.32 -32.05
N SER I 161 -21.79 38.62 -31.76
CA SER I 161 -22.82 39.36 -31.10
C SER I 161 -24.18 39.19 -31.78
N MET I 162 -24.20 39.18 -33.13
CA MET I 162 -25.51 39.22 -33.79
C MET I 162 -26.26 37.93 -33.51
N PHE I 163 -25.54 36.79 -33.48
CA PHE I 163 -26.14 35.51 -33.17
C PHE I 163 -26.54 35.36 -31.68
N LEU I 164 -25.77 35.93 -30.76
CA LEU I 164 -26.13 36.02 -29.35
C LEU I 164 -27.47 36.74 -29.23
N LEU I 165 -27.61 37.84 -29.97
CA LEU I 165 -28.81 38.64 -29.97
C LEU I 165 -30.01 37.85 -30.50
N VAL I 166 -29.82 37.20 -31.63
CA VAL I 166 -30.87 36.39 -32.20
C VAL I 166 -31.27 35.32 -31.18
N GLY I 167 -30.30 34.72 -30.50
CA GLY I 167 -30.58 33.66 -29.53
C GLY I 167 -31.38 34.20 -28.35
N ILE I 168 -30.96 35.35 -27.84
CA ILE I 168 -31.58 35.96 -26.68
C ILE I 168 -33.04 36.26 -27.02
N LEU I 169 -33.26 36.92 -28.18
CA LEU I 169 -34.59 37.38 -28.52
C LEU I 169 -35.49 36.22 -28.91
N ALA I 170 -34.91 35.19 -29.51
CA ALA I 170 -35.66 33.99 -29.82
C ALA I 170 -36.07 33.24 -28.55
N ALA I 171 -35.17 33.18 -27.56
CA ALA I 171 -35.44 32.51 -26.31
C ALA I 171 -36.52 33.28 -25.55
N LEU I 172 -36.51 34.62 -25.60
CA LEU I 172 -37.59 35.41 -25.02
C LEU I 172 -38.95 35.11 -25.66
N TRP I 173 -39.00 34.85 -26.98
CA TRP I 173 -40.23 34.44 -27.66
C TRP I 173 -40.74 33.10 -27.10
N GLU I 174 -39.83 32.14 -26.99
CA GLU I 174 -40.16 30.81 -26.48
C GLU I 174 -40.70 30.91 -25.05
N ARG I 175 -40.14 31.84 -24.25
CA ARG I 175 -40.48 31.96 -22.85
C ARG I 175 -41.94 32.40 -22.73
N GLN I 176 -42.48 33.03 -23.78
CA GLN I 176 -43.82 33.58 -23.72
C GLN I 176 -44.76 32.39 -23.55
N SER I 177 -44.48 31.27 -24.22
CA SER I 177 -45.22 30.02 -24.14
C SER I 177 -44.87 29.15 -22.92
N SER I 178 -43.57 29.04 -22.59
CA SER I 178 -43.11 28.01 -21.66
C SER I 178 -43.17 28.53 -20.23
N GLY I 179 -43.04 29.85 -20.06
CA GLY I 179 -42.81 30.49 -18.78
C GLY I 179 -41.39 30.24 -18.25
N LYS I 180 -40.49 29.72 -19.10
CA LYS I 180 -39.16 29.25 -18.68
C LYS I 180 -38.04 29.88 -19.53
N GLY I 181 -36.94 30.24 -18.84
CA GLY I 181 -35.70 30.63 -19.51
C GLY I 181 -34.96 29.42 -20.05
N GLN I 182 -33.71 29.67 -20.50
CA GLN I 182 -32.83 28.61 -20.96
C GLN I 182 -31.44 29.18 -21.23
N VAL I 183 -30.53 28.30 -21.64
CA VAL I 183 -29.17 28.74 -21.95
C VAL I 183 -29.02 28.88 -23.46
N VAL I 184 -28.44 30.02 -23.86
CA VAL I 184 -28.07 30.30 -25.24
C VAL I 184 -26.55 30.22 -25.40
N ASP I 185 -26.09 29.24 -26.19
CA ASP I 185 -24.68 29.00 -26.44
C ASP I 185 -24.32 29.56 -27.83
N ALA I 186 -23.80 30.78 -27.87
CA ALA I 186 -23.33 31.41 -29.11
C ALA I 186 -21.80 31.35 -29.22
N ALA I 187 -21.36 30.51 -30.16
CA ALA I 187 -19.94 30.40 -30.46
C ALA I 187 -19.66 31.09 -31.80
N MET I 188 -18.64 31.95 -31.85
CA MET I 188 -18.26 32.67 -33.06
C MET I 188 -17.97 31.72 -34.20
N VAL I 189 -17.41 30.55 -33.89
CA VAL I 189 -17.07 29.62 -34.95
C VAL I 189 -18.34 29.04 -35.62
N ASP I 190 -19.45 28.99 -34.88
CA ASP I 190 -20.71 28.46 -35.41
C ASP I 190 -21.47 29.55 -36.17
N GLY I 191 -21.58 30.68 -35.50
CA GLY I 191 -22.33 31.81 -35.99
C GLY I 191 -21.73 32.31 -37.30
N SER I 192 -20.40 32.40 -37.36
CA SER I 192 -19.74 32.86 -38.57
C SER I 192 -19.93 31.83 -39.68
N SER I 193 -20.07 30.55 -39.34
CA SER I 193 -20.34 29.53 -40.36
C SER I 193 -21.73 29.67 -41.01
N VAL I 194 -22.75 29.97 -40.21
CA VAL I 194 -24.10 30.21 -40.72
C VAL I 194 -24.10 31.54 -41.48
N LEU I 195 -23.33 32.52 -41.02
CA LEU I 195 -23.23 33.77 -41.73
C LEU I 195 -22.77 33.54 -43.16
N ILE I 196 -21.91 32.54 -43.38
CA ILE I 196 -21.35 32.26 -44.69
C ILE I 196 -22.01 31.03 -45.30
N GLN I 197 -23.26 30.73 -44.91
CA GLN I 197 -23.93 29.56 -45.44
C GLN I 197 -24.01 29.61 -46.98
N MET I 198 -24.14 30.80 -47.57
CA MET I 198 -24.26 30.91 -49.04
C MET I 198 -23.06 30.25 -49.75
N MET I 199 -21.84 30.51 -49.26
CA MET I 199 -20.66 29.89 -49.89
C MET I 199 -20.69 28.37 -49.73
N TRP I 200 -21.15 27.86 -48.57
CA TRP I 200 -21.20 26.42 -48.37
C TRP I 200 -22.21 25.80 -49.33
N ALA I 201 -23.22 26.59 -49.72
CA ALA I 201 -24.25 26.09 -50.63
C ALA I 201 -23.74 26.14 -52.06
N MET I 202 -23.12 27.27 -52.44
CA MET I 202 -22.53 27.39 -53.76
C MET I 202 -21.42 26.35 -53.95
N ARG I 203 -20.70 26.04 -52.88
CA ARG I 203 -19.62 25.09 -53.01
C ARG I 203 -20.18 23.73 -53.42
N ALA I 204 -21.34 23.36 -52.89
CA ALA I 204 -21.91 22.04 -53.17
C ALA I 204 -22.40 21.94 -54.62
N THR I 205 -22.78 23.06 -55.24
CA THR I 205 -23.30 23.08 -56.60
C THR I 205 -22.21 23.40 -57.64
N GLY I 206 -20.93 23.43 -57.25
CA GLY I 206 -19.86 23.76 -58.19
C GLY I 206 -19.71 25.26 -58.43
N MET I 207 -20.38 26.10 -57.66
CA MET I 207 -20.45 27.52 -57.97
C MET I 207 -19.51 28.33 -57.09
N TRP I 208 -18.66 27.66 -56.30
CA TRP I 208 -17.68 28.36 -55.50
C TRP I 208 -16.49 27.45 -55.29
N THR I 209 -15.26 27.95 -55.49
CA THR I 209 -14.10 27.10 -55.22
C THR I 209 -13.26 27.69 -54.08
N ASP I 210 -12.45 26.80 -53.53
CA ASP I 210 -11.55 27.10 -52.43
C ASP I 210 -10.39 27.98 -52.88
N THR I 211 -10.25 28.23 -54.20
CA THR I 211 -9.24 29.13 -54.69
C THR I 211 -9.57 30.58 -54.36
N ARG I 212 -8.64 31.21 -53.65
CA ARG I 212 -8.88 32.55 -53.13
C ARG I 212 -8.78 33.51 -54.31
N GLY I 213 -9.70 34.47 -54.35
CA GLY I 213 -9.69 35.51 -55.36
C GLY I 213 -10.12 35.04 -56.75
N ALA I 214 -10.90 33.95 -56.86
CA ALA I 214 -11.28 33.39 -58.14
C ALA I 214 -12.77 33.06 -58.21
N ASN I 215 -13.61 33.85 -57.53
CA ASN I 215 -15.03 33.54 -57.40
C ASN I 215 -15.82 34.83 -57.70
N MET I 216 -17.16 34.71 -57.78
CA MET I 216 -17.96 35.84 -58.18
C MET I 216 -17.94 36.99 -57.16
N LEU I 217 -17.75 36.69 -55.86
CA LEU I 217 -17.95 37.72 -54.85
C LEU I 217 -16.68 38.00 -54.02
N ASP I 218 -15.52 37.43 -54.38
CA ASP I 218 -14.33 37.58 -53.55
C ASP I 218 -13.37 38.57 -54.20
N GLY I 219 -13.79 39.20 -55.30
CA GLY I 219 -12.95 40.13 -56.01
C GLY I 219 -12.36 39.50 -57.27
N GLY I 220 -12.60 38.21 -57.48
CA GLY I 220 -12.17 37.55 -58.71
C GLY I 220 -12.94 37.99 -59.95
N ALA I 221 -14.21 38.42 -59.79
CA ALA I 221 -15.05 38.83 -60.91
C ALA I 221 -14.80 40.29 -61.21
N PRO I 222 -14.54 40.64 -62.51
CA PRO I 222 -14.28 42.03 -62.88
C PRO I 222 -15.44 42.97 -62.63
N TYR I 223 -16.66 42.44 -62.57
CA TYR I 223 -17.81 43.31 -62.32
C TYR I 223 -18.19 43.32 -60.84
N TYR I 224 -17.37 42.70 -59.96
CA TYR I 224 -17.61 42.73 -58.53
C TYR I 224 -16.29 42.92 -57.80
N ASP I 225 -15.85 44.18 -57.72
CA ASP I 225 -14.52 44.51 -57.23
C ASP I 225 -14.41 46.01 -57.10
N THR I 226 -13.29 46.48 -56.50
CA THR I 226 -12.94 47.89 -56.51
C THR I 226 -11.99 48.21 -57.67
N TYR I 227 -11.92 49.49 -58.05
CA TYR I 227 -11.08 49.96 -59.14
C TYR I 227 -10.51 51.30 -58.76
N GLU I 228 -9.21 51.46 -59.03
CA GLU I 228 -8.53 52.71 -58.81
C GLU I 228 -8.89 53.71 -59.92
N CYS I 229 -9.14 54.96 -59.50
CA CYS I 229 -9.49 56.07 -60.37
C CYS I 229 -8.28 56.97 -60.62
N ALA I 230 -8.45 58.02 -61.44
CA ALA I 230 -7.33 58.83 -61.91
C ALA I 230 -6.67 59.54 -60.73
N ASP I 231 -7.42 59.72 -59.65
CA ASP I 231 -6.95 60.49 -58.51
C ASP I 231 -6.33 59.57 -57.45
N GLY I 232 -6.27 58.27 -57.68
CA GLY I 232 -5.78 57.35 -56.67
C GLY I 232 -6.86 56.93 -55.66
N ARG I 233 -8.10 57.42 -55.81
CA ARG I 233 -9.23 56.97 -55.00
C ARG I 233 -9.96 55.85 -55.71
N TYR I 234 -10.97 55.26 -55.04
CA TYR I 234 -11.55 54.03 -55.54
C TYR I 234 -13.06 54.12 -55.69
N VAL I 235 -13.57 53.33 -56.65
CA VAL I 235 -14.98 53.06 -56.76
C VAL I 235 -15.18 51.58 -56.54
N ALA I 236 -16.39 51.23 -56.15
CA ALA I 236 -16.82 49.83 -56.07
C ALA I 236 -17.78 49.53 -57.20
N VAL I 237 -17.60 48.37 -57.84
CA VAL I 237 -18.46 47.89 -58.88
C VAL I 237 -19.11 46.62 -58.37
N GLY I 238 -20.46 46.57 -58.44
CA GLY I 238 -21.22 45.42 -57.98
C GLY I 238 -22.25 44.97 -59.02
N ALA I 239 -21.93 45.04 -60.30
CA ALA I 239 -22.96 44.88 -61.33
C ALA I 239 -23.08 43.42 -61.71
N ILE I 240 -23.70 42.61 -60.85
CA ILE I 240 -23.86 41.19 -61.13
C ILE I 240 -24.85 40.94 -62.28
N GLU I 241 -26.02 41.57 -62.18
CA GLU I 241 -27.12 41.35 -63.12
C GLU I 241 -26.76 41.99 -64.47
N PRO I 242 -26.98 41.25 -65.58
CA PRO I 242 -26.60 41.74 -66.89
C PRO I 242 -27.11 43.13 -67.25
N GLN I 243 -28.35 43.48 -66.85
CA GLN I 243 -28.89 44.80 -67.21
C GLN I 243 -28.07 45.89 -66.54
N PHE I 244 -27.71 45.61 -65.26
CA PHE I 244 -26.94 46.61 -64.51
C PHE I 244 -25.53 46.72 -65.10
N TYR I 245 -24.93 45.56 -65.37
CA TYR I 245 -23.61 45.49 -66.00
C TYR I 245 -23.62 46.27 -67.33
N ALA I 246 -24.69 46.12 -68.13
CA ALA I 246 -24.78 46.81 -69.41
C ALA I 246 -24.80 48.32 -69.19
N ALA I 247 -25.45 48.78 -68.11
CA ALA I 247 -25.52 50.21 -67.86
C ALA I 247 -24.16 50.75 -67.49
N MET I 248 -23.42 49.92 -66.76
CA MET I 248 -22.12 50.37 -66.31
C MET I 248 -21.21 50.55 -67.52
N LEU I 249 -21.23 49.59 -68.44
CA LEU I 249 -20.37 49.67 -69.64
C LEU I 249 -20.60 50.97 -70.40
N ALA I 250 -21.87 51.30 -70.63
CA ALA I 250 -22.24 52.50 -71.37
C ALA I 250 -21.77 53.74 -70.63
N GLY I 251 -21.88 53.74 -69.29
CA GLY I 251 -21.37 54.89 -68.56
C GLY I 251 -19.85 55.02 -68.66
N LEU I 252 -19.17 53.89 -68.84
CA LEU I 252 -17.72 53.94 -68.95
C LEU I 252 -17.29 54.33 -70.36
N GLY I 253 -18.21 54.26 -71.33
CA GLY I 253 -17.85 54.63 -72.69
C GLY I 253 -17.31 53.41 -73.42
N LEU I 254 -17.56 52.20 -72.89
CA LEU I 254 -17.11 50.98 -73.51
C LEU I 254 -18.26 50.34 -74.26
N ASP I 255 -17.91 49.83 -75.44
CA ASP I 255 -18.90 49.30 -76.33
C ASP I 255 -18.84 47.79 -76.16
N ALA I 256 -19.95 47.23 -75.69
CA ALA I 256 -20.09 45.83 -75.35
C ALA I 256 -19.54 44.96 -76.47
N ALA I 257 -19.65 45.39 -77.74
CA ALA I 257 -19.23 44.57 -78.86
C ALA I 257 -17.72 44.33 -78.84
N GLU I 258 -16.96 45.24 -78.23
CA GLU I 258 -15.51 45.14 -78.17
C GLU I 258 -15.04 44.33 -76.97
N LEU I 259 -15.92 43.88 -76.07
CA LEU I 259 -15.47 43.25 -74.84
C LEU I 259 -15.79 41.77 -74.90
N PRO I 260 -15.10 40.92 -74.11
CA PRO I 260 -15.58 39.57 -73.92
C PRO I 260 -16.88 39.54 -73.13
N PRO I 261 -17.61 38.39 -73.13
CA PRO I 261 -18.79 38.20 -72.31
C PRO I 261 -18.51 38.37 -70.81
N GLN I 262 -19.50 38.93 -70.12
CA GLN I 262 -19.41 39.28 -68.72
C GLN I 262 -18.99 38.07 -67.91
N ASN I 263 -19.54 36.90 -68.24
CA ASN I 263 -19.30 35.69 -67.48
C ASN I 263 -18.45 34.66 -68.21
N ASP I 264 -17.64 35.08 -69.19
CA ASP I 264 -16.66 34.17 -69.75
C ASP I 264 -15.38 34.28 -68.92
N ARG I 265 -15.25 33.41 -67.92
CA ARG I 265 -14.20 33.51 -66.91
C ARG I 265 -12.83 33.39 -67.55
N ALA I 266 -12.70 32.60 -68.62
CA ALA I 266 -11.41 32.42 -69.28
C ALA I 266 -10.92 33.76 -69.85
N ARG I 267 -11.82 34.72 -70.02
CA ARG I 267 -11.40 36.01 -70.54
C ARG I 267 -11.51 37.12 -69.50
N TRP I 268 -11.76 36.77 -68.22
CA TRP I 268 -11.80 37.81 -67.19
C TRP I 268 -10.52 38.67 -67.16
N PRO I 269 -9.31 38.13 -67.41
CA PRO I 269 -8.10 38.95 -67.45
C PRO I 269 -8.17 40.08 -68.47
N GLU I 270 -8.63 39.80 -69.70
CA GLU I 270 -8.85 40.84 -70.68
C GLU I 270 -9.90 41.85 -70.19
N LEU I 271 -11.03 41.34 -69.74
CA LEU I 271 -12.15 42.19 -69.30
C LEU I 271 -11.71 43.12 -68.18
N ARG I 272 -10.94 42.57 -67.23
CA ARG I 272 -10.45 43.36 -66.11
C ARG I 272 -9.51 44.46 -66.61
N ALA I 273 -8.68 44.15 -67.61
CA ALA I 273 -7.77 45.17 -68.14
C ALA I 273 -8.54 46.31 -68.80
N LEU I 274 -9.62 45.98 -69.51
CA LEU I 274 -10.42 47.02 -70.16
C LEU I 274 -11.11 47.92 -69.13
N LEU I 275 -11.76 47.32 -68.12
CA LEU I 275 -12.44 48.11 -67.08
C LEU I 275 -11.44 48.94 -66.27
N THR I 276 -10.25 48.35 -66.01
CA THR I 276 -9.22 49.05 -65.25
C THR I 276 -8.86 50.33 -65.96
N GLU I 277 -8.60 50.20 -67.27
CA GLU I 277 -8.14 51.35 -68.04
C GLU I 277 -9.24 52.40 -68.05
N ALA I 278 -10.51 51.96 -68.19
CA ALA I 278 -11.62 52.91 -68.20
C ALA I 278 -11.82 53.66 -66.88
N PHE I 279 -11.92 52.92 -65.76
CA PHE I 279 -12.07 53.59 -64.48
C PHE I 279 -10.88 54.49 -64.18
N ALA I 280 -9.66 54.11 -64.58
CA ALA I 280 -8.49 54.95 -64.27
C ALA I 280 -8.51 56.29 -65.02
N SER I 281 -9.35 56.46 -66.05
CA SER I 281 -9.29 57.67 -66.90
C SER I 281 -9.95 58.87 -66.24
N HIS I 282 -10.81 58.67 -65.23
CA HIS I 282 -11.40 59.79 -64.53
C HIS I 282 -11.32 59.52 -63.03
N ASP I 283 -11.62 60.58 -62.29
CA ASP I 283 -11.46 60.62 -60.85
C ASP I 283 -12.73 60.04 -60.20
N ARG I 284 -12.64 59.76 -58.90
CA ARG I 284 -13.68 59.03 -58.21
C ARG I 284 -14.96 59.87 -58.21
N ASP I 285 -14.84 61.16 -57.88
CA ASP I 285 -15.99 62.06 -57.85
C ASP I 285 -16.68 62.12 -59.23
N HIS I 286 -15.93 62.01 -60.33
CA HIS I 286 -16.53 61.99 -61.65
C HIS I 286 -17.46 60.79 -61.83
N TRP I 287 -17.01 59.59 -61.41
CA TRP I 287 -17.81 58.39 -61.61
C TRP I 287 -19.04 58.41 -60.70
N GLY I 288 -18.90 59.06 -59.54
CA GLY I 288 -20.02 59.18 -58.63
C GLY I 288 -21.15 60.00 -59.24
N ALA I 289 -20.80 61.08 -59.96
CA ALA I 289 -21.73 61.95 -60.69
C ALA I 289 -22.35 61.23 -61.88
N VAL I 290 -21.49 60.69 -62.74
CA VAL I 290 -21.95 59.91 -63.88
C VAL I 290 -22.97 58.87 -63.46
N PHE I 291 -22.76 58.19 -62.31
CA PHE I 291 -23.62 57.05 -62.03
C PHE I 291 -24.66 57.38 -60.95
N ALA I 292 -24.76 58.65 -60.54
CA ALA I 292 -25.87 59.04 -59.66
C ALA I 292 -27.19 58.70 -60.35
N ASN I 293 -28.08 58.01 -59.61
CA ASN I 293 -29.41 57.58 -60.04
C ASN I 293 -29.36 56.45 -61.06
N SER I 294 -28.20 55.82 -61.31
CA SER I 294 -28.18 54.65 -62.19
C SER I 294 -28.29 53.36 -61.42
N ASP I 295 -28.60 52.30 -62.17
CA ASP I 295 -28.57 50.94 -61.68
C ASP I 295 -27.25 50.24 -62.03
N ALA I 296 -26.24 51.01 -62.41
CA ALA I 296 -24.93 50.49 -62.81
C ALA I 296 -24.19 49.79 -61.65
N CYS I 297 -24.56 50.13 -60.41
CA CYS I 297 -23.97 49.51 -59.23
C CYS I 297 -22.51 49.95 -59.18
N VAL I 298 -22.30 51.25 -59.29
CA VAL I 298 -21.01 51.86 -59.10
C VAL I 298 -21.17 52.89 -58.01
N THR I 299 -20.31 52.79 -56.98
CA THR I 299 -20.36 53.76 -55.90
C THR I 299 -18.96 54.17 -55.54
N PRO I 300 -18.76 55.37 -55.01
CA PRO I 300 -17.46 55.78 -54.53
C PRO I 300 -17.14 55.09 -53.21
N VAL I 301 -15.87 54.74 -53.02
CA VAL I 301 -15.42 54.08 -51.82
C VAL I 301 -14.97 55.18 -50.88
N LEU I 302 -15.83 55.55 -49.93
CA LEU I 302 -15.54 56.66 -49.04
C LEU I 302 -14.79 56.14 -47.84
N ALA I 303 -13.85 56.97 -47.38
CA ALA I 303 -13.16 56.73 -46.11
C ALA I 303 -13.99 57.29 -44.96
N PHE I 304 -13.80 56.72 -43.76
CA PHE I 304 -14.59 57.08 -42.59
C PHE I 304 -14.77 58.59 -42.49
N GLY I 305 -13.69 59.35 -42.65
CA GLY I 305 -13.72 60.79 -42.43
C GLY I 305 -14.54 61.56 -43.48
N GLU I 306 -14.84 60.96 -44.65
CA GLU I 306 -15.67 61.59 -45.66
C GLU I 306 -17.14 61.19 -45.56
N VAL I 307 -17.48 60.20 -44.74
CA VAL I 307 -18.84 59.65 -44.76
C VAL I 307 -19.85 60.73 -44.39
N HIS I 308 -19.46 61.63 -43.48
CA HIS I 308 -20.37 62.66 -42.97
C HIS I 308 -20.79 63.65 -44.07
N ASN I 309 -20.08 63.71 -45.21
CA ASN I 309 -20.41 64.61 -46.32
C ASN I 309 -21.26 63.96 -47.41
N GLU I 310 -21.66 62.68 -47.26
CA GLU I 310 -22.41 62.00 -48.30
C GLU I 310 -23.91 62.22 -48.11
N PRO I 311 -24.60 62.87 -49.08
CA PRO I 311 -26.01 63.20 -48.93
C PRO I 311 -26.89 62.07 -48.42
N HIS I 312 -26.74 60.84 -48.94
CA HIS I 312 -27.63 59.75 -48.53
C HIS I 312 -27.43 59.36 -47.06
N ILE I 313 -26.21 59.55 -46.54
CA ILE I 313 -25.88 59.33 -45.13
C ILE I 313 -26.51 60.41 -44.27
N ILE I 314 -26.28 61.68 -44.63
CA ILE I 314 -26.80 62.83 -43.91
C ILE I 314 -28.33 62.77 -43.83
N GLU I 315 -29.00 62.43 -44.92
CA GLU I 315 -30.43 62.66 -45.00
C GLU I 315 -31.23 61.56 -44.30
N ARG I 316 -30.65 60.37 -44.12
CA ARG I 316 -31.35 59.32 -43.41
C ARG I 316 -30.94 59.28 -41.93
N ASN I 317 -29.98 60.13 -41.53
CA ASN I 317 -29.50 60.18 -40.16
C ASN I 317 -28.96 58.83 -39.71
N THR I 318 -28.13 58.21 -40.57
CA THR I 318 -27.48 56.96 -40.20
C THR I 318 -26.56 57.17 -38.98
N PHE I 319 -26.06 58.39 -38.79
CA PHE I 319 -25.09 58.75 -37.77
C PHE I 319 -25.61 59.92 -36.91
N TYR I 320 -24.97 60.11 -35.73
CA TYR I 320 -25.22 61.22 -34.83
C TYR I 320 -23.84 61.65 -34.34
N GLU I 321 -23.69 62.89 -33.85
CA GLU I 321 -22.44 63.39 -33.30
C GLU I 321 -22.41 63.20 -31.80
N ALA I 322 -21.40 62.50 -31.31
CA ALA I 322 -21.11 62.43 -29.88
C ALA I 322 -19.68 62.92 -29.65
N ASN I 323 -19.41 63.47 -28.45
CA ASN I 323 -18.05 63.54 -27.93
C ASN I 323 -16.98 63.44 -29.02
N GLY I 324 -16.77 64.50 -29.80
CA GLY I 324 -15.63 64.54 -30.72
C GLY I 324 -15.94 63.93 -32.11
N GLY I 325 -16.46 62.70 -32.15
CA GLY I 325 -16.69 62.01 -33.42
C GLY I 325 -18.14 61.54 -33.66
N TRP I 326 -18.42 61.17 -34.91
CA TRP I 326 -19.68 60.58 -35.33
C TRP I 326 -19.79 59.15 -34.83
N GLN I 327 -21.02 58.68 -34.62
CA GLN I 327 -21.31 57.31 -34.23
C GLN I 327 -22.57 56.88 -34.95
N PRO I 328 -22.73 55.58 -35.25
CA PRO I 328 -23.96 55.09 -35.89
C PRO I 328 -25.15 55.10 -34.96
N MET I 329 -26.27 55.63 -35.48
CA MET I 329 -27.57 55.53 -34.83
C MET I 329 -27.97 54.07 -34.77
N PRO I 330 -28.89 53.75 -33.83
CA PRO I 330 -29.41 52.40 -33.73
C PRO I 330 -29.98 51.87 -35.03
N ALA I 331 -29.83 50.57 -35.16
CA ALA I 331 -30.38 49.83 -36.26
C ALA I 331 -30.93 48.53 -35.72
N PRO I 332 -31.94 47.92 -36.37
CA PRO I 332 -32.67 48.56 -37.44
C PRO I 332 -33.64 49.61 -36.88
N ARG I 333 -34.62 50.01 -37.73
CA ARG I 333 -35.52 51.11 -37.44
C ARG I 333 -36.93 50.54 -37.30
N PHE I 334 -37.74 51.22 -36.45
CA PHE I 334 -39.07 50.75 -36.04
C PHE I 334 -40.07 51.89 -36.25
N SER I 335 -41.16 51.59 -36.94
CA SER I 335 -42.12 52.63 -37.35
C SER I 335 -42.93 53.15 -36.16
N ARG I 336 -43.34 52.27 -35.21
CA ARG I 336 -44.14 52.71 -34.07
C ARG I 336 -43.31 52.98 -32.80
N THR I 337 -42.50 52.03 -32.34
CA THR I 337 -41.65 52.24 -31.16
C THR I 337 -40.21 52.48 -31.59
N ALA I 338 -39.92 53.75 -31.89
CA ALA I 338 -38.66 54.08 -32.51
C ALA I 338 -37.61 54.27 -31.43
N SER I 339 -36.37 53.83 -31.74
CA SER I 339 -35.27 54.05 -30.82
C SER I 339 -35.04 55.54 -30.70
N SER I 340 -34.41 55.96 -29.61
CA SER I 340 -33.89 57.31 -29.49
C SER I 340 -32.38 57.32 -29.64
N GLN I 341 -31.83 58.52 -29.72
CA GLN I 341 -30.40 58.72 -29.78
C GLN I 341 -29.78 58.11 -28.52
N PRO I 342 -28.72 57.29 -28.66
CA PRO I 342 -28.05 56.65 -27.54
C PRO I 342 -27.71 57.62 -26.41
N ARG I 343 -27.73 57.11 -25.18
CA ARG I 343 -27.23 57.90 -24.05
C ARG I 343 -25.75 57.60 -23.90
N PRO I 344 -24.92 58.63 -23.65
CA PRO I 344 -23.50 58.42 -23.48
C PRO I 344 -23.17 57.50 -22.30
N PRO I 345 -21.95 56.94 -22.26
CA PRO I 345 -21.39 56.43 -21.02
C PRO I 345 -21.53 57.44 -19.89
N ALA I 346 -22.11 56.99 -18.75
CA ALA I 346 -22.31 57.84 -17.57
C ALA I 346 -21.40 57.34 -16.44
N ALA I 347 -21.36 58.07 -15.33
CA ALA I 347 -20.53 57.68 -14.19
C ALA I 347 -21.07 56.39 -13.58
N THR I 348 -20.17 55.69 -12.89
CA THR I 348 -20.50 54.46 -12.18
C THR I 348 -21.62 54.77 -11.19
N ILE I 349 -22.48 53.78 -10.99
CA ILE I 349 -23.65 53.86 -10.12
C ILE I 349 -23.47 52.78 -9.06
N ASP I 350 -24.12 52.98 -7.91
CA ASP I 350 -24.13 52.02 -6.83
C ASP I 350 -25.03 50.84 -7.19
N ILE I 351 -24.54 49.62 -6.97
CA ILE I 351 -25.34 48.42 -7.22
C ILE I 351 -26.62 48.35 -6.38
N GLU I 352 -26.60 48.92 -5.16
CA GLU I 352 -27.79 48.98 -4.30
C GLU I 352 -28.86 49.90 -4.90
N ALA I 353 -28.44 51.00 -5.52
CA ALA I 353 -29.37 51.94 -6.11
C ALA I 353 -30.10 51.34 -7.31
N VAL I 354 -29.47 50.38 -8.01
CA VAL I 354 -30.12 49.70 -9.11
C VAL I 354 -31.19 48.78 -8.55
N LEU I 355 -30.84 48.05 -7.48
CA LEU I 355 -31.72 47.03 -6.91
C LEU I 355 -33.01 47.67 -6.39
N THR I 356 -32.88 48.87 -5.82
CA THR I 356 -34.01 49.68 -5.41
C THR I 356 -34.92 49.88 -6.60
N ASP I 357 -34.34 50.46 -7.66
CA ASP I 357 -35.05 50.86 -8.86
C ASP I 357 -35.85 49.68 -9.43
N TRP I 358 -35.26 48.48 -9.46
CA TRP I 358 -35.88 47.30 -10.05
C TRP I 358 -36.85 46.61 -9.09
N ASP I 359 -37.15 47.24 -7.93
CA ASP I 359 -37.51 46.57 -6.68
C ASP I 359 -38.33 45.30 -6.94
N MET J 1 -42.23 21.09 -35.04
CA MET J 1 -40.94 21.68 -35.47
C MET J 1 -40.11 22.02 -34.23
N ALA J 2 -38.86 21.56 -34.21
CA ALA J 2 -37.94 21.77 -33.10
C ALA J 2 -37.41 23.21 -33.10
N GLY J 3 -37.22 23.79 -31.91
CA GLY J 3 -36.41 24.99 -31.73
C GLY J 3 -37.22 26.07 -31.02
N PRO J 4 -36.58 27.15 -30.54
CA PRO J 4 -37.25 28.19 -29.78
C PRO J 4 -38.34 28.95 -30.53
N LEU J 5 -38.28 28.95 -31.87
CA LEU J 5 -39.22 29.74 -32.67
C LEU J 5 -40.39 28.89 -33.17
N SER J 6 -40.52 27.66 -32.66
CA SER J 6 -41.66 26.79 -32.93
C SER J 6 -42.94 27.59 -32.71
N GLY J 7 -43.83 27.57 -33.72
CA GLY J 7 -45.10 28.28 -33.62
C GLY J 7 -45.09 29.64 -34.30
N LEU J 8 -43.91 30.12 -34.72
CA LEU J 8 -43.83 31.40 -35.39
C LEU J 8 -44.13 31.17 -36.87
N ARG J 9 -44.89 32.08 -37.46
CA ARG J 9 -45.34 31.97 -38.84
C ARG J 9 -44.80 33.15 -39.64
N VAL J 10 -44.05 32.79 -40.67
CA VAL J 10 -43.35 33.78 -41.47
C VAL J 10 -43.73 33.59 -42.93
N VAL J 11 -44.01 34.71 -43.58
CA VAL J 11 -44.18 34.71 -45.02
C VAL J 11 -43.04 35.50 -45.66
N GLU J 12 -42.34 34.84 -46.58
CA GLU J 12 -41.18 35.43 -47.24
C GLU J 12 -41.50 35.65 -48.73
N LEU J 13 -41.47 36.92 -49.17
CA LEU J 13 -41.52 37.25 -50.59
C LEU J 13 -40.13 37.13 -51.20
N ALA J 14 -39.99 36.08 -51.99
CA ALA J 14 -38.73 35.63 -52.53
C ALA J 14 -37.97 36.79 -53.17
N GLY J 15 -36.71 36.90 -52.71
CA GLY J 15 -35.69 37.80 -53.23
C GLY J 15 -34.31 37.16 -53.13
N ILE J 16 -33.27 37.99 -52.95
CA ILE J 16 -31.89 37.51 -53.02
C ILE J 16 -31.10 38.10 -51.85
N GLY J 17 -30.08 37.38 -51.37
CA GLY J 17 -29.15 37.98 -50.40
C GLY J 17 -29.71 37.95 -48.97
N PRO J 18 -29.93 39.10 -48.31
CA PRO J 18 -30.28 39.09 -46.89
C PRO J 18 -31.67 38.51 -46.53
N GLY J 19 -32.70 38.91 -47.30
CA GLY J 19 -34.06 38.41 -47.07
C GLY J 19 -34.06 36.91 -46.89
N PRO J 20 -33.60 36.12 -47.89
CA PRO J 20 -33.56 34.68 -47.75
C PRO J 20 -32.70 34.13 -46.62
N HIS J 21 -31.67 34.89 -46.21
CA HIS J 21 -30.81 34.39 -45.13
C HIS J 21 -31.53 34.53 -43.78
N ALA J 22 -32.21 35.67 -43.54
CA ALA J 22 -33.01 35.83 -42.33
C ALA J 22 -34.10 34.76 -42.29
N ALA J 23 -34.76 34.56 -43.42
CA ALA J 23 -35.83 33.58 -43.48
C ALA J 23 -35.28 32.18 -43.15
N MET J 24 -34.07 31.86 -43.63
CA MET J 24 -33.43 30.59 -43.35
C MET J 24 -33.20 30.41 -41.84
N ILE J 25 -32.70 31.47 -41.22
CA ILE J 25 -32.34 31.34 -39.82
C ILE J 25 -33.63 31.20 -39.00
N LEU J 26 -34.67 31.99 -39.31
CA LEU J 26 -35.94 31.85 -38.61
C LEU J 26 -36.40 30.40 -38.74
N GLY J 27 -36.35 29.84 -39.95
CA GLY J 27 -36.70 28.46 -40.18
C GLY J 27 -35.82 27.47 -39.43
N ASP J 28 -34.53 27.77 -39.37
CA ASP J 28 -33.56 26.94 -38.69
C ASP J 28 -33.95 26.73 -37.21
N LEU J 29 -34.40 27.82 -36.58
CA LEU J 29 -34.72 27.86 -35.16
C LEU J 29 -36.18 27.44 -34.88
N GLY J 30 -36.89 26.93 -35.91
CA GLY J 30 -38.17 26.25 -35.75
C GLY J 30 -39.38 27.04 -36.25
N ALA J 31 -39.17 28.21 -36.85
CA ALA J 31 -40.30 28.95 -37.43
C ALA J 31 -40.83 28.22 -38.65
N ASP J 32 -42.12 28.51 -38.91
CA ASP J 32 -42.85 27.92 -40.01
C ASP J 32 -42.83 28.92 -41.16
N VAL J 33 -41.98 28.64 -42.14
CA VAL J 33 -41.60 29.69 -43.08
C VAL J 33 -42.19 29.30 -44.43
N VAL J 34 -42.97 30.24 -44.98
CA VAL J 34 -43.57 29.98 -46.26
C VAL J 34 -43.06 31.02 -47.24
N ARG J 35 -42.43 30.50 -48.30
CA ARG J 35 -41.84 31.37 -49.30
C ARG J 35 -42.68 31.38 -50.57
N ILE J 36 -43.12 32.58 -50.94
CA ILE J 36 -43.83 32.83 -52.19
C ILE J 36 -42.84 33.28 -53.29
N ASP J 37 -42.60 32.42 -54.28
CA ASP J 37 -41.84 32.76 -55.47
C ASP J 37 -42.79 33.02 -56.64
N ARG J 38 -42.26 33.58 -57.73
CA ARG J 38 -43.06 33.77 -58.93
C ARG J 38 -43.02 32.46 -59.73
N PRO J 39 -44.10 32.12 -60.48
CA PRO J 39 -44.19 30.80 -61.09
C PRO J 39 -43.08 30.51 -62.10
N SER J 40 -42.61 31.58 -62.78
CA SER J 40 -41.55 31.45 -63.77
C SER J 40 -40.26 30.90 -63.15
N SER J 41 -39.99 31.23 -61.88
CA SER J 41 -38.71 30.87 -61.28
C SER J 41 -38.57 29.36 -61.05
N VAL J 42 -39.61 28.66 -60.60
CA VAL J 42 -39.36 27.35 -59.97
C VAL J 42 -39.51 26.23 -61.01
N ASP J 43 -38.57 25.26 -60.98
CA ASP J 43 -38.39 24.23 -62.02
C ASP J 43 -37.88 22.92 -61.42
N GLY J 44 -38.62 22.35 -60.46
CA GLY J 44 -38.15 21.21 -59.68
C GLY J 44 -37.68 21.64 -58.30
N ILE J 45 -37.15 20.67 -57.52
CA ILE J 45 -36.59 20.92 -56.19
C ILE J 45 -35.36 21.83 -56.35
N SER J 46 -35.24 22.86 -55.49
CA SER J 46 -34.12 23.79 -55.56
C SER J 46 -32.85 23.12 -55.02
N ARG J 47 -31.71 23.41 -55.67
CA ARG J 47 -30.41 22.95 -55.19
C ARG J 47 -29.69 24.05 -54.38
N ASP J 48 -30.41 25.11 -53.98
CA ASP J 48 -29.85 26.16 -53.14
C ASP J 48 -30.15 25.84 -51.67
N ALA J 49 -29.12 25.33 -50.98
CA ALA J 49 -29.21 25.02 -49.56
C ALA J 49 -29.60 26.24 -48.71
N MET J 50 -29.50 27.49 -49.23
CA MET J 50 -30.06 28.61 -48.47
C MET J 50 -31.60 28.52 -48.36
N LEU J 51 -32.25 27.69 -49.20
CA LEU J 51 -33.70 27.55 -49.13
C LEU J 51 -34.14 26.35 -48.28
N ARG J 52 -33.29 25.95 -47.33
CA ARG J 52 -33.67 24.97 -46.32
C ARG J 52 -34.75 25.54 -45.39
N ASN J 53 -35.42 24.59 -44.71
CA ASN J 53 -36.38 24.88 -43.66
C ASN J 53 -37.48 25.83 -44.13
N ARG J 54 -38.12 25.46 -45.25
CA ARG J 54 -39.06 26.29 -45.99
C ARG J 54 -40.18 25.44 -46.61
N ARG J 55 -41.36 26.05 -46.80
CA ARG J 55 -42.28 25.60 -47.84
C ARG J 55 -42.34 26.67 -48.93
N ILE J 56 -42.14 26.20 -50.17
CA ILE J 56 -42.12 27.04 -51.37
C ILE J 56 -43.50 26.98 -52.02
N VAL J 57 -44.09 28.15 -52.24
CA VAL J 57 -45.29 28.24 -53.07
C VAL J 57 -45.04 29.27 -54.15
N THR J 58 -45.70 29.09 -55.31
CA THR J 58 -45.59 30.00 -56.44
C THR J 58 -46.92 30.72 -56.61
N ALA J 59 -46.87 32.03 -56.76
CA ALA J 59 -48.07 32.81 -57.01
C ALA J 59 -47.64 34.02 -57.81
N ASP J 60 -48.41 34.37 -58.86
CA ASP J 60 -48.21 35.63 -59.55
C ASP J 60 -48.96 36.71 -58.78
N LEU J 61 -48.19 37.69 -58.27
CA LEU J 61 -48.69 38.67 -57.32
C LEU J 61 -49.25 39.89 -58.05
N LYS J 62 -49.09 39.93 -59.38
CA LYS J 62 -49.63 41.03 -60.15
C LYS J 62 -51.06 40.73 -60.58
N SER J 63 -51.42 39.44 -60.61
CA SER J 63 -52.79 39.02 -60.83
C SER J 63 -53.64 39.36 -59.59
N ASP J 64 -54.94 39.06 -59.66
CA ASP J 64 -55.86 39.32 -58.56
C ASP J 64 -55.90 38.08 -57.66
N GLN J 65 -55.81 36.91 -58.28
CA GLN J 65 -55.92 35.63 -57.62
C GLN J 65 -54.66 35.44 -56.76
N GLY J 66 -53.51 35.87 -57.31
CA GLY J 66 -52.25 35.81 -56.59
C GLY J 66 -52.24 36.75 -55.39
N LEU J 67 -52.59 38.01 -55.62
CA LEU J 67 -52.60 39.00 -54.56
C LEU J 67 -53.53 38.58 -53.42
N GLU J 68 -54.68 37.99 -53.79
CA GLU J 68 -55.67 37.64 -52.80
C GLU J 68 -55.13 36.49 -51.96
N LEU J 69 -54.57 35.46 -52.62
CA LEU J 69 -54.03 34.30 -51.93
C LEU J 69 -52.89 34.72 -50.97
N ALA J 70 -52.08 35.70 -51.38
CA ALA J 70 -50.98 36.20 -50.59
C ALA J 70 -51.50 36.96 -49.37
N LEU J 71 -52.55 37.76 -49.56
CA LEU J 71 -53.11 38.51 -48.45
C LEU J 71 -53.74 37.54 -47.44
N LYS J 72 -54.11 36.35 -47.89
CA LYS J 72 -54.71 35.37 -47.01
C LYS J 72 -53.64 34.80 -46.10
N LEU J 73 -52.50 34.37 -46.70
CA LEU J 73 -51.35 33.91 -45.95
C LEU J 73 -50.91 34.97 -44.95
N ILE J 74 -50.78 36.22 -45.40
CA ILE J 74 -50.26 37.25 -44.51
C ILE J 74 -51.19 37.52 -43.32
N ALA J 75 -52.49 37.21 -43.47
CA ALA J 75 -53.48 37.47 -42.43
C ALA J 75 -53.31 36.50 -41.27
N LYS J 76 -52.87 35.27 -41.60
CA LYS J 76 -52.63 34.18 -40.68
C LYS J 76 -51.18 34.13 -40.14
N ALA J 77 -50.32 35.14 -40.42
CA ALA J 77 -48.90 34.99 -40.15
C ALA J 77 -48.44 36.02 -39.14
N ASP J 78 -47.24 35.80 -38.59
CA ASP J 78 -46.67 36.71 -37.60
C ASP J 78 -45.76 37.72 -38.26
N VAL J 79 -45.12 37.28 -39.34
CA VAL J 79 -44.03 38.04 -39.92
C VAL J 79 -44.11 38.00 -41.44
N LEU J 80 -43.90 39.19 -42.02
CA LEU J 80 -43.68 39.33 -43.46
C LEU J 80 -42.27 39.90 -43.71
N ILE J 81 -41.54 39.22 -44.60
CA ILE J 81 -40.24 39.61 -45.09
C ILE J 81 -40.35 39.92 -46.58
N GLU J 82 -39.93 41.14 -46.95
CA GLU J 82 -39.76 41.52 -48.33
C GLU J 82 -38.43 42.25 -48.52
N GLY J 83 -37.72 41.96 -49.63
CA GLY J 83 -36.50 42.72 -49.90
C GLY J 83 -36.43 43.22 -51.35
N TYR J 84 -37.52 43.91 -51.75
CA TYR J 84 -37.65 44.56 -53.04
C TYR J 84 -37.29 46.01 -52.82
N ARG J 85 -37.11 46.79 -53.90
CA ARG J 85 -36.88 48.21 -53.71
C ARG J 85 -38.12 48.81 -53.06
N PRO J 86 -37.99 49.95 -52.39
CA PRO J 86 -39.16 50.61 -51.84
C PRO J 86 -40.20 50.89 -52.94
N GLY J 87 -41.49 50.71 -52.60
CA GLY J 87 -42.59 51.03 -53.49
C GLY J 87 -43.12 49.78 -54.16
N VAL J 88 -42.32 48.73 -54.19
CA VAL J 88 -42.72 47.56 -54.93
C VAL J 88 -43.86 46.76 -54.28
N THR J 89 -43.83 46.59 -52.94
CA THR J 89 -44.94 45.91 -52.29
C THR J 89 -46.17 46.83 -52.32
N GLU J 90 -46.01 48.12 -52.06
CA GLU J 90 -47.10 49.06 -52.18
C GLU J 90 -47.86 48.80 -53.50
N ARG J 91 -47.15 48.80 -54.64
CA ARG J 91 -47.75 48.68 -55.96
C ARG J 91 -48.38 47.31 -56.19
N LEU J 92 -47.89 46.26 -55.55
CA LEU J 92 -48.59 44.99 -55.66
C LEU J 92 -49.86 45.01 -54.80
N GLY J 93 -50.04 46.03 -53.96
CA GLY J 93 -51.12 46.02 -52.98
C GLY J 93 -50.79 45.19 -51.74
N LEU J 94 -49.48 44.94 -51.52
CA LEU J 94 -48.97 44.21 -50.37
C LEU J 94 -48.15 45.13 -49.47
N GLY J 95 -48.39 46.45 -49.56
CA GLY J 95 -47.71 47.39 -48.70
C GLY J 95 -48.02 47.15 -47.22
N PRO J 96 -47.35 47.88 -46.29
CA PRO J 96 -47.63 47.78 -44.87
C PRO J 96 -49.05 48.23 -44.51
N GLU J 97 -49.47 49.40 -45.03
CA GLU J 97 -50.85 49.88 -44.89
C GLU J 97 -51.87 48.82 -45.30
N GLU J 98 -51.65 48.13 -46.42
CA GLU J 98 -52.63 47.17 -46.88
C GLU J 98 -52.58 45.95 -45.99
N CYS J 99 -51.38 45.52 -45.59
CA CYS J 99 -51.24 44.34 -44.74
C CYS J 99 -51.86 44.60 -43.35
N ALA J 100 -51.70 45.81 -42.83
CA ALA J 100 -52.23 46.21 -41.55
C ALA J 100 -53.75 46.04 -41.47
N LYS J 101 -54.42 46.29 -42.61
CA LYS J 101 -55.86 46.17 -42.71
C LYS J 101 -56.29 44.74 -42.48
N VAL J 102 -55.50 43.74 -42.87
CA VAL J 102 -55.94 42.37 -42.65
C VAL J 102 -55.26 41.74 -41.43
N ASN J 103 -54.41 42.47 -40.69
CA ASN J 103 -53.61 41.87 -39.62
C ASN J 103 -52.77 42.94 -38.95
N ASP J 104 -53.30 43.58 -37.91
CA ASP J 104 -52.50 44.62 -37.25
C ASP J 104 -51.49 44.03 -36.24
N ARG J 105 -51.38 42.71 -36.20
CA ARG J 105 -50.37 42.04 -35.37
C ARG J 105 -49.12 41.67 -36.20
N LEU J 106 -49.14 41.91 -37.53
CA LEU J 106 -48.06 41.49 -38.41
C LEU J 106 -46.78 42.26 -38.13
N ILE J 107 -45.62 41.56 -38.14
CA ILE J 107 -44.36 42.29 -38.15
C ILE J 107 -43.92 42.46 -39.59
N TYR J 108 -43.85 43.71 -40.04
CA TYR J 108 -43.63 43.93 -41.47
C TYR J 108 -42.14 44.24 -41.69
N ALA J 109 -41.42 43.25 -42.22
CA ALA J 109 -39.96 43.36 -42.25
C ALA J 109 -39.42 43.72 -43.64
N ARG J 110 -38.81 44.90 -43.75
CA ARG J 110 -38.38 45.45 -45.04
C ARG J 110 -36.82 45.53 -45.11
N MET J 111 -36.26 44.68 -45.96
CA MET J 111 -34.82 44.45 -46.11
C MET J 111 -34.31 45.12 -47.39
N THR J 112 -33.68 46.29 -47.25
CA THR J 112 -33.04 46.98 -48.36
C THR J 112 -31.55 47.24 -48.06
N GLY J 113 -30.83 47.77 -49.05
CA GLY J 113 -29.47 48.25 -48.83
C GLY J 113 -29.44 49.69 -48.40
N TRP J 114 -30.18 50.51 -49.14
CA TRP J 114 -30.10 51.95 -48.99
C TRP J 114 -31.16 52.50 -48.01
N GLY J 115 -32.16 51.70 -47.68
CA GLY J 115 -33.21 52.27 -46.83
C GLY J 115 -34.45 52.66 -47.63
N GLN J 116 -35.43 53.26 -46.93
CA GLN J 116 -36.76 53.42 -47.49
C GLN J 116 -36.85 54.78 -48.16
N THR J 117 -35.98 55.72 -47.83
CA THR J 117 -36.05 57.03 -48.46
C THR J 117 -34.65 57.54 -48.75
N GLY J 118 -34.59 58.66 -49.46
CA GLY J 118 -33.34 59.37 -49.67
C GLY J 118 -32.83 59.15 -51.08
N PRO J 119 -31.77 59.88 -51.45
CA PRO J 119 -31.30 59.97 -52.85
C PRO J 119 -30.98 58.63 -53.51
N ARG J 120 -30.49 57.64 -52.73
CA ARG J 120 -30.05 56.39 -53.36
C ARG J 120 -31.09 55.29 -53.23
N SER J 121 -32.29 55.62 -52.72
CA SER J 121 -33.26 54.59 -52.32
C SER J 121 -33.81 53.76 -53.48
N GLN J 122 -33.69 54.25 -54.74
CA GLN J 122 -34.17 53.50 -55.90
C GLN J 122 -33.05 52.90 -56.75
N GLN J 123 -31.81 53.12 -56.31
CA GLN J 123 -30.62 52.66 -57.02
C GLN J 123 -30.36 51.17 -56.72
N ALA J 124 -30.25 50.35 -57.77
CA ALA J 124 -29.88 48.96 -57.59
C ALA J 124 -28.52 48.89 -56.88
N GLY J 125 -28.23 47.77 -56.23
CA GLY J 125 -26.99 47.69 -55.47
C GLY J 125 -26.71 46.27 -55.02
N HIS J 126 -25.44 46.02 -54.65
CA HIS J 126 -25.08 44.76 -54.00
C HIS J 126 -24.26 45.12 -52.76
N ASP J 127 -23.91 44.09 -51.98
CA ASP J 127 -23.15 44.24 -50.73
C ASP J 127 -22.03 45.25 -50.88
N ILE J 128 -21.17 45.07 -51.90
CA ILE J 128 -19.99 45.91 -52.09
C ILE J 128 -20.32 47.39 -52.18
N ASN J 129 -21.49 47.74 -52.75
CA ASN J 129 -21.96 49.12 -52.84
C ASN J 129 -22.34 49.70 -51.48
N TYR J 130 -23.14 48.97 -50.72
CA TYR J 130 -23.66 49.46 -49.44
C TYR J 130 -22.50 49.76 -48.50
N ILE J 131 -21.51 48.87 -48.48
CA ILE J 131 -20.36 49.05 -47.59
C ILE J 131 -19.33 50.02 -48.15
N SER J 132 -19.39 50.37 -49.45
CA SER J 132 -18.49 51.37 -49.97
C SER J 132 -18.80 52.74 -49.40
N LEU J 133 -20.09 52.99 -49.12
CA LEU J 133 -20.58 54.34 -48.78
C LEU J 133 -20.35 54.73 -47.32
N ASN J 134 -20.17 53.75 -46.42
CA ASN J 134 -20.16 54.05 -44.99
C ASN J 134 -18.79 53.88 -44.35
N GLY J 135 -17.73 53.74 -45.18
CA GLY J 135 -16.36 53.75 -44.69
C GLY J 135 -15.73 52.36 -44.55
N ILE J 136 -16.58 51.33 -44.58
CA ILE J 136 -16.20 49.96 -44.26
C ILE J 136 -15.24 49.39 -45.31
N LEU J 137 -15.67 49.37 -46.59
CA LEU J 137 -14.86 48.79 -47.66
C LEU J 137 -13.48 49.44 -47.71
N HIS J 138 -13.43 50.76 -47.50
CA HIS J 138 -12.15 51.44 -47.62
C HIS J 138 -11.18 50.89 -46.59
N ALA J 139 -11.69 50.40 -45.47
CA ALA J 139 -10.85 49.99 -44.36
C ALA J 139 -10.26 48.60 -44.55
N ILE J 140 -10.70 47.88 -45.59
CA ILE J 140 -10.37 46.49 -45.74
C ILE J 140 -9.33 46.23 -46.83
N GLY J 141 -8.26 45.51 -46.43
CA GLY J 141 -7.23 45.06 -47.35
C GLY J 141 -5.84 45.63 -47.03
N ARG J 142 -4.84 45.24 -47.80
CA ARG J 142 -3.50 45.77 -47.59
C ARG J 142 -3.41 47.25 -48.00
N GLY J 143 -2.51 48.00 -47.35
CA GLY J 143 -2.33 49.42 -47.57
C GLY J 143 -1.80 49.79 -48.96
N ASP J 144 -1.12 48.87 -49.63
CA ASP J 144 -0.50 49.21 -50.91
C ASP J 144 -1.40 48.79 -52.08
N GLU J 145 -2.67 48.49 -51.82
CA GLU J 145 -3.47 47.89 -52.86
C GLU J 145 -4.89 48.39 -52.72
N ARG J 146 -5.71 48.08 -53.71
CA ARG J 146 -7.06 48.60 -53.66
C ARG J 146 -7.89 47.76 -52.67
N PRO J 147 -8.97 48.33 -52.12
CA PRO J 147 -9.76 47.62 -51.12
C PRO J 147 -10.27 46.30 -51.66
N VAL J 148 -10.34 45.30 -50.78
CA VAL J 148 -10.82 44.02 -51.20
C VAL J 148 -12.15 43.74 -50.52
N PRO J 149 -13.13 43.20 -51.26
CA PRO J 149 -14.40 42.90 -50.63
C PRO J 149 -14.30 41.72 -49.68
N PRO J 150 -14.87 41.81 -48.48
CA PRO J 150 -14.91 40.68 -47.56
C PRO J 150 -16.07 39.76 -47.86
N LEU J 151 -16.00 39.15 -49.03
CA LEU J 151 -17.12 38.48 -49.64
C LEU J 151 -18.31 39.42 -49.51
N ASN J 152 -19.52 38.85 -49.35
CA ASN J 152 -20.72 39.62 -49.07
C ASN J 152 -21.17 39.41 -47.62
N LEU J 153 -20.19 39.31 -46.71
CA LEU J 153 -20.46 38.87 -45.35
C LEU J 153 -20.89 40.06 -44.50
N VAL J 154 -20.47 41.26 -44.87
CA VAL J 154 -20.59 42.39 -43.97
C VAL J 154 -21.84 43.20 -44.26
N GLY J 155 -22.23 43.32 -45.53
CA GLY J 155 -23.38 44.14 -45.87
C GLY J 155 -24.67 43.30 -45.88
N ASP J 156 -24.63 42.20 -46.63
CA ASP J 156 -25.75 41.29 -46.79
C ASP J 156 -26.11 40.55 -45.51
N PHE J 157 -25.13 39.93 -44.85
CA PHE J 157 -25.48 39.07 -43.72
C PHE J 157 -25.25 39.82 -42.43
N GLY J 158 -23.99 40.09 -42.10
CA GLY J 158 -23.69 40.67 -40.81
C GLY J 158 -24.48 41.93 -40.55
N GLY J 159 -24.50 42.87 -41.51
CA GLY J 159 -25.17 44.15 -41.29
C GLY J 159 -26.55 44.23 -41.98
N GLY J 160 -26.99 43.12 -42.50
CA GLY J 160 -28.20 43.01 -43.30
C GLY J 160 -29.20 42.08 -42.63
N SER J 161 -29.16 40.80 -42.99
CA SER J 161 -30.07 39.80 -42.47
C SER J 161 -30.07 39.76 -40.95
N MET J 162 -28.90 39.98 -40.31
CA MET J 162 -28.82 39.79 -38.87
C MET J 162 -29.59 40.90 -38.16
N PHE J 163 -29.53 42.11 -38.72
CA PHE J 163 -30.25 43.22 -38.13
C PHE J 163 -31.76 43.11 -38.41
N LEU J 164 -32.13 42.56 -39.57
CA LEU J 164 -33.52 42.27 -39.88
C LEU J 164 -34.05 41.34 -38.80
N LEU J 165 -33.28 40.27 -38.49
CA LEU J 165 -33.64 39.27 -37.47
C LEU J 165 -33.83 39.90 -36.09
N VAL J 166 -32.88 40.71 -35.66
CA VAL J 166 -32.95 41.39 -34.37
C VAL J 166 -34.20 42.27 -34.33
N GLY J 167 -34.43 42.96 -35.44
CA GLY J 167 -35.61 43.81 -35.61
C GLY J 167 -36.91 43.03 -35.46
N ILE J 168 -37.01 41.95 -36.20
CA ILE J 168 -38.21 41.14 -36.17
C ILE J 168 -38.47 40.69 -34.72
N LEU J 169 -37.42 40.18 -34.04
CA LEU J 169 -37.63 39.47 -32.79
C LEU J 169 -37.88 40.45 -31.68
N ALA J 170 -37.24 41.61 -31.79
CA ALA J 170 -37.46 42.71 -30.89
C ALA J 170 -38.90 43.23 -31.02
N ALA J 171 -39.43 43.21 -32.25
CA ALA J 171 -40.77 43.72 -32.53
C ALA J 171 -41.80 42.75 -31.97
N LEU J 172 -41.51 41.45 -32.08
CA LEU J 172 -42.32 40.42 -31.47
C LEU J 172 -42.34 40.53 -29.95
N TRP J 173 -41.21 40.88 -29.34
CA TRP J 173 -41.20 41.14 -27.91
C TRP J 173 -42.15 42.28 -27.61
N GLU J 174 -42.02 43.39 -28.37
CA GLU J 174 -42.80 44.61 -28.12
C GLU J 174 -44.29 44.30 -28.28
N ARG J 175 -44.61 43.43 -29.22
CA ARG J 175 -45.98 43.08 -29.51
C ARG J 175 -46.63 42.39 -28.31
N GLN J 176 -45.82 41.71 -27.47
CA GLN J 176 -46.38 40.92 -26.40
C GLN J 176 -47.05 41.89 -25.43
N SER J 177 -46.57 43.13 -25.35
CA SER J 177 -47.21 44.02 -24.43
C SER J 177 -48.19 45.00 -25.13
N SER J 178 -48.05 45.25 -26.44
CA SER J 178 -48.81 46.26 -27.18
C SER J 178 -50.04 45.63 -27.87
N GLY J 179 -49.98 44.34 -28.16
CA GLY J 179 -50.94 43.65 -29.01
C GLY J 179 -50.84 44.06 -30.49
N LYS J 180 -49.81 44.85 -30.84
CA LYS J 180 -49.68 45.51 -32.14
C LYS J 180 -48.34 45.19 -32.83
N GLY J 181 -48.44 44.95 -34.15
CA GLY J 181 -47.29 44.82 -35.02
C GLY J 181 -46.69 46.18 -35.31
N GLN J 182 -45.78 46.22 -36.28
CA GLN J 182 -45.14 47.45 -36.73
C GLN J 182 -44.19 47.12 -37.89
N VAL J 183 -43.59 48.17 -38.45
CA VAL J 183 -42.72 48.01 -39.63
C VAL J 183 -41.27 48.09 -39.15
N VAL J 184 -40.51 47.06 -39.54
CA VAL J 184 -39.08 46.99 -39.32
C VAL J 184 -38.32 47.41 -40.59
N ASP J 185 -37.58 48.53 -40.53
CA ASP J 185 -36.81 49.03 -41.68
C ASP J 185 -35.31 48.77 -41.46
N ALA J 186 -34.84 47.68 -42.09
CA ALA J 186 -33.47 47.24 -42.01
C ALA J 186 -32.75 47.57 -43.30
N ALA J 187 -31.87 48.55 -43.22
CA ALA J 187 -31.02 48.93 -44.33
C ALA J 187 -29.57 48.52 -44.07
N MET J 188 -28.95 47.85 -45.04
CA MET J 188 -27.59 47.34 -44.93
C MET J 188 -26.59 48.44 -44.63
N VAL J 189 -26.82 49.66 -45.14
CA VAL J 189 -25.93 50.78 -44.84
C VAL J 189 -25.97 51.20 -43.36
N ASP J 190 -27.13 50.95 -42.73
CA ASP J 190 -27.26 51.23 -41.31
C ASP J 190 -26.68 50.08 -40.48
N GLY J 191 -27.18 48.87 -40.73
CA GLY J 191 -26.77 47.72 -39.95
C GLY J 191 -25.25 47.53 -39.94
N SER J 192 -24.64 47.60 -41.14
CA SER J 192 -23.20 47.42 -41.24
C SER J 192 -22.51 48.55 -40.50
N SER J 193 -23.13 49.73 -40.42
CA SER J 193 -22.51 50.80 -39.65
C SER J 193 -22.47 50.48 -38.14
N VAL J 194 -23.53 49.86 -37.62
CA VAL J 194 -23.56 49.53 -36.19
C VAL J 194 -22.63 48.32 -35.96
N LEU J 195 -22.58 47.40 -36.93
CA LEU J 195 -21.69 46.26 -36.91
C LEU J 195 -20.26 46.75 -36.67
N ILE J 196 -19.89 47.91 -37.26
CA ILE J 196 -18.52 48.42 -37.18
C ILE J 196 -18.41 49.53 -36.15
N GLN J 197 -19.34 49.60 -35.18
CA GLN J 197 -19.32 50.71 -34.27
C GLN J 197 -17.98 50.78 -33.51
N MET J 198 -17.36 49.62 -33.26
CA MET J 198 -16.08 49.62 -32.54
C MET J 198 -15.07 50.52 -33.26
N MET J 199 -15.00 50.44 -34.60
CA MET J 199 -14.04 51.29 -35.30
C MET J 199 -14.43 52.76 -35.12
N TRP J 200 -15.73 53.08 -35.13
CA TRP J 200 -16.11 54.48 -34.95
C TRP J 200 -15.75 54.93 -33.54
N ALA J 201 -15.87 54.03 -32.56
CA ALA J 201 -15.43 54.29 -31.18
C ALA J 201 -13.91 54.51 -31.08
N MET J 202 -13.13 53.60 -31.64
CA MET J 202 -11.68 53.81 -31.62
C MET J 202 -11.30 55.07 -32.39
N ARG J 203 -12.00 55.35 -33.49
CA ARG J 203 -11.62 56.49 -34.29
C ARG J 203 -11.74 57.75 -33.44
N ALA J 204 -12.78 57.80 -32.61
CA ALA J 204 -13.02 58.99 -31.80
C ALA J 204 -11.97 59.14 -30.70
N THR J 205 -11.32 58.03 -30.27
CA THR J 205 -10.34 58.14 -29.21
C THR J 205 -8.93 58.16 -29.79
N GLY J 206 -8.74 58.36 -31.10
CA GLY J 206 -7.39 58.39 -31.65
C GLY J 206 -6.78 56.98 -31.81
N MET J 207 -7.56 55.93 -31.69
CA MET J 207 -6.98 54.60 -31.73
C MET J 207 -7.26 53.89 -33.06
N TRP J 208 -7.83 54.59 -34.04
CA TRP J 208 -8.11 54.02 -35.35
C TRP J 208 -7.89 55.13 -36.37
N THR J 209 -7.16 54.84 -37.46
CA THR J 209 -7.03 55.85 -38.50
C THR J 209 -7.52 55.30 -39.84
N ASP J 210 -7.81 56.26 -40.72
CA ASP J 210 -8.40 56.00 -42.00
C ASP J 210 -7.37 55.42 -42.97
N THR J 211 -6.10 55.39 -42.56
CA THR J 211 -5.08 54.74 -43.37
C THR J 211 -5.28 53.24 -43.35
N ARG J 212 -5.46 52.66 -44.53
CA ARG J 212 -5.69 51.22 -44.65
C ARG J 212 -4.41 50.45 -44.35
N GLY J 213 -4.53 49.31 -43.66
CA GLY J 213 -3.39 48.48 -43.33
C GLY J 213 -2.47 49.04 -42.26
N ALA J 214 -2.95 49.98 -41.42
CA ALA J 214 -2.11 50.65 -40.43
C ALA J 214 -2.78 50.66 -39.06
N ASN J 215 -3.63 49.66 -38.77
CA ASN J 215 -4.39 49.68 -37.53
C ASN J 215 -4.19 48.36 -36.79
N MET J 216 -4.72 48.25 -35.56
CA MET J 216 -4.54 47.04 -34.75
C MET J 216 -5.26 45.83 -35.35
N LEU J 217 -6.40 46.06 -36.05
CA LEU J 217 -7.24 44.93 -36.45
C LEU J 217 -7.43 44.74 -37.96
N ASP J 218 -6.68 45.47 -38.79
CA ASP J 218 -6.89 45.43 -40.24
C ASP J 218 -5.78 44.64 -40.92
N GLY J 219 -4.88 44.07 -40.12
CA GLY J 219 -3.73 43.38 -40.66
C GLY J 219 -2.45 44.20 -40.57
N GLY J 220 -2.53 45.49 -40.20
CA GLY J 220 -1.39 46.34 -39.92
C GLY J 220 -0.51 45.83 -38.76
N ALA J 221 -1.10 45.26 -37.71
CA ALA J 221 -0.34 44.80 -36.54
C ALA J 221 0.32 43.47 -36.85
N PRO J 222 1.65 43.32 -36.65
CA PRO J 222 2.32 42.04 -36.83
C PRO J 222 1.78 40.89 -35.99
N TYR J 223 1.14 41.25 -34.87
CA TYR J 223 0.56 40.27 -33.97
C TYR J 223 -0.93 40.02 -34.26
N TYR J 224 -1.48 40.59 -35.33
CA TYR J 224 -2.87 40.36 -35.71
C TYR J 224 -2.94 40.32 -37.24
N ASP J 225 -2.60 39.15 -37.78
CA ASP J 225 -2.36 38.96 -39.19
C ASP J 225 -2.15 37.48 -39.49
N THR J 226 -2.15 37.15 -40.80
CA THR J 226 -1.73 35.85 -41.27
C THR J 226 -0.25 35.86 -41.66
N TYR J 227 0.32 34.66 -41.64
CA TYR J 227 1.69 34.43 -42.03
C TYR J 227 1.73 33.16 -42.86
N GLU J 228 2.57 33.20 -43.88
CA GLU J 228 2.84 32.04 -44.70
C GLU J 228 3.87 31.16 -44.05
N CYS J 229 3.65 29.84 -44.17
CA CYS J 229 4.49 28.84 -43.53
C CYS J 229 5.35 28.15 -44.61
N ALA J 230 6.22 27.22 -44.21
CA ALA J 230 7.19 26.61 -45.12
C ALA J 230 6.49 25.86 -46.27
N ASP J 231 5.25 25.38 -46.04
CA ASP J 231 4.53 24.58 -47.00
C ASP J 231 3.63 25.45 -47.89
N GLY J 232 3.69 26.78 -47.79
CA GLY J 232 2.83 27.62 -48.60
C GLY J 232 1.42 27.78 -48.02
N ARG J 233 1.12 27.14 -46.89
CA ARG J 233 -0.15 27.34 -46.19
C ARG J 233 0.02 28.42 -45.12
N TYR J 234 -1.09 28.80 -44.45
CA TYR J 234 -1.04 29.93 -43.54
C TYR J 234 -1.47 29.59 -42.11
N VAL J 235 -0.99 30.43 -41.19
CA VAL J 235 -1.49 30.52 -39.84
C VAL J 235 -2.00 31.94 -39.65
N ALA J 236 -2.92 32.05 -38.67
CA ALA J 236 -3.40 33.31 -38.16
C ALA J 236 -2.87 33.52 -36.77
N VAL J 237 -2.46 34.77 -36.52
CA VAL J 237 -1.99 35.22 -35.25
C VAL J 237 -2.90 36.32 -34.76
N GLY J 238 -3.37 36.18 -33.53
CA GLY J 238 -4.36 37.08 -32.95
C GLY J 238 -4.02 37.47 -31.52
N ALA J 239 -2.70 37.54 -31.24
CA ALA J 239 -2.16 37.78 -29.91
C ALA J 239 -2.13 39.26 -29.53
N ILE J 240 -3.31 39.81 -29.22
CA ILE J 240 -3.43 41.18 -28.82
C ILE J 240 -2.86 41.40 -27.42
N GLU J 241 -3.29 40.57 -26.46
CA GLU J 241 -2.94 40.78 -25.06
C GLU J 241 -1.46 40.47 -24.87
N PRO J 242 -0.72 41.27 -24.09
CA PRO J 242 0.72 41.09 -23.98
C PRO J 242 1.13 39.68 -23.54
N GLN J 243 0.33 39.09 -22.63
CA GLN J 243 0.74 37.78 -22.12
C GLN J 243 0.69 36.75 -23.24
N PHE J 244 -0.34 36.82 -24.09
CA PHE J 244 -0.53 35.85 -25.17
C PHE J 244 0.51 36.08 -26.25
N TYR J 245 0.78 37.36 -26.54
CA TYR J 245 1.87 37.73 -27.44
C TYR J 245 3.23 37.17 -26.96
N ALA J 246 3.53 37.32 -25.66
CA ALA J 246 4.78 36.77 -25.11
C ALA J 246 4.85 35.26 -25.32
N ALA J 247 3.70 34.57 -25.16
CA ALA J 247 3.70 33.13 -25.33
C ALA J 247 3.97 32.77 -26.78
N MET J 248 3.36 33.54 -27.69
CA MET J 248 3.55 33.28 -29.11
C MET J 248 5.04 33.44 -29.47
N LEU J 249 5.69 34.49 -28.95
CA LEU J 249 7.10 34.75 -29.24
C LEU J 249 7.97 33.56 -28.80
N ALA J 250 7.78 33.10 -27.55
CA ALA J 250 8.58 32.02 -27.02
C ALA J 250 8.36 30.76 -27.83
N GLY J 251 7.13 30.54 -28.32
CA GLY J 251 6.89 29.36 -29.13
C GLY J 251 7.59 29.41 -30.48
N LEU J 252 7.80 30.62 -31.03
CA LEU J 252 8.53 30.74 -32.27
C LEU J 252 10.05 30.69 -32.02
N GLY J 253 10.45 30.63 -30.77
CA GLY J 253 11.86 30.56 -30.43
C GLY J 253 12.48 31.95 -30.40
N LEU J 254 11.66 33.00 -30.25
CA LEU J 254 12.18 34.33 -30.33
C LEU J 254 12.28 34.88 -28.92
N ASP J 255 13.41 35.55 -28.63
CA ASP J 255 13.65 36.12 -27.32
C ASP J 255 13.14 37.56 -27.33
N ALA J 256 12.11 37.86 -26.53
CA ALA J 256 11.47 39.17 -26.51
C ALA J 256 12.49 40.28 -26.25
N ALA J 257 13.53 39.99 -25.47
CA ALA J 257 14.50 41.02 -25.15
C ALA J 257 15.28 41.42 -26.41
N GLU J 258 15.27 40.64 -27.49
CA GLU J 258 15.97 41.02 -28.71
C GLU J 258 15.02 41.68 -29.73
N LEU J 259 13.74 41.91 -29.41
CA LEU J 259 12.75 42.36 -30.39
C LEU J 259 12.31 43.77 -29.99
N PRO J 260 11.76 44.59 -30.93
CA PRO J 260 11.13 45.83 -30.53
C PRO J 260 9.83 45.62 -29.75
N PRO J 261 9.35 46.66 -29.03
CA PRO J 261 8.11 46.54 -28.29
C PRO J 261 6.92 46.19 -29.18
N GLN J 262 6.03 45.36 -28.62
CA GLN J 262 4.87 44.86 -29.33
C GLN J 262 4.12 46.00 -30.03
N ASN J 263 4.00 47.17 -29.40
CA ASN J 263 3.14 48.22 -29.89
C ASN J 263 3.94 49.47 -30.24
N ASP J 264 5.23 49.29 -30.59
CA ASP J 264 5.96 50.37 -31.21
C ASP J 264 5.74 50.33 -32.72
N ARG J 265 4.77 51.13 -33.20
CA ARG J 265 4.28 51.09 -34.57
C ARG J 265 5.40 51.43 -35.55
N ALA J 266 6.31 52.34 -35.19
CA ALA J 266 7.41 52.70 -36.08
C ALA J 266 8.27 51.47 -36.40
N ARG J 267 8.29 50.46 -35.52
CA ARG J 267 9.15 49.30 -35.74
C ARG J 267 8.38 48.03 -36.10
N TRP J 268 7.09 48.19 -36.42
CA TRP J 268 6.29 47.06 -36.86
C TRP J 268 6.85 46.37 -38.10
N PRO J 269 7.37 47.08 -39.13
CA PRO J 269 8.02 46.39 -40.24
C PRO J 269 9.11 45.41 -39.80
N GLU J 270 9.92 45.84 -38.84
CA GLU J 270 11.07 45.10 -38.34
C GLU J 270 10.58 43.88 -37.58
N LEU J 271 9.54 44.09 -36.76
CA LEU J 271 8.91 42.99 -36.04
C LEU J 271 8.28 41.98 -36.99
N ARG J 272 7.55 42.49 -37.99
CA ARG J 272 6.93 41.61 -38.95
C ARG J 272 7.98 40.78 -39.69
N ALA J 273 9.11 41.40 -40.07
CA ALA J 273 10.13 40.59 -40.75
C ALA J 273 10.56 39.39 -39.89
N LEU J 274 10.78 39.64 -38.60
CA LEU J 274 11.27 38.61 -37.70
C LEU J 274 10.25 37.49 -37.55
N LEU J 275 8.97 37.88 -37.36
CA LEU J 275 7.92 36.87 -37.28
C LEU J 275 7.75 36.17 -38.62
N THR J 276 7.92 36.88 -39.75
CA THR J 276 7.76 36.23 -41.03
C THR J 276 8.78 35.11 -41.19
N GLU J 277 10.03 35.43 -40.87
CA GLU J 277 11.10 34.43 -40.97
C GLU J 277 10.83 33.25 -40.05
N ALA J 278 10.34 33.49 -38.82
CA ALA J 278 10.11 32.39 -37.90
C ALA J 278 9.01 31.49 -38.44
N PHE J 279 7.86 32.06 -38.84
CA PHE J 279 6.78 31.17 -39.26
C PHE J 279 7.11 30.44 -40.55
N ALA J 280 7.96 31.06 -41.40
CA ALA J 280 8.27 30.40 -42.66
C ALA J 280 9.20 29.20 -42.44
N SER J 281 9.74 29.02 -41.24
CA SER J 281 10.70 27.95 -41.04
C SER J 281 10.04 26.59 -40.83
N HIS J 282 8.72 26.53 -40.62
CA HIS J 282 8.07 25.22 -40.49
C HIS J 282 6.69 25.29 -41.11
N ASP J 283 6.10 24.11 -41.32
CA ASP J 283 4.83 23.99 -42.01
C ASP J 283 3.65 24.33 -41.09
N ARG J 284 2.46 24.53 -41.71
CA ARG J 284 1.29 24.97 -40.96
C ARG J 284 0.98 23.97 -39.83
N ASP J 285 1.02 22.67 -40.12
CA ASP J 285 0.65 21.67 -39.14
C ASP J 285 1.64 21.63 -37.97
N HIS J 286 2.91 21.94 -38.20
CA HIS J 286 3.86 22.10 -37.12
C HIS J 286 3.38 23.16 -36.14
N TRP J 287 3.02 24.35 -36.63
CA TRP J 287 2.61 25.38 -35.71
C TRP J 287 1.32 25.01 -34.98
N GLY J 288 0.42 24.28 -35.64
CA GLY J 288 -0.81 23.81 -34.97
C GLY J 288 -0.50 22.91 -33.77
N ALA J 289 0.48 22.02 -33.92
CA ALA J 289 0.94 21.17 -32.84
C ALA J 289 1.59 21.97 -31.70
N VAL J 290 2.53 22.83 -32.08
CA VAL J 290 3.32 23.62 -31.15
C VAL J 290 2.40 24.49 -30.30
N PHE J 291 1.29 25.01 -30.89
CA PHE J 291 0.47 25.93 -30.12
C PHE J 291 -0.86 25.32 -29.66
N ALA J 292 -1.06 24.02 -29.85
CA ALA J 292 -2.20 23.35 -29.22
C ALA J 292 -2.14 23.55 -27.71
N ASN J 293 -3.28 23.93 -27.15
CA ASN J 293 -3.53 24.09 -25.73
C ASN J 293 -2.85 25.34 -25.19
N SER J 294 -2.38 26.25 -26.07
CA SER J 294 -1.75 27.47 -25.62
C SER J 294 -2.66 28.67 -25.84
N ASP J 295 -2.36 29.75 -25.11
CA ASP J 295 -2.98 31.05 -25.27
C ASP J 295 -2.24 31.97 -26.24
N ALA J 296 -1.37 31.42 -27.10
CA ALA J 296 -0.60 32.18 -28.05
C ALA J 296 -1.47 32.77 -29.19
N CYS J 297 -2.71 32.30 -29.35
CA CYS J 297 -3.63 32.78 -30.36
C CYS J 297 -3.05 32.57 -31.76
N VAL J 298 -2.58 31.36 -32.02
CA VAL J 298 -2.08 30.99 -33.34
C VAL J 298 -2.95 29.83 -33.79
N THR J 299 -3.54 29.92 -34.98
CA THR J 299 -4.41 28.87 -35.46
C THR J 299 -4.10 28.66 -36.93
N PRO J 300 -4.28 27.41 -37.41
CA PRO J 300 -4.19 27.10 -38.81
C PRO J 300 -5.33 27.74 -39.60
N VAL J 301 -4.97 28.29 -40.77
CA VAL J 301 -5.95 28.90 -41.66
C VAL J 301 -6.42 27.79 -42.57
N LEU J 302 -7.60 27.25 -42.28
CA LEU J 302 -8.09 26.11 -43.04
C LEU J 302 -8.89 26.58 -44.25
N ALA J 303 -8.72 25.90 -45.39
CA ALA J 303 -9.61 26.09 -46.52
C ALA J 303 -10.91 25.31 -46.27
N PHE J 304 -12.00 25.80 -46.88
CA PHE J 304 -13.30 25.13 -46.74
C PHE J 304 -13.17 23.61 -46.79
N GLY J 305 -12.43 23.08 -47.78
CA GLY J 305 -12.37 21.64 -48.01
C GLY J 305 -11.63 20.87 -46.92
N GLU J 306 -10.91 21.57 -46.03
CA GLU J 306 -10.18 20.90 -44.98
C GLU J 306 -10.94 20.92 -43.66
N VAL J 307 -12.02 21.73 -43.58
CA VAL J 307 -12.67 22.04 -42.31
C VAL J 307 -13.28 20.78 -41.71
N HIS J 308 -13.80 19.88 -42.55
CA HIS J 308 -14.40 18.65 -42.06
C HIS J 308 -13.38 17.72 -41.38
N ASN J 309 -12.08 17.98 -41.44
CA ASN J 309 -11.11 17.13 -40.75
C ASN J 309 -10.50 17.75 -39.50
N GLU J 310 -10.96 18.94 -39.10
CA GLU J 310 -10.49 19.58 -37.88
C GLU J 310 -11.22 19.00 -36.68
N PRO J 311 -10.52 18.47 -35.66
CA PRO J 311 -11.17 17.86 -34.49
C PRO J 311 -12.21 18.74 -33.81
N HIS J 312 -11.92 20.02 -33.60
CA HIS J 312 -12.84 20.88 -32.88
C HIS J 312 -14.16 21.10 -33.62
N ILE J 313 -14.08 21.11 -34.96
CA ILE J 313 -15.24 21.27 -35.81
C ILE J 313 -16.09 20.01 -35.75
N ILE J 314 -15.44 18.83 -35.87
CA ILE J 314 -16.11 17.53 -35.88
C ILE J 314 -16.83 17.31 -34.56
N GLU J 315 -16.11 17.54 -33.46
CA GLU J 315 -16.57 17.11 -32.16
C GLU J 315 -17.69 18.00 -31.66
N ARG J 316 -17.82 19.24 -32.19
CA ARG J 316 -18.96 20.08 -31.82
C ARG J 316 -20.12 20.02 -32.84
N ASN J 317 -20.03 19.20 -33.88
CA ASN J 317 -21.07 19.10 -34.89
C ASN J 317 -21.53 20.48 -35.35
N THR J 318 -20.55 21.35 -35.65
CA THR J 318 -20.82 22.64 -36.30
C THR J 318 -21.45 22.46 -37.70
N PHE J 319 -21.12 21.37 -38.40
CA PHE J 319 -21.61 21.09 -39.74
C PHE J 319 -22.35 19.74 -39.74
N TYR J 320 -23.22 19.56 -40.75
CA TYR J 320 -23.85 18.28 -41.08
C TYR J 320 -23.65 18.07 -42.58
N GLU J 321 -23.82 16.82 -43.02
CA GLU J 321 -23.68 16.52 -44.44
C GLU J 321 -25.07 16.51 -45.08
N ALA J 322 -25.19 17.22 -46.20
CA ALA J 322 -26.42 17.31 -46.97
C ALA J 322 -26.08 16.98 -48.41
N ASN J 323 -27.07 16.47 -49.17
CA ASN J 323 -27.00 16.48 -50.62
C ASN J 323 -25.55 16.63 -51.10
N GLY J 324 -25.15 17.86 -51.42
CA GLY J 324 -23.95 18.10 -52.22
C GLY J 324 -22.67 18.23 -51.40
N GLY J 325 -22.78 18.21 -50.06
CA GLY J 325 -21.63 18.33 -49.17
C GLY J 325 -22.02 19.07 -47.88
N TRP J 326 -21.01 19.53 -47.14
CA TRP J 326 -21.20 19.97 -45.77
C TRP J 326 -21.97 21.28 -45.73
N GLN J 327 -22.80 21.43 -44.68
CA GLN J 327 -23.55 22.64 -44.45
C GLN J 327 -23.51 22.97 -42.97
N PRO J 328 -23.52 24.26 -42.57
CA PRO J 328 -23.50 24.60 -41.15
C PRO J 328 -24.82 24.32 -40.45
N MET J 329 -24.73 23.72 -39.27
CA MET J 329 -25.87 23.52 -38.40
C MET J 329 -26.35 24.87 -37.92
N PRO J 330 -27.60 24.96 -37.44
CA PRO J 330 -28.13 26.19 -36.93
C PRO J 330 -27.32 26.75 -35.78
N ALA J 331 -27.38 28.08 -35.64
CA ALA J 331 -26.68 28.81 -34.62
C ALA J 331 -27.61 29.91 -34.16
N PRO J 332 -27.56 30.38 -32.89
CA PRO J 332 -26.79 29.73 -31.84
C PRO J 332 -27.48 28.45 -31.36
N ARG J 333 -27.01 27.91 -30.22
CA ARG J 333 -27.56 26.68 -29.66
C ARG J 333 -28.37 27.02 -28.41
N PHE J 334 -29.42 26.19 -28.15
CA PHE J 334 -30.36 26.39 -27.05
C PHE J 334 -30.37 25.13 -26.17
N SER J 335 -30.28 25.25 -24.85
CA SER J 335 -30.20 24.10 -23.96
C SER J 335 -31.51 23.28 -23.87
N ARG J 336 -32.68 23.92 -23.91
CA ARG J 336 -33.94 23.19 -23.67
C ARG J 336 -34.68 22.94 -24.98
N THR J 337 -34.87 23.99 -25.78
CA THR J 337 -35.51 23.86 -27.07
C THR J 337 -34.47 23.91 -28.19
N ALA J 338 -33.78 22.81 -28.43
CA ALA J 338 -32.70 22.74 -29.39
C ALA J 338 -33.28 22.68 -30.79
N SER J 339 -32.56 23.32 -31.72
CA SER J 339 -32.86 23.20 -33.13
C SER J 339 -32.60 21.77 -33.58
N SER J 340 -33.25 21.36 -34.67
CA SER J 340 -32.88 20.12 -35.33
C SER J 340 -32.11 20.42 -36.62
N GLN J 341 -31.65 19.34 -37.22
CA GLN J 341 -31.01 19.35 -38.52
C GLN J 341 -31.96 19.98 -39.54
N PRO J 342 -31.50 20.93 -40.36
CA PRO J 342 -32.37 21.55 -41.33
C PRO J 342 -33.02 20.54 -42.28
N ARG J 343 -34.21 20.87 -42.76
CA ARG J 343 -34.89 20.04 -43.74
C ARG J 343 -34.46 20.53 -45.12
N PRO J 344 -34.07 19.62 -46.03
CA PRO J 344 -33.57 20.01 -47.34
C PRO J 344 -34.61 20.80 -48.11
N PRO J 345 -34.22 21.57 -49.15
CA PRO J 345 -35.20 22.29 -49.96
C PRO J 345 -36.26 21.33 -50.52
N ALA J 346 -37.54 21.69 -50.33
CA ALA J 346 -38.64 20.78 -50.58
C ALA J 346 -39.24 21.06 -51.97
N ALA J 347 -40.04 20.13 -52.49
CA ALA J 347 -40.80 20.36 -53.72
C ALA J 347 -41.88 21.43 -53.49
N THR J 348 -42.15 22.21 -54.54
CA THR J 348 -43.15 23.27 -54.51
C THR J 348 -44.44 22.66 -53.97
N ILE J 349 -45.19 23.46 -53.23
CA ILE J 349 -46.49 22.98 -52.82
C ILE J 349 -47.53 24.02 -53.22
N ASP J 350 -48.78 23.63 -53.00
CA ASP J 350 -49.93 24.40 -53.40
C ASP J 350 -50.28 25.38 -52.28
N ILE J 351 -50.51 26.63 -52.64
CA ILE J 351 -50.73 27.67 -51.63
C ILE J 351 -52.02 27.43 -50.86
N GLU J 352 -52.97 26.69 -51.46
CA GLU J 352 -54.24 26.40 -50.80
C GLU J 352 -54.02 25.37 -49.70
N ALA J 353 -53.20 24.37 -50.01
CA ALA J 353 -52.85 23.32 -49.05
C ALA J 353 -52.38 23.95 -47.73
N VAL J 354 -51.72 25.11 -47.84
CA VAL J 354 -51.07 25.74 -46.71
C VAL J 354 -52.09 26.55 -45.91
N LEU J 355 -53.03 27.19 -46.61
CA LEU J 355 -54.10 27.91 -45.94
C LEU J 355 -54.96 26.95 -45.12
N THR J 356 -55.14 25.73 -45.65
CA THR J 356 -55.79 24.66 -44.92
C THR J 356 -55.03 24.40 -43.61
N ASP J 357 -53.76 23.96 -43.75
CA ASP J 357 -52.88 23.64 -42.64
C ASP J 357 -52.87 24.75 -41.58
N TRP J 358 -52.91 26.01 -42.00
CA TRP J 358 -52.88 27.12 -41.05
C TRP J 358 -54.26 27.54 -40.52
N ASP J 359 -55.35 27.20 -41.22
CA ASP J 359 -56.71 27.70 -40.96
C ASP J 359 -56.90 29.13 -41.50
N MET K 1 39.47 36.56 -10.67
CA MET K 1 38.42 35.55 -10.42
C MET K 1 37.02 36.15 -10.68
N ALA K 2 36.31 35.54 -11.64
CA ALA K 2 34.99 35.96 -12.10
C ALA K 2 33.93 35.83 -11.00
N GLY K 3 32.98 36.77 -10.97
CA GLY K 3 31.77 36.64 -10.20
C GLY K 3 31.66 37.76 -9.18
N PRO K 4 30.48 37.93 -8.53
CA PRO K 4 30.29 39.03 -7.61
C PRO K 4 31.08 38.96 -6.31
N LEU K 5 31.59 37.77 -5.96
CA LEU K 5 32.26 37.63 -4.67
C LEU K 5 33.78 37.67 -4.86
N SER K 6 34.23 38.04 -6.07
CA SER K 6 35.64 38.29 -6.36
C SER K 6 36.25 39.09 -5.22
N GLY K 7 37.31 38.54 -4.59
CA GLY K 7 38.06 39.25 -3.57
C GLY K 7 37.74 38.79 -2.15
N LEU K 8 36.61 38.09 -1.96
CA LEU K 8 36.27 37.60 -0.64
C LEU K 8 37.17 36.39 -0.36
N ARG K 9 37.70 36.32 0.85
CA ARG K 9 38.61 35.24 1.21
C ARG K 9 37.94 34.31 2.22
N VAL K 10 38.00 33.01 1.92
CA VAL K 10 37.29 32.05 2.76
C VAL K 10 38.22 30.90 3.13
N VAL K 11 38.19 30.62 4.44
CA VAL K 11 38.81 29.43 5.02
C VAL K 11 37.71 28.47 5.48
N GLU K 12 37.74 27.27 4.90
CA GLU K 12 36.82 26.17 5.20
C GLU K 12 37.61 25.07 5.92
N LEU K 13 37.18 24.76 7.16
CA LEU K 13 37.61 23.56 7.88
C LEU K 13 36.80 22.36 7.39
N ALA K 14 37.48 21.52 6.61
CA ALA K 14 36.91 20.38 5.92
C ALA K 14 35.93 19.67 6.83
N GLY K 15 34.74 19.43 6.28
CA GLY K 15 33.67 18.69 6.93
C GLY K 15 32.87 17.95 5.87
N ILE K 16 31.60 17.70 6.21
CA ILE K 16 30.70 17.01 5.29
C ILE K 16 29.34 17.71 5.27
N GLY K 17 28.65 17.54 4.13
CA GLY K 17 27.29 18.03 3.95
C GLY K 17 27.28 19.53 3.71
N PRO K 18 26.66 20.31 4.60
CA PRO K 18 26.35 21.69 4.29
C PRO K 18 27.56 22.61 4.15
N GLY K 19 28.50 22.46 5.10
CA GLY K 19 29.72 23.26 5.10
C GLY K 19 30.34 23.32 3.72
N PRO K 20 30.75 22.17 3.14
CA PRO K 20 31.35 22.18 1.82
C PRO K 20 30.44 22.65 0.68
N HIS K 21 29.12 22.58 0.90
CA HIS K 21 28.20 23.02 -0.15
C HIS K 21 28.19 24.53 -0.16
N ALA K 22 28.11 25.15 1.02
CA ALA K 22 28.21 26.58 1.18
C ALA K 22 29.54 27.11 0.61
N ALA K 23 30.64 26.47 1.02
CA ALA K 23 31.95 26.84 0.51
C ALA K 23 31.99 26.73 -0.99
N MET K 24 31.40 25.67 -1.53
CA MET K 24 31.31 25.48 -2.95
C MET K 24 30.65 26.73 -3.60
N ILE K 25 29.56 27.20 -3.02
CA ILE K 25 28.78 28.25 -3.67
C ILE K 25 29.54 29.58 -3.61
N LEU K 26 30.23 29.86 -2.48
CA LEU K 26 31.09 31.04 -2.39
C LEU K 26 32.12 30.97 -3.50
N GLY K 27 32.75 29.81 -3.65
CA GLY K 27 33.75 29.64 -4.68
C GLY K 27 33.16 29.83 -6.09
N ASP K 28 31.94 29.33 -6.28
CA ASP K 28 31.26 29.41 -7.55
C ASP K 28 31.09 30.89 -7.95
N LEU K 29 30.72 31.72 -7.00
CA LEU K 29 30.47 33.13 -7.21
C LEU K 29 31.75 33.99 -7.10
N GLY K 30 32.93 33.37 -6.95
CA GLY K 30 34.20 34.04 -7.20
C GLY K 30 35.07 34.22 -5.95
N ALA K 31 34.55 33.89 -4.76
CA ALA K 31 35.35 33.88 -3.56
C ALA K 31 36.58 32.99 -3.72
N ASP K 32 37.65 33.37 -3.00
CA ASP K 32 38.88 32.60 -2.92
C ASP K 32 38.74 31.70 -1.70
N VAL K 33 38.53 30.40 -1.94
CA VAL K 33 38.19 29.47 -0.87
C VAL K 33 39.39 28.57 -0.66
N VAL K 34 39.86 28.55 0.58
CA VAL K 34 40.99 27.72 0.96
C VAL K 34 40.45 26.76 2.00
N ARG K 35 40.54 25.48 1.62
CA ARG K 35 39.99 24.44 2.46
C ARG K 35 41.13 23.69 3.17
N ILE K 36 41.05 23.64 4.50
CA ILE K 36 42.02 22.93 5.33
C ILE K 36 41.49 21.54 5.69
N ASP K 37 42.12 20.49 5.15
CA ASP K 37 41.78 19.10 5.45
C ASP K 37 42.94 18.41 6.19
N ARG K 38 42.68 17.23 6.80
CA ARG K 38 43.72 16.42 7.46
C ARG K 38 44.65 15.84 6.39
N PRO K 39 45.96 15.64 6.70
CA PRO K 39 46.83 14.86 5.82
C PRO K 39 46.34 13.43 5.62
N SER K 40 45.78 12.83 6.69
CA SER K 40 45.05 11.55 6.67
C SER K 40 44.15 11.44 5.43
N SER K 41 43.27 12.44 5.23
CA SER K 41 42.28 12.47 4.17
C SER K 41 42.81 13.23 2.94
N VAL K 42 43.61 12.56 2.08
CA VAL K 42 44.05 13.07 0.77
C VAL K 42 45.00 12.05 0.14
N ASP K 43 44.70 11.59 -1.09
CA ASP K 43 45.52 10.61 -1.80
C ASP K 43 45.74 10.96 -3.27
N GLY K 44 45.60 12.24 -3.65
CA GLY K 44 45.67 12.66 -5.04
C GLY K 44 44.70 13.82 -5.30
N ILE K 45 44.22 13.96 -6.55
CA ILE K 45 43.19 14.96 -6.86
C ILE K 45 41.83 14.34 -6.49
N SER K 46 40.99 15.09 -5.75
CA SER K 46 39.65 14.63 -5.35
C SER K 46 38.74 14.47 -6.56
N ARG K 47 37.97 13.38 -6.61
CA ARG K 47 37.01 13.18 -7.68
C ARG K 47 35.61 13.57 -7.18
N ASP K 48 35.54 14.32 -6.05
CA ASP K 48 34.27 14.88 -5.57
C ASP K 48 34.05 16.28 -6.16
N ALA K 49 33.18 16.39 -7.19
CA ALA K 49 32.94 17.65 -7.90
C ALA K 49 32.44 18.72 -6.94
N MET K 50 32.00 18.35 -5.70
CA MET K 50 31.63 19.34 -4.71
C MET K 50 32.83 20.18 -4.19
N LEU K 51 34.06 19.68 -4.40
CA LEU K 51 35.25 20.43 -3.99
C LEU K 51 35.79 21.27 -5.15
N ARG K 52 34.91 21.66 -6.09
CA ARG K 52 35.28 22.51 -7.22
C ARG K 52 35.55 23.91 -6.65
N ASN K 53 36.28 24.74 -7.41
CA ASN K 53 36.56 26.12 -6.99
C ASN K 53 37.19 26.22 -5.59
N ARG K 54 38.19 25.37 -5.30
CA ARG K 54 38.91 25.41 -4.02
C ARG K 54 40.43 25.41 -4.25
N ARG K 55 41.17 25.85 -3.23
CA ARG K 55 42.53 25.36 -3.04
C ARG K 55 42.52 24.44 -1.81
N ILE K 56 43.04 23.22 -1.95
CA ILE K 56 43.07 22.32 -0.80
C ILE K 56 44.43 22.43 -0.12
N VAL K 57 44.45 22.61 1.20
CA VAL K 57 45.68 22.40 1.93
C VAL K 57 45.48 21.40 3.08
N THR K 58 46.52 20.58 3.23
CA THR K 58 46.65 19.57 4.27
C THR K 58 47.37 20.21 5.44
N ALA K 59 46.81 20.07 6.64
CA ALA K 59 47.44 20.56 7.85
C ALA K 59 46.82 19.83 9.04
N ASP K 60 47.68 19.33 9.95
CA ASP K 60 47.24 18.67 11.17
C ASP K 60 46.99 19.72 12.24
N LEU K 61 45.70 19.95 12.54
CA LEU K 61 45.29 21.03 13.43
C LEU K 61 45.52 20.69 14.90
N LYS K 62 45.90 19.44 15.17
CA LYS K 62 46.15 19.04 16.55
C LYS K 62 47.55 19.55 16.95
N SER K 63 48.46 19.65 15.96
CA SER K 63 49.82 20.07 16.21
C SER K 63 49.87 21.56 16.53
N ASP K 64 51.08 22.09 16.69
CA ASP K 64 51.27 23.51 16.96
C ASP K 64 51.63 24.21 15.66
N GLN K 65 52.37 23.51 14.79
CA GLN K 65 52.70 24.03 13.48
C GLN K 65 51.44 24.14 12.61
N GLY K 66 50.72 23.02 12.48
CA GLY K 66 49.39 23.03 11.88
C GLY K 66 48.49 24.15 12.44
N LEU K 67 48.39 24.29 13.76
CA LEU K 67 47.47 25.28 14.31
C LEU K 67 47.93 26.69 13.93
N GLU K 68 49.25 26.94 13.93
CA GLU K 68 49.74 28.29 13.71
C GLU K 68 49.53 28.66 12.24
N LEU K 69 49.93 27.75 11.35
CA LEU K 69 49.67 27.88 9.92
C LEU K 69 48.20 28.24 9.68
N ALA K 70 47.29 27.73 10.52
CA ALA K 70 45.86 27.93 10.31
C ALA K 70 45.48 29.34 10.75
N LEU K 71 45.83 29.68 11.99
CA LEU K 71 45.55 30.99 12.56
C LEU K 71 46.09 32.14 11.69
N LYS K 72 47.05 31.81 10.82
CA LYS K 72 47.65 32.77 9.92
C LYS K 72 46.90 32.87 8.59
N LEU K 73 46.27 31.78 8.12
CA LEU K 73 45.34 31.84 6.99
C LEU K 73 44.13 32.70 7.39
N ILE K 74 43.71 32.55 8.63
CA ILE K 74 42.48 33.12 9.13
C ILE K 74 42.64 34.62 9.33
N ALA K 75 43.83 35.00 9.80
CA ALA K 75 44.19 36.39 10.03
C ALA K 75 43.89 37.24 8.78
N LYS K 76 44.25 36.73 7.61
CA LYS K 76 44.15 37.37 6.31
C LYS K 76 42.85 37.07 5.57
N ALA K 77 41.74 36.76 6.27
CA ALA K 77 40.56 36.25 5.56
C ALA K 77 39.31 36.90 6.12
N ASP K 78 38.22 36.82 5.34
CA ASP K 78 36.96 37.45 5.69
C ASP K 78 36.03 36.51 6.43
N VAL K 79 36.07 35.23 6.00
CA VAL K 79 35.10 34.26 6.47
C VAL K 79 35.81 32.96 6.87
N LEU K 80 35.34 32.39 7.98
CA LEU K 80 35.67 31.02 8.34
C LEU K 80 34.39 30.18 8.47
N ILE K 81 34.46 28.99 7.86
CA ILE K 81 33.41 28.00 7.90
C ILE K 81 33.95 26.76 8.64
N GLU K 82 33.22 26.40 9.69
CA GLU K 82 33.39 25.16 10.41
C GLU K 82 32.02 24.49 10.60
N GLY K 83 32.00 23.15 10.43
CA GLY K 83 30.78 22.37 10.63
C GLY K 83 31.05 21.13 11.47
N TYR K 84 31.73 21.34 12.61
CA TYR K 84 32.02 20.30 13.58
C TYR K 84 31.01 20.42 14.70
N ARG K 85 30.98 19.42 15.60
CA ARG K 85 30.13 19.58 16.77
C ARG K 85 30.62 20.83 17.49
N PRO K 86 29.77 21.47 18.31
CA PRO K 86 30.19 22.56 19.18
C PRO K 86 31.32 22.14 20.11
N GLY K 87 32.33 22.99 20.34
CA GLY K 87 33.46 22.66 21.17
C GLY K 87 34.67 22.28 20.34
N VAL K 88 34.46 21.77 19.12
CA VAL K 88 35.59 21.19 18.44
C VAL K 88 36.61 22.26 18.04
N THR K 89 36.11 23.47 17.73
CA THR K 89 37.04 24.48 17.26
C THR K 89 37.69 25.12 18.48
N GLU K 90 36.91 25.37 19.54
CA GLU K 90 37.46 25.89 20.77
C GLU K 90 38.72 25.09 21.15
N ARG K 91 38.58 23.76 21.19
CA ARG K 91 39.57 22.87 21.76
C ARG K 91 40.75 22.80 20.79
N LEU K 92 40.53 23.06 19.51
CA LEU K 92 41.67 23.14 18.62
C LEU K 92 42.51 24.41 18.83
N GLY K 93 41.97 25.39 19.58
CA GLY K 93 42.45 26.76 19.61
C GLY K 93 42.00 27.61 18.42
N LEU K 94 40.91 27.18 17.74
CA LEU K 94 40.43 27.85 16.53
C LEU K 94 39.01 28.40 16.76
N GLY K 95 38.61 28.56 18.03
CA GLY K 95 37.27 28.95 18.38
C GLY K 95 37.01 30.41 18.00
N PRO K 96 35.76 30.93 18.14
CA PRO K 96 35.49 32.32 17.81
C PRO K 96 36.54 33.26 18.40
N GLU K 97 36.65 33.28 19.74
CA GLU K 97 37.41 34.29 20.46
C GLU K 97 38.91 34.27 20.17
N GLU K 98 39.47 33.07 20.06
CA GLU K 98 40.83 32.92 19.56
C GLU K 98 40.98 33.56 18.19
N CYS K 99 39.99 33.33 17.30
CA CYS K 99 40.01 33.89 15.97
C CYS K 99 39.86 35.41 16.07
N ALA K 100 39.00 35.88 16.97
CA ALA K 100 38.76 37.31 17.16
C ALA K 100 40.10 38.04 17.40
N LYS K 101 40.90 37.53 18.33
CA LYS K 101 42.21 38.08 18.64
C LYS K 101 43.09 38.26 17.40
N VAL K 102 43.04 37.38 16.40
CA VAL K 102 43.91 37.59 15.24
C VAL K 102 43.19 38.38 14.15
N ASN K 103 41.93 38.82 14.35
CA ASN K 103 41.12 39.25 13.21
C ASN K 103 39.70 39.60 13.63
N ASP K 104 39.48 40.81 14.16
CA ASP K 104 38.17 41.19 14.70
C ASP K 104 37.20 41.48 13.54
N ARG K 105 37.62 41.23 12.30
CA ARG K 105 36.75 41.45 11.13
C ARG K 105 36.08 40.14 10.65
N LEU K 106 36.42 38.99 11.25
CA LEU K 106 36.09 37.69 10.68
C LEU K 106 34.60 37.42 10.84
N ILE K 107 33.99 36.93 9.76
CA ILE K 107 32.69 36.29 9.91
C ILE K 107 32.97 34.82 10.22
N TYR K 108 32.53 34.43 11.42
CA TYR K 108 32.80 33.11 11.98
C TYR K 108 31.54 32.26 11.80
N ALA K 109 31.56 31.36 10.82
CA ALA K 109 30.31 30.68 10.47
C ALA K 109 30.30 29.22 10.95
N ARG K 110 29.34 28.95 11.84
CA ARG K 110 29.17 27.65 12.47
C ARG K 110 27.92 26.93 11.95
N MET K 111 28.19 25.87 11.19
CA MET K 111 27.18 25.05 10.51
C MET K 111 26.95 23.76 11.30
N THR K 112 25.84 23.69 12.02
CA THR K 112 25.46 22.48 12.73
C THR K 112 24.04 22.05 12.35
N GLY K 113 23.61 20.91 12.93
CA GLY K 113 22.26 20.45 12.79
C GLY K 113 21.37 20.91 13.93
N TRP K 114 21.85 20.68 15.16
CA TRP K 114 21.03 20.92 16.34
C TRP K 114 21.30 22.30 16.95
N GLY K 115 22.36 22.98 16.52
CA GLY K 115 22.72 24.27 17.09
C GLY K 115 23.86 24.14 18.10
N GLN K 116 24.17 25.25 18.78
CA GLN K 116 25.41 25.37 19.55
C GLN K 116 25.20 24.95 20.99
N THR K 117 23.95 24.98 21.44
CA THR K 117 23.58 24.60 22.80
C THR K 117 22.33 23.74 22.78
N GLY K 118 22.00 23.20 23.98
CA GLY K 118 20.74 22.50 24.23
C GLY K 118 20.96 20.99 24.26
N PRO K 119 19.92 20.22 24.62
CA PRO K 119 20.06 18.78 24.94
C PRO K 119 20.61 17.89 23.83
N ARG K 120 20.48 18.32 22.55
CA ARG K 120 20.78 17.46 21.43
C ARG K 120 22.08 17.92 20.78
N SER K 121 22.73 18.93 21.36
CA SER K 121 23.77 19.66 20.68
C SER K 121 25.04 18.84 20.51
N GLN K 122 25.20 17.74 21.24
CA GLN K 122 26.34 16.86 20.99
C GLN K 122 25.98 15.56 20.26
N GLN K 123 24.69 15.38 19.92
CA GLN K 123 24.22 14.20 19.21
C GLN K 123 24.66 14.24 17.75
N ALA K 124 25.32 13.18 17.31
CA ALA K 124 25.49 12.95 15.89
C ALA K 124 24.12 12.90 15.22
N GLY K 125 24.15 13.13 13.92
CA GLY K 125 22.93 13.36 13.17
C GLY K 125 23.26 13.56 11.70
N HIS K 126 22.23 13.29 10.89
CA HIS K 126 22.24 13.63 9.48
C HIS K 126 20.90 14.31 9.13
N ASP K 127 20.79 14.76 7.88
CA ASP K 127 19.62 15.45 7.36
C ASP K 127 18.34 14.84 7.91
N ILE K 128 18.16 13.51 7.74
CA ILE K 128 16.89 12.86 8.05
C ILE K 128 16.53 13.07 9.51
N ASN K 129 17.55 13.16 10.39
CA ASN K 129 17.30 13.39 11.81
C ASN K 129 16.83 14.82 12.10
N TYR K 130 17.54 15.81 11.57
CA TYR K 130 17.22 17.21 11.83
C TYR K 130 15.80 17.50 11.34
N ILE K 131 15.39 16.94 10.17
CA ILE K 131 14.03 17.23 9.68
C ILE K 131 12.97 16.37 10.34
N SER K 132 13.36 15.37 11.12
CA SER K 132 12.34 14.55 11.74
C SER K 132 11.82 15.28 12.98
N LEU K 133 12.63 16.18 13.57
CA LEU K 133 12.27 16.74 14.86
C LEU K 133 11.36 17.94 14.72
N ASN K 134 11.30 18.53 13.52
CA ASN K 134 10.56 19.78 13.37
C ASN K 134 9.30 19.64 12.48
N GLY K 135 8.83 18.41 12.21
CA GLY K 135 7.56 18.17 11.55
C GLY K 135 7.65 18.00 10.03
N ILE K 136 8.83 18.25 9.47
CA ILE K 136 9.01 18.25 8.04
C ILE K 136 8.91 16.83 7.50
N LEU K 137 9.66 15.88 8.06
CA LEU K 137 9.74 14.56 7.45
C LEU K 137 8.37 13.90 7.51
N HIS K 138 7.68 14.12 8.62
CA HIS K 138 6.36 13.56 8.86
C HIS K 138 5.41 13.94 7.73
N ALA K 139 5.62 15.12 7.13
CA ALA K 139 4.71 15.65 6.13
C ALA K 139 4.98 15.10 4.72
N ILE K 140 6.06 14.34 4.52
CA ILE K 140 6.48 13.96 3.18
C ILE K 140 6.21 12.50 2.89
N GLY K 141 5.55 12.24 1.73
CA GLY K 141 5.22 10.88 1.32
C GLY K 141 3.72 10.67 1.19
N ARG K 142 3.33 9.47 0.75
CA ARG K 142 1.95 9.06 0.67
C ARG K 142 1.40 8.76 2.06
N GLY K 143 0.10 9.01 2.21
CA GLY K 143 -0.62 8.86 3.46
C GLY K 143 -0.59 7.42 3.98
N ASP K 144 -0.60 6.46 3.08
CA ASP K 144 -0.72 5.07 3.49
C ASP K 144 0.66 4.42 3.73
N GLU K 145 1.75 5.20 3.72
CA GLU K 145 3.08 4.64 3.86
C GLU K 145 3.94 5.46 4.83
N ARG K 146 5.09 4.92 5.17
CA ARG K 146 5.94 5.62 6.11
C ARG K 146 6.57 6.80 5.38
N PRO K 147 6.90 7.86 6.10
CA PRO K 147 7.46 9.05 5.47
C PRO K 147 8.70 8.74 4.67
N VAL K 148 8.91 9.54 3.62
CA VAL K 148 10.01 9.28 2.73
C VAL K 148 10.99 10.45 2.76
N PRO K 149 12.30 10.18 2.89
CA PRO K 149 13.25 11.26 2.95
C PRO K 149 13.40 11.95 1.61
N PRO K 150 13.34 13.29 1.57
CA PRO K 150 13.51 14.01 0.32
C PRO K 150 14.97 14.21 -0.01
N LEU K 151 15.62 13.07 -0.20
CA LEU K 151 17.06 13.00 -0.24
C LEU K 151 17.57 13.78 0.97
N ASN K 152 18.71 14.46 0.83
CA ASN K 152 19.21 15.31 1.89
C ASN K 152 19.08 16.78 1.47
N LEU K 153 18.01 17.11 0.74
CA LEU K 153 17.90 18.43 0.13
C LEU K 153 17.38 19.46 1.12
N VAL K 154 16.56 19.05 2.10
CA VAL K 154 15.86 20.03 2.90
C VAL K 154 16.63 20.41 4.16
N GLY K 155 17.35 19.46 4.79
CA GLY K 155 18.07 19.77 6.02
C GLY K 155 19.49 20.25 5.76
N ASP K 156 20.25 19.47 4.98
CA ASP K 156 21.60 19.80 4.59
C ASP K 156 21.68 21.07 3.76
N PHE K 157 20.97 21.11 2.62
CA PHE K 157 21.22 22.14 1.61
C PHE K 157 20.24 23.28 1.82
N GLY K 158 18.94 23.04 1.57
CA GLY K 158 17.93 24.08 1.66
C GLY K 158 17.91 24.80 3.00
N GLY K 159 17.88 24.03 4.07
CA GLY K 159 17.75 24.62 5.38
C GLY K 159 19.10 24.67 6.10
N GLY K 160 20.16 24.33 5.41
CA GLY K 160 21.47 24.20 6.03
C GLY K 160 22.46 25.16 5.41
N SER K 161 23.13 24.69 4.36
CA SER K 161 24.11 25.49 3.64
C SER K 161 23.51 26.84 3.20
N MET K 162 22.24 26.86 2.75
CA MET K 162 21.73 28.11 2.19
C MET K 162 21.53 29.13 3.29
N PHE K 163 21.17 28.70 4.49
CA PHE K 163 21.07 29.62 5.59
C PHE K 163 22.43 30.07 6.11
N LEU K 164 23.44 29.21 6.03
CA LEU K 164 24.78 29.64 6.40
C LEU K 164 25.19 30.76 5.43
N LEU K 165 24.95 30.55 4.13
CA LEU K 165 25.32 31.50 3.10
C LEU K 165 24.66 32.85 3.35
N VAL K 166 23.39 32.81 3.73
CA VAL K 166 22.61 34.02 3.91
C VAL K 166 23.20 34.76 5.12
N GLY K 167 23.49 34.01 6.18
CA GLY K 167 24.07 34.59 7.38
C GLY K 167 25.43 35.22 7.13
N ILE K 168 26.28 34.53 6.39
CA ILE K 168 27.61 35.03 6.08
C ILE K 168 27.53 36.35 5.28
N LEU K 169 26.59 36.39 4.33
CA LEU K 169 26.55 37.49 3.39
C LEU K 169 25.84 38.63 4.10
N ALA K 170 24.84 38.30 4.93
CA ALA K 170 24.20 39.33 5.72
C ALA K 170 25.18 39.99 6.68
N ALA K 171 26.12 39.19 7.23
CA ALA K 171 27.05 39.71 8.22
C ALA K 171 28.16 40.50 7.53
N LEU K 172 28.55 40.13 6.29
CA LEU K 172 29.41 40.95 5.47
C LEU K 172 28.81 42.34 5.21
N TRP K 173 27.47 42.45 5.21
CA TRP K 173 26.80 43.72 5.00
C TRP K 173 26.83 44.55 6.28
N GLU K 174 26.53 43.91 7.41
CA GLU K 174 26.49 44.59 8.68
C GLU K 174 27.87 45.19 8.98
N ARG K 175 28.90 44.45 8.51
CA ARG K 175 30.30 44.75 8.71
C ARG K 175 30.72 46.05 8.02
N GLN K 176 30.22 46.34 6.81
CA GLN K 176 30.67 47.50 6.07
C GLN K 176 30.30 48.75 6.89
N SER K 177 29.27 48.64 7.74
CA SER K 177 28.80 49.70 8.61
C SER K 177 29.42 49.71 10.01
N SER K 178 29.86 48.54 10.55
CA SER K 178 30.23 48.43 11.96
C SER K 178 31.76 48.34 12.16
N GLY K 179 32.48 47.94 11.10
CA GLY K 179 33.90 47.68 11.17
C GLY K 179 34.26 46.25 11.59
N LYS K 180 33.30 45.47 12.15
CA LYS K 180 33.59 44.24 12.89
C LYS K 180 32.78 43.03 12.40
N GLY K 181 33.45 41.86 12.37
CA GLY K 181 32.80 40.57 12.15
C GLY K 181 31.94 40.13 13.33
N GLN K 182 31.66 38.80 13.36
CA GLN K 182 30.70 38.21 14.32
C GLN K 182 30.44 36.74 13.95
N VAL K 183 29.66 36.08 14.80
CA VAL K 183 29.49 34.64 14.72
C VAL K 183 28.12 34.35 14.08
N VAL K 184 28.14 33.56 13.00
CA VAL K 184 26.91 33.05 12.43
C VAL K 184 26.66 31.61 12.91
N ASP K 185 25.53 31.43 13.58
CA ASP K 185 25.02 30.17 14.09
C ASP K 185 23.87 29.65 13.19
N ALA K 186 24.24 28.83 12.18
CA ALA K 186 23.31 28.14 11.30
C ALA K 186 23.05 26.69 11.75
N ALA K 187 21.87 26.47 12.33
CA ALA K 187 21.38 25.16 12.71
C ALA K 187 20.32 24.67 11.72
N MET K 188 20.56 23.49 11.14
CA MET K 188 19.68 22.90 10.13
C MET K 188 18.26 22.78 10.65
N VAL K 189 18.08 22.54 11.95
CA VAL K 189 16.74 22.45 12.50
C VAL K 189 16.01 23.81 12.48
N ASP K 190 16.78 24.91 12.49
CA ASP K 190 16.20 26.24 12.39
C ASP K 190 15.93 26.61 10.93
N GLY K 191 16.99 26.54 10.11
CA GLY K 191 16.94 26.86 8.69
C GLY K 191 15.76 26.15 8.02
N SER K 192 15.64 24.85 8.29
CA SER K 192 14.65 24.04 7.60
C SER K 192 13.25 24.45 8.07
N SER K 193 13.13 24.84 9.33
CA SER K 193 11.88 25.36 9.85
C SER K 193 11.45 26.66 9.13
N VAL K 194 12.40 27.57 8.83
CA VAL K 194 12.07 28.81 8.11
C VAL K 194 11.76 28.46 6.65
N LEU K 195 12.48 27.47 6.10
CA LEU K 195 12.28 26.99 4.74
C LEU K 195 10.82 26.57 4.56
N ILE K 196 10.18 26.05 5.61
CA ILE K 196 8.82 25.50 5.56
C ILE K 196 7.86 26.44 6.24
N GLN K 197 8.20 27.74 6.27
CA GLN K 197 7.35 28.70 6.95
C GLN K 197 5.94 28.73 6.35
N MET K 198 5.82 28.48 5.04
CA MET K 198 4.51 28.52 4.39
C MET K 198 3.57 27.50 5.02
N MET K 199 4.10 26.31 5.34
CA MET K 199 3.22 25.31 5.94
C MET K 199 2.79 25.73 7.33
N TRP K 200 3.68 26.36 8.10
CA TRP K 200 3.27 26.85 9.41
C TRP K 200 2.27 27.99 9.27
N ALA K 201 2.38 28.77 8.20
CA ALA K 201 1.39 29.82 7.90
C ALA K 201 0.01 29.22 7.63
N MET K 202 -0.02 28.19 6.77
CA MET K 202 -1.26 27.59 6.34
C MET K 202 -1.91 26.81 7.49
N ARG K 203 -1.09 26.18 8.33
CA ARG K 203 -1.60 25.45 9.46
C ARG K 203 -2.39 26.38 10.37
N ALA K 204 -1.94 27.63 10.47
CA ALA K 204 -2.54 28.61 11.36
C ALA K 204 -3.94 29.01 10.89
N THR K 205 -4.16 28.99 9.57
CA THR K 205 -5.45 29.41 9.01
C THR K 205 -6.25 28.21 8.53
N GLY K 206 -5.97 27.01 9.05
CA GLY K 206 -6.77 25.85 8.73
C GLY K 206 -6.56 25.34 7.31
N MET K 207 -5.53 25.82 6.62
CA MET K 207 -5.32 25.48 5.22
C MET K 207 -4.23 24.42 5.07
N TRP K 208 -3.80 23.81 6.18
CA TRP K 208 -2.85 22.70 6.12
C TRP K 208 -3.04 21.82 7.34
N THR K 209 -3.08 20.48 7.14
CA THR K 209 -3.28 19.59 8.27
C THR K 209 -2.14 18.59 8.36
N ASP K 210 -2.06 17.95 9.53
CA ASP K 210 -0.94 17.09 9.90
C ASP K 210 -1.07 15.72 9.23
N THR K 211 -2.21 15.43 8.61
CA THR K 211 -2.39 14.17 7.90
C THR K 211 -1.53 14.18 6.65
N ARG K 212 -0.64 13.20 6.54
CA ARG K 212 0.24 13.08 5.40
C ARG K 212 -0.61 12.70 4.18
N GLY K 213 -0.30 13.30 3.04
CA GLY K 213 -0.93 12.92 1.78
C GLY K 213 -2.32 13.51 1.58
N ALA K 214 -2.67 14.53 2.34
CA ALA K 214 -4.03 15.07 2.26
C ALA K 214 -3.99 16.58 2.12
N ASN K 215 -2.97 17.15 1.48
CA ASN K 215 -2.93 18.60 1.38
C ASN K 215 -2.77 19.00 -0.09
N MET K 216 -2.77 20.30 -0.33
CA MET K 216 -2.71 20.81 -1.69
C MET K 216 -1.35 20.53 -2.34
N LEU K 217 -0.27 20.51 -1.52
CA LEU K 217 1.11 20.49 -2.05
C LEU K 217 1.91 19.25 -1.67
N ASP K 218 1.29 18.23 -1.02
CA ASP K 218 2.01 17.04 -0.59
C ASP K 218 1.75 15.84 -1.48
N GLY K 219 0.99 16.05 -2.57
CA GLY K 219 0.52 14.96 -3.41
C GLY K 219 -0.94 14.56 -3.21
N GLY K 220 -1.60 15.05 -2.15
CA GLY K 220 -3.01 14.78 -1.96
C GLY K 220 -3.91 15.35 -3.06
N ALA K 221 -3.56 16.53 -3.60
CA ALA K 221 -4.38 17.16 -4.62
C ALA K 221 -4.12 16.52 -5.97
N PRO K 222 -5.18 16.10 -6.70
CA PRO K 222 -5.03 15.46 -7.99
C PRO K 222 -4.44 16.37 -9.05
N TYR K 223 -4.53 17.67 -8.84
CA TYR K 223 -3.90 18.63 -9.74
C TYR K 223 -2.49 19.06 -9.31
N TYR K 224 -1.93 18.46 -8.25
CA TYR K 224 -0.55 18.72 -7.86
C TYR K 224 0.08 17.40 -7.43
N ASP K 225 0.60 16.68 -8.41
CA ASP K 225 1.02 15.29 -8.21
C ASP K 225 1.57 14.75 -9.52
N THR K 226 2.21 13.58 -9.47
CA THR K 226 2.71 12.94 -10.66
C THR K 226 1.72 11.88 -11.12
N TYR K 227 1.79 11.58 -12.40
CA TYR K 227 0.93 10.59 -13.02
C TYR K 227 1.76 9.70 -13.92
N GLU K 228 1.45 8.40 -13.93
CA GLU K 228 2.14 7.48 -14.79
C GLU K 228 1.50 7.51 -16.17
N CYS K 229 2.33 7.42 -17.20
CA CYS K 229 1.88 7.45 -18.59
C CYS K 229 1.88 6.02 -19.15
N ALA K 230 1.44 5.89 -20.41
CA ALA K 230 1.34 4.62 -21.11
C ALA K 230 2.67 3.87 -21.18
N ASP K 231 3.79 4.61 -21.16
CA ASP K 231 5.11 4.03 -21.30
C ASP K 231 5.76 3.75 -19.93
N GLY K 232 5.04 3.86 -18.83
CA GLY K 232 5.64 3.67 -17.52
C GLY K 232 6.53 4.84 -17.09
N ARG K 233 6.60 5.95 -17.88
CA ARG K 233 7.23 7.18 -17.43
C ARG K 233 6.19 8.13 -16.85
N TYR K 234 6.63 9.30 -16.35
CA TYR K 234 5.76 10.12 -15.53
C TYR K 234 5.72 11.54 -16.06
N VAL K 235 4.58 12.18 -15.79
CA VAL K 235 4.45 13.61 -15.88
C VAL K 235 4.12 14.15 -14.49
N ALA K 236 4.36 15.45 -14.35
CA ALA K 236 4.01 16.21 -13.19
C ALA K 236 2.99 17.26 -13.59
N VAL K 237 1.96 17.34 -12.72
CA VAL K 237 0.87 18.27 -12.86
C VAL K 237 0.93 19.19 -11.67
N GLY K 238 0.93 20.52 -11.96
CA GLY K 238 0.98 21.53 -10.92
C GLY K 238 -0.02 22.66 -11.14
N ALA K 239 -1.22 22.29 -11.59
CA ALA K 239 -2.18 23.27 -12.07
C ALA K 239 -3.05 23.75 -10.94
N ILE K 240 -2.50 24.64 -10.12
CA ILE K 240 -3.19 25.10 -8.93
C ILE K 240 -4.27 26.13 -9.31
N GLU K 241 -3.89 27.13 -10.11
CA GLU K 241 -4.81 28.18 -10.50
C GLU K 241 -5.95 27.62 -11.35
N PRO K 242 -7.20 28.05 -11.13
CA PRO K 242 -8.32 27.52 -11.91
C PRO K 242 -8.15 27.56 -13.42
N GLN K 243 -7.56 28.64 -13.99
CA GLN K 243 -7.48 28.76 -15.43
C GLN K 243 -6.53 27.72 -16.00
N PHE K 244 -5.43 27.50 -15.27
CA PHE K 244 -4.42 26.54 -15.68
C PHE K 244 -5.00 25.14 -15.57
N TYR K 245 -5.76 24.91 -14.51
CA TYR K 245 -6.38 23.60 -14.30
C TYR K 245 -7.33 23.32 -15.47
N ALA K 246 -8.11 24.34 -15.84
CA ALA K 246 -9.06 24.18 -16.94
C ALA K 246 -8.36 23.85 -18.26
N ALA K 247 -7.23 24.51 -18.54
CA ALA K 247 -6.45 24.22 -19.75
C ALA K 247 -5.97 22.79 -19.75
N MET K 248 -5.56 22.31 -18.57
CA MET K 248 -5.06 20.94 -18.46
C MET K 248 -6.18 19.93 -18.77
N LEU K 249 -7.34 20.07 -18.14
CA LEU K 249 -8.46 19.18 -18.46
C LEU K 249 -8.73 19.13 -19.97
N ALA K 250 -8.80 20.29 -20.64
CA ALA K 250 -9.16 20.30 -22.05
C ALA K 250 -8.08 19.58 -22.85
N GLY K 251 -6.81 19.74 -22.44
CA GLY K 251 -5.76 19.05 -23.16
C GLY K 251 -5.82 17.53 -23.00
N LEU K 252 -6.41 17.06 -21.90
CA LEU K 252 -6.61 15.62 -21.70
C LEU K 252 -7.88 15.17 -22.41
N GLY K 253 -8.65 16.09 -23.00
CA GLY K 253 -9.88 15.67 -23.66
C GLY K 253 -11.02 15.48 -22.66
N LEU K 254 -10.93 16.09 -21.48
CA LEU K 254 -11.92 15.91 -20.44
C LEU K 254 -12.78 17.17 -20.36
N ASP K 255 -14.10 16.95 -20.29
CA ASP K 255 -15.07 18.02 -20.22
C ASP K 255 -15.31 18.33 -18.75
N ALA K 256 -14.89 19.51 -18.32
CA ALA K 256 -15.00 19.89 -16.93
C ALA K 256 -16.43 19.80 -16.42
N ALA K 257 -17.43 19.88 -17.30
CA ALA K 257 -18.82 19.83 -16.89
C ALA K 257 -19.16 18.46 -16.30
N GLU K 258 -18.43 17.42 -16.70
CA GLU K 258 -18.67 16.04 -16.29
C GLU K 258 -17.79 15.65 -15.10
N LEU K 259 -17.08 16.59 -14.48
CA LEU K 259 -16.11 16.26 -13.45
C LEU K 259 -16.56 16.95 -12.17
N PRO K 260 -16.17 16.39 -11.02
CA PRO K 260 -16.33 17.11 -9.77
C PRO K 260 -15.52 18.40 -9.75
N PRO K 261 -15.89 19.37 -8.88
CA PRO K 261 -15.10 20.57 -8.69
C PRO K 261 -13.64 20.29 -8.28
N GLN K 262 -12.75 21.16 -8.78
CA GLN K 262 -11.30 21.03 -8.58
C GLN K 262 -10.96 20.85 -7.12
N ASN K 263 -11.62 21.62 -6.22
CA ASN K 263 -11.25 21.66 -4.81
C ASN K 263 -12.36 21.09 -3.91
N ASP K 264 -13.21 20.21 -4.45
CA ASP K 264 -14.08 19.42 -3.59
C ASP K 264 -13.30 18.19 -3.13
N ARG K 265 -12.76 18.25 -1.91
CA ARG K 265 -11.78 17.25 -1.48
C ARG K 265 -12.46 15.89 -1.28
N ALA K 266 -13.74 15.87 -0.91
CA ALA K 266 -14.48 14.63 -0.79
C ALA K 266 -14.40 13.81 -2.07
N ARG K 267 -14.33 14.51 -3.21
CA ARG K 267 -14.40 13.81 -4.48
C ARG K 267 -13.06 13.73 -5.17
N TRP K 268 -12.00 14.02 -4.41
CA TRP K 268 -10.66 13.96 -4.96
C TRP K 268 -10.34 12.58 -5.50
N PRO K 269 -10.61 11.47 -4.78
CA PRO K 269 -10.34 10.14 -5.33
C PRO K 269 -10.95 9.93 -6.70
N GLU K 270 -12.19 10.35 -6.89
CA GLU K 270 -12.90 10.21 -8.15
C GLU K 270 -12.22 11.04 -9.23
N LEU K 271 -11.78 12.25 -8.88
CA LEU K 271 -11.10 13.12 -9.82
C LEU K 271 -9.76 12.51 -10.23
N ARG K 272 -8.98 12.06 -9.23
CA ARG K 272 -7.71 11.45 -9.50
C ARG K 272 -7.85 10.25 -10.45
N ALA K 273 -8.94 9.49 -10.29
CA ALA K 273 -9.13 8.29 -11.09
C ALA K 273 -9.32 8.64 -12.56
N LEU K 274 -10.10 9.69 -12.81
CA LEU K 274 -10.30 10.17 -14.17
C LEU K 274 -9.04 10.70 -14.82
N LEU K 275 -8.24 11.50 -14.08
CA LEU K 275 -6.95 11.98 -14.55
C LEU K 275 -5.98 10.83 -14.76
N THR K 276 -5.99 9.84 -13.85
CA THR K 276 -5.11 8.69 -13.99
C THR K 276 -5.37 7.98 -15.31
N GLU K 277 -6.65 7.77 -15.62
CA GLU K 277 -6.98 7.07 -16.84
C GLU K 277 -6.57 7.87 -18.07
N ALA K 278 -6.72 9.20 -18.02
CA ALA K 278 -6.39 10.00 -19.18
C ALA K 278 -4.88 10.03 -19.43
N PHE K 279 -4.09 10.30 -18.38
CA PHE K 279 -2.65 10.33 -18.51
C PHE K 279 -2.11 8.97 -18.94
N ALA K 280 -2.73 7.87 -18.47
CA ALA K 280 -2.23 6.55 -18.80
C ALA K 280 -2.49 6.19 -20.26
N SER K 281 -3.29 6.98 -21.01
CA SER K 281 -3.65 6.60 -22.37
C SER K 281 -2.56 6.96 -23.40
N HIS K 282 -1.55 7.73 -23.01
CA HIS K 282 -0.50 8.15 -23.94
C HIS K 282 0.81 8.22 -23.17
N ASP K 283 1.91 8.33 -23.91
CA ASP K 283 3.25 8.26 -23.34
C ASP K 283 3.67 9.66 -22.92
N ARG K 284 4.73 9.71 -22.08
CA ARG K 284 5.20 10.95 -21.51
C ARG K 284 5.48 11.99 -22.61
N ASP K 285 6.14 11.56 -23.67
CA ASP K 285 6.55 12.52 -24.69
C ASP K 285 5.33 13.06 -25.44
N HIS K 286 4.27 12.26 -25.61
CA HIS K 286 3.01 12.78 -26.12
C HIS K 286 2.54 13.95 -25.26
N TRP K 287 2.51 13.78 -23.94
CA TRP K 287 2.02 14.87 -23.10
C TRP K 287 2.96 16.06 -23.15
N GLY K 288 4.27 15.81 -23.36
CA GLY K 288 5.19 16.94 -23.45
C GLY K 288 4.82 17.80 -24.65
N ALA K 289 4.54 17.15 -25.77
CA ALA K 289 4.20 17.86 -26.99
C ALA K 289 2.84 18.59 -26.87
N VAL K 290 1.80 17.89 -26.40
CA VAL K 290 0.47 18.47 -26.26
C VAL K 290 0.47 19.72 -25.39
N PHE K 291 1.29 19.74 -24.34
CA PHE K 291 1.22 20.85 -23.43
C PHE K 291 2.36 21.84 -23.60
N ALA K 292 3.22 21.63 -24.61
CA ALA K 292 4.22 22.65 -24.95
C ALA K 292 3.54 23.99 -25.22
N ASN K 293 4.13 25.05 -24.67
CA ASN K 293 3.66 26.42 -24.81
C ASN K 293 2.35 26.66 -24.08
N SER K 294 1.91 25.73 -23.24
CA SER K 294 0.66 25.98 -22.53
C SER K 294 0.92 26.36 -21.08
N ASP K 295 -0.17 26.83 -20.48
CA ASP K 295 -0.22 27.13 -19.06
C ASP K 295 -0.87 25.99 -18.26
N ALA K 296 -0.91 24.79 -18.81
CA ALA K 296 -1.55 23.67 -18.14
C ALA K 296 -0.72 23.11 -16.96
N CYS K 297 0.53 23.55 -16.81
CA CYS K 297 1.40 23.15 -15.72
C CYS K 297 1.61 21.63 -15.74
N VAL K 298 1.87 21.09 -16.94
CA VAL K 298 2.20 19.69 -17.08
C VAL K 298 3.62 19.60 -17.66
N THR K 299 4.52 18.82 -17.03
CA THR K 299 5.89 18.71 -17.48
C THR K 299 6.32 17.26 -17.40
N PRO K 300 7.24 16.82 -18.27
CA PRO K 300 7.77 15.46 -18.18
C PRO K 300 8.73 15.38 -17.01
N VAL K 301 8.61 14.26 -16.29
CA VAL K 301 9.48 14.01 -15.16
C VAL K 301 10.73 13.32 -15.70
N LEU K 302 11.82 14.06 -15.79
CA LEU K 302 13.02 13.52 -16.41
C LEU K 302 13.94 12.91 -15.33
N ALA K 303 14.50 11.75 -15.65
CA ALA K 303 15.59 11.21 -14.85
C ALA K 303 16.87 11.98 -15.16
N PHE K 304 17.81 12.02 -14.20
CA PHE K 304 19.09 12.71 -14.38
C PHE K 304 19.72 12.44 -15.75
N GLY K 305 19.81 11.17 -16.17
CA GLY K 305 20.47 10.79 -17.42
C GLY K 305 19.81 11.35 -18.69
N GLU K 306 18.57 11.85 -18.57
CA GLU K 306 17.84 12.39 -19.71
C GLU K 306 17.92 13.92 -19.76
N VAL K 307 18.25 14.57 -18.64
CA VAL K 307 18.16 16.02 -18.51
C VAL K 307 18.99 16.72 -19.60
N HIS K 308 20.09 16.09 -20.01
CA HIS K 308 21.05 16.68 -20.96
C HIS K 308 20.43 16.80 -22.36
N ASN K 309 19.36 16.05 -22.63
CA ASN K 309 18.68 16.11 -23.92
C ASN K 309 17.48 17.06 -23.93
N GLU K 310 17.22 17.81 -22.86
CA GLU K 310 16.03 18.65 -22.84
C GLU K 310 16.41 20.04 -23.35
N PRO K 311 15.71 20.54 -24.39
CA PRO K 311 16.04 21.85 -24.98
C PRO K 311 16.15 22.98 -23.96
N HIS K 312 15.15 23.10 -23.08
CA HIS K 312 15.19 24.19 -22.11
C HIS K 312 16.47 24.12 -21.24
N ILE K 313 16.97 22.92 -20.95
CA ILE K 313 18.17 22.78 -20.14
C ILE K 313 19.40 23.14 -21.00
N ILE K 314 19.43 22.63 -22.24
CA ILE K 314 20.58 22.82 -23.11
C ILE K 314 20.77 24.31 -23.35
N GLU K 315 19.69 24.99 -23.72
CA GLU K 315 19.79 26.33 -24.28
C GLU K 315 20.07 27.38 -23.22
N ARG K 316 19.81 27.08 -21.95
CA ARG K 316 20.20 28.04 -20.91
C ARG K 316 21.52 27.67 -20.24
N ASN K 317 22.16 26.58 -20.66
CA ASN K 317 23.46 26.21 -20.11
C ASN K 317 23.33 26.08 -18.59
N THR K 318 22.30 25.38 -18.12
CA THR K 318 22.18 25.10 -16.70
C THR K 318 23.32 24.17 -16.27
N PHE K 319 23.82 23.31 -17.17
CA PHE K 319 24.90 22.36 -16.89
C PHE K 319 26.12 22.54 -17.81
N TYR K 320 27.30 22.09 -17.32
CA TYR K 320 28.51 21.95 -18.12
C TYR K 320 29.05 20.53 -17.94
N GLU K 321 29.85 20.05 -18.89
CA GLU K 321 30.47 18.74 -18.76
C GLU K 321 31.77 18.81 -17.98
N ALA K 322 31.91 17.93 -16.97
CA ALA K 322 33.12 17.80 -16.18
C ALA K 322 33.46 16.32 -15.99
N ASN K 323 34.55 15.84 -16.59
CA ASN K 323 35.15 14.57 -16.20
C ASN K 323 34.09 13.48 -16.05
N GLY K 324 33.61 12.91 -17.17
CA GLY K 324 32.60 11.86 -17.16
C GLY K 324 31.40 12.21 -16.28
N GLY K 325 30.68 13.29 -16.64
CA GLY K 325 29.44 13.66 -15.98
C GLY K 325 29.16 15.16 -16.02
N TRP K 326 27.89 15.49 -16.28
CA TRP K 326 27.38 16.85 -16.20
C TRP K 326 27.34 17.33 -14.76
N GLN K 327 27.44 18.64 -14.60
CA GLN K 327 27.39 19.26 -13.30
C GLN K 327 26.70 20.60 -13.46
N PRO K 328 26.01 21.12 -12.44
CA PRO K 328 25.30 22.39 -12.58
C PRO K 328 26.22 23.60 -12.52
N MET K 329 25.98 24.52 -13.45
CA MET K 329 26.66 25.80 -13.45
C MET K 329 26.23 26.57 -12.23
N PRO K 330 27.03 27.57 -11.80
CA PRO K 330 26.65 28.37 -10.65
C PRO K 330 25.29 29.02 -10.77
N ALA K 331 24.70 29.27 -9.61
CA ALA K 331 23.43 29.92 -9.52
C ALA K 331 23.51 30.79 -8.28
N PRO K 332 22.79 31.94 -8.24
CA PRO K 332 22.05 32.43 -9.39
C PRO K 332 22.98 33.08 -10.42
N ARG K 333 22.41 33.79 -11.42
CA ARG K 333 23.20 34.42 -12.47
C ARG K 333 23.21 35.93 -12.30
N PHE K 334 24.29 36.56 -12.79
CA PHE K 334 24.51 38.00 -12.57
C PHE K 334 24.76 38.68 -13.91
N SER K 335 24.13 39.84 -14.17
CA SER K 335 24.26 40.48 -15.49
C SER K 335 25.66 41.10 -15.68
N ARG K 336 26.24 41.73 -14.64
CA ARG K 336 27.48 42.48 -14.79
C ARG K 336 28.69 41.63 -14.37
N THR K 337 28.70 41.14 -13.13
CA THR K 337 29.80 40.28 -12.65
C THR K 337 29.41 38.81 -12.68
N ALA K 338 29.47 38.19 -13.87
CA ALA K 338 29.03 36.84 -14.12
C ALA K 338 30.05 35.83 -13.61
N SER K 339 29.55 34.72 -13.08
CA SER K 339 30.42 33.65 -12.61
C SER K 339 31.03 32.99 -13.82
N SER K 340 32.15 32.31 -13.67
CA SER K 340 32.60 31.46 -14.76
C SER K 340 32.35 29.99 -14.42
N GLN K 341 32.63 29.13 -15.42
CA GLN K 341 32.68 27.68 -15.29
C GLN K 341 33.57 27.29 -14.10
N PRO K 342 33.08 26.49 -13.14
CA PRO K 342 33.91 26.03 -12.03
C PRO K 342 35.25 25.41 -12.45
N ARG K 343 36.23 25.63 -11.57
CA ARG K 343 37.52 24.98 -11.70
C ARG K 343 37.45 23.63 -10.97
N PRO K 344 37.87 22.51 -11.61
CA PRO K 344 37.87 21.22 -10.94
C PRO K 344 38.68 21.26 -9.66
N PRO K 345 38.38 20.42 -8.64
CA PRO K 345 39.23 20.39 -7.46
C PRO K 345 40.70 20.22 -7.86
N ALA K 346 41.56 21.05 -7.26
CA ALA K 346 42.96 21.09 -7.66
C ALA K 346 43.75 20.13 -6.78
N ALA K 347 44.94 19.74 -7.25
CA ALA K 347 45.91 19.02 -6.43
C ALA K 347 46.20 19.81 -5.15
N THR K 348 46.55 19.08 -4.08
CA THR K 348 46.85 19.68 -2.78
C THR K 348 47.93 20.75 -2.97
N ILE K 349 47.54 22.01 -2.78
CA ILE K 349 48.46 23.12 -2.72
C ILE K 349 49.12 23.13 -1.34
N ASP K 350 50.25 23.83 -1.25
CA ASP K 350 51.04 23.97 -0.05
C ASP K 350 50.63 25.26 0.69
N ILE K 351 50.47 25.19 2.00
CA ILE K 351 49.85 26.28 2.74
C ILE K 351 50.73 27.53 2.77
N GLU K 352 52.05 27.36 2.88
CA GLU K 352 52.98 28.48 2.84
C GLU K 352 52.75 29.29 1.56
N ALA K 353 52.61 28.58 0.42
CA ALA K 353 52.37 29.17 -0.89
C ALA K 353 51.11 30.05 -0.91
N VAL K 354 50.08 29.67 -0.13
CA VAL K 354 48.84 30.43 -0.04
C VAL K 354 49.09 31.71 0.74
N LEU K 355 49.78 31.63 1.89
CA LEU K 355 50.06 32.80 2.70
C LEU K 355 50.95 33.83 1.97
N THR K 356 51.89 33.31 1.16
CA THR K 356 52.67 34.13 0.24
C THR K 356 51.67 34.94 -0.58
N ASP K 357 50.86 34.20 -1.36
CA ASP K 357 49.95 34.76 -2.35
C ASP K 357 48.87 35.64 -1.70
N TRP K 358 48.53 35.41 -0.43
CA TRP K 358 47.60 36.29 0.27
C TRP K 358 48.35 37.43 0.95
N ASP K 359 49.59 37.70 0.48
CA ASP K 359 50.43 38.78 0.97
C ASP K 359 50.48 38.76 2.48
N GLY K 360 51.07 37.68 3.03
CA GLY K 360 51.18 37.43 4.47
C GLY K 360 51.60 38.67 5.25
N MET L 1 15.75 49.02 13.69
CA MET L 1 15.35 47.65 13.26
C MET L 1 16.49 46.68 13.58
N ALA L 2 16.18 45.63 14.34
CA ALA L 2 17.17 44.66 14.81
C ALA L 2 17.60 43.71 13.69
N GLY L 3 18.89 43.41 13.65
CA GLY L 3 19.43 42.31 12.88
C GLY L 3 20.52 42.85 11.99
N PRO L 4 21.24 41.98 11.28
CA PRO L 4 22.37 42.40 10.47
C PRO L 4 22.03 43.21 9.22
N LEU L 5 20.78 43.14 8.78
CA LEU L 5 20.41 43.78 7.54
C LEU L 5 19.78 45.14 7.81
N SER L 6 19.72 45.54 9.10
CA SER L 6 19.31 46.89 9.47
C SER L 6 19.80 47.92 8.46
N GLY L 7 18.91 48.82 8.03
CA GLY L 7 19.31 49.84 7.06
C GLY L 7 19.10 49.44 5.59
N LEU L 8 19.02 48.14 5.28
CA LEU L 8 18.78 47.71 3.90
C LEU L 8 17.33 48.02 3.54
N ARG L 9 17.15 48.62 2.35
CA ARG L 9 15.83 48.98 1.85
C ARG L 9 15.46 48.13 0.63
N VAL L 10 14.27 47.51 0.74
CA VAL L 10 13.85 46.54 -0.26
C VAL L 10 12.42 46.87 -0.71
N VAL L 11 12.26 46.82 -2.05
CA VAL L 11 10.94 46.94 -2.67
C VAL L 11 10.58 45.59 -3.29
N GLU L 12 9.42 45.09 -2.86
CA GLU L 12 8.96 43.77 -3.28
C GLU L 12 7.68 43.93 -4.12
N LEU L 13 7.74 43.57 -5.41
CA LEU L 13 6.54 43.49 -6.22
C LEU L 13 5.80 42.17 -5.93
N ALA L 14 4.64 42.29 -5.29
CA ALA L 14 3.89 41.17 -4.75
C ALA L 14 3.67 40.09 -5.81
N GLY L 15 4.13 38.88 -5.45
CA GLY L 15 3.96 37.67 -6.22
C GLY L 15 3.59 36.50 -5.31
N ILE L 16 3.93 35.29 -5.76
CA ILE L 16 3.65 34.12 -4.94
C ILE L 16 4.90 33.27 -4.86
N GLY L 17 5.02 32.54 -3.76
CA GLY L 17 6.03 31.50 -3.63
C GLY L 17 7.39 32.07 -3.22
N PRO L 18 8.42 31.92 -4.06
CA PRO L 18 9.79 32.26 -3.66
C PRO L 18 10.03 33.73 -3.34
N GLY L 19 9.42 34.63 -4.15
CA GLY L 19 9.63 36.06 -3.99
C GLY L 19 9.23 36.53 -2.60
N PRO L 20 8.00 36.22 -2.13
CA PRO L 20 7.61 36.59 -0.78
C PRO L 20 8.46 35.97 0.32
N HIS L 21 9.00 34.80 0.06
CA HIS L 21 9.74 34.08 1.08
C HIS L 21 11.10 34.76 1.22
N ALA L 22 11.73 35.08 0.08
CA ALA L 22 12.96 35.86 0.08
C ALA L 22 12.74 37.18 0.83
N ALA L 23 11.65 37.88 0.49
CA ALA L 23 11.39 39.17 1.12
C ALA L 23 11.20 39.01 2.63
N MET L 24 10.49 37.96 3.04
CA MET L 24 10.28 37.66 4.44
C MET L 24 11.62 37.55 5.18
N ILE L 25 12.54 36.79 4.62
CA ILE L 25 13.80 36.52 5.29
C ILE L 25 14.64 37.81 5.36
N LEU L 26 14.56 38.64 4.31
CA LEU L 26 15.26 39.90 4.34
C LEU L 26 14.74 40.73 5.51
N GLY L 27 13.43 40.82 5.64
CA GLY L 27 12.84 41.59 6.71
C GLY L 27 13.08 40.97 8.08
N ASP L 28 13.15 39.62 8.13
CA ASP L 28 13.37 38.90 9.36
C ASP L 28 14.69 39.35 9.96
N LEU L 29 15.71 39.52 9.11
CA LEU L 29 17.07 39.88 9.49
C LEU L 29 17.38 41.39 9.59
N GLY L 30 16.35 42.23 9.64
CA GLY L 30 16.54 43.67 9.84
C GLY L 30 16.11 44.57 8.68
N ALA L 31 16.07 44.06 7.44
CA ALA L 31 15.80 44.91 6.29
C ALA L 31 14.44 45.57 6.40
N ASP L 32 14.38 46.76 5.77
CA ASP L 32 13.18 47.56 5.62
C ASP L 32 12.52 47.20 4.29
N VAL L 33 11.43 46.44 4.38
CA VAL L 33 10.84 45.81 3.21
C VAL L 33 9.49 46.45 2.93
N VAL L 34 9.33 46.96 1.69
CA VAL L 34 8.07 47.58 1.33
C VAL L 34 7.49 46.79 0.17
N ARG L 35 6.27 46.30 0.37
CA ARG L 35 5.67 45.37 -0.57
C ARG L 35 4.56 46.10 -1.34
N ILE L 36 4.72 46.18 -2.66
CA ILE L 36 3.72 46.83 -3.50
C ILE L 36 2.80 45.74 -4.04
N ASP L 37 1.54 45.78 -3.59
CA ASP L 37 0.50 44.91 -4.09
C ASP L 37 -0.46 45.71 -4.98
N ARG L 38 -1.41 44.99 -5.55
CA ARG L 38 -2.47 45.52 -6.42
C ARG L 38 -3.62 45.88 -5.50
N PRO L 39 -4.31 47.05 -5.65
CA PRO L 39 -5.41 47.40 -4.77
C PRO L 39 -6.52 46.35 -4.75
N SER L 40 -6.83 45.74 -5.91
CA SER L 40 -7.75 44.61 -6.03
C SER L 40 -7.48 43.54 -4.96
N SER L 41 -6.24 43.07 -4.84
CA SER L 41 -5.99 41.83 -4.12
C SER L 41 -5.87 42.05 -2.61
N VAL L 42 -5.66 43.30 -2.14
CA VAL L 42 -5.43 43.54 -0.71
C VAL L 42 -6.74 43.96 -0.03
N ASP L 43 -7.08 43.29 1.08
CA ASP L 43 -8.44 43.32 1.59
C ASP L 43 -8.47 43.35 3.13
N GLY L 44 -7.69 44.25 3.75
CA GLY L 44 -7.58 44.37 5.21
C GLY L 44 -6.21 43.92 5.72
N ILE L 45 -6.15 43.42 6.97
CA ILE L 45 -4.94 42.85 7.53
C ILE L 45 -4.79 41.38 7.08
N SER L 46 -3.65 41.04 6.45
CA SER L 46 -3.44 39.70 5.88
C SER L 46 -3.12 38.69 6.99
N ARG L 47 -3.80 37.53 6.95
CA ARG L 47 -3.50 36.44 7.87
C ARG L 47 -2.41 35.51 7.31
N ASP L 48 -1.68 35.93 6.26
CA ASP L 48 -0.54 35.14 5.77
C ASP L 48 0.74 35.51 6.51
N ALA L 49 1.13 34.65 7.46
CA ALA L 49 2.27 34.93 8.33
C ALA L 49 3.51 35.04 7.47
N MET L 50 3.46 34.64 6.20
CA MET L 50 4.63 34.85 5.37
C MET L 50 4.85 36.35 5.08
N LEU L 51 3.82 37.19 5.30
CA LEU L 51 3.94 38.61 5.02
C LEU L 51 4.32 39.38 6.29
N ARG L 52 4.99 38.71 7.22
CA ARG L 52 5.52 39.36 8.40
C ARG L 52 6.71 40.21 8.01
N ASN L 53 7.03 41.20 8.87
CA ASN L 53 8.21 42.05 8.72
C ASN L 53 8.12 42.85 7.41
N ARG L 54 6.95 43.44 7.14
CA ARG L 54 6.68 44.18 5.92
C ARG L 54 5.96 45.49 6.24
N ARG L 55 6.08 46.47 5.32
CA ARG L 55 5.00 47.43 5.11
C ARG L 55 4.38 47.17 3.73
N ILE L 56 3.06 47.12 3.70
CA ILE L 56 2.29 46.85 2.49
C ILE L 56 1.72 48.15 1.95
N VAL L 57 1.91 48.39 0.66
CA VAL L 57 1.22 49.47 -0.04
C VAL L 57 0.62 48.92 -1.34
N THR L 58 -0.31 49.71 -1.92
CA THR L 58 -1.06 49.33 -3.10
C THR L 58 -0.82 50.36 -4.19
N ALA L 59 -0.75 49.91 -5.44
CA ALA L 59 -0.49 50.76 -6.58
C ALA L 59 -0.92 50.02 -7.84
N ASP L 60 -1.65 50.75 -8.70
CA ASP L 60 -1.98 50.24 -10.01
C ASP L 60 -0.84 50.57 -10.95
N LEU L 61 0.00 49.57 -11.24
CA LEU L 61 1.22 49.84 -11.96
C LEU L 61 0.93 50.04 -13.45
N LYS L 62 -0.33 49.82 -13.85
CA LYS L 62 -0.80 50.16 -15.18
C LYS L 62 -1.18 51.63 -15.30
N SER L 63 -1.62 52.27 -14.19
CA SER L 63 -1.93 53.68 -14.18
C SER L 63 -0.62 54.50 -14.22
N ASP L 64 -0.70 55.75 -14.69
CA ASP L 64 0.47 56.61 -14.73
C ASP L 64 0.94 56.95 -13.31
N GLN L 65 0.01 57.12 -12.38
CA GLN L 65 0.37 57.56 -11.05
C GLN L 65 1.08 56.41 -10.31
N GLY L 66 0.49 55.23 -10.41
CA GLY L 66 1.06 54.03 -9.81
C GLY L 66 2.52 53.84 -10.22
N LEU L 67 2.77 53.94 -11.54
CA LEU L 67 4.09 53.70 -12.08
C LEU L 67 5.09 54.70 -11.51
N GLU L 68 4.67 55.97 -11.41
CA GLU L 68 5.61 57.02 -11.01
C GLU L 68 5.94 56.87 -9.52
N LEU L 69 4.92 56.59 -8.68
CA LEU L 69 5.11 56.31 -7.26
C LEU L 69 6.06 55.12 -7.03
N ALA L 70 5.83 54.00 -7.72
CA ALA L 70 6.71 52.84 -7.58
C ALA L 70 8.15 53.20 -7.99
N LEU L 71 8.31 54.01 -9.05
CA LEU L 71 9.64 54.37 -9.53
C LEU L 71 10.33 55.27 -8.49
N LYS L 72 9.52 56.01 -7.71
CA LYS L 72 10.09 56.86 -6.68
C LYS L 72 10.62 56.04 -5.49
N LEU L 73 9.87 54.99 -5.10
CA LEU L 73 10.31 54.04 -4.08
C LEU L 73 11.59 53.36 -4.54
N ILE L 74 11.59 52.83 -5.77
CA ILE L 74 12.75 52.13 -6.30
C ILE L 74 14.01 53.01 -6.32
N ALA L 75 13.85 54.32 -6.59
CA ALA L 75 14.96 55.27 -6.61
C ALA L 75 15.68 55.35 -5.27
N LYS L 76 14.92 55.30 -4.17
CA LYS L 76 15.45 55.32 -2.83
C LYS L 76 15.78 53.93 -2.23
N ALA L 77 15.64 52.80 -2.97
CA ALA L 77 15.79 51.47 -2.37
C ALA L 77 17.13 50.87 -2.72
N ASP L 78 17.53 49.79 -2.02
CA ASP L 78 18.74 49.06 -2.41
C ASP L 78 18.43 47.89 -3.33
N VAL L 79 17.25 47.31 -3.14
CA VAL L 79 16.89 46.05 -3.75
C VAL L 79 15.45 46.11 -4.26
N LEU L 80 15.28 45.57 -5.47
CA LEU L 80 13.96 45.28 -6.02
C LEU L 80 13.81 43.76 -6.21
N ILE L 81 12.69 43.21 -5.68
CA ILE L 81 12.30 41.83 -5.94
C ILE L 81 11.06 41.77 -6.85
N GLU L 82 11.17 41.02 -7.95
CA GLU L 82 9.99 40.71 -8.75
C GLU L 82 9.98 39.25 -9.16
N GLY L 83 8.76 38.66 -9.22
CA GLY L 83 8.61 37.25 -9.55
C GLY L 83 7.54 36.99 -10.62
N TYR L 84 7.34 37.95 -11.55
CA TYR L 84 6.41 37.76 -12.65
C TYR L 84 7.11 37.03 -13.78
N ARG L 85 6.35 36.66 -14.83
CA ARG L 85 6.95 36.09 -16.01
C ARG L 85 7.94 37.08 -16.60
N PRO L 86 8.99 36.60 -17.30
CA PRO L 86 9.89 37.52 -17.99
C PRO L 86 9.09 38.35 -18.98
N GLY L 87 9.45 39.65 -19.08
CA GLY L 87 8.78 40.58 -19.97
C GLY L 87 7.81 41.45 -19.21
N VAL L 88 7.37 41.01 -18.03
CA VAL L 88 6.25 41.71 -17.42
C VAL L 88 6.68 43.08 -16.88
N THR L 89 7.74 43.14 -16.04
CA THR L 89 8.16 44.43 -15.51
C THR L 89 8.55 45.34 -16.69
N GLU L 90 9.19 44.78 -17.73
CA GLU L 90 9.55 45.58 -18.89
C GLU L 90 8.33 46.34 -19.42
N ARG L 91 7.28 45.57 -19.79
CA ARG L 91 6.02 46.09 -20.28
C ARG L 91 5.46 47.16 -19.35
N LEU L 92 5.55 46.94 -18.04
CA LEU L 92 4.96 47.88 -17.07
C LEU L 92 5.78 49.18 -16.93
N GLY L 93 7.00 49.22 -17.47
CA GLY L 93 7.86 50.40 -17.28
C GLY L 93 8.76 50.33 -16.04
N LEU L 94 8.90 49.12 -15.47
CA LEU L 94 9.66 48.89 -14.25
C LEU L 94 10.76 47.87 -14.51
N GLY L 95 11.14 47.72 -15.76
CA GLY L 95 12.16 46.80 -16.22
C GLY L 95 13.52 47.20 -15.66
N PRO L 96 14.54 46.34 -15.75
CA PRO L 96 15.86 46.69 -15.21
C PRO L 96 16.38 48.00 -15.81
N GLU L 97 16.19 48.21 -17.12
CA GLU L 97 16.73 49.39 -17.80
C GLU L 97 16.08 50.69 -17.31
N GLU L 98 14.77 50.69 -17.16
CA GLU L 98 14.08 51.85 -16.63
C GLU L 98 14.53 52.15 -15.21
N CYS L 99 14.72 51.09 -14.42
CA CYS L 99 15.11 51.24 -13.02
C CYS L 99 16.52 51.82 -12.92
N ALA L 100 17.43 51.37 -13.81
CA ALA L 100 18.80 51.84 -13.82
C ALA L 100 18.87 53.34 -14.12
N LYS L 101 17.86 53.87 -14.83
CA LYS L 101 17.83 55.29 -15.10
C LYS L 101 17.58 56.04 -13.80
N VAL L 102 16.89 55.46 -12.82
CA VAL L 102 16.60 56.25 -11.63
C VAL L 102 17.50 55.85 -10.44
N ASN L 103 18.27 54.77 -10.55
CA ASN L 103 19.02 54.27 -9.40
C ASN L 103 20.00 53.21 -9.86
N ASP L 104 21.23 53.64 -10.18
CA ASP L 104 22.19 52.71 -10.73
C ASP L 104 22.85 51.86 -9.63
N ARG L 105 22.41 52.02 -8.37
CA ARG L 105 22.92 51.21 -7.25
C ARG L 105 21.98 50.03 -6.97
N LEU L 106 20.86 49.94 -7.72
CA LEU L 106 19.79 49.00 -7.43
C LEU L 106 20.27 47.58 -7.69
N ILE L 107 19.98 46.68 -6.73
CA ILE L 107 20.03 45.25 -7.05
C ILE L 107 18.66 44.81 -7.55
N TYR L 108 18.61 44.38 -8.80
CA TYR L 108 17.37 44.07 -9.50
C TYR L 108 17.23 42.54 -9.53
N ALA L 109 16.39 42.03 -8.61
CA ALA L 109 16.31 40.59 -8.32
C ALA L 109 15.08 39.94 -8.96
N ARG L 110 15.34 39.14 -9.99
CA ARG L 110 14.35 38.45 -10.79
C ARG L 110 14.22 36.96 -10.44
N MET L 111 13.09 36.63 -9.81
CA MET L 111 12.72 35.30 -9.33
C MET L 111 11.76 34.60 -10.29
N THR L 112 12.26 33.61 -11.03
CA THR L 112 11.38 32.81 -11.87
C THR L 112 11.66 31.35 -11.63
N GLY L 113 10.93 30.52 -12.40
CA GLY L 113 11.10 29.08 -12.37
C GLY L 113 12.03 28.64 -13.47
N TRP L 114 11.73 29.15 -14.68
CA TRP L 114 12.32 28.66 -15.91
C TRP L 114 13.49 29.54 -16.36
N GLY L 115 13.56 30.74 -15.82
CA GLY L 115 14.63 31.67 -16.18
C GLY L 115 14.10 32.72 -17.15
N GLN L 116 15.02 33.52 -17.67
CA GLN L 116 14.67 34.75 -18.39
C GLN L 116 14.48 34.48 -19.87
N THR L 117 15.06 33.38 -20.38
CA THR L 117 15.06 33.02 -21.78
C THR L 117 14.82 31.52 -21.86
N GLY L 118 14.59 31.03 -23.07
CA GLY L 118 14.49 29.63 -23.39
C GLY L 118 13.06 29.23 -23.72
N PRO L 119 12.87 28.01 -24.26
CA PRO L 119 11.58 27.60 -24.80
C PRO L 119 10.47 27.48 -23.76
N ARG L 120 10.80 27.23 -22.49
CA ARG L 120 9.75 27.13 -21.48
C ARG L 120 9.56 28.44 -20.74
N SER L 121 10.30 29.50 -21.10
CA SER L 121 10.36 30.71 -20.27
C SER L 121 9.03 31.43 -20.04
N GLN L 122 8.02 31.21 -20.90
CA GLN L 122 6.73 31.89 -20.72
C GLN L 122 5.62 30.94 -20.23
N GLN L 123 5.92 29.66 -20.01
CA GLN L 123 4.94 28.76 -19.41
C GLN L 123 4.74 29.01 -17.92
N ALA L 124 3.45 29.03 -17.51
CA ALA L 124 3.12 29.00 -16.10
C ALA L 124 3.66 27.70 -15.51
N GLY L 125 3.85 27.74 -14.20
CA GLY L 125 4.36 26.58 -13.51
C GLY L 125 4.39 26.79 -12.00
N HIS L 126 4.60 25.66 -11.31
CA HIS L 126 4.80 25.64 -9.86
C HIS L 126 6.04 24.76 -9.57
N ASP L 127 6.36 24.67 -8.28
CA ASP L 127 7.55 23.94 -7.81
C ASP L 127 7.68 22.58 -8.51
N ILE L 128 6.61 21.80 -8.50
CA ILE L 128 6.65 20.43 -9.00
C ILE L 128 7.10 20.40 -10.46
N ASN L 129 6.76 21.46 -11.23
CA ASN L 129 7.16 21.54 -12.63
C ASN L 129 8.67 21.78 -12.76
N TYR L 130 9.18 22.74 -12.00
CA TYR L 130 10.59 23.14 -12.15
C TYR L 130 11.52 22.01 -11.73
N ILE L 131 11.14 21.25 -10.68
CA ILE L 131 11.95 20.10 -10.22
C ILE L 131 11.72 18.85 -11.04
N SER L 132 10.69 18.84 -11.90
CA SER L 132 10.50 17.67 -12.73
C SER L 132 11.51 17.65 -13.88
N LEU L 133 11.99 18.80 -14.31
CA LEU L 133 12.74 18.84 -15.56
C LEU L 133 14.23 18.55 -15.34
N ASN L 134 14.69 18.65 -14.10
CA ASN L 134 16.11 18.64 -13.84
C ASN L 134 16.54 17.43 -13.02
N GLY L 135 15.65 16.41 -12.97
CA GLY L 135 16.03 15.11 -12.43
C GLY L 135 15.64 14.92 -10.97
N ILE L 136 15.28 16.01 -10.27
CA ILE L 136 15.09 16.01 -8.82
C ILE L 136 13.85 15.18 -8.43
N LEU L 137 12.68 15.49 -9.01
CA LEU L 137 11.44 14.83 -8.64
C LEU L 137 11.49 13.33 -8.94
N HIS L 138 12.05 12.97 -10.10
CA HIS L 138 12.22 11.59 -10.46
C HIS L 138 12.94 10.82 -9.34
N ALA L 139 13.77 11.54 -8.57
CA ALA L 139 14.64 10.90 -7.60
C ALA L 139 13.95 10.67 -6.25
N ILE L 140 12.76 11.25 -6.07
CA ILE L 140 12.14 11.25 -4.77
C ILE L 140 10.96 10.27 -4.70
N GLY L 141 11.01 9.39 -3.68
CA GLY L 141 9.91 8.50 -3.34
C GLY L 141 10.36 7.04 -3.34
N ARG L 142 9.44 6.14 -3.06
CA ARG L 142 9.76 4.72 -3.07
C ARG L 142 9.88 4.23 -4.52
N GLY L 143 10.66 3.16 -4.69
CA GLY L 143 10.95 2.60 -6.00
C GLY L 143 9.75 1.91 -6.65
N ASP L 144 8.79 1.44 -5.85
CA ASP L 144 7.64 0.73 -6.39
C ASP L 144 6.46 1.68 -6.66
N GLU L 145 6.66 3.00 -6.64
CA GLU L 145 5.58 3.96 -6.71
C GLU L 145 5.98 5.16 -7.54
N ARG L 146 5.02 6.01 -7.91
CA ARG L 146 5.38 7.14 -8.76
C ARG L 146 6.02 8.19 -7.87
N PRO L 147 6.78 9.13 -8.45
CA PRO L 147 7.50 10.10 -7.65
C PRO L 147 6.55 10.90 -6.78
N VAL L 148 7.04 11.33 -5.62
CA VAL L 148 6.21 12.10 -4.73
C VAL L 148 6.82 13.48 -4.52
N PRO L 149 6.02 14.55 -4.57
CA PRO L 149 6.60 15.88 -4.37
C PRO L 149 7.02 16.09 -2.95
N PRO L 150 8.23 16.63 -2.74
CA PRO L 150 8.73 17.00 -1.43
C PRO L 150 8.17 18.33 -0.98
N LEU L 151 6.84 18.37 -0.82
CA LEU L 151 6.12 19.62 -0.74
C LEU L 151 6.67 20.56 -1.82
N ASN L 152 6.65 21.86 -1.54
CA ASN L 152 7.26 22.86 -2.40
C ASN L 152 8.56 23.37 -1.77
N LEU L 153 9.35 22.47 -1.18
CA LEU L 153 10.51 22.87 -0.41
C LEU L 153 11.73 23.04 -1.28
N VAL L 154 11.84 22.26 -2.35
CA VAL L 154 13.08 22.14 -3.07
C VAL L 154 13.16 23.15 -4.21
N GLY L 155 12.03 23.43 -4.86
CA GLY L 155 12.04 24.35 -6.00
C GLY L 155 11.77 25.79 -5.58
N ASP L 156 10.64 26.01 -4.92
CA ASP L 156 10.33 27.35 -4.41
C ASP L 156 11.39 27.87 -3.43
N PHE L 157 11.75 27.10 -2.41
CA PHE L 157 12.41 27.72 -1.26
C PHE L 157 13.89 27.41 -1.31
N GLY L 158 14.25 26.12 -1.15
CA GLY L 158 15.63 25.74 -1.14
C GLY L 158 16.33 26.16 -2.43
N GLY L 159 15.69 25.90 -3.57
CA GLY L 159 16.32 26.10 -4.85
C GLY L 159 15.89 27.43 -5.51
N GLY L 160 15.11 28.21 -4.77
CA GLY L 160 14.37 29.34 -5.33
C GLY L 160 14.68 30.62 -4.56
N SER L 161 13.89 30.88 -3.53
CA SER L 161 14.07 32.03 -2.66
C SER L 161 15.51 32.08 -2.14
N MET L 162 16.10 30.93 -1.85
CA MET L 162 17.35 30.96 -1.08
C MET L 162 18.47 31.41 -1.99
N PHE L 163 18.38 31.03 -3.26
CA PHE L 163 19.35 31.46 -4.24
C PHE L 163 19.16 32.93 -4.61
N LEU L 164 17.92 33.41 -4.61
CA LEU L 164 17.64 34.82 -4.80
C LEU L 164 18.35 35.59 -3.68
N LEU L 165 18.25 35.09 -2.44
CA LEU L 165 18.83 35.75 -1.29
C LEU L 165 20.34 35.80 -1.42
N VAL L 166 20.98 34.69 -1.77
CA VAL L 166 22.42 34.65 -1.93
C VAL L 166 22.86 35.61 -3.04
N GLY L 167 22.09 35.68 -4.13
CA GLY L 167 22.35 36.60 -5.23
C GLY L 167 22.24 38.06 -4.80
N ILE L 168 21.16 38.43 -4.12
CA ILE L 168 20.97 39.77 -3.61
C ILE L 168 22.16 40.13 -2.73
N LEU L 169 22.53 39.20 -1.84
CA LEU L 169 23.50 39.56 -0.82
C LEU L 169 24.89 39.61 -1.43
N ALA L 170 25.19 38.74 -2.38
CA ALA L 170 26.47 38.76 -3.05
C ALA L 170 26.61 40.03 -3.91
N ALA L 171 25.55 40.43 -4.61
CA ALA L 171 25.58 41.64 -5.43
C ALA L 171 25.79 42.87 -4.53
N LEU L 172 25.21 42.86 -3.33
CA LEU L 172 25.44 43.93 -2.36
C LEU L 172 26.91 43.99 -1.93
N TRP L 173 27.56 42.84 -1.79
CA TRP L 173 28.97 42.86 -1.43
C TRP L 173 29.76 43.48 -2.56
N GLU L 174 29.45 43.05 -3.79
CA GLU L 174 30.10 43.53 -4.99
C GLU L 174 29.93 45.05 -5.08
N ARG L 175 28.72 45.53 -4.77
CA ARG L 175 28.38 46.94 -4.90
C ARG L 175 29.28 47.79 -3.98
N GLN L 176 29.68 47.21 -2.85
CA GLN L 176 30.52 47.92 -1.89
C GLN L 176 31.77 48.47 -2.56
N SER L 177 32.37 47.72 -3.49
CA SER L 177 33.54 48.26 -4.14
C SER L 177 33.23 48.92 -5.49
N SER L 178 32.16 48.52 -6.22
CA SER L 178 31.94 48.98 -7.58
C SER L 178 31.08 50.26 -7.63
N GLY L 179 30.37 50.56 -6.54
CA GLY L 179 29.36 51.60 -6.49
C GLY L 179 28.13 51.31 -7.36
N LYS L 180 28.07 50.11 -7.98
CA LYS L 180 27.01 49.75 -8.93
C LYS L 180 26.20 48.52 -8.49
N GLY L 181 24.87 48.59 -8.64
CA GLY L 181 23.99 47.43 -8.66
C GLY L 181 24.13 46.62 -9.96
N GLN L 182 23.19 45.66 -10.15
CA GLN L 182 23.13 44.81 -11.33
C GLN L 182 21.87 43.93 -11.23
N VAL L 183 21.66 43.10 -12.25
CA VAL L 183 20.54 42.17 -12.25
C VAL L 183 20.97 40.78 -11.73
N VAL L 184 20.16 40.27 -10.81
CA VAL L 184 20.22 38.88 -10.34
C VAL L 184 19.08 38.06 -10.96
N ASP L 185 19.46 37.05 -11.73
CA ASP L 185 18.53 36.14 -12.37
C ASP L 185 18.56 34.78 -11.67
N ALA L 186 17.59 34.57 -10.77
CA ALA L 186 17.44 33.36 -9.98
C ALA L 186 16.27 32.53 -10.52
N ALA L 187 16.64 31.45 -11.22
CA ALA L 187 15.68 30.49 -11.76
C ALA L 187 15.66 29.21 -10.90
N MET L 188 14.47 28.76 -10.50
CA MET L 188 14.34 27.58 -9.64
C MET L 188 14.96 26.33 -10.27
N VAL L 189 14.91 26.24 -11.58
CA VAL L 189 15.46 25.10 -12.26
C VAL L 189 16.99 25.08 -12.17
N ASP L 190 17.60 26.24 -12.02
CA ASP L 190 19.06 26.34 -11.84
C ASP L 190 19.45 26.08 -10.38
N GLY L 191 18.87 26.88 -9.46
CA GLY L 191 19.16 26.84 -8.04
C GLY L 191 18.93 25.45 -7.45
N SER L 192 17.84 24.78 -7.84
CA SER L 192 17.52 23.45 -7.33
C SER L 192 18.55 22.46 -7.87
N SER L 193 19.11 22.72 -9.06
CA SER L 193 20.16 21.87 -9.60
C SER L 193 21.45 21.96 -8.77
N VAL L 194 21.74 23.16 -8.27
CA VAL L 194 22.93 23.42 -7.47
C VAL L 194 22.68 22.86 -6.08
N LEU L 195 21.43 22.99 -5.63
CA LEU L 195 21.04 22.38 -4.38
C LEU L 195 21.39 20.89 -4.38
N ILE L 196 21.23 20.22 -5.54
CA ILE L 196 21.41 18.78 -5.63
C ILE L 196 22.78 18.45 -6.24
N GLN L 197 23.72 19.38 -6.17
CA GLN L 197 25.01 19.15 -6.79
C GLN L 197 25.63 17.83 -6.33
N MET L 198 25.42 17.46 -5.07
CA MET L 198 26.05 16.27 -4.49
C MET L 198 25.67 15.02 -5.29
N MET L 199 24.39 14.96 -5.70
CA MET L 199 23.94 13.79 -6.43
C MET L 199 24.57 13.75 -7.82
N TRP L 200 24.71 14.93 -8.47
CA TRP L 200 25.39 14.97 -9.77
C TRP L 200 26.85 14.54 -9.61
N ALA L 201 27.44 14.93 -8.47
CA ALA L 201 28.80 14.57 -8.13
C ALA L 201 28.90 13.06 -8.01
N MET L 202 27.98 12.46 -7.23
CA MET L 202 28.03 11.03 -6.93
C MET L 202 27.70 10.23 -8.20
N ARG L 203 26.87 10.80 -9.07
CA ARG L 203 26.51 10.11 -10.30
C ARG L 203 27.75 9.93 -11.16
N ALA L 204 28.56 10.99 -11.21
CA ALA L 204 29.82 10.97 -11.95
C ALA L 204 30.72 9.83 -11.48
N THR L 205 30.78 9.55 -10.17
CA THR L 205 31.74 8.60 -9.67
C THR L 205 31.11 7.24 -9.41
N GLY L 206 29.95 6.94 -10.04
CA GLY L 206 29.35 5.62 -9.90
C GLY L 206 28.56 5.43 -8.60
N MET L 207 28.45 6.47 -7.76
CA MET L 207 27.94 6.32 -6.39
C MET L 207 26.45 6.71 -6.26
N TRP L 208 25.76 7.00 -7.38
CA TRP L 208 24.35 7.35 -7.37
C TRP L 208 23.76 6.90 -8.70
N THR L 209 22.67 6.12 -8.68
CA THR L 209 22.02 5.71 -9.91
C THR L 209 20.66 6.40 -10.03
N ASP L 210 20.15 6.41 -11.25
CA ASP L 210 18.88 7.05 -11.56
C ASP L 210 17.70 6.20 -11.06
N THR L 211 17.96 4.98 -10.58
CA THR L 211 16.90 4.16 -10.03
C THR L 211 16.38 4.77 -8.74
N ARG L 212 15.07 5.03 -8.70
CA ARG L 212 14.45 5.62 -7.53
C ARG L 212 14.42 4.59 -6.39
N GLY L 213 14.75 5.05 -5.17
CA GLY L 213 14.68 4.25 -3.96
C GLY L 213 15.77 3.19 -3.80
N ALA L 214 16.92 3.37 -4.47
CA ALA L 214 17.98 2.38 -4.49
C ALA L 214 19.32 3.04 -4.20
N ASN L 215 19.35 4.10 -3.39
CA ASN L 215 20.59 4.82 -3.14
C ASN L 215 20.75 5.02 -1.65
N MET L 216 21.89 5.60 -1.27
CA MET L 216 22.23 5.75 0.12
C MET L 216 21.30 6.70 0.84
N LEU L 217 20.83 7.76 0.14
CA LEU L 217 20.12 8.86 0.80
C LEU L 217 18.67 9.03 0.32
N ASP L 218 18.12 8.08 -0.43
CA ASP L 218 16.76 8.23 -0.96
C ASP L 218 15.75 7.33 -0.28
N GLY L 219 16.17 6.63 0.78
CA GLY L 219 15.31 5.64 1.40
C GLY L 219 15.69 4.20 1.06
N GLY L 220 16.59 3.98 0.11
CA GLY L 220 16.98 2.63 -0.24
C GLY L 220 17.94 1.97 0.75
N ALA L 221 18.77 2.74 1.47
CA ALA L 221 19.64 2.17 2.50
C ALA L 221 18.84 1.87 3.77
N PRO L 222 18.89 0.65 4.33
CA PRO L 222 18.19 0.38 5.60
C PRO L 222 18.61 1.23 6.81
N TYR L 223 19.81 1.82 6.77
CA TYR L 223 20.29 2.67 7.85
C TYR L 223 20.02 4.16 7.59
N TYR L 224 19.32 4.47 6.48
CA TYR L 224 18.90 5.86 6.24
C TYR L 224 17.46 5.85 5.71
N ASP L 225 16.50 5.84 6.64
CA ASP L 225 15.10 5.66 6.29
C ASP L 225 14.24 5.84 7.52
N THR L 226 12.93 5.87 7.35
CA THR L 226 12.03 5.83 8.48
C THR L 226 11.59 4.38 8.75
N TYR L 227 11.22 4.10 10.00
CA TYR L 227 10.72 2.79 10.38
C TYR L 227 9.43 2.99 11.15
N GLU L 228 8.42 2.15 10.90
CA GLU L 228 7.22 2.16 11.72
C GLU L 228 7.47 1.40 13.04
N CYS L 229 6.97 1.98 14.13
CA CYS L 229 7.09 1.47 15.49
C CYS L 229 5.81 0.78 15.88
N ALA L 230 5.75 0.25 17.10
CA ALA L 230 4.63 -0.58 17.54
C ALA L 230 3.33 0.19 17.64
N ASP L 231 3.40 1.51 17.84
CA ASP L 231 2.21 2.33 17.97
C ASP L 231 1.76 2.90 16.62
N GLY L 232 2.40 2.54 15.50
CA GLY L 232 2.08 3.15 14.21
C GLY L 232 2.74 4.52 13.98
N ARG L 233 3.50 5.06 14.94
CA ARG L 233 4.32 6.24 14.66
C ARG L 233 5.71 5.83 14.13
N TYR L 234 6.58 6.80 13.80
CA TYR L 234 7.81 6.48 13.11
C TYR L 234 9.04 7.04 13.80
N VAL L 235 10.16 6.36 13.54
CA VAL L 235 11.47 6.91 13.83
C VAL L 235 12.18 7.10 12.50
N ALA L 236 13.16 8.01 12.55
CA ALA L 236 14.12 8.22 11.49
C ALA L 236 15.47 7.66 11.95
N VAL L 237 16.11 6.89 11.07
CA VAL L 237 17.45 6.40 11.23
C VAL L 237 18.32 7.06 10.19
N GLY L 238 19.44 7.64 10.64
CA GLY L 238 20.41 8.21 9.74
C GLY L 238 21.83 7.76 10.02
N ALA L 239 21.96 6.50 10.43
CA ALA L 239 23.24 6.01 10.88
C ALA L 239 24.15 5.63 9.74
N ILE L 240 24.75 6.64 9.09
CA ILE L 240 25.61 6.38 7.94
C ILE L 240 26.96 5.83 8.40
N GLU L 241 27.62 6.54 9.33
CA GLU L 241 28.98 6.18 9.74
C GLU L 241 28.94 4.89 10.54
N PRO L 242 29.91 3.96 10.30
CA PRO L 242 29.89 2.67 10.95
C PRO L 242 29.73 2.71 12.46
N GLN L 243 30.38 3.67 13.13
CA GLN L 243 30.37 3.73 14.59
CA GLN L 243 30.36 3.69 14.59
C GLN L 243 28.97 4.08 15.08
N PHE L 244 28.25 4.91 14.30
CA PHE L 244 26.92 5.30 14.73
C PHE L 244 25.97 4.10 14.51
N TYR L 245 26.10 3.49 13.36
CA TYR L 245 25.33 2.31 13.01
C TYR L 245 25.51 1.26 14.11
N ALA L 246 26.76 1.03 14.57
CA ALA L 246 27.00 -0.01 15.55
C ALA L 246 26.30 0.34 16.86
N ALA L 247 26.28 1.62 17.21
CA ALA L 247 25.56 2.05 18.40
C ALA L 247 24.08 1.81 18.26
N MET L 248 23.60 2.05 17.03
CA MET L 248 22.18 1.85 16.75
C MET L 248 21.82 0.38 16.98
N LEU L 249 22.59 -0.54 16.38
CA LEU L 249 22.33 -1.97 16.52
C LEU L 249 22.32 -2.40 17.97
N ALA L 250 23.25 -1.90 18.79
CA ALA L 250 23.28 -2.29 20.19
C ALA L 250 22.01 -1.85 20.92
N GLY L 251 21.43 -0.68 20.57
CA GLY L 251 20.27 -0.22 21.32
C GLY L 251 19.00 -0.93 20.86
N LEU L 252 19.07 -1.45 19.63
CA LEU L 252 18.00 -2.25 19.07
C LEU L 252 17.98 -3.65 19.67
N GLY L 253 19.14 -4.08 20.17
CA GLY L 253 19.31 -5.42 20.72
C GLY L 253 19.73 -6.45 19.67
N LEU L 254 20.31 -6.01 18.55
CA LEU L 254 20.68 -6.93 17.50
C LEU L 254 22.19 -7.09 17.52
N ASP L 255 22.68 -8.33 17.38
CA ASP L 255 24.12 -8.56 17.34
C ASP L 255 24.60 -8.46 15.91
N ALA L 256 25.67 -7.69 15.72
CA ALA L 256 26.22 -7.46 14.40
C ALA L 256 26.52 -8.80 13.73
N ALA L 257 26.91 -9.80 14.53
CA ALA L 257 27.33 -11.09 14.01
C ALA L 257 26.21 -11.83 13.28
N GLU L 258 24.96 -11.54 13.63
CA GLU L 258 23.80 -12.20 13.06
C GLU L 258 23.25 -11.45 11.85
N LEU L 259 23.83 -10.28 11.50
CA LEU L 259 23.24 -9.42 10.47
C LEU L 259 24.17 -9.40 9.27
N PRO L 260 23.69 -9.11 8.05
CA PRO L 260 24.62 -8.84 6.97
C PRO L 260 25.40 -7.56 7.21
N PRO L 261 26.53 -7.40 6.51
CA PRO L 261 27.29 -6.16 6.58
C PRO L 261 26.44 -4.94 6.21
N GLN L 262 26.63 -3.85 6.95
CA GLN L 262 25.93 -2.60 6.74
C GLN L 262 25.82 -2.20 5.28
N ASN L 263 26.90 -2.38 4.49
CA ASN L 263 26.96 -1.84 3.13
C ASN L 263 27.11 -2.93 2.07
N ASP L 264 26.69 -4.16 2.38
CA ASP L 264 26.47 -5.18 1.37
C ASP L 264 25.06 -5.00 0.80
N ARG L 265 24.95 -4.23 -0.30
CA ARG L 265 23.67 -3.88 -0.91
C ARG L 265 22.90 -5.11 -1.36
N ALA L 266 23.61 -6.18 -1.74
CA ALA L 266 22.91 -7.36 -2.19
C ALA L 266 22.06 -7.97 -1.07
N ARG L 267 22.39 -7.65 0.20
CA ARG L 267 21.67 -8.22 1.32
C ARG L 267 20.90 -7.15 2.10
N TRP L 268 20.71 -5.97 1.52
CA TRP L 268 19.88 -4.96 2.13
C TRP L 268 18.45 -5.48 2.37
N PRO L 269 17.83 -6.29 1.49
CA PRO L 269 16.51 -6.84 1.80
C PRO L 269 16.44 -7.59 3.12
N GLU L 270 17.40 -8.50 3.38
CA GLU L 270 17.44 -9.17 4.69
C GLU L 270 17.65 -8.16 5.82
N LEU L 271 18.63 -7.26 5.64
CA LEU L 271 18.97 -6.28 6.66
C LEU L 271 17.74 -5.45 7.01
N ARG L 272 17.04 -4.97 5.97
CA ARG L 272 15.83 -4.18 6.22
C ARG L 272 14.78 -4.99 7.01
N ALA L 273 14.63 -6.28 6.69
CA ALA L 273 13.65 -7.11 7.41
C ALA L 273 13.99 -7.21 8.90
N LEU L 274 15.28 -7.30 9.21
CA LEU L 274 15.70 -7.43 10.60
C LEU L 274 15.51 -6.14 11.37
N LEU L 275 15.89 -5.02 10.75
CA LEU L 275 15.68 -3.74 11.40
C LEU L 275 14.19 -3.44 11.53
N THR L 276 13.40 -3.79 10.50
CA THR L 276 11.97 -3.50 10.54
C THR L 276 11.34 -4.15 11.76
N GLU L 277 11.66 -5.44 11.97
CA GLU L 277 11.09 -6.20 13.06
C GLU L 277 11.50 -5.60 14.41
N ALA L 278 12.78 -5.23 14.55
CA ALA L 278 13.25 -4.70 15.81
C ALA L 278 12.53 -3.40 16.14
N PHE L 279 12.48 -2.43 15.19
CA PHE L 279 11.83 -1.15 15.46
C PHE L 279 10.34 -1.32 15.71
N ALA L 280 9.73 -2.27 15.01
CA ALA L 280 8.30 -2.50 15.20
C ALA L 280 7.98 -3.01 16.60
N SER L 281 8.99 -3.46 17.38
CA SER L 281 8.70 -4.17 18.62
C SER L 281 8.51 -3.22 19.80
N HIS L 282 8.75 -1.93 19.66
CA HIS L 282 8.50 -0.97 20.72
C HIS L 282 7.96 0.30 20.07
N ASP L 283 7.35 1.18 20.87
CA ASP L 283 6.71 2.38 20.37
C ASP L 283 7.76 3.47 20.15
N ARG L 284 7.35 4.55 19.49
CA ARG L 284 8.29 5.59 19.07
C ARG L 284 8.93 6.22 20.30
N ASP L 285 8.11 6.55 21.31
CA ASP L 285 8.58 7.25 22.50
C ASP L 285 9.62 6.39 23.22
N HIS L 286 9.45 5.07 23.17
CA HIS L 286 10.45 4.21 23.75
C HIS L 286 11.79 4.41 23.03
N TRP L 287 11.80 4.34 21.69
CA TRP L 287 13.07 4.52 21.01
C TRP L 287 13.67 5.88 21.30
N GLY L 288 12.80 6.88 21.45
CA GLY L 288 13.21 8.25 21.70
C GLY L 288 14.05 8.38 22.96
N ALA L 289 13.61 7.68 24.02
CA ALA L 289 14.30 7.70 25.31
C ALA L 289 15.54 6.83 25.22
N VAL L 290 15.41 5.61 24.67
CA VAL L 290 16.53 4.69 24.52
C VAL L 290 17.72 5.40 23.87
N PHE L 291 17.46 6.28 22.90
CA PHE L 291 18.55 6.84 22.13
C PHE L 291 18.81 8.32 22.47
N ALA L 292 18.13 8.89 23.46
CA ALA L 292 18.54 10.22 23.91
C ALA L 292 20.04 10.18 24.27
N ASN L 293 20.77 11.23 23.85
CA ASN L 293 22.20 11.42 24.16
C ASN L 293 23.09 10.44 23.40
N SER L 294 22.54 9.79 22.36
CA SER L 294 23.25 8.77 21.63
C SER L 294 23.73 9.31 20.28
N ASP L 295 24.78 8.72 19.71
CA ASP L 295 25.24 8.96 18.37
C ASP L 295 24.64 7.96 17.37
N ALA L 296 23.55 7.30 17.77
CA ALA L 296 22.91 6.26 16.98
C ALA L 296 22.14 6.85 15.80
N CYS L 297 21.84 8.15 15.83
CA CYS L 297 21.19 8.82 14.71
C CYS L 297 19.79 8.24 14.53
N VAL L 298 19.07 8.08 15.65
CA VAL L 298 17.70 7.64 15.66
C VAL L 298 16.90 8.75 16.35
N THR L 299 15.91 9.29 15.64
CA THR L 299 15.10 10.36 16.20
C THR L 299 13.63 10.06 15.95
N PRO L 300 12.73 10.51 16.83
CA PRO L 300 11.31 10.43 16.57
C PRO L 300 10.88 11.37 15.44
N VAL L 301 9.95 10.89 14.60
CA VAL L 301 9.35 11.67 13.54
C VAL L 301 8.12 12.33 14.13
N LEU L 302 8.27 13.60 14.49
CA LEU L 302 7.18 14.36 15.08
C LEU L 302 6.30 14.97 14.00
N ALA L 303 5.00 15.00 14.30
CA ALA L 303 4.06 15.77 13.51
C ALA L 303 4.18 17.23 13.95
N PHE L 304 3.80 18.15 13.05
CA PHE L 304 3.79 19.58 13.32
C PHE L 304 3.20 19.85 14.70
N GLY L 305 2.05 19.24 15.00
CA GLY L 305 1.29 19.48 16.24
C GLY L 305 2.03 19.10 17.53
N GLU L 306 3.05 18.25 17.43
CA GLU L 306 3.80 17.77 18.59
C GLU L 306 5.13 18.51 18.83
N VAL L 307 5.57 19.31 17.83
CA VAL L 307 6.90 19.90 17.80
C VAL L 307 7.10 20.85 18.99
N HIS L 308 6.03 21.54 19.41
CA HIS L 308 6.10 22.52 20.48
C HIS L 308 6.35 21.83 21.83
N ASN L 309 6.24 20.49 21.89
CA ASN L 309 6.52 19.76 23.13
C ASN L 309 7.90 19.14 23.19
N GLU L 310 8.74 19.36 22.18
CA GLU L 310 10.00 18.66 22.14
C GLU L 310 11.01 19.54 22.86
N PRO L 311 11.71 19.05 23.91
CA PRO L 311 12.55 19.92 24.72
C PRO L 311 13.57 20.69 23.90
N HIS L 312 14.25 20.03 22.94
CA HIS L 312 15.29 20.72 22.21
C HIS L 312 14.72 21.91 21.43
N ILE L 313 13.47 21.82 20.98
CA ILE L 313 12.85 22.86 20.18
C ILE L 313 12.52 24.04 21.11
N ILE L 314 11.95 23.74 22.28
CA ILE L 314 11.55 24.77 23.24
C ILE L 314 12.76 25.55 23.68
N GLU L 315 13.85 24.84 23.96
CA GLU L 315 14.94 25.46 24.68
C GLU L 315 15.73 26.38 23.76
N ARG L 316 15.76 26.12 22.44
CA ARG L 316 16.52 26.96 21.54
C ARG L 316 15.66 28.10 20.97
N ASN L 317 14.39 28.19 21.37
CA ASN L 317 13.40 29.10 20.82
C ASN L 317 13.43 29.07 19.29
N THR L 318 13.31 27.87 18.73
CA THR L 318 13.22 27.71 17.30
C THR L 318 11.93 28.39 16.80
N PHE L 319 10.85 28.29 17.60
CA PHE L 319 9.56 28.84 17.27
C PHE L 319 9.17 29.94 18.27
N TYR L 320 8.26 30.83 17.83
CA TYR L 320 7.54 31.77 18.68
C TYR L 320 6.05 31.58 18.40
N GLU L 321 5.22 31.98 19.35
CA GLU L 321 3.78 31.87 19.22
C GLU L 321 3.24 33.20 18.70
N ALA L 322 2.50 33.16 17.59
CA ALA L 322 1.77 34.32 17.11
C ALA L 322 0.33 33.91 16.89
N ASN L 323 -0.53 34.88 16.59
CA ASN L 323 -1.56 34.65 15.59
C ASN L 323 -2.34 33.39 16.00
N GLY L 324 -2.52 32.46 15.05
CA GLY L 324 -3.22 31.20 15.30
C GLY L 324 -2.33 30.23 16.08
N GLY L 325 -1.09 30.02 15.60
CA GLY L 325 -0.16 29.12 16.26
C GLY L 325 1.29 29.48 16.01
N TRP L 326 2.15 28.46 16.13
CA TRP L 326 3.58 28.64 16.15
C TRP L 326 4.10 28.99 14.77
N GLN L 327 5.19 29.75 14.80
CA GLN L 327 5.87 30.18 13.61
C GLN L 327 7.34 30.13 13.91
N PRO L 328 8.14 29.85 12.89
CA PRO L 328 9.59 29.81 13.05
C PRO L 328 10.24 31.17 13.29
N MET L 329 11.13 31.22 14.27
CA MET L 329 11.97 32.38 14.47
C MET L 329 12.92 32.53 13.31
N PRO L 330 13.48 33.74 13.12
CA PRO L 330 14.45 33.95 12.08
C PRO L 330 15.61 32.99 12.17
N ALA L 331 16.16 32.67 11.02
CA ALA L 331 17.35 31.87 10.89
C ALA L 331 18.21 32.51 9.81
N PRO L 332 19.56 32.41 9.84
CA PRO L 332 20.28 31.86 10.98
C PRO L 332 20.36 32.88 12.11
N ARG L 333 21.30 32.65 13.05
CA ARG L 333 21.39 33.47 14.25
C ARG L 333 22.74 34.20 14.26
N PHE L 334 22.72 35.39 14.88
CA PHE L 334 23.87 36.29 14.88
C PHE L 334 24.26 36.64 16.31
N SER L 335 25.58 36.60 16.59
CA SER L 335 26.06 36.82 17.96
C SER L 335 25.89 38.28 18.41
N ARG L 336 26.32 39.25 17.58
CA ARG L 336 26.26 40.66 17.91
C ARG L 336 24.93 41.31 17.50
N THR L 337 24.65 41.38 16.18
CA THR L 337 23.44 42.02 15.67
C THR L 337 22.34 40.99 15.48
N ALA L 338 21.57 40.74 16.52
CA ALA L 338 20.65 39.62 16.51
C ALA L 338 19.26 40.07 16.07
N SER L 339 18.61 39.23 15.25
CA SER L 339 17.26 39.48 14.80
C SER L 339 16.34 39.52 15.99
N SER L 340 15.19 40.14 15.83
CA SER L 340 14.19 40.18 16.84
C SER L 340 13.01 39.34 16.34
N GLN L 341 11.99 39.25 17.18
CA GLN L 341 10.80 38.49 16.87
C GLN L 341 10.06 39.19 15.74
N PRO L 342 9.54 38.46 14.74
CA PRO L 342 8.84 39.10 13.63
C PRO L 342 7.65 39.96 14.04
N ARG L 343 7.56 41.11 13.38
CA ARG L 343 6.37 41.95 13.44
C ARG L 343 5.29 41.32 12.60
N PRO L 344 4.07 41.15 13.13
CA PRO L 344 3.00 40.59 12.35
C PRO L 344 2.68 41.43 11.11
N PRO L 345 1.92 40.90 10.15
CA PRO L 345 1.32 41.74 9.11
C PRO L 345 0.44 42.83 9.71
N ALA L 346 0.51 44.05 9.16
CA ALA L 346 -0.32 45.15 9.65
C ALA L 346 -1.09 45.78 8.49
N ALA L 347 -1.85 46.84 8.77
CA ALA L 347 -2.71 47.44 7.75
C ALA L 347 -1.86 48.05 6.62
N THR L 348 -2.48 48.08 5.42
CA THR L 348 -1.99 48.84 4.28
C THR L 348 -1.59 50.22 4.77
N ILE L 349 -0.58 50.81 4.13
CA ILE L 349 -0.31 52.20 4.39
C ILE L 349 -0.09 52.91 3.06
N ASP L 350 -0.12 54.24 3.16
CA ASP L 350 -0.06 55.13 2.02
C ASP L 350 1.38 55.20 1.52
N ILE L 351 1.55 55.02 0.20
CA ILE L 351 2.88 54.96 -0.41
C ILE L 351 3.63 56.29 -0.24
N GLU L 352 2.89 57.42 -0.15
CA GLU L 352 3.49 58.73 0.08
C GLU L 352 4.13 58.79 1.48
N ALA L 353 3.43 58.28 2.51
CA ALA L 353 3.95 58.20 3.87
C ALA L 353 5.29 57.46 3.92
N VAL L 354 5.40 56.39 3.13
CA VAL L 354 6.66 55.69 3.04
C VAL L 354 7.68 56.59 2.37
N LEU L 355 7.27 57.31 1.31
CA LEU L 355 8.21 58.20 0.61
C LEU L 355 8.75 59.27 1.55
N THR L 356 7.92 59.85 2.43
CA THR L 356 8.38 60.85 3.39
C THR L 356 9.41 60.23 4.34
N ASP L 357 9.07 59.06 4.90
CA ASP L 357 9.96 58.33 5.79
C ASP L 357 11.33 58.14 5.14
N TRP L 358 11.40 57.65 3.90
CA TRP L 358 12.68 57.39 3.25
C TRP L 358 13.40 58.67 2.78
N ASP L 359 12.97 59.85 3.24
CA ASP L 359 13.46 61.12 2.73
C ASP L 359 13.69 61.02 1.22
#